data_6XR8
#
_entry.id   6XR8
#
_cell.length_a   1.00
_cell.length_b   1.00
_cell.length_c   1.00
_cell.angle_alpha   90.00
_cell.angle_beta   90.00
_cell.angle_gamma   90.00
#
_symmetry.space_group_name_H-M   'P 1'
#
loop_
_entity.id
_entity.type
_entity.pdbx_description
1 polymer 'Spike glycoprotein'
2 branched alpha-D-mannopyranose-(1-4)-2-acetamido-2-deoxy-beta-D-glucopyranose-(1-4)-2-acetamido-2-deoxy-beta-D-glucopyranose
3 branched 2-acetamido-2-deoxy-beta-D-glucopyranose-(1-4)-2-acetamido-2-deoxy-beta-D-glucopyranose
4 branched 2-acetamido-2-deoxy-beta-D-glucopyranose-(1-4)-[alpha-L-fucopyranose-(1-6)]2-acetamido-2-deoxy-beta-D-glucopyranose
5 branched alpha-D-mannopyranose-(1-3)-alpha-D-mannopyranose-(1-4)-2-acetamido-2-deoxy-beta-D-glucopyranose-(1-4)-2-acetamido-2-deoxy-beta-D-glucopyranose
6 non-polymer 2-acetamido-2-deoxy-beta-D-glucopyranose
#
_entity_poly.entity_id   1
_entity_poly.type   'polypeptide(L)'
_entity_poly.pdbx_seq_one_letter_code
;MFVFLVLLPLVSSQCVNLTTRTQLPPAYTNSFTRGVYYPDKVFRSSVLHSTQDLFLPFFSNVTWFHAIHVSGTNGTKRFD
NPVLPFNDGVYFASTEKSNIIRGWIFGTTLDSKTQSLLIVNNATNVVIKVCEFQFCNDPFLGVYYHKNNKSWMESEFRVY
SSANNCTFEYVSQPFLMDLEGKQGNFKNLREFVFKNIDGYFKIYSKHTPINLVRDLPQGFSALEPLVDLPIGINITRFQT
LLALHRSYLTPGDSSSGWTAGAAAYYVGYLQPRTFLLKYNENGTITDAVDCALDPLSETKCTLKSFTVEKGIYQTSNFRV
QPTESIVRFPNITNLCPFGEVFNATRFASVYAWNRKRISNCVADYSVLYNSASFSTFKCYGVSPTKLNDLCFTNVYADSF
VIRGDEVRQIAPGQTGKIADYNYKLPDDFTGCVIAWNSNNLDSKVGGNYNYLYRLFRKSNLKPFERDISTEIYQAGSTPC
NGVEGFNCYFPLQSYGFQPTNGVGYQPYRVVVLSFELLHAPATVCGPKKSTNLVKNKCVNFNFNGLTGTGVLTESNKKFL
PFQQFGRDIADTTDAVRDPQTLEILDITPCSFGGVSVITPGTNTSNQVAVLYQDVNCTEVPVAIHADQLTPTWRVYSTGS
NVFQTRAGCLIGAEHVNNSYECDIPIGAGICASYQTQTNSPRRARSVASQSIIAYTMSLGAENSVAYSNNSIAIPTNFTI
SVTTEILPVSMTKTSVDCTMYICGDSTECSNLLLQYGSFCTQLNRALTGIAVEQDKNTQEVFAQVKQIYKTPPIKDFGGF
NFSQILPDPSKPSKRSFIEDLLFNKVTLADAGFIKQYGDCLGDIAARDLICAQKFNGLTVLPPLLTDEMIAQYTSALLAG
TITSGWTFGAGAALQIPFAMQMAYRFNGIGVTQNVLYENQKLIANQFNSAIGKIQDSLSSTASALGKLQDVVNQNAQALN
TLVKQLSSNFGAISSVLNDILSRLDKVEAEVQIDRLITGRLQSLQTYVTQQLIRAAEIRASANLAATKMSECVLGQSKRV
DFCGKGYHLMSFPQSAPHGVVFLHVTYVPAQEKNFTTAPAICHDGKAHFPREGVFVSNGTHWFVTQRNFYEPQIITTDNT
FVSGNCDVVIGIVNNTVYDPLQPELDSFKEELDKYFKNHTSPDVDLGDISGINASVVNIQKEIDRLNEVAKNLNESLIDL
QELGKYEQYIKWPWYIWLGFIAGLIAIVMVTIMLCCMTSCCSCLKGCCSCGSCCKFDEDDSEPVLKGVKLHYTLESGGGS
AWSHPQFEKGGGSGGGSGGSSAWSHPQFEK
;
_entity_poly.pdbx_strand_id   A,B,C
#
loop_
_chem_comp.id
_chem_comp.type
_chem_comp.name
_chem_comp.formula
FUC L-saccharide, alpha linking alpha-L-fucopyranose 'C6 H12 O5'
MAN D-saccharide, alpha linking alpha-D-mannopyranose 'C6 H12 O6'
NAG D-saccharide, beta linking 2-acetamido-2-deoxy-beta-D-glucopyranose 'C8 H15 N O6'
#
# COMPACT_ATOMS: atom_id res chain seq x y z
N GLN A 14 63.77 14.72 -27.84
CA GLN A 14 63.82 14.86 -29.29
C GLN A 14 62.57 14.26 -29.93
N CYS A 15 62.67 13.93 -31.22
CA CYS A 15 61.54 13.37 -31.93
C CYS A 15 62.05 12.49 -33.07
N VAL A 16 62.07 11.18 -32.86
CA VAL A 16 62.68 10.24 -33.79
C VAL A 16 61.77 9.04 -33.95
N ASN A 17 61.65 8.53 -35.18
CA ASN A 17 60.92 7.30 -35.45
C ASN A 17 61.87 6.12 -35.35
N LEU A 18 61.57 5.18 -34.47
CA LEU A 18 62.34 3.95 -34.30
C LEU A 18 61.56 2.79 -34.92
N THR A 19 61.76 2.61 -36.23
CA THR A 19 60.89 1.73 -37.02
C THR A 19 61.29 0.25 -36.98
N THR A 20 62.47 -0.08 -36.45
CA THR A 20 62.95 -1.46 -36.49
C THR A 20 62.14 -2.33 -35.52
N ARG A 21 61.21 -3.11 -36.06
CA ARG A 21 60.39 -4.00 -35.23
C ARG A 21 59.73 -5.07 -36.09
N THR A 22 59.51 -6.24 -35.49
CA THR A 22 58.84 -7.33 -36.16
C THR A 22 57.32 -7.15 -36.08
N GLN A 23 56.62 -7.60 -37.12
CA GLN A 23 55.17 -7.49 -37.19
C GLN A 23 54.52 -8.74 -36.61
N LEU A 24 53.62 -8.54 -35.64
CA LEU A 24 52.84 -9.61 -35.03
C LEU A 24 51.36 -9.25 -35.08
N PRO A 25 50.48 -10.24 -35.05
CA PRO A 25 49.05 -9.95 -35.07
C PRO A 25 48.54 -9.52 -33.70
N PRO A 26 47.32 -8.98 -33.63
CA PRO A 26 46.78 -8.57 -32.33
C PRO A 26 46.52 -9.75 -31.42
N ALA A 27 47.06 -9.69 -30.21
CA ALA A 27 46.84 -10.69 -29.18
C ALA A 27 45.68 -10.27 -28.27
N TYR A 28 45.13 -11.26 -27.57
CA TYR A 28 44.10 -11.02 -26.57
C TYR A 28 44.29 -11.99 -25.41
N THR A 29 43.75 -11.61 -24.26
CA THR A 29 43.70 -12.50 -23.10
C THR A 29 42.45 -12.19 -22.30
N ASN A 30 42.25 -12.95 -21.22
CA ASN A 30 41.00 -12.93 -20.46
C ASN A 30 41.15 -12.13 -19.18
N SER A 31 40.24 -11.17 -18.97
CA SER A 31 40.14 -10.42 -17.72
C SER A 31 39.22 -11.18 -16.76
N PHE A 32 39.81 -12.18 -16.10
CA PHE A 32 39.02 -13.09 -15.28
C PHE A 32 38.17 -12.33 -14.26
N THR A 33 38.83 -11.74 -13.25
CA THR A 33 38.14 -11.08 -12.16
C THR A 33 38.87 -9.79 -11.76
N ARG A 34 39.27 -8.98 -12.74
CA ARG A 34 40.09 -7.81 -12.50
C ARG A 34 39.32 -6.56 -12.92
N GLY A 35 39.92 -5.41 -12.65
CA GLY A 35 39.31 -4.14 -12.99
C GLY A 35 38.16 -3.72 -12.10
N VAL A 36 38.18 -4.14 -10.84
CA VAL A 36 37.23 -3.67 -9.84
C VAL A 36 37.94 -2.69 -8.93
N TYR A 37 37.24 -1.61 -8.57
CA TYR A 37 37.80 -0.56 -7.74
C TYR A 37 36.78 -0.15 -6.70
N TYR A 38 37.25 0.53 -5.67
CA TYR A 38 36.34 1.02 -4.64
C TYR A 38 35.43 2.08 -5.24
N PRO A 39 34.10 1.88 -5.25
CA PRO A 39 33.23 2.81 -5.98
C PRO A 39 33.04 4.15 -5.28
N ASP A 40 33.34 4.24 -3.99
CA ASP A 40 33.26 5.51 -3.28
C ASP A 40 34.14 5.41 -2.05
N LYS A 41 34.41 6.57 -1.45
CA LYS A 41 35.33 6.67 -0.33
C LYS A 41 34.66 6.38 1.01
N VAL A 42 33.52 5.70 1.01
CA VAL A 42 32.84 5.30 2.24
C VAL A 42 33.34 3.93 2.66
N PHE A 43 33.49 3.74 3.96
CA PHE A 43 33.91 2.46 4.52
C PHE A 43 32.71 1.53 4.69
N ARG A 44 32.92 0.25 4.40
CA ARG A 44 31.90 -0.77 4.60
C ARG A 44 32.57 -2.08 4.95
N SER A 45 31.98 -2.80 5.91
CA SER A 45 32.53 -4.07 6.36
C SER A 45 31.40 -5.07 6.58
N SER A 46 31.70 -6.35 6.31
CA SER A 46 30.77 -7.45 6.58
C SER A 46 29.44 -7.23 5.87
N VAL A 47 29.50 -6.78 4.61
CA VAL A 47 28.30 -6.50 3.84
C VAL A 47 28.57 -6.81 2.38
N LEU A 48 27.51 -7.16 1.66
CA LEU A 48 27.55 -7.32 0.21
C LEU A 48 26.84 -6.13 -0.40
N HIS A 49 27.55 -5.35 -1.22
CA HIS A 49 27.09 -4.05 -1.68
C HIS A 49 26.92 -4.07 -3.19
N SER A 50 25.71 -3.74 -3.65
CA SER A 50 25.44 -3.61 -5.08
C SER A 50 25.72 -2.18 -5.52
N THR A 51 26.42 -2.02 -6.64
CA THR A 51 26.69 -0.71 -7.22
C THR A 51 26.74 -0.82 -8.73
N GLN A 52 26.32 0.26 -9.39
CA GLN A 52 26.36 0.37 -10.84
C GLN A 52 27.35 1.47 -11.20
N ASP A 53 28.35 1.12 -12.00
CA ASP A 53 29.39 2.07 -12.40
C ASP A 53 30.06 1.54 -13.66
N LEU A 54 31.04 2.29 -14.15
CA LEU A 54 31.84 1.89 -15.31
C LEU A 54 32.91 0.92 -14.83
N PHE A 55 32.62 -0.36 -14.93
CA PHE A 55 33.53 -1.42 -14.52
C PHE A 55 34.06 -2.16 -15.74
N LEU A 56 35.19 -2.82 -15.54
CA LEU A 56 35.70 -3.73 -16.55
C LEU A 56 34.90 -5.03 -16.49
N PRO A 57 34.15 -5.39 -17.55
CA PRO A 57 33.36 -6.62 -17.47
C PRO A 57 34.23 -7.84 -17.21
N PHE A 58 33.70 -8.75 -16.41
CA PHE A 58 34.42 -9.98 -16.10
C PHE A 58 34.60 -10.83 -17.35
N PHE A 59 35.76 -11.47 -17.44
CA PHE A 59 36.04 -12.44 -18.50
C PHE A 59 35.92 -11.83 -19.89
N SER A 60 36.23 -10.55 -19.99
CA SER A 60 36.24 -9.85 -21.27
C SER A 60 37.63 -9.97 -21.89
N ASN A 61 37.79 -9.49 -23.11
CA ASN A 61 39.06 -9.55 -23.80
C ASN A 61 39.85 -8.29 -23.51
N VAL A 62 40.93 -8.46 -22.77
CA VAL A 62 41.78 -7.34 -22.54
C VAL A 62 42.79 -7.50 -23.66
N THR A 63 42.88 -6.51 -24.57
CA THR A 63 43.88 -6.50 -25.63
C THR A 63 45.27 -6.45 -25.02
N TRP A 64 46.22 -7.10 -25.69
CA TRP A 64 47.48 -7.49 -25.09
C TRP A 64 48.63 -7.00 -25.95
N PHE A 65 49.63 -6.38 -25.32
CA PHE A 65 50.75 -5.77 -26.01
C PHE A 65 52.05 -6.16 -25.33
N HIS A 66 53.11 -6.25 -26.13
CA HIS A 66 54.40 -6.75 -25.67
C HIS A 66 55.52 -5.75 -25.97
N ALA A 67 56.51 -5.71 -25.09
CA ALA A 67 57.83 -5.20 -25.40
C ALA A 67 58.82 -6.35 -25.26
N ILE A 68 59.59 -6.60 -26.32
CA ILE A 68 60.46 -7.77 -26.37
C ILE A 68 61.80 -7.37 -26.96
N HIS A 69 62.87 -7.81 -26.31
CA HIS A 69 64.23 -7.55 -26.80
C HIS A 69 64.42 -6.08 -27.19
N LYS A 77 62.95 -6.29 -30.94
CA LYS A 77 62.21 -7.30 -31.69
C LYS A 77 60.73 -6.94 -31.75
N ARG A 78 60.16 -6.53 -30.61
CA ARG A 78 58.81 -6.02 -30.56
C ARG A 78 58.75 -4.87 -29.56
N PHE A 79 58.10 -3.79 -29.99
CA PHE A 79 57.92 -2.60 -29.15
C PHE A 79 56.58 -1.97 -29.51
N ASP A 80 55.55 -2.37 -28.79
CA ASP A 80 54.17 -2.07 -29.19
C ASP A 80 53.67 -0.86 -28.41
N ASN A 81 53.53 0.28 -29.08
CA ASN A 81 53.02 1.48 -28.46
C ASN A 81 51.94 2.13 -29.32
N PRO A 82 50.88 1.41 -29.66
CA PRO A 82 49.85 1.98 -30.54
C PRO A 82 49.03 3.05 -29.84
N VAL A 83 48.49 3.96 -30.64
CA VAL A 83 47.48 4.90 -30.18
C VAL A 83 46.15 4.16 -30.13
N LEU A 84 45.53 4.13 -28.95
CA LEU A 84 44.36 3.29 -28.73
C LEU A 84 43.14 4.14 -28.42
N PRO A 85 41.94 3.66 -28.73
CA PRO A 85 40.73 4.36 -28.32
C PRO A 85 40.65 4.49 -26.81
N PHE A 86 39.94 5.52 -26.35
CA PHE A 86 39.67 5.74 -24.93
C PHE A 86 38.20 6.13 -24.83
N ASN A 87 37.34 5.14 -24.58
CA ASN A 87 35.91 5.35 -24.55
C ASN A 87 35.34 4.76 -23.27
N ASP A 88 34.51 5.55 -22.58
CA ASP A 88 33.91 5.13 -21.32
C ASP A 88 34.95 4.55 -20.38
N GLY A 89 36.07 5.23 -20.27
CA GLY A 89 37.13 4.81 -19.37
C GLY A 89 37.92 3.61 -19.85
N VAL A 90 39.07 3.36 -19.23
CA VAL A 90 39.98 2.31 -19.62
C VAL A 90 40.53 1.62 -18.37
N TYR A 91 40.68 0.30 -18.45
CA TYR A 91 41.45 -0.46 -17.47
C TYR A 91 42.80 -0.80 -18.08
N PHE A 92 43.87 -0.41 -17.39
CA PHE A 92 45.24 -0.63 -17.86
C PHE A 92 46.03 -1.38 -16.78
N ALA A 93 46.74 -2.42 -17.21
CA ALA A 93 47.58 -3.20 -16.31
C ALA A 93 48.86 -3.56 -17.03
N SER A 94 49.93 -3.74 -16.25
CA SER A 94 51.26 -3.98 -16.81
C SER A 94 52.04 -4.93 -15.90
N THR A 95 52.22 -6.16 -16.33
CA THR A 95 53.19 -7.06 -15.71
C THR A 95 54.59 -6.58 -16.08
N GLU A 96 55.30 -5.99 -15.12
CA GLU A 96 56.45 -5.16 -15.39
C GLU A 96 57.68 -5.63 -14.63
N LYS A 97 58.81 -5.61 -15.32
CA LYS A 97 60.12 -5.77 -14.69
C LYS A 97 61.06 -4.71 -15.27
N SER A 98 62.01 -4.29 -14.44
CA SER A 98 62.99 -3.27 -14.85
C SER A 98 62.33 -1.99 -15.37
N ASN A 99 61.14 -1.68 -14.85
CA ASN A 99 60.51 -0.36 -14.99
C ASN A 99 60.51 0.11 -16.45
N ILE A 100 59.76 -0.61 -17.28
CA ILE A 100 59.65 -0.30 -18.70
C ILE A 100 58.45 0.59 -19.00
N ILE A 101 57.31 0.35 -18.36
CA ILE A 101 56.13 1.18 -18.56
C ILE A 101 56.21 2.37 -17.63
N ARG A 102 56.18 3.59 -18.20
CA ARG A 102 56.50 4.79 -17.44
C ARG A 102 55.45 5.90 -17.52
N GLY A 103 54.41 5.76 -18.33
CA GLY A 103 53.42 6.82 -18.40
C GLY A 103 52.46 6.60 -19.57
N TRP A 104 51.63 7.62 -19.79
CA TRP A 104 50.60 7.56 -20.80
C TRP A 104 50.38 8.95 -21.40
N ILE A 105 49.79 8.96 -22.59
CA ILE A 105 49.36 10.18 -23.26
C ILE A 105 47.87 10.05 -23.53
N PHE A 106 47.11 11.11 -23.24
CA PHE A 106 45.68 11.13 -23.48
C PHE A 106 45.32 12.38 -24.27
N GLY A 107 44.36 12.24 -25.16
CA GLY A 107 43.90 13.37 -25.94
C GLY A 107 42.92 12.92 -27.00
N THR A 108 42.68 13.80 -27.98
CA THR A 108 41.82 13.46 -29.10
C THR A 108 42.42 13.81 -30.45
N THR A 109 43.53 14.55 -30.49
CA THR A 109 44.25 14.78 -31.75
C THR A 109 45.72 14.43 -31.59
N LEU A 110 46.29 14.71 -30.42
CA LEU A 110 47.70 14.46 -30.14
C LEU A 110 48.61 15.19 -31.13
N ASP A 111 48.17 16.34 -31.64
CA ASP A 111 48.93 17.10 -32.62
C ASP A 111 48.93 18.60 -32.35
N SER A 112 48.56 19.01 -31.14
CA SER A 112 48.57 20.41 -30.70
C SER A 112 47.45 21.24 -31.30
N LYS A 113 46.57 20.64 -32.12
CA LYS A 113 45.32 21.30 -32.44
C LYS A 113 44.44 21.41 -31.20
N THR A 114 44.61 20.49 -30.25
CA THR A 114 43.83 20.46 -29.03
C THR A 114 44.74 20.08 -27.87
N GLN A 115 44.24 20.22 -26.66
CA GLN A 115 45.04 19.92 -25.49
C GLN A 115 45.16 18.41 -25.29
N SER A 116 46.14 18.03 -24.48
CA SER A 116 46.38 16.63 -24.17
C SER A 116 46.98 16.52 -22.78
N LEU A 117 46.76 15.37 -22.14
CA LEU A 117 47.27 15.11 -20.80
C LEU A 117 48.47 14.18 -20.88
N LEU A 118 49.57 14.59 -20.24
CA LEU A 118 50.78 13.78 -20.15
C LEU A 118 51.00 13.35 -18.71
N ILE A 119 51.08 12.04 -18.48
CA ILE A 119 51.51 11.48 -17.20
C ILE A 119 52.77 10.68 -17.48
N VAL A 120 53.87 11.06 -16.84
CA VAL A 120 55.16 10.41 -17.03
C VAL A 120 55.84 10.25 -15.68
N ASN A 121 56.29 9.02 -15.39
CA ASN A 121 57.24 8.79 -14.32
C ASN A 121 58.62 8.66 -14.93
N ASN A 122 59.49 9.63 -14.66
CA ASN A 122 60.87 9.57 -15.13
C ASN A 122 61.78 9.38 -13.92
N ALA A 123 63.08 9.25 -14.21
CA ALA A 123 64.01 8.76 -13.20
C ALA A 123 63.96 9.59 -11.92
N THR A 124 63.68 10.88 -12.04
CA THR A 124 63.78 11.78 -10.90
C THR A 124 62.44 12.10 -10.24
N ASN A 125 61.34 12.14 -10.99
CA ASN A 125 60.06 12.46 -10.39
C ASN A 125 58.94 12.16 -11.38
N VAL A 126 57.73 12.05 -10.85
CA VAL A 126 56.53 11.93 -11.67
C VAL A 126 56.04 13.32 -12.05
N VAL A 127 55.70 13.50 -13.33
CA VAL A 127 55.22 14.77 -13.84
C VAL A 127 53.86 14.56 -14.50
N ILE A 128 52.91 15.42 -14.15
CA ILE A 128 51.58 15.43 -14.75
C ILE A 128 51.36 16.82 -15.32
N LYS A 129 51.06 16.89 -16.62
CA LYS A 129 50.96 18.18 -17.29
C LYS A 129 49.94 18.10 -18.41
N VAL A 130 49.19 19.18 -18.59
CA VAL A 130 48.20 19.31 -19.66
C VAL A 130 48.61 20.48 -20.52
N CYS A 131 48.97 20.21 -21.78
CA CYS A 131 49.37 21.24 -22.72
C CYS A 131 48.90 20.87 -24.12
N GLU A 132 48.99 21.84 -25.03
CA GLU A 132 48.78 21.56 -26.44
C GLU A 132 50.02 20.91 -27.04
N PHE A 133 50.29 19.67 -26.64
CA PHE A 133 51.53 19.00 -27.03
C PHE A 133 51.55 18.68 -28.52
N GLN A 134 52.75 18.69 -29.10
CA GLN A 134 53.00 18.18 -30.44
C GLN A 134 53.75 16.87 -30.28
N PHE A 135 52.99 15.77 -30.22
CA PHE A 135 53.59 14.47 -29.93
C PHE A 135 54.24 13.87 -31.17
N CYS A 136 55.21 12.99 -30.93
CA CYS A 136 55.92 12.30 -31.99
C CYS A 136 55.13 11.08 -32.43
N ASN A 137 55.44 10.60 -33.63
CA ASN A 137 54.76 9.39 -34.11
C ASN A 137 55.08 8.20 -33.21
N ASP A 138 56.31 8.10 -32.73
CA ASP A 138 56.71 7.06 -31.79
C ASP A 138 57.31 7.68 -30.54
N PRO A 139 56.52 7.97 -29.51
CA PRO A 139 57.08 8.53 -28.28
C PRO A 139 57.66 7.46 -27.37
N PHE A 140 58.77 7.79 -26.72
CA PHE A 140 59.41 6.84 -25.82
C PHE A 140 60.42 7.58 -24.95
N LEU A 141 60.86 6.88 -23.91
CA LEU A 141 62.00 7.29 -23.10
C LEU A 141 63.09 6.24 -23.28
N GLY A 142 64.27 6.51 -22.71
CA GLY A 142 65.41 5.67 -22.99
C GLY A 142 66.39 5.65 -21.84
N VAL A 143 67.13 4.55 -21.74
CA VAL A 143 68.13 4.34 -20.70
C VAL A 143 69.40 3.81 -21.34
N TYR A 144 70.55 4.22 -20.79
CA TYR A 144 71.85 3.71 -21.23
C TYR A 144 72.19 2.49 -20.39
N TYR A 145 72.35 1.34 -21.06
CA TYR A 145 72.50 0.06 -20.37
C TYR A 145 73.98 -0.24 -20.13
N HIS A 146 74.39 -0.20 -18.87
CA HIS A 146 75.68 -0.76 -18.44
C HIS A 146 76.85 -0.13 -19.21
N LYS A 147 76.84 1.20 -19.32
CA LYS A 147 77.81 1.92 -20.14
C LYS A 147 79.02 2.32 -19.29
N ASN A 148 79.77 1.25 -19.00
CA ASN A 148 81.02 1.25 -18.25
C ASN A 148 80.90 1.87 -16.88
N ASN A 149 79.69 1.84 -16.33
CA ASN A 149 79.48 2.48 -15.04
C ASN A 149 78.89 1.55 -13.99
N LYS A 150 78.50 0.35 -14.44
CA LYS A 150 77.82 -0.72 -13.67
C LYS A 150 76.34 -0.42 -13.40
N SER A 151 76.00 0.85 -13.18
CA SER A 151 74.59 1.22 -13.00
C SER A 151 73.96 1.65 -14.31
N TRP A 152 72.62 1.66 -14.31
CA TRP A 152 71.84 2.14 -15.45
C TRP A 152 71.30 3.52 -15.13
N MET A 153 71.35 4.41 -16.12
CA MET A 153 70.86 5.77 -15.95
C MET A 153 70.09 6.22 -17.19
N GLU A 154 69.03 6.99 -16.97
CA GLU A 154 68.17 7.44 -18.06
C GLU A 154 68.81 8.59 -18.81
N SER A 155 68.73 8.55 -20.15
CA SER A 155 69.30 9.61 -20.97
C SER A 155 68.37 10.17 -22.04
N GLU A 156 67.41 9.41 -22.56
CA GLU A 156 66.61 9.84 -23.71
C GLU A 156 65.20 10.17 -23.28
N PHE A 157 64.68 11.30 -23.77
CA PHE A 157 63.31 11.71 -23.55
C PHE A 157 62.79 12.29 -24.87
N ARG A 158 62.08 11.47 -25.65
CA ARG A 158 61.61 11.83 -26.99
C ARG A 158 60.13 11.49 -27.08
N VAL A 159 59.27 12.40 -26.62
CA VAL A 159 57.83 12.20 -26.66
C VAL A 159 57.16 13.30 -27.45
N TYR A 160 57.50 14.56 -27.13
CA TYR A 160 56.87 15.71 -27.76
C TYR A 160 57.94 16.72 -28.11
N SER A 161 57.61 17.59 -29.08
CA SER A 161 58.53 18.64 -29.50
C SER A 161 58.36 19.93 -28.71
N SER A 162 57.13 20.38 -28.50
CA SER A 162 56.89 21.62 -27.77
C SER A 162 55.51 21.55 -27.11
N ALA A 163 55.39 22.30 -26.00
CA ALA A 163 54.29 22.14 -25.04
C ALA A 163 53.77 23.53 -24.61
N ASN A 164 53.41 24.36 -25.58
CA ASN A 164 53.21 25.79 -25.30
C ASN A 164 52.05 26.08 -24.35
N ASN A 165 50.81 25.80 -24.78
CA ASN A 165 49.64 26.23 -24.00
C ASN A 165 49.33 25.16 -22.97
N CYS A 166 49.90 25.36 -21.77
CA CYS A 166 49.68 24.49 -20.62
C CYS A 166 48.70 25.13 -19.64
N THR A 167 47.71 24.35 -19.22
CA THR A 167 46.70 24.80 -18.27
C THR A 167 46.65 23.97 -16.99
N PHE A 168 47.45 22.92 -16.89
CA PHE A 168 47.61 22.19 -15.64
C PHE A 168 49.03 21.65 -15.61
N GLU A 169 49.63 21.63 -14.41
CA GLU A 169 51.04 21.27 -14.29
C GLU A 169 51.31 20.84 -12.86
N TYR A 170 51.79 19.60 -12.69
CA TYR A 170 52.17 19.08 -11.39
C TYR A 170 53.45 18.28 -11.52
N VAL A 171 54.34 18.43 -10.55
CA VAL A 171 55.58 17.66 -10.48
C VAL A 171 55.79 17.22 -9.05
N SER A 172 56.03 15.92 -8.86
CA SER A 172 56.18 15.37 -7.52
C SER A 172 57.56 15.68 -6.97
N GLN A 173 57.71 15.48 -5.67
CA GLN A 173 59.00 15.68 -5.03
C GLN A 173 59.99 14.65 -5.55
N PRO A 174 61.28 15.01 -5.67
CA PRO A 174 62.22 14.16 -6.41
C PRO A 174 62.57 12.88 -5.68
N PHE A 175 62.97 11.88 -6.48
CA PHE A 175 63.44 10.60 -5.99
C PHE A 175 64.43 10.04 -7.00
N LEU A 176 64.97 8.86 -6.71
CA LEU A 176 65.70 8.06 -7.69
C LEU A 176 65.12 6.66 -7.69
N MET A 177 64.53 6.26 -8.82
CA MET A 177 63.97 4.91 -8.99
C MET A 177 64.82 4.15 -9.98
N ASP A 178 65.26 2.96 -9.59
CA ASP A 178 66.24 2.22 -10.37
C ASP A 178 65.63 1.69 -11.66
N LEU A 179 66.46 1.62 -12.70
CA LEU A 179 66.05 1.20 -14.03
C LEU A 179 66.86 0.02 -14.54
N GLU A 180 67.24 -0.89 -13.64
CA GLU A 180 68.10 -2.02 -13.98
C GLU A 180 67.46 -3.32 -13.52
N GLY A 181 67.66 -4.37 -14.29
CA GLY A 181 67.17 -5.69 -13.94
C GLY A 181 67.08 -6.62 -15.14
N LYS A 182 67.36 -7.91 -14.90
CA LYS A 182 67.33 -8.88 -16.01
C LYS A 182 66.67 -10.20 -15.63
N GLN A 183 65.92 -10.25 -14.53
CA GLN A 183 65.31 -11.49 -14.10
C GLN A 183 64.23 -11.94 -15.09
N GLY A 184 64.03 -13.24 -15.16
CA GLY A 184 63.14 -13.80 -16.17
C GLY A 184 61.67 -13.46 -15.99
N ASN A 185 61.05 -13.99 -14.95
CA ASN A 185 59.62 -13.78 -14.76
C ASN A 185 59.34 -12.39 -14.19
N PHE A 186 58.17 -11.86 -14.53
CA PHE A 186 57.77 -10.55 -14.06
C PHE A 186 57.51 -10.59 -12.56
N LYS A 187 57.97 -9.55 -11.87
CA LYS A 187 57.84 -9.46 -10.42
C LYS A 187 56.84 -8.42 -9.95
N ASN A 188 56.26 -7.63 -10.85
CA ASN A 188 55.33 -6.57 -10.48
C ASN A 188 54.11 -6.57 -11.40
N LEU A 189 52.94 -6.44 -10.80
CA LEU A 189 51.71 -6.12 -11.53
C LEU A 189 51.20 -4.77 -11.07
N ARG A 190 51.07 -3.83 -12.00
CA ARG A 190 50.51 -2.52 -11.73
C ARG A 190 49.22 -2.40 -12.52
N GLU A 191 48.16 -1.98 -11.84
CA GLU A 191 46.83 -1.90 -12.43
C GLU A 191 46.32 -0.48 -12.31
N PHE A 192 45.65 0.00 -13.36
CA PHE A 192 45.11 1.34 -13.37
C PHE A 192 43.74 1.35 -14.04
N VAL A 193 42.84 2.16 -13.51
CA VAL A 193 41.56 2.46 -14.15
C VAL A 193 41.51 3.96 -14.42
N PHE A 194 41.19 4.32 -15.65
CA PHE A 194 41.09 5.71 -16.05
C PHE A 194 39.66 6.03 -16.44
N LYS A 195 39.10 7.07 -15.82
CA LYS A 195 37.79 7.57 -16.17
C LYS A 195 37.85 9.08 -16.31
N ASN A 196 37.21 9.60 -17.36
CA ASN A 196 37.16 11.03 -17.64
C ASN A 196 35.69 11.43 -17.60
N ILE A 197 35.22 11.82 -16.42
CA ILE A 197 33.80 12.06 -16.17
C ILE A 197 33.63 13.54 -15.82
N ASP A 198 32.85 14.25 -16.64
CA ASP A 198 32.45 15.62 -16.37
C ASP A 198 33.65 16.48 -15.94
N GLY A 199 34.72 16.42 -16.75
CA GLY A 199 35.86 17.28 -16.56
C GLY A 199 36.88 16.81 -15.55
N TYR A 200 36.56 15.79 -14.75
CA TYR A 200 37.49 15.24 -13.78
C TYR A 200 38.06 13.93 -14.31
N PHE A 201 39.38 13.85 -14.41
CA PHE A 201 40.07 12.63 -14.83
C PHE A 201 40.47 11.85 -13.58
N LYS A 202 39.88 10.68 -13.40
CA LYS A 202 40.02 9.88 -12.18
C LYS A 202 40.94 8.70 -12.44
N ILE A 203 41.85 8.44 -11.51
CA ILE A 203 42.78 7.32 -11.59
C ILE A 203 42.65 6.48 -10.33
N TYR A 204 42.48 5.17 -10.51
CA TYR A 204 42.56 4.19 -9.43
C TYR A 204 43.69 3.25 -9.75
N SER A 205 44.41 2.79 -8.72
CA SER A 205 45.58 1.97 -8.97
C SER A 205 45.79 0.99 -7.83
N LYS A 206 46.50 -0.09 -8.14
CA LYS A 206 46.86 -1.11 -7.18
C LYS A 206 48.18 -1.73 -7.60
N HIS A 207 48.94 -2.19 -6.62
CA HIS A 207 50.22 -2.84 -6.87
C HIS A 207 50.29 -4.14 -6.09
N THR A 208 50.65 -5.23 -6.77
CA THR A 208 50.80 -6.54 -6.13
C THR A 208 52.03 -7.25 -6.68
N PRO A 209 52.78 -7.96 -5.83
CA PRO A 209 53.89 -8.77 -6.36
C PRO A 209 53.39 -10.03 -7.03
N ILE A 210 54.12 -10.46 -8.07
CA ILE A 210 53.78 -11.67 -8.82
C ILE A 210 55.07 -12.39 -9.21
N ASN A 211 54.91 -13.63 -9.66
CA ASN A 211 56.02 -14.45 -10.11
C ASN A 211 55.64 -15.17 -11.40
N LEU A 212 55.03 -14.45 -12.34
CA LEU A 212 54.46 -15.06 -13.54
C LEU A 212 55.27 -14.68 -14.77
N VAL A 213 55.15 -15.51 -15.81
CA VAL A 213 55.97 -15.37 -17.00
C VAL A 213 55.30 -14.53 -18.07
N ARG A 214 54.14 -14.97 -18.59
CA ARG A 214 53.63 -14.45 -19.86
C ARG A 214 52.13 -14.25 -19.90
N ASP A 215 51.45 -14.07 -18.77
CA ASP A 215 50.03 -13.77 -18.84
C ASP A 215 49.57 -13.00 -17.61
N LEU A 216 48.48 -12.25 -17.79
CA LEU A 216 47.79 -11.52 -16.74
C LEU A 216 47.40 -12.49 -15.62
N PRO A 217 47.95 -12.34 -14.41
CA PRO A 217 47.70 -13.35 -13.38
C PRO A 217 46.22 -13.46 -13.05
N GLN A 218 45.76 -14.70 -12.87
CA GLN A 218 44.40 -14.93 -12.38
C GLN A 218 44.33 -14.56 -10.90
N GLY A 219 43.27 -13.90 -10.51
CA GLY A 219 43.09 -13.48 -9.14
C GLY A 219 42.15 -12.29 -9.05
N PHE A 220 42.04 -11.76 -7.83
CA PHE A 220 41.18 -10.63 -7.57
C PHE A 220 41.83 -9.67 -6.58
N SER A 221 41.76 -8.38 -6.89
CA SER A 221 42.22 -7.33 -5.98
C SER A 221 41.68 -6.00 -6.48
N ALA A 222 41.05 -5.25 -5.59
CA ALA A 222 40.39 -4.01 -5.96
C ALA A 222 41.35 -2.83 -5.90
N LEU A 223 41.15 -1.87 -6.80
CA LEU A 223 42.03 -0.70 -6.91
C LEU A 223 41.49 0.43 -6.04
N GLU A 224 42.34 0.99 -5.19
CA GLU A 224 41.98 2.19 -4.46
C GLU A 224 42.15 3.42 -5.35
N PRO A 225 41.31 4.44 -5.18
CA PRO A 225 41.58 5.73 -5.84
C PRO A 225 42.85 6.35 -5.29
N LEU A 226 43.56 7.08 -6.15
CA LEU A 226 44.79 7.73 -5.71
C LEU A 226 44.80 9.22 -6.02
N VAL A 227 44.33 9.60 -7.21
CA VAL A 227 44.38 10.99 -7.65
C VAL A 227 43.21 11.27 -8.58
N ASP A 228 42.77 12.52 -8.59
CA ASP A 228 41.67 12.98 -9.43
C ASP A 228 42.08 14.32 -10.01
N LEU A 229 42.27 14.37 -11.33
CA LEU A 229 42.85 15.54 -11.98
C LEU A 229 41.75 16.36 -12.63
N PRO A 230 41.65 17.66 -12.34
CA PRO A 230 40.59 18.47 -12.96
C PRO A 230 40.98 19.01 -14.33
N ILE A 231 41.45 18.14 -15.22
CA ILE A 231 42.03 18.61 -16.48
C ILE A 231 40.98 19.23 -17.38
N GLY A 232 39.80 18.61 -17.48
CA GLY A 232 38.73 19.18 -18.29
C GLY A 232 38.95 19.16 -19.79
N ILE A 233 39.70 18.19 -20.31
CA ILE A 233 39.95 18.10 -21.74
C ILE A 233 39.11 16.97 -22.33
N ASN A 234 39.00 16.95 -23.65
CA ASN A 234 38.31 15.88 -24.36
C ASN A 234 39.31 14.79 -24.69
N ILE A 235 39.06 13.58 -24.19
CA ILE A 235 39.96 12.45 -24.37
C ILE A 235 39.20 11.40 -25.18
N THR A 236 39.73 11.07 -26.36
CA THR A 236 39.19 10.01 -27.19
C THR A 236 40.20 8.92 -27.50
N ARG A 237 41.49 9.19 -27.38
CA ARG A 237 42.53 8.21 -27.64
C ARG A 237 43.65 8.39 -26.63
N PHE A 238 44.44 7.34 -26.45
CA PHE A 238 45.52 7.39 -25.49
C PHE A 238 46.65 6.48 -25.96
N GLN A 239 47.80 6.63 -25.33
CA GLN A 239 49.00 5.91 -25.75
C GLN A 239 49.97 5.82 -24.58
N THR A 240 50.47 4.62 -24.31
CA THR A 240 51.41 4.43 -23.21
C THR A 240 52.83 4.75 -23.66
N LEU A 241 53.65 5.20 -22.72
CA LEU A 241 55.04 5.55 -22.97
C LEU A 241 55.93 4.50 -22.33
N LEU A 242 56.79 3.89 -23.14
CA LEU A 242 57.70 2.84 -22.69
C LEU A 242 59.14 3.31 -22.73
N ALA A 243 59.94 2.82 -21.79
CA ALA A 243 61.37 3.04 -21.81
C ALA A 243 62.02 2.18 -22.89
N LEU A 244 63.14 2.65 -23.42
CA LEU A 244 63.78 1.99 -24.55
C LEU A 244 65.30 1.99 -24.41
N SER A 254 72.24 4.17 -34.16
CA SER A 254 72.13 5.56 -33.71
C SER A 254 70.69 5.89 -33.31
N SER A 255 69.92 6.36 -34.28
CA SER A 255 68.52 6.72 -34.03
C SER A 255 67.61 5.51 -34.10
N SER A 256 67.90 4.61 -35.03
CA SER A 256 67.10 3.39 -35.20
C SER A 256 67.92 2.14 -34.85
N GLY A 257 67.22 1.09 -34.45
CA GLY A 257 67.87 -0.16 -34.09
C GLY A 257 68.22 -0.22 -32.62
N TRP A 258 67.42 -0.94 -31.84
CA TRP A 258 67.63 -1.02 -30.40
C TRP A 258 67.24 -2.38 -29.82
N THR A 259 66.98 -2.38 -28.51
CA THR A 259 66.58 -3.57 -27.77
C THR A 259 65.45 -3.20 -26.82
N ALA A 260 64.36 -3.95 -26.87
CA ALA A 260 63.20 -3.67 -26.03
C ALA A 260 63.24 -4.45 -24.71
N GLY A 261 62.65 -3.86 -23.67
CA GLY A 261 62.61 -4.49 -22.36
C GLY A 261 61.54 -5.56 -22.27
N ALA A 262 61.82 -6.58 -21.46
CA ALA A 262 60.88 -7.69 -21.28
C ALA A 262 59.71 -7.28 -20.40
N ALA A 263 58.75 -6.58 -20.98
CA ALA A 263 57.57 -6.12 -20.24
C ALA A 263 56.32 -6.21 -21.11
N ALA A 264 55.18 -6.46 -20.48
CA ALA A 264 53.91 -6.57 -21.19
C ALA A 264 52.80 -5.83 -20.46
N TYR A 265 51.88 -5.24 -21.21
CA TYR A 265 50.77 -4.51 -20.64
C TYR A 265 49.49 -4.88 -21.37
N TYR A 266 48.37 -4.74 -20.68
CA TYR A 266 47.06 -5.18 -21.16
C TYR A 266 46.07 -4.04 -20.98
N VAL A 267 45.12 -3.96 -21.91
CA VAL A 267 44.16 -2.86 -21.95
C VAL A 267 42.76 -3.42 -22.13
N GLY A 268 41.86 -3.08 -21.21
CA GLY A 268 40.44 -3.31 -21.37
C GLY A 268 39.71 -1.98 -21.42
N TYR A 269 38.39 -2.09 -21.55
CA TYR A 269 37.53 -0.91 -21.57
C TYR A 269 36.37 -1.11 -20.60
N LEU A 270 36.02 -0.03 -19.91
CA LEU A 270 34.97 -0.07 -18.89
C LEU A 270 33.61 0.17 -19.52
N GLN A 271 32.61 -0.57 -19.06
CA GLN A 271 31.24 -0.41 -19.50
C GLN A 271 30.33 -0.23 -18.30
N PRO A 272 29.18 0.42 -18.47
CA PRO A 272 28.28 0.62 -17.33
C PRO A 272 27.62 -0.69 -16.92
N ARG A 273 28.03 -1.23 -15.78
CA ARG A 273 27.63 -2.56 -15.35
C ARG A 273 27.40 -2.59 -13.85
N THR A 274 26.41 -3.36 -13.42
CA THR A 274 26.19 -3.57 -11.99
C THR A 274 27.17 -4.61 -11.45
N PHE A 275 27.81 -4.30 -10.33
CA PHE A 275 28.74 -5.19 -9.67
C PHE A 275 28.35 -5.36 -8.21
N LEU A 276 28.12 -6.61 -7.81
CA LEU A 276 27.98 -6.93 -6.40
C LEU A 276 29.34 -7.12 -5.77
N LEU A 277 29.57 -6.48 -4.63
CA LEU A 277 30.89 -6.44 -4.01
C LEU A 277 30.80 -6.96 -2.59
N LYS A 278 31.67 -7.89 -2.25
CA LYS A 278 31.77 -8.42 -0.89
C LYS A 278 32.83 -7.63 -0.12
N TYR A 279 32.45 -7.10 1.03
CA TYR A 279 33.38 -6.47 1.96
C TYR A 279 33.62 -7.41 3.12
N ASN A 280 34.88 -7.67 3.42
CA ASN A 280 35.21 -8.57 4.53
C ASN A 280 35.13 -7.83 5.85
N GLU A 281 35.51 -8.51 6.93
CA GLU A 281 35.45 -7.96 8.27
C GLU A 281 36.32 -6.72 8.50
N ASN A 282 37.30 -6.52 7.64
CA ASN A 282 38.20 -5.38 7.77
C ASN A 282 37.89 -4.26 6.79
N GLY A 283 36.92 -4.45 5.89
CA GLY A 283 36.43 -3.40 5.04
C GLY A 283 37.00 -3.36 3.65
N THR A 284 37.86 -4.32 3.29
CA THR A 284 38.43 -4.38 1.95
C THR A 284 37.55 -5.24 1.05
N ILE A 285 37.28 -4.74 -0.15
CA ILE A 285 36.51 -5.51 -1.12
C ILE A 285 37.28 -6.79 -1.40
N THR A 286 36.71 -7.93 -1.01
CA THR A 286 37.38 -9.22 -1.10
C THR A 286 36.86 -10.10 -2.22
N ASP A 287 35.65 -9.87 -2.71
CA ASP A 287 35.12 -10.63 -3.84
C ASP A 287 34.08 -9.77 -4.55
N ALA A 288 33.77 -10.14 -5.79
CA ALA A 288 32.82 -9.39 -6.58
C ALA A 288 32.14 -10.31 -7.59
N VAL A 289 30.94 -9.92 -8.00
CA VAL A 289 30.16 -10.65 -8.99
C VAL A 289 29.66 -9.66 -10.05
N ASP A 290 29.91 -9.98 -11.32
CA ASP A 290 29.43 -9.16 -12.42
C ASP A 290 28.01 -9.59 -12.77
N CYS A 291 27.05 -8.70 -12.55
CA CYS A 291 25.63 -9.01 -12.69
C CYS A 291 25.23 -9.44 -14.10
N ALA A 292 26.05 -9.16 -15.12
CA ALA A 292 25.71 -9.47 -16.49
C ALA A 292 26.71 -10.45 -17.13
N LEU A 293 27.63 -11.02 -16.35
CA LEU A 293 28.57 -11.97 -16.91
C LEU A 293 27.84 -13.16 -17.54
N ASP A 294 26.83 -13.68 -16.86
CA ASP A 294 26.05 -14.80 -17.37
C ASP A 294 24.79 -14.90 -16.53
N PRO A 295 23.82 -15.72 -16.94
CA PRO A 295 22.58 -15.84 -16.16
C PRO A 295 22.79 -16.29 -14.72
N LEU A 296 23.76 -17.16 -14.47
CA LEU A 296 24.04 -17.55 -13.08
C LEU A 296 24.40 -16.34 -12.25
N SER A 297 25.32 -15.51 -12.75
CA SER A 297 25.72 -14.32 -12.01
C SER A 297 24.55 -13.36 -11.83
N GLU A 298 23.62 -13.34 -12.77
CA GLU A 298 22.44 -12.50 -12.61
C GLU A 298 21.66 -12.88 -11.37
N THR A 299 21.50 -14.18 -11.12
CA THR A 299 20.80 -14.62 -9.91
C THR A 299 21.58 -14.24 -8.66
N LYS A 300 22.89 -14.50 -8.65
CA LYS A 300 23.71 -14.04 -7.54
C LYS A 300 23.52 -12.55 -7.30
N CYS A 301 23.48 -11.78 -8.38
CA CYS A 301 23.24 -10.34 -8.27
C CYS A 301 21.87 -10.07 -7.64
N THR A 302 20.83 -10.69 -8.17
CA THR A 302 19.48 -10.45 -7.68
C THR A 302 19.33 -10.90 -6.22
N LEU A 303 19.90 -12.05 -5.89
CA LEU A 303 19.82 -12.58 -4.53
C LEU A 303 20.76 -11.87 -3.56
N LYS A 304 21.68 -11.05 -4.07
CA LYS A 304 22.69 -10.41 -3.24
C LYS A 304 23.41 -11.45 -2.37
N SER A 305 23.81 -12.53 -3.02
CA SER A 305 24.54 -13.60 -2.35
C SER A 305 25.47 -14.25 -3.36
N PHE A 306 26.67 -14.60 -2.89
CA PHE A 306 27.63 -15.27 -3.75
C PHE A 306 27.37 -16.77 -3.89
N THR A 307 26.53 -17.33 -3.02
CA THR A 307 26.17 -18.74 -3.07
C THR A 307 24.66 -18.86 -3.28
N VAL A 308 24.26 -19.68 -4.24
CA VAL A 308 22.86 -19.86 -4.59
C VAL A 308 22.46 -21.30 -4.30
N GLU A 309 21.38 -21.48 -3.56
CA GLU A 309 20.89 -22.81 -3.25
C GLU A 309 20.24 -23.46 -4.47
N LYS A 310 20.09 -24.77 -4.39
CA LYS A 310 19.44 -25.53 -5.46
C LYS A 310 18.03 -25.02 -5.72
N GLY A 311 17.68 -24.92 -6.99
CA GLY A 311 16.34 -24.51 -7.36
C GLY A 311 16.33 -23.90 -8.74
N ILE A 312 15.17 -23.33 -9.09
CA ILE A 312 14.96 -22.61 -10.33
C ILE A 312 14.60 -21.18 -10.00
N TYR A 313 15.33 -20.23 -10.57
CA TYR A 313 15.21 -18.82 -10.23
C TYR A 313 14.78 -18.03 -11.44
N GLN A 314 13.74 -17.21 -11.29
CA GLN A 314 13.30 -16.32 -12.35
C GLN A 314 14.27 -15.16 -12.52
N THR A 315 14.51 -14.76 -13.76
CA THR A 315 15.41 -13.65 -14.03
C THR A 315 14.76 -12.62 -14.95
N SER A 316 15.54 -11.65 -15.41
CA SER A 316 15.02 -10.59 -16.26
C SER A 316 14.46 -11.16 -17.56
N ASN A 317 13.42 -10.53 -18.08
CA ASN A 317 12.92 -10.88 -19.40
C ASN A 317 14.02 -10.70 -20.44
N PHE A 318 14.06 -11.64 -21.38
CA PHE A 318 15.03 -11.54 -22.47
C PHE A 318 14.78 -10.27 -23.27
N ARG A 319 15.84 -9.50 -23.54
CA ARG A 319 15.69 -8.22 -24.19
C ARG A 319 16.89 -7.93 -25.09
N VAL A 320 16.61 -7.74 -26.38
CA VAL A 320 17.65 -7.36 -27.33
C VAL A 320 17.97 -5.88 -27.17
N GLN A 321 19.25 -5.55 -27.30
CA GLN A 321 19.69 -4.16 -27.31
C GLN A 321 19.52 -3.56 -28.71
N PRO A 322 19.33 -2.24 -28.80
CA PRO A 322 19.17 -1.61 -30.12
C PRO A 322 20.43 -1.73 -30.95
N THR A 323 20.24 -1.99 -32.25
CA THR A 323 21.38 -2.11 -33.16
C THR A 323 21.92 -0.74 -33.55
N GLU A 324 21.05 0.20 -33.89
CA GLU A 324 21.47 1.53 -34.32
C GLU A 324 20.37 2.53 -34.01
N SER A 325 20.74 3.81 -34.01
CA SER A 325 19.78 4.89 -33.89
C SER A 325 19.16 5.22 -35.25
N ILE A 326 17.91 5.67 -35.23
CA ILE A 326 17.23 6.15 -36.42
C ILE A 326 16.50 7.44 -36.07
N VAL A 327 16.63 8.44 -36.93
CA VAL A 327 16.04 9.76 -36.73
C VAL A 327 15.23 10.13 -37.97
N ARG A 328 13.99 10.56 -37.76
CA ARG A 328 13.07 10.89 -38.85
C ARG A 328 12.38 12.22 -38.52
N PHE A 329 12.78 13.26 -39.23
CA PHE A 329 12.16 14.56 -39.11
C PHE A 329 11.50 14.95 -40.43
N PRO A 330 10.38 15.66 -40.39
CA PRO A 330 9.82 16.21 -41.64
C PRO A 330 10.89 17.02 -42.36
N ASN A 331 11.01 16.80 -43.67
CA ASN A 331 12.05 17.46 -44.43
C ASN A 331 11.54 18.85 -44.83
N ILE A 332 12.08 19.88 -44.18
CA ILE A 332 11.87 21.27 -44.56
C ILE A 332 13.25 21.90 -44.64
N THR A 333 13.51 22.60 -45.76
CA THR A 333 14.84 23.12 -46.03
C THR A 333 15.04 24.58 -45.61
N ASN A 334 13.99 25.40 -45.64
CA ASN A 334 14.11 26.80 -45.32
C ASN A 334 14.09 27.02 -43.81
N LEU A 335 14.89 27.96 -43.35
CA LEU A 335 15.03 28.23 -41.92
C LEU A 335 13.93 29.17 -41.44
N CYS A 336 13.69 29.16 -40.14
CA CYS A 336 12.59 29.91 -39.56
C CYS A 336 12.85 31.42 -39.64
N PRO A 337 11.79 32.22 -39.66
CA PRO A 337 11.96 33.67 -39.78
C PRO A 337 12.51 34.30 -38.51
N PHE A 338 13.72 33.88 -38.11
CA PHE A 338 14.33 34.46 -36.91
C PHE A 338 14.58 35.95 -37.09
N GLY A 339 15.03 36.36 -38.29
CA GLY A 339 15.29 37.77 -38.53
C GLY A 339 14.03 38.60 -38.49
N GLU A 340 12.93 38.06 -39.01
CA GLU A 340 11.69 38.83 -39.03
C GLU A 340 11.02 38.86 -37.65
N VAL A 341 11.33 37.90 -36.80
CA VAL A 341 10.78 37.89 -35.44
C VAL A 341 11.59 38.81 -34.53
N PHE A 342 12.90 38.56 -34.44
CA PHE A 342 13.75 39.17 -33.42
C PHE A 342 14.47 40.41 -33.93
N ASN A 343 14.13 40.92 -35.11
CA ASN A 343 14.86 42.04 -35.69
C ASN A 343 13.92 43.07 -36.32
N ALA A 344 12.61 42.82 -36.28
CA ALA A 344 11.65 43.72 -36.92
C ALA A 344 11.86 45.15 -36.46
N THR A 345 11.92 46.06 -37.43
CA THR A 345 12.20 47.46 -37.15
C THR A 345 11.26 48.04 -36.10
N ARG A 346 9.99 47.64 -36.12
CA ARG A 346 8.98 48.21 -35.23
C ARG A 346 8.16 47.07 -34.64
N PHE A 347 8.21 46.92 -33.33
CA PHE A 347 7.35 45.97 -32.63
C PHE A 347 5.99 46.56 -32.34
N ALA A 348 5.04 45.69 -32.00
CA ALA A 348 3.69 46.11 -31.69
C ALA A 348 3.58 46.58 -30.24
N SER A 349 2.60 47.44 -29.97
CA SER A 349 2.29 47.82 -28.61
C SER A 349 1.73 46.60 -27.86
N VAL A 350 1.94 46.59 -26.55
CA VAL A 350 1.56 45.41 -25.78
C VAL A 350 0.06 45.21 -25.76
N TYR A 351 -0.73 46.29 -25.73
CA TYR A 351 -2.18 46.13 -25.77
C TYR A 351 -2.63 45.58 -27.12
N ALA A 352 -1.93 45.95 -28.19
CA ALA A 352 -2.23 45.46 -29.53
C ALA A 352 -1.22 44.39 -29.98
N TRP A 353 -0.80 43.53 -29.06
CA TRP A 353 0.31 42.63 -29.33
C TRP A 353 0.07 41.80 -30.57
N ASN A 354 1.13 41.62 -31.37
CA ASN A 354 1.05 40.89 -32.62
C ASN A 354 1.17 39.38 -32.39
N ARG A 355 0.63 38.62 -33.33
CA ARG A 355 0.77 37.16 -33.35
C ARG A 355 1.07 36.71 -34.76
N LYS A 356 2.18 35.99 -34.94
CA LYS A 356 2.63 35.51 -36.24
C LYS A 356 2.70 33.99 -36.23
N ARG A 357 2.26 33.38 -37.32
CA ARG A 357 2.30 31.93 -37.46
C ARG A 357 3.64 31.51 -38.07
N ILE A 358 4.34 30.61 -37.39
CA ILE A 358 5.61 30.05 -37.86
C ILE A 358 5.35 28.62 -38.29
N SER A 359 5.62 28.32 -39.56
CA SER A 359 5.28 27.02 -40.12
C SER A 359 6.24 26.69 -41.24
N ASN A 360 6.48 25.41 -41.46
CA ASN A 360 7.36 24.91 -42.50
C ASN A 360 8.71 25.63 -42.47
N CYS A 361 9.40 25.44 -41.35
CA CYS A 361 10.74 25.99 -41.18
C CYS A 361 11.50 25.18 -40.16
N VAL A 362 12.83 25.35 -40.18
CA VAL A 362 13.74 24.62 -39.30
C VAL A 362 14.12 25.54 -38.14
N ALA A 363 13.94 25.06 -36.91
CA ALA A 363 14.19 25.87 -35.72
C ALA A 363 15.64 25.85 -35.27
N ASP A 364 16.56 26.24 -36.15
CA ASP A 364 17.98 26.32 -35.82
C ASP A 364 18.26 27.65 -35.11
N TYR A 365 17.89 27.69 -33.82
CA TYR A 365 18.00 28.91 -33.04
C TYR A 365 19.45 29.32 -32.80
N SER A 366 20.43 28.50 -33.20
CA SER A 366 21.84 28.88 -33.02
C SER A 366 22.20 30.10 -33.85
N VAL A 367 21.50 30.34 -34.96
CA VAL A 367 21.91 31.37 -35.90
C VAL A 367 21.94 32.76 -35.28
N LEU A 368 21.19 32.98 -34.21
CA LEU A 368 21.05 34.30 -33.61
C LEU A 368 21.93 34.51 -32.38
N TYR A 369 22.81 33.56 -32.06
CA TYR A 369 23.70 33.73 -30.92
C TYR A 369 24.53 35.00 -31.05
N ASN A 370 25.13 35.22 -32.23
CA ASN A 370 26.03 36.36 -32.41
C ASN A 370 25.36 37.69 -32.08
N SER A 371 24.05 37.81 -32.33
CA SER A 371 23.38 39.10 -32.32
C SER A 371 22.15 39.19 -31.44
N ALA A 372 21.73 38.11 -30.77
CA ALA A 372 20.49 38.15 -30.00
C ALA A 372 20.68 38.91 -28.69
N SER A 373 21.47 38.35 -27.77
CA SER A 373 21.70 38.93 -26.45
C SER A 373 20.40 39.06 -25.67
N PHE A 374 19.74 37.93 -25.44
CA PHE A 374 18.51 37.91 -24.67
C PHE A 374 18.78 38.05 -23.18
N SER A 375 18.10 39.00 -22.54
CA SER A 375 18.19 39.12 -21.09
C SER A 375 17.36 38.07 -20.37
N THR A 376 16.27 37.63 -20.99
CA THR A 376 15.41 36.59 -20.43
C THR A 376 15.10 35.58 -21.51
N PHE A 377 15.27 34.30 -21.20
CA PHE A 377 14.87 33.20 -22.08
C PHE A 377 14.47 32.05 -21.18
N LYS A 378 13.17 31.85 -21.02
CA LYS A 378 12.64 30.89 -20.06
C LYS A 378 11.60 30.01 -20.76
N CYS A 379 11.78 28.71 -20.64
CA CYS A 379 10.87 27.73 -21.21
C CYS A 379 10.00 27.13 -20.12
N TYR A 380 8.77 26.79 -20.49
CA TYR A 380 7.77 26.32 -19.53
C TYR A 380 7.22 24.94 -19.84
N GLY A 381 7.35 24.45 -21.06
CA GLY A 381 6.88 23.11 -21.37
C GLY A 381 8.00 22.17 -21.76
N VAL A 382 9.24 22.68 -21.80
CA VAL A 382 10.39 21.91 -22.23
C VAL A 382 11.62 22.42 -21.50
N SER A 383 12.65 21.59 -21.46
CA SER A 383 13.95 22.08 -21.06
C SER A 383 14.61 22.77 -22.25
N PRO A 384 15.33 23.88 -22.02
CA PRO A 384 15.93 24.58 -23.16
C PRO A 384 16.94 23.74 -23.90
N THR A 385 17.61 22.80 -23.22
CA THR A 385 18.60 21.98 -23.89
C THR A 385 17.98 21.10 -24.97
N LYS A 386 16.71 20.74 -24.83
CA LYS A 386 16.09 19.75 -25.70
C LYS A 386 15.58 20.34 -27.01
N LEU A 387 15.56 21.66 -27.16
CA LEU A 387 14.88 22.27 -28.30
C LEU A 387 15.43 21.78 -29.63
N ASN A 388 16.71 21.42 -29.68
CA ASN A 388 17.29 20.97 -30.95
C ASN A 388 16.83 19.57 -31.32
N ASP A 389 16.54 18.74 -30.33
CA ASP A 389 16.14 17.36 -30.55
C ASP A 389 14.63 17.21 -30.71
N LEU A 390 13.91 18.29 -31.01
CA LEU A 390 12.48 18.34 -30.84
C LEU A 390 11.82 19.01 -32.04
N CYS A 391 10.56 18.63 -32.29
CA CYS A 391 9.75 19.20 -33.36
C CYS A 391 8.51 19.82 -32.73
N PHE A 392 7.88 20.74 -33.47
CA PHE A 392 6.76 21.52 -32.96
C PHE A 392 5.62 21.49 -33.96
N THR A 393 4.39 21.46 -33.44
CA THR A 393 3.20 21.21 -34.25
C THR A 393 2.57 22.48 -34.79
N ASN A 394 2.22 23.42 -33.91
CA ASN A 394 1.82 24.75 -34.32
C ASN A 394 2.57 25.76 -33.47
N VAL A 395 3.15 26.77 -34.12
CA VAL A 395 4.07 27.69 -33.45
C VAL A 395 3.61 29.11 -33.73
N TYR A 396 3.44 29.90 -32.67
CA TYR A 396 3.02 31.29 -32.77
C TYR A 396 3.98 32.16 -31.97
N ALA A 397 4.51 33.19 -32.62
CA ALA A 397 5.37 34.16 -31.96
C ALA A 397 4.58 35.42 -31.66
N ASP A 398 4.44 35.76 -30.38
CA ASP A 398 3.76 36.96 -29.94
C ASP A 398 4.80 38.03 -29.62
N SER A 399 4.73 39.15 -30.33
CA SER A 399 5.76 40.19 -30.26
C SER A 399 5.16 41.47 -29.72
N PHE A 400 5.79 42.06 -28.71
CA PHE A 400 5.36 43.34 -28.18
C PHE A 400 6.49 43.94 -27.34
N VAL A 401 6.31 45.21 -26.99
CA VAL A 401 7.29 45.96 -26.20
C VAL A 401 6.64 46.40 -24.90
N ILE A 402 7.38 46.26 -23.81
CA ILE A 402 6.90 46.64 -22.48
C ILE A 402 8.04 47.26 -21.68
N ARG A 403 7.67 47.91 -20.59
CA ARG A 403 8.64 48.43 -19.64
C ARG A 403 9.46 47.28 -19.06
N GLY A 404 10.73 47.55 -18.79
CA GLY A 404 11.61 46.51 -18.28
C GLY A 404 11.12 45.89 -16.98
N ASP A 405 10.59 46.70 -16.08
CA ASP A 405 10.11 46.17 -14.80
C ASP A 405 8.97 45.18 -14.97
N GLU A 406 8.26 45.23 -16.10
CA GLU A 406 7.07 44.41 -16.30
C GLU A 406 7.34 43.10 -17.01
N VAL A 407 8.60 42.82 -17.38
CA VAL A 407 8.89 41.56 -18.06
C VAL A 407 8.55 40.37 -17.17
N ARG A 408 8.67 40.53 -15.85
CA ARG A 408 8.32 39.44 -14.94
C ARG A 408 6.84 39.07 -15.05
N GLN A 409 5.98 40.03 -15.41
CA GLN A 409 4.55 39.77 -15.53
C GLN A 409 4.23 38.85 -16.70
N ILE A 410 5.17 38.60 -17.60
CA ILE A 410 4.88 37.75 -18.76
C ILE A 410 4.92 36.27 -18.41
N ALA A 411 5.34 35.92 -17.20
CA ALA A 411 5.26 34.53 -16.75
C ALA A 411 3.81 34.13 -16.56
N PRO A 412 3.48 32.86 -16.78
CA PRO A 412 2.09 32.41 -16.55
C PRO A 412 1.75 32.43 -15.08
N GLY A 413 0.55 32.92 -14.77
CA GLY A 413 0.11 33.02 -13.39
C GLY A 413 0.69 34.23 -12.69
N GLN A 414 0.41 35.41 -13.20
CA GLN A 414 0.94 36.65 -12.66
C GLN A 414 -0.18 37.69 -12.54
N THR A 415 0.11 38.75 -11.81
CA THR A 415 -0.78 39.89 -11.71
C THR A 415 0.04 41.16 -11.89
N GLY A 416 -0.66 42.28 -12.01
CA GLY A 416 -0.05 43.50 -12.47
C GLY A 416 -0.76 43.97 -13.73
N LYS A 417 -0.57 45.23 -14.12
CA LYS A 417 -1.42 45.76 -15.19
C LYS A 417 -1.15 45.08 -16.51
N ILE A 418 0.06 44.57 -16.74
CA ILE A 418 0.31 43.87 -18.00
C ILE A 418 -0.36 42.51 -18.01
N ALA A 419 -0.17 41.74 -16.94
CA ALA A 419 -0.81 40.42 -16.87
C ALA A 419 -2.32 40.55 -16.78
N ASP A 420 -2.81 41.57 -16.07
CA ASP A 420 -4.23 41.71 -15.81
C ASP A 420 -4.99 42.37 -16.94
N TYR A 421 -4.34 43.19 -17.78
CA TYR A 421 -5.08 44.10 -18.63
C TYR A 421 -4.74 44.06 -20.12
N ASN A 422 -3.58 43.54 -20.52
CA ASN A 422 -3.33 43.43 -21.96
C ASN A 422 -2.71 42.11 -22.41
N TYR A 423 -2.02 41.34 -21.55
CA TYR A 423 -1.41 40.10 -22.02
C TYR A 423 -1.39 39.10 -20.88
N LYS A 424 -2.21 38.05 -21.00
CA LYS A 424 -2.26 36.97 -20.03
C LYS A 424 -1.81 35.66 -20.68
N LEU A 425 -0.97 34.91 -19.97
CA LEU A 425 -0.60 33.57 -20.42
C LEU A 425 -1.38 32.51 -19.66
N PRO A 426 -1.77 31.42 -20.30
CA PRO A 426 -2.51 30.37 -19.59
C PRO A 426 -1.63 29.61 -18.61
N ASP A 427 -2.28 28.93 -17.67
CA ASP A 427 -1.54 28.20 -16.64
C ASP A 427 -0.80 27.00 -17.21
N ASP A 428 -1.34 26.38 -18.25
CA ASP A 428 -0.70 25.25 -18.92
C ASP A 428 0.11 25.69 -20.13
N PHE A 429 0.66 26.91 -20.09
CA PHE A 429 1.42 27.47 -21.19
C PHE A 429 2.58 26.59 -21.58
N THR A 430 2.58 26.08 -22.81
CA THR A 430 3.70 25.35 -23.39
C THR A 430 4.40 26.30 -24.35
N GLY A 431 5.58 26.77 -23.96
CA GLY A 431 6.31 27.72 -24.78
C GLY A 431 7.52 28.25 -24.04
N CYS A 432 8.30 29.03 -24.77
CA CYS A 432 9.49 29.69 -24.26
C CYS A 432 9.35 31.19 -24.45
N VAL A 433 9.51 31.95 -23.37
CA VAL A 433 9.39 33.41 -23.40
C VAL A 433 10.76 34.02 -23.53
N ILE A 434 10.88 35.04 -24.38
CA ILE A 434 12.16 35.67 -24.71
C ILE A 434 11.99 37.17 -24.64
N ALA A 435 12.95 37.85 -23.98
CA ALA A 435 12.95 39.29 -23.88
C ALA A 435 14.37 39.80 -23.86
N TRP A 436 14.57 41.01 -24.39
CA TRP A 436 15.89 41.65 -24.37
C TRP A 436 15.72 43.16 -24.29
N ASN A 437 16.64 43.81 -23.59
CA ASN A 437 16.61 45.26 -23.46
C ASN A 437 16.74 45.92 -24.83
N SER A 438 15.87 46.90 -25.10
CA SER A 438 15.84 47.58 -26.39
C SER A 438 15.92 49.10 -26.25
N ASN A 439 16.64 49.61 -25.24
CA ASN A 439 16.72 51.06 -25.08
C ASN A 439 17.31 51.72 -26.32
N ASN A 440 18.34 51.10 -26.91
CA ASN A 440 19.00 51.71 -28.05
C ASN A 440 18.12 51.76 -29.29
N LEU A 441 17.15 50.86 -29.41
CA LEU A 441 16.31 50.77 -30.59
C LEU A 441 15.01 51.55 -30.46
N ASP A 442 14.27 51.34 -29.38
CA ASP A 442 12.94 51.90 -29.24
C ASP A 442 12.91 53.29 -28.62
N SER A 443 13.90 53.62 -27.79
CA SER A 443 13.88 54.88 -27.07
C SER A 443 14.16 56.05 -28.01
N LYS A 444 13.54 57.19 -27.70
CA LYS A 444 13.67 58.41 -28.47
C LYS A 444 14.02 59.55 -27.52
N VAL A 445 14.89 60.45 -27.99
CA VAL A 445 15.41 61.49 -27.10
C VAL A 445 14.27 62.34 -26.56
N GLY A 446 13.25 62.60 -27.37
CA GLY A 446 12.06 63.27 -26.89
C GLY A 446 11.06 62.35 -26.24
N GLY A 447 11.39 61.06 -26.09
CA GLY A 447 10.47 60.08 -25.57
C GLY A 447 9.61 59.49 -26.66
N ASN A 448 9.63 58.16 -26.78
CA ASN A 448 8.88 57.46 -27.82
C ASN A 448 7.52 57.07 -27.26
N TYR A 449 6.47 57.74 -27.72
CA TYR A 449 5.12 57.50 -27.25
C TYR A 449 4.31 56.59 -28.17
N ASN A 450 4.94 55.99 -29.18
CA ASN A 450 4.23 55.08 -30.07
C ASN A 450 3.89 53.77 -29.40
N TYR A 451 4.40 53.50 -28.21
CA TYR A 451 4.16 52.24 -27.51
C TYR A 451 3.14 52.46 -26.41
N LEU A 452 2.02 51.73 -26.49
CA LEU A 452 0.86 51.93 -25.62
C LEU A 452 0.62 50.69 -24.79
N TYR A 453 0.09 50.90 -23.58
CA TYR A 453 -0.39 49.81 -22.73
C TYR A 453 -1.74 50.22 -22.13
N ARG A 454 -2.53 49.21 -21.78
CA ARG A 454 -3.86 49.42 -21.24
C ARG A 454 -3.79 49.52 -19.72
N LEU A 455 -4.28 50.63 -19.18
CA LEU A 455 -4.21 50.89 -17.75
C LEU A 455 -5.50 50.59 -17.01
N PHE A 456 -6.63 50.48 -17.72
CA PHE A 456 -7.93 50.32 -17.09
C PHE A 456 -8.73 49.25 -17.80
N ARG A 457 -9.46 48.45 -17.02
CA ARG A 457 -10.32 47.40 -17.55
C ARG A 457 -11.38 47.07 -16.52
N LYS A 458 -12.56 46.68 -17.01
CA LYS A 458 -13.61 46.23 -16.10
C LYS A 458 -13.30 44.90 -15.44
N SER A 459 -12.46 44.07 -16.08
CA SER A 459 -12.12 42.78 -15.52
C SER A 459 -10.82 42.29 -16.15
N ASN A 460 -10.16 41.37 -15.45
CA ASN A 460 -8.94 40.77 -15.98
C ASN A 460 -9.27 39.99 -17.24
N LEU A 461 -8.44 40.14 -18.26
CA LEU A 461 -8.70 39.47 -19.53
C LEU A 461 -8.25 38.02 -19.50
N LYS A 462 -8.81 37.24 -20.42
CA LYS A 462 -8.52 35.82 -20.49
C LYS A 462 -7.17 35.56 -21.17
N PRO A 463 -6.61 34.37 -20.96
CA PRO A 463 -5.31 34.06 -21.57
C PRO A 463 -5.32 34.24 -23.08
N PHE A 464 -4.24 34.81 -23.60
CA PHE A 464 -4.07 35.02 -25.03
C PHE A 464 -5.22 35.84 -25.62
N GLU A 465 -5.85 36.65 -24.78
CA GLU A 465 -6.87 37.58 -25.26
C GLU A 465 -6.24 38.92 -25.62
N ARG A 466 -6.70 39.49 -26.73
CA ARG A 466 -6.22 40.78 -27.22
C ARG A 466 -7.39 41.76 -27.20
N ASP A 467 -7.24 42.85 -26.46
CA ASP A 467 -8.29 43.85 -26.30
C ASP A 467 -7.84 45.15 -26.95
N ILE A 468 -8.57 45.56 -27.99
CA ILE A 468 -8.25 46.79 -28.73
C ILE A 468 -9.17 47.95 -28.36
N SER A 469 -10.21 47.70 -27.57
CA SER A 469 -11.20 48.73 -27.26
C SER A 469 -10.53 49.95 -26.65
N THR A 470 -10.94 51.13 -27.13
CA THR A 470 -10.53 52.41 -26.56
C THR A 470 -11.66 53.11 -25.82
N GLU A 471 -12.81 52.46 -25.67
CA GLU A 471 -13.95 53.10 -25.03
C GLU A 471 -13.62 53.47 -23.60
N ILE A 472 -14.19 54.58 -23.14
CA ILE A 472 -13.78 55.19 -21.87
C ILE A 472 -14.13 54.27 -20.71
N TYR A 473 -13.28 54.28 -19.69
CA TYR A 473 -13.46 53.48 -18.49
C TYR A 473 -14.18 54.28 -17.42
N GLN A 474 -15.13 53.64 -16.74
CA GLN A 474 -15.96 54.28 -15.71
C GLN A 474 -15.42 53.86 -14.34
N ALA A 475 -14.65 54.75 -13.71
CA ALA A 475 -14.10 54.46 -12.40
C ALA A 475 -15.10 54.65 -11.28
N GLY A 476 -15.95 55.68 -11.36
CA GLY A 476 -16.94 55.94 -10.34
C GLY A 476 -18.22 55.18 -10.59
N SER A 477 -19.21 55.47 -9.75
CA SER A 477 -20.54 54.90 -9.91
C SER A 477 -21.35 55.57 -11.01
N THR A 478 -20.95 56.76 -11.42
CA THR A 478 -21.66 57.47 -12.48
C THR A 478 -21.46 56.77 -13.83
N PRO A 479 -22.45 56.83 -14.72
CA PRO A 479 -22.20 56.45 -16.11
C PRO A 479 -21.27 57.45 -16.77
N CYS A 480 -20.63 57.01 -17.85
CA CYS A 480 -19.76 57.87 -18.64
C CYS A 480 -20.17 57.80 -20.10
N ASN A 481 -20.24 58.96 -20.75
CA ASN A 481 -20.60 59.08 -22.15
C ASN A 481 -19.59 59.97 -22.85
N GLY A 482 -19.86 60.27 -24.11
CA GLY A 482 -19.00 61.16 -24.87
C GLY A 482 -17.56 60.68 -24.89
N VAL A 483 -16.64 61.61 -24.66
CA VAL A 483 -15.21 61.35 -24.80
C VAL A 483 -14.51 61.42 -23.45
N GLU A 484 -15.00 62.28 -22.56
CA GLU A 484 -14.27 62.56 -21.33
C GLU A 484 -15.24 62.99 -20.24
N GLY A 485 -14.74 62.95 -19.02
CA GLY A 485 -15.50 63.39 -17.86
C GLY A 485 -14.70 63.15 -16.61
N PHE A 486 -15.29 63.52 -15.48
CA PHE A 486 -14.66 63.26 -14.20
C PHE A 486 -14.67 61.76 -13.89
N ASN A 487 -13.50 61.23 -13.54
CA ASN A 487 -13.33 59.80 -13.31
C ASN A 487 -13.55 58.99 -14.58
N CYS A 488 -13.73 59.66 -15.71
CA CYS A 488 -13.76 59.01 -17.02
C CYS A 488 -12.32 58.96 -17.55
N TYR A 489 -11.73 57.78 -17.57
CA TYR A 489 -10.34 57.61 -17.96
C TYR A 489 -10.24 56.95 -19.32
N PHE A 490 -9.37 57.48 -20.16
CA PHE A 490 -9.02 56.80 -21.40
C PHE A 490 -8.23 55.54 -21.06
N PRO A 491 -8.62 54.37 -21.57
CA PRO A 491 -8.04 53.13 -21.04
C PRO A 491 -6.58 52.91 -21.41
N LEU A 492 -6.08 53.56 -22.44
CA LEU A 492 -4.71 53.34 -22.90
C LEU A 492 -3.79 54.47 -22.43
N GLN A 493 -2.56 54.10 -22.10
CA GLN A 493 -1.54 55.06 -21.74
C GLN A 493 -0.23 54.66 -22.40
N SER A 494 0.63 55.65 -22.66
CA SER A 494 1.84 55.46 -23.43
C SER A 494 3.07 55.44 -22.53
N TYR A 495 4.02 54.58 -22.87
CA TYR A 495 5.32 54.59 -22.20
C TYR A 495 6.11 55.81 -22.65
N GLY A 496 6.79 56.45 -21.69
CA GLY A 496 7.69 57.54 -22.01
C GLY A 496 9.12 57.08 -22.19
N PHE A 497 9.40 56.38 -23.28
CA PHE A 497 10.69 55.71 -23.47
C PHE A 497 11.73 56.74 -23.90
N GLN A 498 12.30 57.44 -22.92
CA GLN A 498 13.45 58.28 -23.16
C GLN A 498 14.73 57.48 -22.91
N PRO A 499 15.78 57.66 -23.72
CA PRO A 499 17.00 56.88 -23.50
C PRO A 499 17.66 57.15 -22.16
N THR A 500 17.36 58.28 -21.52
CA THR A 500 17.89 58.57 -20.19
C THR A 500 17.15 57.82 -19.09
N ASN A 501 16.08 57.11 -19.41
CA ASN A 501 15.30 56.41 -18.38
C ASN A 501 16.17 55.42 -17.63
N GLY A 502 15.93 55.33 -16.32
CA GLY A 502 16.66 54.37 -15.51
C GLY A 502 16.41 52.95 -16.00
N VAL A 503 17.46 52.12 -15.88
CA VAL A 503 17.35 50.74 -16.33
C VAL A 503 16.22 50.06 -15.56
N GLY A 504 15.23 49.56 -16.31
CA GLY A 504 13.99 49.07 -15.74
C GLY A 504 12.78 49.84 -16.23
N TYR A 505 12.94 51.14 -16.47
CA TYR A 505 11.99 51.92 -17.24
C TYR A 505 12.38 51.96 -18.71
N GLN A 506 13.48 51.32 -19.08
CA GLN A 506 13.88 51.24 -20.47
C GLN A 506 13.03 50.20 -21.21
N PRO A 507 12.81 50.39 -22.50
CA PRO A 507 11.96 49.43 -23.25
C PRO A 507 12.62 48.07 -23.37
N TYR A 508 11.82 47.03 -23.18
CA TYR A 508 12.24 45.65 -23.37
C TYR A 508 11.35 45.00 -24.42
N ARG A 509 11.96 44.47 -25.47
CA ARG A 509 11.21 43.73 -26.48
C ARG A 509 10.99 42.29 -26.02
N VAL A 510 9.79 41.78 -26.23
CA VAL A 510 9.39 40.46 -25.75
C VAL A 510 8.84 39.65 -26.92
N VAL A 511 9.31 38.42 -27.06
CA VAL A 511 8.76 37.46 -28.01
C VAL A 511 8.37 36.22 -27.23
N VAL A 512 7.12 35.78 -27.38
CA VAL A 512 6.60 34.61 -26.69
C VAL A 512 6.29 33.55 -27.73
N LEU A 513 7.06 32.47 -27.71
CA LEU A 513 6.84 31.34 -28.61
C LEU A 513 5.97 30.32 -27.91
N SER A 514 4.78 30.07 -28.45
CA SER A 514 3.86 29.07 -27.94
C SER A 514 3.77 27.93 -28.94
N PHE A 515 3.90 26.69 -28.44
CA PHE A 515 3.92 25.54 -29.32
C PHE A 515 3.43 24.31 -28.57
N GLU A 516 3.01 23.31 -29.34
CA GLU A 516 2.58 22.03 -28.83
C GLU A 516 3.51 20.94 -29.34
N LEU A 517 3.70 19.90 -28.54
CA LEU A 517 4.74 18.91 -28.78
C LEU A 517 4.18 17.49 -28.74
N LEU A 518 4.61 16.68 -29.71
CA LEU A 518 4.49 15.23 -29.67
C LEU A 518 3.05 14.72 -29.66
N HIS A 519 2.07 15.59 -29.90
CA HIS A 519 0.67 15.17 -29.94
C HIS A 519 0.06 15.21 -31.33
N ALA A 520 0.64 15.97 -32.25
CA ALA A 520 0.00 16.24 -33.53
C ALA A 520 1.07 16.24 -34.60
N PRO A 521 0.68 16.12 -35.87
CA PRO A 521 1.68 16.19 -36.94
C PRO A 521 2.44 17.51 -36.87
N ALA A 522 3.75 17.42 -37.02
CA ALA A 522 4.64 18.55 -36.78
C ALA A 522 4.98 19.27 -38.08
N THR A 523 5.22 20.57 -37.96
CA THR A 523 5.53 21.42 -39.10
C THR A 523 6.76 22.29 -38.88
N VAL A 524 7.31 22.34 -37.67
CA VAL A 524 8.54 23.07 -37.36
C VAL A 524 9.44 22.11 -36.60
N CYS A 525 10.74 22.13 -36.91
CA CYS A 525 11.62 21.10 -36.39
C CYS A 525 13.03 21.65 -36.18
N GLY A 526 13.78 20.96 -35.32
CA GLY A 526 15.15 21.29 -35.05
C GLY A 526 16.09 20.91 -36.19
N PRO A 527 17.34 21.36 -36.10
CA PRO A 527 18.33 21.15 -37.16
C PRO A 527 19.05 19.81 -37.10
N LYS A 528 18.29 18.72 -37.04
CA LYS A 528 18.85 17.37 -37.03
C LYS A 528 18.55 16.68 -38.36
N LYS A 529 19.58 16.07 -38.95
CA LYS A 529 19.42 15.36 -40.22
C LYS A 529 18.70 14.04 -40.00
N SER A 530 17.76 13.73 -40.89
CA SER A 530 17.07 12.45 -40.85
C SER A 530 17.96 11.33 -41.35
N THR A 531 17.94 10.20 -40.64
CA THR A 531 18.60 8.99 -41.11
C THR A 531 17.69 8.24 -42.07
N ASN A 532 18.27 7.25 -42.75
CA ASN A 532 17.45 6.38 -43.60
C ASN A 532 16.60 5.47 -42.73
N LEU A 533 15.46 5.07 -43.28
CA LEU A 533 14.49 4.27 -42.54
C LEU A 533 14.88 2.80 -42.56
N VAL A 534 14.85 2.16 -41.39
CA VAL A 534 15.14 0.74 -41.25
C VAL A 534 13.98 0.09 -40.50
N LYS A 535 13.69 -1.16 -40.87
CA LYS A 535 12.57 -1.90 -40.31
C LYS A 535 13.02 -3.30 -39.92
N ASN A 536 12.25 -3.92 -39.03
CA ASN A 536 12.53 -5.27 -38.55
C ASN A 536 13.90 -5.35 -37.88
N LYS A 537 14.32 -4.26 -37.26
CA LYS A 537 15.54 -4.22 -36.46
C LYS A 537 15.28 -3.41 -35.20
N CYS A 538 15.91 -3.80 -34.10
CA CYS A 538 15.78 -3.05 -32.86
C CYS A 538 16.66 -1.80 -32.94
N VAL A 539 16.03 -0.63 -32.86
CA VAL A 539 16.70 0.65 -33.08
C VAL A 539 16.19 1.67 -32.07
N ASN A 540 17.07 2.63 -31.73
CA ASN A 540 16.69 3.79 -30.91
C ASN A 540 16.10 4.84 -31.84
N PHE A 541 14.77 4.81 -32.00
CA PHE A 541 14.11 5.66 -32.97
C PHE A 541 13.84 7.05 -32.40
N ASN A 542 13.67 8.00 -33.32
CA ASN A 542 13.31 9.38 -32.99
C ASN A 542 12.45 9.91 -34.13
N PHE A 543 11.13 10.00 -33.90
CA PHE A 543 10.19 10.51 -34.87
C PHE A 543 9.65 11.85 -34.37
N ASN A 544 9.98 12.93 -35.06
CA ASN A 544 9.50 14.25 -34.67
C ASN A 544 9.80 14.52 -33.21
N GLY A 545 10.99 14.12 -32.77
CA GLY A 545 11.38 14.25 -31.39
C GLY A 545 10.89 13.13 -30.50
N LEU A 546 10.03 12.24 -31.00
CA LEU A 546 9.49 11.14 -30.22
C LEU A 546 10.54 10.04 -30.10
N THR A 547 11.49 10.25 -29.19
CA THR A 547 12.56 9.28 -28.99
C THR A 547 12.01 8.02 -28.34
N GLY A 548 12.68 6.91 -28.61
CA GLY A 548 12.28 5.65 -27.99
C GLY A 548 13.18 4.52 -28.44
N THR A 549 12.76 3.30 -28.10
CA THR A 549 13.46 2.09 -28.52
C THR A 549 12.43 1.04 -28.88
N GLY A 550 12.66 0.33 -29.98
CA GLY A 550 11.76 -0.73 -30.37
C GLY A 550 11.95 -1.10 -31.82
N VAL A 551 11.18 -2.10 -32.23
CA VAL A 551 11.23 -2.62 -33.60
C VAL A 551 10.18 -1.91 -34.44
N LEU A 552 10.61 -1.36 -35.57
CA LEU A 552 9.70 -0.71 -36.50
C LEU A 552 9.20 -1.73 -37.53
N THR A 553 7.93 -1.56 -37.93
CA THR A 553 7.30 -2.49 -38.85
C THR A 553 6.25 -1.76 -39.65
N GLU A 554 5.95 -2.27 -40.84
CA GLU A 554 4.96 -1.68 -41.71
C GLU A 554 3.56 -1.96 -41.18
N SER A 555 2.81 -0.91 -40.89
CA SER A 555 1.48 -1.04 -40.31
C SER A 555 0.42 -1.12 -41.40
N ASN A 556 -0.69 -1.78 -41.06
CA ASN A 556 -1.89 -1.76 -41.89
C ASN A 556 -2.95 -0.82 -41.34
N LYS A 557 -2.64 -0.06 -40.28
CA LYS A 557 -3.57 0.92 -39.76
C LYS A 557 -3.71 2.08 -40.75
N LYS A 558 -4.85 2.76 -40.66
CA LYS A 558 -5.16 3.89 -41.52
C LYS A 558 -5.41 5.11 -40.64
N PHE A 559 -4.58 6.13 -40.80
CA PHE A 559 -4.69 7.36 -40.01
C PHE A 559 -5.37 8.42 -40.85
N LEU A 560 -6.39 9.06 -40.27
CA LEU A 560 -6.91 10.27 -40.88
C LEU A 560 -5.80 11.32 -40.88
N PRO A 561 -5.74 12.20 -41.88
CA PRO A 561 -4.53 13.03 -42.07
C PRO A 561 -4.14 13.86 -40.86
N PHE A 562 -5.09 14.26 -40.00
CA PHE A 562 -4.74 15.09 -38.86
C PHE A 562 -4.04 14.32 -37.75
N GLN A 563 -3.84 13.03 -37.90
CA GLN A 563 -3.23 12.19 -36.87
C GLN A 563 -1.84 11.73 -37.30
N GLN A 564 -0.90 11.72 -36.35
CA GLN A 564 0.46 11.25 -36.60
C GLN A 564 0.87 10.06 -35.74
N PHE A 565 0.35 9.95 -34.52
CA PHE A 565 0.78 8.92 -33.59
C PHE A 565 -0.42 8.08 -33.17
N GLY A 566 -0.17 6.80 -32.91
CA GLY A 566 -1.15 5.91 -32.31
C GLY A 566 -0.64 5.44 -30.97
N ARG A 567 -1.56 5.26 -30.02
CA ARG A 567 -1.20 4.92 -28.65
C ARG A 567 -1.94 3.67 -28.19
N ASP A 568 -1.28 2.90 -27.33
CA ASP A 568 -1.74 1.59 -26.90
C ASP A 568 -2.79 1.71 -25.80
N ILE A 569 -3.24 0.55 -25.30
CA ILE A 569 -4.03 0.53 -24.07
C ILE A 569 -3.22 1.12 -22.93
N ALA A 570 -1.94 0.76 -22.84
CA ALA A 570 -1.02 1.37 -21.89
C ALA A 570 -0.67 2.80 -22.25
N ASP A 571 -1.23 3.34 -23.33
CA ASP A 571 -0.98 4.70 -23.75
C ASP A 571 0.44 4.88 -24.28
N THR A 572 1.20 3.80 -24.34
CA THR A 572 2.51 3.85 -24.99
C THR A 572 2.35 3.97 -26.50
N THR A 573 3.10 4.89 -27.10
CA THR A 573 3.03 5.07 -28.55
C THR A 573 3.37 3.76 -29.25
N ASP A 574 2.43 3.25 -30.03
CA ASP A 574 2.60 1.97 -30.71
C ASP A 574 2.60 2.09 -32.22
N ALA A 575 2.33 3.28 -32.77
CA ALA A 575 2.37 3.49 -34.20
C ALA A 575 2.71 4.94 -34.47
N VAL A 576 3.34 5.17 -35.62
CA VAL A 576 3.77 6.51 -36.01
C VAL A 576 3.74 6.62 -37.53
N ARG A 577 3.34 7.78 -38.02
CA ARG A 577 3.37 8.07 -39.44
C ARG A 577 4.73 8.65 -39.80
N ASP A 578 5.45 7.96 -40.67
CA ASP A 578 6.75 8.46 -41.09
C ASP A 578 6.59 9.84 -41.72
N PRO A 579 7.38 10.84 -41.31
CA PRO A 579 7.12 12.21 -41.78
C PRO A 579 7.63 12.52 -43.18
N GLN A 580 8.48 11.68 -43.76
CA GLN A 580 9.02 11.94 -45.09
C GLN A 580 8.34 11.13 -46.19
N THR A 581 8.15 9.83 -45.97
CA THR A 581 7.41 8.97 -46.90
C THR A 581 6.20 8.46 -46.12
N LEU A 582 5.08 9.16 -46.28
CA LEU A 582 3.96 8.97 -45.36
C LEU A 582 3.46 7.54 -45.46
N GLU A 583 3.77 6.75 -44.43
CA GLU A 583 3.33 5.37 -44.32
C GLU A 583 3.37 4.99 -42.85
N ILE A 584 2.30 4.37 -42.38
CA ILE A 584 2.12 4.17 -40.95
C ILE A 584 3.00 3.00 -40.51
N LEU A 585 3.82 3.22 -39.49
CA LEU A 585 4.72 2.20 -38.95
C LEU A 585 4.24 1.76 -37.58
N ASP A 586 4.27 0.45 -37.34
CA ASP A 586 4.07 -0.08 -36.00
C ASP A 586 5.37 -0.01 -35.21
N ILE A 587 5.24 0.16 -33.90
CA ILE A 587 6.37 0.13 -32.98
C ILE A 587 6.12 -0.99 -31.97
N THR A 588 7.01 -1.97 -31.95
CA THR A 588 6.95 -3.05 -30.99
C THR A 588 8.24 -3.09 -30.17
N PRO A 589 8.15 -3.16 -28.84
CA PRO A 589 9.36 -3.19 -28.03
C PRO A 589 10.14 -4.48 -28.25
N CYS A 590 11.46 -4.38 -28.08
CA CYS A 590 12.33 -5.54 -28.31
C CYS A 590 12.39 -6.46 -27.10
N SER A 591 12.27 -5.89 -25.88
CA SER A 591 12.32 -6.68 -24.65
C SER A 591 11.04 -7.51 -24.53
N PHE A 592 11.19 -8.84 -24.51
CA PHE A 592 10.04 -9.74 -24.51
C PHE A 592 10.53 -11.15 -24.18
N GLY A 593 9.68 -11.89 -23.47
CA GLY A 593 9.99 -13.26 -23.11
C GLY A 593 10.72 -13.41 -21.79
N GLY A 594 10.30 -14.40 -20.97
CA GLY A 594 10.93 -14.62 -19.69
C GLY A 594 12.15 -15.52 -19.76
N VAL A 595 12.94 -15.50 -18.69
CA VAL A 595 14.13 -16.33 -18.56
C VAL A 595 14.23 -16.82 -17.12
N SER A 596 14.54 -18.11 -16.95
CA SER A 596 14.76 -18.71 -15.64
C SER A 596 16.03 -19.55 -15.67
N VAL A 597 16.73 -19.59 -14.54
CA VAL A 597 17.99 -20.30 -14.41
C VAL A 597 17.78 -21.48 -13.48
N ILE A 598 18.04 -22.69 -13.99
CA ILE A 598 18.04 -23.90 -13.17
C ILE A 598 19.46 -24.15 -12.68
N THR A 599 19.61 -24.35 -11.38
CA THR A 599 20.93 -24.56 -10.81
C THR A 599 20.87 -25.61 -9.70
N PRO A 600 21.84 -26.51 -9.63
CA PRO A 600 22.07 -27.22 -8.36
C PRO A 600 22.68 -26.25 -7.34
N GLY A 601 22.91 -26.71 -6.12
CA GLY A 601 23.52 -25.83 -5.14
C GLY A 601 24.88 -25.37 -5.61
N THR A 602 25.20 -24.13 -5.28
CA THR A 602 26.50 -23.54 -5.60
C THR A 602 27.56 -24.42 -4.96
N ASN A 603 27.33 -24.83 -3.71
CA ASN A 603 28.27 -25.70 -3.03
C ASN A 603 28.48 -27.02 -3.78
N THR A 604 27.54 -27.34 -4.66
CA THR A 604 27.58 -28.56 -5.44
C THR A 604 28.22 -28.34 -6.81
N SER A 605 27.75 -27.34 -7.55
CA SER A 605 28.31 -27.12 -8.89
C SER A 605 28.05 -25.69 -9.33
N ASN A 606 28.86 -25.24 -10.28
CA ASN A 606 28.67 -23.96 -10.95
C ASN A 606 27.93 -24.10 -12.28
N GLN A 607 27.64 -25.32 -12.71
CA GLN A 607 26.91 -25.52 -13.96
C GLN A 607 25.44 -25.17 -13.78
N VAL A 608 24.84 -24.59 -14.83
CA VAL A 608 23.46 -24.17 -14.80
C VAL A 608 22.78 -24.48 -16.13
N ALA A 609 21.46 -24.53 -16.09
CA ALA A 609 20.63 -24.58 -17.28
C ALA A 609 19.75 -23.34 -17.32
N VAL A 610 19.29 -22.99 -18.52
CA VAL A 610 18.48 -21.80 -18.74
C VAL A 610 17.18 -22.20 -19.41
N LEU A 611 16.07 -21.69 -18.90
CA LEU A 611 14.75 -21.93 -19.46
C LEU A 611 14.22 -20.64 -20.05
N TYR A 612 13.83 -20.69 -21.33
CA TYR A 612 13.29 -19.53 -22.04
C TYR A 612 11.80 -19.76 -22.26
N GLN A 613 10.97 -19.15 -21.42
CA GLN A 613 9.55 -19.11 -21.71
C GLN A 613 9.30 -18.23 -22.92
N ASP A 614 8.21 -18.52 -23.63
CA ASP A 614 7.81 -17.77 -24.83
C ASP A 614 8.83 -17.89 -25.95
N VAL A 615 9.64 -18.95 -25.95
CA VAL A 615 10.59 -19.23 -27.02
C VAL A 615 10.41 -20.67 -27.45
N ASN A 616 10.16 -20.89 -28.74
CA ASN A 616 10.05 -22.23 -29.29
C ASN A 616 11.31 -22.53 -30.09
N CYS A 617 12.03 -23.57 -29.67
CA CYS A 617 13.23 -24.04 -30.34
C CYS A 617 12.96 -25.21 -31.27
N THR A 618 11.69 -25.50 -31.53
CA THR A 618 11.28 -26.62 -32.38
C THR A 618 12.18 -27.85 -32.21
N TRP A 633 17.93 -18.14 -32.58
CA TRP A 633 16.79 -17.97 -31.68
C TRP A 633 17.02 -16.79 -30.76
N ARG A 634 15.95 -16.36 -30.09
CA ARG A 634 16.06 -15.32 -29.07
C ARG A 634 16.62 -15.92 -27.79
N VAL A 635 17.92 -16.23 -27.79
CA VAL A 635 18.58 -16.85 -26.66
C VAL A 635 19.88 -16.11 -26.36
N TYR A 636 20.36 -16.28 -25.13
CA TYR A 636 21.65 -15.74 -24.76
C TYR A 636 22.81 -16.56 -25.30
N SER A 637 22.60 -17.84 -25.60
CA SER A 637 23.69 -18.73 -25.97
C SER A 637 23.14 -19.91 -26.77
N THR A 638 23.93 -20.36 -27.73
CA THR A 638 23.65 -21.61 -28.43
C THR A 638 24.16 -22.79 -27.60
N GLY A 639 23.35 -23.84 -27.51
CA GLY A 639 23.64 -24.98 -26.67
C GLY A 639 23.85 -26.25 -27.47
N SER A 640 24.76 -27.10 -26.97
CA SER A 640 24.93 -28.42 -27.57
C SER A 640 23.68 -29.27 -27.41
N ASN A 641 23.02 -29.15 -26.27
CA ASN A 641 21.79 -29.86 -25.97
C ASN A 641 20.68 -28.85 -25.74
N VAL A 642 19.59 -28.98 -26.50
CA VAL A 642 18.45 -28.09 -26.39
C VAL A 642 17.19 -28.96 -26.32
N PHE A 643 16.34 -28.68 -25.34
CA PHE A 643 15.12 -29.44 -25.11
C PHE A 643 13.94 -28.48 -25.10
N GLN A 644 13.07 -28.59 -26.11
CA GLN A 644 11.87 -27.79 -26.14
C GLN A 644 10.81 -28.43 -25.27
N THR A 645 10.23 -27.64 -24.37
CA THR A 645 9.20 -28.10 -23.45
C THR A 645 7.96 -27.24 -23.62
N ARG A 646 6.83 -27.76 -23.14
CA ARG A 646 5.62 -26.96 -23.15
C ARG A 646 5.78 -25.71 -22.30
N ALA A 647 6.71 -25.74 -21.33
CA ALA A 647 7.00 -24.59 -20.50
C ALA A 647 7.97 -23.61 -21.15
N GLY A 648 8.67 -24.02 -22.19
CA GLY A 648 9.64 -23.17 -22.84
C GLY A 648 10.80 -23.98 -23.37
N CYS A 649 11.74 -23.27 -23.98
CA CYS A 649 12.95 -23.89 -24.52
C CYS A 649 14.00 -23.99 -23.42
N LEU A 650 14.41 -25.21 -23.11
CA LEU A 650 15.36 -25.47 -22.03
C LEU A 650 16.73 -25.75 -22.63
N ILE A 651 17.73 -24.98 -22.22
CA ILE A 651 19.07 -25.03 -22.79
C ILE A 651 20.06 -25.34 -21.69
N GLY A 652 20.99 -26.24 -21.97
CA GLY A 652 21.99 -26.64 -21.01
C GLY A 652 21.60 -27.82 -20.13
N ALA A 653 20.54 -28.54 -20.49
CA ALA A 653 20.10 -29.71 -19.75
C ALA A 653 19.85 -30.86 -20.71
N GLU A 654 20.28 -32.06 -20.32
CA GLU A 654 20.15 -33.25 -21.17
C GLU A 654 18.77 -33.86 -20.97
N HIS A 655 18.00 -33.98 -22.04
CA HIS A 655 16.70 -34.63 -21.98
C HIS A 655 16.88 -36.13 -21.82
N VAL A 656 16.36 -36.69 -20.73
CA VAL A 656 16.38 -38.13 -20.53
C VAL A 656 14.96 -38.64 -20.52
N ASN A 657 14.76 -39.82 -21.12
CA ASN A 657 13.47 -40.46 -21.17
C ASN A 657 13.04 -41.09 -19.85
N ASN A 658 14.03 -41.61 -19.08
CA ASN A 658 13.83 -42.14 -17.76
C ASN A 658 13.16 -41.12 -16.86
N SER A 659 11.95 -41.42 -16.38
CA SER A 659 11.22 -40.51 -15.51
C SER A 659 11.60 -40.78 -14.04
N TYR A 660 12.06 -39.74 -13.37
CA TYR A 660 12.40 -39.79 -11.95
C TYR A 660 11.37 -38.98 -11.15
N GLU A 661 11.55 -38.99 -9.84
CA GLU A 661 10.76 -38.11 -8.98
C GLU A 661 11.22 -36.68 -9.15
N CYS A 662 10.26 -35.75 -9.10
CA CYS A 662 10.56 -34.35 -9.36
C CYS A 662 11.58 -33.83 -8.35
N ASP A 663 12.62 -33.16 -8.86
CA ASP A 663 13.63 -32.56 -8.01
C ASP A 663 13.61 -31.04 -8.11
N ILE A 664 13.77 -30.50 -9.31
CA ILE A 664 13.61 -29.07 -9.58
C ILE A 664 12.46 -28.92 -10.57
N PRO A 665 11.33 -28.32 -10.17
CA PRO A 665 10.19 -28.24 -11.08
C PRO A 665 10.39 -27.18 -12.15
N ILE A 666 10.48 -27.62 -13.41
CA ILE A 666 10.58 -26.69 -14.52
C ILE A 666 9.22 -26.27 -15.05
N GLY A 667 8.18 -27.07 -14.82
CA GLY A 667 6.83 -26.73 -15.23
C GLY A 667 6.37 -27.56 -16.40
N ALA A 668 5.04 -27.64 -16.53
CA ALA A 668 4.40 -28.40 -17.60
C ALA A 668 4.93 -29.83 -17.65
N GLY A 669 5.07 -30.43 -16.47
CA GLY A 669 5.43 -31.83 -16.36
C GLY A 669 6.93 -32.11 -16.31
N ILE A 670 7.76 -31.11 -16.55
CA ILE A 670 9.20 -31.30 -16.61
C ILE A 670 9.82 -30.92 -15.28
N CYS A 671 10.66 -31.79 -14.74
CA CYS A 671 11.53 -31.47 -13.64
C CYS A 671 12.96 -31.77 -14.05
N ALA A 672 13.92 -31.20 -13.33
CA ALA A 672 15.32 -31.34 -13.67
C ALA A 672 16.12 -31.69 -12.42
N SER A 673 17.30 -32.29 -12.65
CA SER A 673 18.13 -32.78 -11.56
C SER A 673 19.56 -32.88 -12.04
N TYR A 674 20.48 -32.99 -11.09
CA TYR A 674 21.91 -33.06 -11.35
C TYR A 674 22.36 -34.50 -11.13
N GLN A 675 22.79 -35.16 -12.20
CA GLN A 675 23.20 -36.56 -12.11
C GLN A 675 24.28 -36.83 -13.15
N THR A 676 24.94 -37.97 -12.98
CA THR A 676 25.99 -38.42 -13.88
C THR A 676 25.53 -38.38 -15.34
N SER A 689 31.75 -35.94 -14.33
CA SER A 689 30.82 -36.60 -15.23
C SER A 689 29.38 -36.19 -14.93
N GLN A 690 29.21 -35.31 -13.94
CA GLN A 690 27.87 -34.85 -13.57
C GLN A 690 27.35 -33.83 -14.57
N SER A 691 26.05 -33.89 -14.86
CA SER A 691 25.41 -32.90 -15.71
C SER A 691 23.94 -32.78 -15.33
N ILE A 692 23.34 -31.67 -15.72
CA ILE A 692 21.94 -31.41 -15.42
C ILE A 692 21.07 -32.17 -16.42
N ILE A 693 20.16 -32.99 -15.90
CA ILE A 693 19.23 -33.75 -16.73
C ILE A 693 17.84 -33.17 -16.60
N ALA A 694 17.06 -33.27 -17.68
CA ALA A 694 15.68 -32.82 -17.71
C ALA A 694 14.81 -33.98 -18.16
N TYR A 695 13.68 -34.17 -17.48
CA TYR A 695 12.85 -35.35 -17.69
C TYR A 695 11.40 -35.03 -17.35
N THR A 696 10.50 -35.84 -17.89
CA THR A 696 9.09 -35.79 -17.50
C THR A 696 8.92 -36.51 -16.16
N MET A 697 8.41 -35.80 -15.17
CA MET A 697 8.35 -36.33 -13.81
C MET A 697 7.45 -37.57 -13.76
N SER A 698 7.83 -38.51 -12.89
CA SER A 698 7.00 -39.68 -12.63
C SER A 698 5.99 -39.37 -11.53
N LEU A 699 4.76 -39.82 -11.74
CA LEU A 699 3.74 -39.65 -10.72
C LEU A 699 3.84 -40.75 -9.65
N GLY A 700 4.17 -41.96 -10.06
CA GLY A 700 4.34 -43.05 -9.13
C GLY A 700 4.41 -44.37 -9.89
N ALA A 701 4.39 -45.45 -9.11
CA ALA A 701 4.34 -46.77 -9.70
C ALA A 701 2.95 -47.04 -10.27
N GLU A 702 2.91 -47.75 -11.40
CA GLU A 702 1.65 -48.10 -12.05
C GLU A 702 1.28 -49.52 -11.65
N ASN A 703 0.02 -49.71 -11.27
CA ASN A 703 -0.39 -50.91 -10.52
C ASN A 703 -1.82 -51.26 -10.90
N SER A 704 -1.98 -52.30 -11.72
CA SER A 704 -3.31 -52.81 -12.01
C SER A 704 -3.81 -53.67 -10.85
N VAL A 705 -4.96 -53.28 -10.27
CA VAL A 705 -5.54 -54.03 -9.18
C VAL A 705 -6.13 -55.34 -9.69
N ALA A 706 -6.22 -56.34 -8.80
CA ALA A 706 -6.55 -57.71 -9.15
C ALA A 706 -8.06 -57.98 -9.22
N TYR A 707 -8.84 -56.93 -9.45
CA TYR A 707 -10.28 -56.98 -9.24
C TYR A 707 -10.98 -58.07 -10.06
N SER A 708 -11.84 -58.80 -9.36
CA SER A 708 -12.65 -59.88 -9.90
C SER A 708 -14.01 -59.76 -9.21
N ASN A 709 -15.06 -60.19 -9.88
CA ASN A 709 -16.41 -60.09 -9.34
C ASN A 709 -16.63 -60.98 -8.12
N ASN A 710 -15.70 -61.88 -7.83
CA ASN A 710 -15.83 -62.79 -6.69
C ASN A 710 -14.51 -63.03 -5.95
N SER A 711 -13.60 -62.06 -6.02
CA SER A 711 -12.31 -62.16 -5.35
C SER A 711 -12.17 -61.04 -4.34
N ILE A 712 -11.71 -61.38 -3.14
CA ILE A 712 -11.47 -60.41 -2.08
C ILE A 712 -10.13 -60.70 -1.43
N ALA A 713 -9.43 -59.63 -1.06
CA ALA A 713 -8.16 -59.73 -0.34
C ALA A 713 -8.36 -59.23 1.09
N ILE A 714 -7.87 -59.99 2.06
CA ILE A 714 -8.06 -59.65 3.46
C ILE A 714 -6.72 -59.75 4.19
N PRO A 715 -6.33 -58.74 4.96
CA PRO A 715 -5.01 -58.77 5.62
C PRO A 715 -4.94 -59.83 6.71
N THR A 716 -3.87 -60.62 6.67
CA THR A 716 -3.60 -61.61 7.71
C THR A 716 -2.78 -61.06 8.87
N ASN A 717 -2.29 -59.83 8.77
CA ASN A 717 -1.34 -59.29 9.73
C ASN A 717 -1.51 -57.78 9.78
N PHE A 718 -0.71 -57.12 10.59
CA PHE A 718 -0.78 -55.67 10.73
C PHE A 718 0.60 -55.10 11.01
N THR A 719 0.78 -53.84 10.67
CA THR A 719 1.96 -53.06 11.03
C THR A 719 1.49 -51.83 11.80
N ILE A 720 1.93 -51.71 13.05
CA ILE A 720 1.76 -50.46 13.78
C ILE A 720 2.81 -49.48 13.30
N SER A 721 2.37 -48.34 12.79
CA SER A 721 3.25 -47.37 12.17
C SER A 721 3.01 -46.01 12.77
N VAL A 722 4.08 -45.38 13.26
CA VAL A 722 4.01 -44.05 13.85
C VAL A 722 4.57 -43.06 12.84
N THR A 723 3.82 -42.00 12.58
CA THR A 723 4.21 -40.96 11.64
C THR A 723 4.15 -39.61 12.32
N THR A 724 5.10 -38.75 11.98
CA THR A 724 5.25 -37.44 12.59
C THR A 724 4.71 -36.36 11.65
N GLU A 725 3.82 -35.52 12.17
CA GLU A 725 3.23 -34.42 11.42
C GLU A 725 3.54 -33.10 12.13
N ILE A 726 4.12 -32.15 11.39
CA ILE A 726 4.58 -30.89 11.95
C ILE A 726 3.68 -29.78 11.44
N LEU A 727 3.19 -28.94 12.37
CA LEU A 727 2.28 -27.86 12.04
C LEU A 727 2.76 -26.56 12.70
N PRO A 728 2.93 -25.48 11.94
CA PRO A 728 3.14 -24.17 12.57
C PRO A 728 1.94 -23.79 13.42
N VAL A 729 2.22 -23.23 14.60
CA VAL A 729 1.16 -22.80 15.51
C VAL A 729 1.20 -21.29 15.68
N SER A 730 2.39 -20.73 15.79
CA SER A 730 2.54 -19.30 16.03
C SER A 730 3.77 -18.80 15.27
N MET A 731 3.87 -17.48 15.19
CA MET A 731 5.02 -16.82 14.60
C MET A 731 5.49 -15.72 15.53
N THR A 732 6.70 -15.23 15.28
CA THR A 732 7.31 -14.26 16.20
C THR A 732 6.48 -13.00 16.29
N LYS A 733 6.20 -12.57 17.51
CA LYS A 733 5.61 -11.26 17.74
C LYS A 733 6.61 -10.17 17.38
N THR A 734 6.14 -9.12 16.72
CA THR A 734 6.96 -7.96 16.46
C THR A 734 6.21 -6.69 16.83
N SER A 735 6.97 -5.69 17.26
CA SER A 735 6.44 -4.36 17.52
C SER A 735 7.44 -3.35 16.98
N VAL A 736 6.93 -2.31 16.33
CA VAL A 736 7.75 -1.31 15.66
C VAL A 736 7.47 0.04 16.29
N ASP A 737 8.52 0.73 16.74
CA ASP A 737 8.41 2.13 17.09
C ASP A 737 8.38 2.94 15.80
N CYS A 738 7.17 3.26 15.32
CA CYS A 738 7.03 3.89 14.01
C CYS A 738 7.94 5.10 13.87
N THR A 739 7.93 5.98 14.88
CA THR A 739 8.75 7.19 14.80
C THR A 739 10.23 6.85 14.73
N MET A 740 10.67 5.88 15.53
CA MET A 740 12.10 5.58 15.59
C MET A 740 12.59 4.94 14.32
N TYR A 741 11.78 4.11 13.67
CA TYR A 741 12.17 3.55 12.39
C TYR A 741 12.28 4.64 11.32
N ILE A 742 11.24 5.45 11.19
CA ILE A 742 11.21 6.46 10.12
C ILE A 742 12.26 7.53 10.40
N CYS A 743 12.21 8.13 11.59
CA CYS A 743 12.94 9.36 11.90
C CYS A 743 13.83 9.14 13.13
N GLY A 744 14.55 8.04 13.15
CA GLY A 744 15.40 7.73 14.30
C GLY A 744 16.35 8.88 14.56
N ASP A 745 16.31 9.42 15.78
CA ASP A 745 17.23 10.44 16.33
C ASP A 745 17.13 11.80 15.65
N SER A 746 16.07 12.07 14.87
CA SER A 746 15.88 13.37 14.24
C SER A 746 14.64 14.03 14.84
N THR A 747 14.82 15.22 15.42
CA THR A 747 13.68 15.98 15.93
C THR A 747 12.92 16.69 14.82
N GLU A 748 13.63 17.20 13.81
CA GLU A 748 12.96 17.86 12.69
C GLU A 748 12.03 16.89 11.96
N CYS A 749 12.51 15.66 11.71
CA CYS A 749 11.69 14.69 11.01
C CYS A 749 10.52 14.23 11.87
N SER A 750 10.74 14.10 13.19
CA SER A 750 9.66 13.67 14.06
C SER A 750 8.50 14.66 14.03
N ASN A 751 8.80 15.96 14.03
CA ASN A 751 7.74 16.96 13.95
C ASN A 751 7.02 16.90 12.61
N LEU A 752 7.71 16.52 11.54
CA LEU A 752 7.07 16.37 10.25
C LEU A 752 6.21 15.11 10.19
N LEU A 753 6.61 14.07 10.91
CA LEU A 753 5.81 12.84 10.93
C LEU A 753 4.44 13.07 11.54
N LEU A 754 4.33 14.04 12.46
CA LEU A 754 3.03 14.34 13.05
C LEU A 754 2.01 14.73 11.99
N GLN A 755 2.47 15.26 10.86
CA GLN A 755 1.56 15.67 9.80
C GLN A 755 0.89 14.48 9.12
N TYR A 756 1.36 13.27 9.39
CA TYR A 756 0.69 12.05 8.97
C TYR A 756 -0.15 11.44 10.09
N GLY A 757 0.39 11.39 11.31
CA GLY A 757 -0.40 11.15 12.50
C GLY A 757 -0.84 9.73 12.74
N SER A 758 -2.13 9.47 12.54
CA SER A 758 -2.71 8.19 12.92
C SER A 758 -2.14 7.02 12.14
N PHE A 759 -1.45 7.28 11.02
CA PHE A 759 -0.88 6.19 10.25
C PHE A 759 0.00 5.30 11.12
N CYS A 760 0.89 5.91 11.90
CA CYS A 760 1.75 5.12 12.78
C CYS A 760 0.93 4.36 13.82
N THR A 761 -0.09 5.00 14.39
CA THR A 761 -0.92 4.30 15.38
C THR A 761 -1.67 3.14 14.73
N GLN A 762 -2.14 3.33 13.49
CA GLN A 762 -2.80 2.25 12.79
C GLN A 762 -1.85 1.07 12.56
N LEU A 763 -0.58 1.36 12.24
CA LEU A 763 0.38 0.29 12.06
C LEU A 763 0.54 -0.55 13.32
N ASN A 764 0.69 0.10 14.48
CA ASN A 764 0.89 -0.64 15.71
C ASN A 764 -0.39 -1.33 16.15
N ARG A 765 -1.55 -0.78 15.81
CA ARG A 765 -2.80 -1.46 16.13
C ARG A 765 -2.90 -2.78 15.38
N ALA A 766 -2.42 -2.82 14.13
CA ALA A 766 -2.40 -4.07 13.38
C ALA A 766 -1.41 -5.06 13.98
N LEU A 767 -0.18 -4.59 14.26
CA LEU A 767 0.83 -5.49 14.80
C LEU A 767 0.44 -6.02 16.17
N THR A 768 -0.25 -5.21 16.97
CA THR A 768 -0.72 -5.71 18.27
C THR A 768 -1.78 -6.78 18.09
N GLY A 769 -2.69 -6.58 17.13
CA GLY A 769 -3.65 -7.63 16.82
C GLY A 769 -2.98 -8.91 16.40
N ILE A 770 -1.91 -8.80 15.62
CA ILE A 770 -1.15 -9.99 15.21
C ILE A 770 -0.50 -10.61 16.43
N ALA A 771 0.21 -9.81 17.23
CA ALA A 771 0.95 -10.35 18.38
C ALA A 771 0.01 -10.95 19.41
N VAL A 772 -1.10 -10.27 19.71
CA VAL A 772 -1.99 -10.74 20.76
C VAL A 772 -2.59 -12.09 20.39
N GLU A 773 -2.90 -12.30 19.11
CA GLU A 773 -3.52 -13.55 18.72
C GLU A 773 -2.52 -14.71 18.60
N GLN A 774 -1.22 -14.42 18.56
CA GLN A 774 -0.25 -15.50 18.63
C GLN A 774 -0.34 -16.23 19.96
N ASP A 775 -0.69 -15.50 21.03
CA ASP A 775 -0.94 -16.15 22.31
C ASP A 775 -2.24 -16.94 22.27
N LYS A 776 -3.25 -16.42 21.57
CA LYS A 776 -4.49 -17.17 21.39
C LYS A 776 -4.22 -18.48 20.65
N ASN A 777 -3.49 -18.40 19.53
CA ASN A 777 -3.21 -19.60 18.76
C ASN A 777 -2.53 -20.66 19.62
N THR A 778 -1.53 -20.25 20.40
CA THR A 778 -0.86 -21.19 21.27
C THR A 778 -1.79 -21.71 22.36
N GLN A 779 -2.66 -20.85 22.88
CA GLN A 779 -3.60 -21.28 23.90
C GLN A 779 -4.61 -22.27 23.33
N GLU A 780 -5.11 -22.00 22.14
CA GLU A 780 -6.13 -22.88 21.56
C GLU A 780 -5.59 -24.27 21.29
N VAL A 781 -4.33 -24.36 20.84
CA VAL A 781 -3.75 -25.65 20.50
C VAL A 781 -3.41 -26.44 21.76
N PHE A 782 -2.64 -25.82 22.66
CA PHE A 782 -2.04 -26.56 23.77
C PHE A 782 -2.90 -26.56 25.03
N ALA A 783 -3.48 -25.42 25.39
CA ALA A 783 -4.29 -25.35 26.61
C ALA A 783 -5.71 -25.85 26.39
N GLN A 784 -5.85 -27.06 25.84
CA GLN A 784 -7.17 -27.64 25.66
C GLN A 784 -7.71 -28.22 26.97
N VAL A 785 -6.84 -28.66 27.88
CA VAL A 785 -7.22 -29.10 29.21
C VAL A 785 -6.59 -28.14 30.20
N LYS A 786 -7.42 -27.58 31.07
CA LYS A 786 -6.93 -26.66 32.09
C LYS A 786 -6.61 -27.43 33.37
N GLN A 787 -6.28 -28.70 33.22
CA GLN A 787 -5.96 -29.59 34.34
C GLN A 787 -4.65 -30.29 34.03
N ILE A 788 -3.60 -29.93 34.74
CA ILE A 788 -2.30 -30.57 34.51
C ILE A 788 -2.35 -32.00 35.04
N TYR A 789 -2.23 -32.96 34.13
CA TYR A 789 -2.14 -34.36 34.49
C TYR A 789 -0.68 -34.79 34.52
N LYS A 790 -0.38 -35.80 35.33
CA LYS A 790 0.97 -36.34 35.42
C LYS A 790 0.91 -37.85 35.49
N THR A 791 1.91 -38.49 34.89
CA THR A 791 1.94 -39.94 34.82
C THR A 791 2.20 -40.54 36.19
N PRO A 792 1.72 -41.76 36.45
CA PRO A 792 2.19 -42.48 37.63
C PRO A 792 3.66 -42.82 37.49
N PRO A 793 4.37 -42.96 38.60
CA PRO A 793 5.80 -43.31 38.49
C PRO A 793 6.03 -44.71 37.94
N ILE A 794 5.12 -45.64 38.20
CA ILE A 794 5.28 -47.02 37.72
C ILE A 794 4.70 -47.11 36.31
N LYS A 795 5.56 -47.40 35.34
CA LYS A 795 5.19 -47.38 33.92
C LYS A 795 4.77 -48.76 33.42
N ASP A 796 3.77 -49.35 34.08
CA ASP A 796 3.21 -50.64 33.66
C ASP A 796 2.12 -50.44 32.61
N PHE A 797 2.56 -50.05 31.41
CA PHE A 797 1.65 -49.72 30.32
C PHE A 797 1.50 -50.86 29.33
N GLY A 798 1.52 -52.10 29.81
CA GLY A 798 1.24 -53.23 28.94
C GLY A 798 2.30 -53.51 27.91
N GLY A 799 3.53 -53.09 28.13
CA GLY A 799 4.62 -53.32 27.20
C GLY A 799 4.85 -52.20 26.22
N PHE A 800 4.03 -51.16 26.23
CA PHE A 800 4.23 -49.99 25.39
C PHE A 800 5.18 -49.04 26.08
N ASN A 801 6.21 -48.61 25.37
CA ASN A 801 7.31 -47.84 25.94
C ASN A 801 7.14 -46.38 25.53
N PHE A 802 6.73 -45.55 26.49
CA PHE A 802 6.55 -44.13 26.26
C PHE A 802 7.66 -43.28 26.84
N SER A 803 8.73 -43.89 27.36
CA SER A 803 9.82 -43.12 27.93
C SER A 803 10.45 -42.18 26.92
N GLN A 804 10.33 -42.49 25.63
CA GLN A 804 10.94 -41.66 24.60
C GLN A 804 10.14 -40.40 24.31
N ILE A 805 8.91 -40.31 24.80
CA ILE A 805 8.09 -39.12 24.60
C ILE A 805 7.58 -38.51 25.90
N LEU A 806 7.65 -39.21 27.03
CA LEU A 806 7.29 -38.60 28.29
C LEU A 806 8.40 -37.66 28.77
N PRO A 807 8.09 -36.76 29.69
CA PRO A 807 9.09 -35.81 30.16
C PRO A 807 10.38 -36.51 30.61
N ASP A 808 11.48 -35.77 30.50
CA ASP A 808 12.79 -36.19 30.98
C ASP A 808 13.13 -35.36 32.21
N PRO A 809 12.80 -35.83 33.41
CA PRO A 809 12.85 -34.92 34.57
C PRO A 809 14.22 -34.32 34.86
N SER A 810 15.31 -35.05 34.59
CA SER A 810 16.63 -34.60 35.00
C SER A 810 17.05 -33.31 34.30
N LYS A 811 16.48 -33.01 33.15
CA LYS A 811 16.92 -31.85 32.37
C LYS A 811 16.35 -30.56 32.96
N PRO A 812 17.04 -29.43 32.75
CA PRO A 812 16.56 -28.17 33.34
C PRO A 812 15.17 -27.80 32.88
N SER A 813 14.83 -28.06 31.62
CA SER A 813 13.47 -27.94 31.12
C SER A 813 12.92 -29.35 30.97
N LYS A 814 11.75 -29.59 31.56
CA LYS A 814 11.22 -30.94 31.66
C LYS A 814 10.56 -31.36 30.35
N ARG A 815 11.30 -31.26 29.26
CA ARG A 815 10.83 -31.73 27.95
C ARG A 815 11.17 -33.20 27.77
N SER A 816 10.46 -33.84 26.86
CA SER A 816 10.70 -35.25 26.57
C SER A 816 11.97 -35.39 25.74
N PHE A 817 12.36 -36.63 25.50
CA PHE A 817 13.55 -36.87 24.69
C PHE A 817 13.35 -36.39 23.26
N ILE A 818 12.25 -36.80 22.64
CA ILE A 818 12.01 -36.45 21.24
C ILE A 818 11.82 -34.94 21.09
N GLU A 819 11.17 -34.30 22.07
CA GLU A 819 10.99 -32.86 22.01
C GLU A 819 12.33 -32.13 21.98
N ASP A 820 13.32 -32.64 22.74
CA ASP A 820 14.62 -32.00 22.77
C ASP A 820 15.34 -32.09 21.42
N LEU A 821 15.03 -33.11 20.62
CA LEU A 821 15.51 -33.13 19.24
C LEU A 821 14.82 -32.03 18.44
N LEU A 822 13.50 -31.92 18.57
CA LEU A 822 12.76 -30.93 17.80
C LEU A 822 13.28 -29.52 18.07
N PHE A 823 13.55 -29.21 19.34
CA PHE A 823 14.02 -27.87 19.67
C PHE A 823 15.42 -27.60 19.15
N ASN A 824 16.17 -28.65 18.79
CA ASN A 824 17.46 -28.46 18.16
C ASN A 824 17.36 -28.31 16.65
N LYS A 825 16.29 -28.80 16.04
CA LYS A 825 16.15 -28.78 14.59
C LYS A 825 15.63 -27.45 14.06
N VAL A 826 15.19 -26.55 14.94
CA VAL A 826 14.80 -25.19 14.54
C VAL A 826 15.80 -24.24 15.17
N THR A 827 16.47 -23.44 14.35
CA THR A 827 17.48 -22.50 14.81
C THR A 827 16.95 -21.08 14.71
N LEU A 828 16.95 -20.37 15.84
CA LEU A 828 16.45 -19.01 15.92
C LEU A 828 17.61 -18.04 16.10
N ALA A 829 17.42 -16.82 15.56
CA ALA A 829 18.49 -15.84 15.57
C ALA A 829 18.78 -15.27 16.95
N ASP A 830 17.80 -15.27 17.85
CA ASP A 830 17.95 -14.66 19.17
C ASP A 830 17.56 -15.65 20.25
N ALA A 831 18.10 -15.42 21.46
CA ALA A 831 17.87 -16.30 22.59
C ALA A 831 17.58 -15.50 23.84
N GLY A 832 16.59 -15.95 24.62
CA GLY A 832 16.25 -15.37 25.89
C GLY A 832 15.55 -14.03 25.83
N PHE A 833 15.43 -13.42 24.65
CA PHE A 833 14.62 -12.21 24.46
C PHE A 833 15.17 -10.99 25.19
N ILE A 834 16.29 -11.13 25.90
CA ILE A 834 16.94 -10.00 26.55
C ILE A 834 18.25 -9.72 25.81
N LYS A 835 18.38 -8.50 25.28
CA LYS A 835 19.62 -8.04 24.67
C LYS A 835 19.83 -6.60 25.11
N GLN A 836 20.74 -6.39 26.05
CA GLN A 836 20.89 -5.10 26.70
C GLN A 836 21.64 -4.13 25.80
N TYR A 837 21.53 -2.85 26.14
CA TYR A 837 22.27 -1.82 25.41
C TYR A 837 23.78 -2.06 25.51
N GLY A 838 24.27 -2.37 26.71
CA GLY A 838 25.68 -2.67 26.88
C GLY A 838 26.15 -3.82 26.02
N ASP A 839 25.31 -4.86 25.89
CA ASP A 839 25.67 -6.04 25.13
C ASP A 839 25.74 -5.79 23.62
N CYS A 840 25.28 -4.61 23.17
CA CYS A 840 24.90 -4.45 21.77
C CYS A 840 25.33 -3.11 21.18
N LEU A 841 26.21 -2.35 21.84
CA LEU A 841 26.63 -1.05 21.37
C LEU A 841 28.07 -1.08 20.89
N GLY A 842 28.40 -0.14 20.00
CA GLY A 842 29.74 0.04 19.52
C GLY A 842 30.17 -0.98 18.48
N ASP A 843 31.09 -1.87 18.85
CA ASP A 843 31.59 -2.85 17.91
C ASP A 843 30.48 -3.78 17.44
N ILE A 844 29.52 -4.08 18.32
CA ILE A 844 28.45 -5.02 17.99
C ILE A 844 27.20 -4.32 17.49
N ALA A 845 27.18 -2.99 17.46
CA ALA A 845 26.12 -2.28 16.76
C ALA A 845 26.26 -2.46 15.26
N ALA A 846 27.51 -2.48 14.77
CA ALA A 846 27.75 -2.69 13.34
C ALA A 846 27.44 -4.11 12.92
N ARG A 847 27.59 -5.09 13.80
CA ARG A 847 27.59 -6.48 13.39
C ARG A 847 26.21 -7.14 13.49
N ASP A 848 25.65 -7.19 14.68
CA ASP A 848 24.51 -8.06 14.95
C ASP A 848 23.26 -7.60 14.20
N LEU A 849 22.52 -8.56 13.65
CA LEU A 849 21.26 -8.25 12.99
C LEU A 849 20.23 -7.77 13.99
N ILE A 850 20.07 -8.47 15.11
CA ILE A 850 19.10 -8.07 16.11
C ILE A 850 19.45 -6.71 16.70
N CYS A 851 20.69 -6.25 16.54
CA CYS A 851 21.06 -4.92 16.98
C CYS A 851 20.67 -3.87 15.95
N ALA A 852 20.96 -4.13 14.68
CA ALA A 852 20.49 -3.25 13.61
C ALA A 852 18.97 -3.10 13.69
N GLN A 853 18.27 -4.18 14.00
CA GLN A 853 16.82 -4.12 14.11
C GLN A 853 16.39 -3.24 15.28
N LYS A 854 16.91 -3.51 16.47
CA LYS A 854 16.42 -2.81 17.66
C LYS A 854 16.79 -1.33 17.63
N PHE A 855 17.92 -0.99 17.03
CA PHE A 855 18.29 0.42 16.94
C PHE A 855 17.32 1.19 16.06
N ASN A 856 16.77 0.54 15.04
CA ASN A 856 15.80 1.16 14.14
C ASN A 856 14.36 0.90 14.55
N GLY A 857 14.11 0.64 15.84
CA GLY A 857 12.78 0.56 16.38
C GLY A 857 12.07 -0.77 16.21
N LEU A 858 12.70 -1.76 15.60
CA LEU A 858 12.08 -3.06 15.39
C LEU A 858 12.41 -3.97 16.57
N THR A 859 11.36 -4.48 17.22
CA THR A 859 11.52 -5.33 18.40
C THR A 859 10.72 -6.61 18.25
N VAL A 860 11.22 -7.69 18.83
CA VAL A 860 10.55 -8.99 18.83
C VAL A 860 10.10 -9.28 20.26
N LEU A 861 8.82 -9.54 20.44
CA LEU A 861 8.29 -9.74 21.78
C LEU A 861 8.28 -11.22 22.15
N PRO A 862 8.33 -11.53 23.44
CA PRO A 862 8.30 -12.93 23.86
C PRO A 862 6.88 -13.47 23.89
N PRO A 863 6.69 -14.75 23.62
CA PRO A 863 5.35 -15.34 23.77
C PRO A 863 4.95 -15.42 25.23
N LEU A 864 3.63 -15.45 25.45
CA LEU A 864 3.11 -15.54 26.82
C LEU A 864 3.55 -16.83 27.47
N LEU A 865 3.31 -17.97 26.82
CA LEU A 865 3.71 -19.26 27.37
C LEU A 865 5.16 -19.55 27.00
N THR A 866 5.97 -19.85 28.00
CA THR A 866 7.35 -20.24 27.75
C THR A 866 7.41 -21.65 27.19
N ASP A 867 8.56 -22.00 26.63
CA ASP A 867 8.75 -23.35 26.11
C ASP A 867 8.59 -24.39 27.21
N GLU A 868 8.76 -23.99 28.47
CA GLU A 868 8.52 -24.91 29.58
C GLU A 868 7.04 -25.11 29.82
N MET A 869 6.26 -24.03 29.77
CA MET A 869 4.82 -24.14 29.98
C MET A 869 4.17 -24.91 28.83
N ILE A 870 4.68 -24.74 27.61
CA ILE A 870 4.17 -25.53 26.49
C ILE A 870 4.43 -27.00 26.74
N ALA A 871 5.61 -27.33 27.27
CA ALA A 871 5.93 -28.73 27.56
C ALA A 871 5.06 -29.27 28.69
N GLN A 872 4.74 -28.45 29.69
CA GLN A 872 3.86 -28.91 30.75
C GLN A 872 2.46 -29.19 30.22
N TYR A 873 1.98 -28.34 29.31
CA TYR A 873 0.70 -28.63 28.66
C TYR A 873 0.78 -29.90 27.84
N THR A 874 1.88 -30.07 27.09
CA THR A 874 2.04 -31.28 26.28
C THR A 874 2.18 -32.50 27.18
N SER A 875 2.86 -32.36 28.32
CA SER A 875 2.96 -33.47 29.25
C SER A 875 1.59 -33.87 29.78
N ALA A 876 0.73 -32.89 30.09
CA ALA A 876 -0.59 -33.19 30.60
C ALA A 876 -1.43 -33.91 29.55
N LEU A 877 -1.40 -33.43 28.31
CA LEU A 877 -2.16 -34.09 27.25
C LEU A 877 -1.64 -35.50 27.03
N LEU A 878 -0.32 -35.67 26.98
CA LEU A 878 0.24 -36.99 26.75
C LEU A 878 0.02 -37.91 27.94
N ALA A 879 0.16 -37.38 29.16
CA ALA A 879 -0.04 -38.20 30.34
C ALA A 879 -1.49 -38.65 30.46
N GLY A 880 -2.44 -37.77 30.15
CA GLY A 880 -3.84 -38.17 30.20
C GLY A 880 -4.19 -39.19 29.15
N THR A 881 -3.56 -39.10 27.97
CA THR A 881 -3.86 -40.04 26.90
C THR A 881 -3.49 -41.47 27.30
N ILE A 882 -2.27 -41.65 27.80
CA ILE A 882 -1.80 -43.00 28.08
C ILE A 882 -2.50 -43.58 29.30
N THR A 883 -2.88 -42.75 30.26
CA THR A 883 -3.51 -43.24 31.49
C THR A 883 -5.02 -43.24 31.45
N SER A 884 -5.66 -42.49 30.56
CA SER A 884 -7.10 -42.34 30.64
C SER A 884 -7.80 -42.43 29.28
N GLY A 885 -7.03 -42.59 28.20
CA GLY A 885 -7.65 -42.61 26.89
C GLY A 885 -8.31 -41.30 26.56
N TRP A 886 -9.45 -41.38 25.87
CA TRP A 886 -10.18 -40.19 25.46
C TRP A 886 -11.12 -39.67 26.53
N THR A 887 -11.21 -40.33 27.68
CA THR A 887 -12.17 -39.91 28.70
C THR A 887 -11.81 -38.55 29.28
N PHE A 888 -10.52 -38.23 29.42
CA PHE A 888 -10.14 -36.97 30.02
C PHE A 888 -10.52 -35.78 29.16
N GLY A 889 -10.81 -36.00 27.87
CA GLY A 889 -11.32 -34.93 27.02
C GLY A 889 -12.80 -34.74 27.19
N ALA A 890 -13.53 -35.86 27.26
CA ALA A 890 -14.99 -35.81 27.37
C ALA A 890 -15.46 -35.39 28.75
N GLY A 891 -14.62 -35.53 29.78
CA GLY A 891 -15.02 -35.22 31.13
C GLY A 891 -13.89 -35.41 32.13
N ALA A 892 -14.19 -36.06 33.25
CA ALA A 892 -13.14 -36.41 34.20
C ALA A 892 -12.31 -37.57 33.68
N ALA A 893 -11.00 -37.50 33.93
CA ALA A 893 -10.08 -38.52 33.44
C ALA A 893 -10.31 -39.83 34.18
N LEU A 894 -10.90 -40.80 33.50
CA LEU A 894 -11.14 -42.13 34.06
C LEU A 894 -10.00 -43.05 33.66
N GLN A 895 -9.29 -43.59 34.65
CA GLN A 895 -8.16 -44.46 34.35
C GLN A 895 -8.64 -45.72 33.64
N ILE A 896 -7.75 -46.32 32.86
CA ILE A 896 -8.06 -47.57 32.17
C ILE A 896 -6.75 -48.22 31.75
N PRO A 897 -6.56 -49.52 31.94
CA PRO A 897 -5.29 -50.14 31.54
C PRO A 897 -5.04 -49.92 30.06
N PHE A 898 -3.78 -49.63 29.72
CA PHE A 898 -3.47 -49.23 28.36
C PHE A 898 -3.77 -50.34 27.36
N ALA A 899 -3.50 -51.59 27.72
CA ALA A 899 -3.91 -52.68 26.85
C ALA A 899 -5.42 -52.73 26.72
N MET A 900 -6.14 -52.40 27.79
CA MET A 900 -7.58 -52.27 27.69
C MET A 900 -7.95 -51.09 26.81
N GLN A 901 -7.22 -49.98 26.94
CA GLN A 901 -7.49 -48.81 26.11
C GLN A 901 -7.23 -49.12 24.64
N MET A 902 -6.07 -49.72 24.35
CA MET A 902 -5.77 -50.07 22.97
C MET A 902 -6.78 -51.05 22.41
N ALA A 903 -7.39 -51.88 23.27
CA ALA A 903 -8.43 -52.78 22.80
C ALA A 903 -9.67 -52.02 22.38
N TYR A 904 -9.99 -50.91 23.06
CA TYR A 904 -11.09 -50.08 22.62
C TYR A 904 -10.75 -49.39 21.31
N ARG A 905 -9.48 -49.04 21.11
CA ARG A 905 -9.07 -48.39 19.87
C ARG A 905 -9.16 -49.34 18.69
N PHE A 906 -8.83 -50.62 18.90
CA PHE A 906 -8.96 -51.61 17.83
C PHE A 906 -10.42 -51.76 17.42
N ASN A 907 -11.33 -51.81 18.40
CA ASN A 907 -12.75 -51.81 18.07
C ASN A 907 -13.11 -50.59 17.24
N GLY A 908 -12.48 -49.45 17.52
CA GLY A 908 -12.77 -48.24 16.76
C GLY A 908 -12.47 -48.36 15.29
N ILE A 909 -11.49 -49.18 14.91
CA ILE A 909 -11.09 -49.34 13.52
C ILE A 909 -11.68 -50.59 12.90
N GLY A 910 -12.61 -51.25 13.57
CA GLY A 910 -13.26 -52.42 13.02
C GLY A 910 -12.44 -53.69 13.08
N VAL A 911 -11.49 -53.78 14.00
CA VAL A 911 -10.75 -55.01 14.27
C VAL A 911 -11.11 -55.45 15.68
N THR A 912 -11.52 -56.70 15.82
CA THR A 912 -12.03 -57.18 17.11
C THR A 912 -10.94 -57.13 18.16
N GLN A 913 -11.34 -56.79 19.39
CA GLN A 913 -10.36 -56.52 20.43
C GLN A 913 -9.49 -57.73 20.76
N ASN A 914 -9.97 -58.95 20.53
CA ASN A 914 -9.13 -60.11 20.80
C ASN A 914 -7.93 -60.15 19.88
N VAL A 915 -7.95 -59.44 18.76
CA VAL A 915 -6.79 -59.36 17.88
C VAL A 915 -5.65 -58.59 18.54
N LEU A 916 -5.95 -57.70 19.49
CA LEU A 916 -4.90 -57.05 20.26
C LEU A 916 -4.32 -58.00 21.29
N TYR A 917 -5.19 -58.57 22.13
CA TYR A 917 -4.73 -59.40 23.23
C TYR A 917 -3.95 -60.61 22.73
N GLU A 918 -4.43 -61.23 21.65
CA GLU A 918 -3.73 -62.38 21.09
C GLU A 918 -2.44 -62.00 20.38
N ASN A 919 -2.17 -60.70 20.22
CA ASN A 919 -0.93 -60.24 19.61
C ASN A 919 -0.32 -59.07 20.37
N GLN A 920 -0.53 -58.98 21.69
CA GLN A 920 -0.13 -57.80 22.43
C GLN A 920 1.39 -57.60 22.39
N LYS A 921 2.15 -58.69 22.54
CA LYS A 921 3.60 -58.55 22.50
C LYS A 921 4.07 -57.96 21.18
N LEU A 922 3.51 -58.44 20.07
CA LEU A 922 3.90 -57.94 18.75
C LEU A 922 3.47 -56.49 18.57
N ILE A 923 2.26 -56.15 19.01
CA ILE A 923 1.79 -54.78 18.85
C ILE A 923 2.60 -53.84 19.72
N ALA A 924 2.90 -54.25 20.95
CA ALA A 924 3.72 -53.42 21.84
C ALA A 924 5.11 -53.21 21.26
N ASN A 925 5.71 -54.29 20.75
CA ASN A 925 7.06 -54.18 20.20
C ASN A 925 7.08 -53.33 18.93
N GLN A 926 6.03 -53.46 18.09
CA GLN A 926 5.99 -52.68 16.87
C GLN A 926 5.84 -51.18 17.18
N PHE A 927 5.10 -50.83 18.22
CA PHE A 927 5.01 -49.44 18.62
C PHE A 927 6.35 -48.94 19.12
N ASN A 928 7.02 -49.73 19.96
CA ASN A 928 8.32 -49.32 20.47
C ASN A 928 9.34 -49.22 19.35
N SER A 929 9.30 -50.15 18.40
CA SER A 929 10.20 -50.07 17.25
C SER A 929 9.88 -48.83 16.41
N ALA A 930 8.60 -48.55 16.19
CA ALA A 930 8.22 -47.41 15.37
C ALA A 930 8.64 -46.09 16.00
N ILE A 931 8.48 -45.98 17.33
CA ILE A 931 8.93 -44.77 18.01
C ILE A 931 10.44 -44.64 17.91
N GLY A 932 11.17 -45.75 17.94
CA GLY A 932 12.61 -45.69 17.75
C GLY A 932 12.98 -45.05 16.43
N LYS A 933 12.32 -45.48 15.35
CA LYS A 933 12.61 -44.91 14.05
C LYS A 933 12.33 -43.41 14.01
N ILE A 934 11.41 -42.93 14.83
CA ILE A 934 11.16 -41.49 14.90
C ILE A 934 12.39 -40.76 15.43
N GLN A 935 12.98 -41.29 16.50
CA GLN A 935 14.23 -40.71 17.00
C GLN A 935 15.33 -40.78 15.95
N ASP A 936 15.47 -41.94 15.29
CA ASP A 936 16.47 -42.08 14.26
C ASP A 936 16.22 -41.12 13.10
N SER A 937 14.96 -40.98 12.69
CA SER A 937 14.65 -40.07 11.59
C SER A 937 15.00 -38.63 11.95
N LEU A 938 14.54 -38.16 13.10
CA LEU A 938 14.82 -36.79 13.49
C LEU A 938 16.32 -36.56 13.65
N SER A 939 17.03 -37.57 14.15
CA SER A 939 18.49 -37.45 14.29
C SER A 939 19.16 -37.34 12.92
N SER A 940 18.64 -38.05 11.93
CA SER A 940 19.33 -38.23 10.65
C SER A 940 19.02 -37.12 9.65
N THR A 941 17.76 -36.99 9.23
CA THR A 941 17.41 -36.12 8.12
C THR A 941 17.40 -34.66 8.55
N ALA A 942 17.90 -33.79 7.67
CA ALA A 942 18.12 -32.41 8.03
C ALA A 942 16.88 -31.54 7.86
N SER A 943 15.94 -31.92 7.00
CA SER A 943 14.88 -31.03 6.53
C SER A 943 13.50 -31.39 7.04
N ALA A 944 13.40 -32.22 8.09
CA ALA A 944 12.08 -32.66 8.55
C ALA A 944 11.20 -31.48 8.97
N LEU A 945 11.76 -30.56 9.75
CA LEU A 945 10.97 -29.49 10.35
C LEU A 945 10.84 -28.27 9.44
N GLY A 946 10.99 -28.48 8.12
CA GLY A 946 10.95 -27.35 7.19
C GLY A 946 9.85 -26.35 7.49
N LYS A 947 8.66 -26.84 7.82
CA LYS A 947 7.54 -25.93 8.04
C LYS A 947 7.85 -24.92 9.13
N LEU A 948 8.44 -25.36 10.24
CA LEU A 948 8.66 -24.46 11.36
C LEU A 948 9.85 -23.54 11.11
N GLN A 949 10.88 -24.04 10.44
CA GLN A 949 11.99 -23.17 10.07
C GLN A 949 11.56 -22.13 9.05
N ASP A 950 10.68 -22.53 8.11
CA ASP A 950 10.22 -21.58 7.10
C ASP A 950 9.50 -20.40 7.72
N VAL A 951 8.90 -20.59 8.90
CA VAL A 951 8.25 -19.48 9.59
C VAL A 951 9.27 -18.59 10.27
N VAL A 952 10.24 -19.19 10.98
CA VAL A 952 11.27 -18.40 11.62
C VAL A 952 12.08 -17.64 10.58
N ASN A 953 12.35 -18.27 9.44
CA ASN A 953 13.16 -17.62 8.41
C ASN A 953 12.40 -16.46 7.78
N GLN A 954 11.13 -16.67 7.44
CA GLN A 954 10.37 -15.61 6.79
C GLN A 954 10.20 -14.41 7.70
N ASN A 955 9.95 -14.64 8.99
CA ASN A 955 9.84 -13.52 9.92
C ASN A 955 11.16 -12.77 10.01
N ALA A 956 12.28 -13.48 10.07
CA ALA A 956 13.57 -12.82 10.09
C ALA A 956 13.83 -12.08 8.79
N GLN A 957 13.53 -12.72 7.65
CA GLN A 957 13.79 -12.08 6.37
C GLN A 957 13.00 -10.78 6.22
N ALA A 958 11.75 -10.77 6.69
CA ALA A 958 10.92 -9.58 6.54
C ALA A 958 11.47 -8.41 7.34
N LEU A 959 12.01 -8.67 8.53
CA LEU A 959 12.59 -7.59 9.32
C LEU A 959 13.93 -7.14 8.74
N ASN A 960 14.77 -8.09 8.31
CA ASN A 960 16.05 -7.71 7.75
C ASN A 960 15.88 -6.99 6.42
N THR A 961 14.80 -7.29 5.68
CA THR A 961 14.45 -6.47 4.52
C THR A 961 14.07 -5.06 4.96
N LEU A 962 13.32 -4.95 6.06
CA LEU A 962 12.85 -3.66 6.51
C LEU A 962 13.99 -2.75 6.94
N VAL A 963 15.05 -3.32 7.51
CA VAL A 963 16.20 -2.51 7.90
C VAL A 963 16.96 -2.04 6.66
N LYS A 964 17.13 -2.91 5.67
CA LYS A 964 17.84 -2.51 4.46
C LYS A 964 17.11 -1.41 3.71
N GLN A 965 15.78 -1.39 3.77
CA GLN A 965 15.02 -0.37 3.07
C GLN A 965 15.20 1.02 3.66
N LEU A 966 15.94 1.14 4.78
CA LEU A 966 16.33 2.46 5.25
C LEU A 966 17.41 3.07 4.37
N SER A 967 18.09 2.26 3.56
CA SER A 967 19.10 2.75 2.64
C SER A 967 18.51 3.35 1.37
N SER A 968 17.20 3.18 1.12
CA SER A 968 16.60 3.70 -0.09
C SER A 968 16.45 5.22 -0.01
N ASN A 969 16.63 5.88 -1.16
CA ASN A 969 16.48 7.33 -1.22
C ASN A 969 15.03 7.76 -1.40
N PHE A 970 14.24 6.99 -2.16
CA PHE A 970 12.87 7.37 -2.46
C PHE A 970 12.79 8.70 -3.17
N GLY A 971 13.82 9.03 -3.95
CA GLY A 971 13.88 10.28 -4.67
C GLY A 971 14.54 11.42 -3.92
N ALA A 972 14.82 11.25 -2.62
CA ALA A 972 15.54 12.28 -1.89
C ALA A 972 17.02 12.27 -2.28
N ILE A 973 17.70 13.36 -1.92
CA ILE A 973 19.12 13.47 -2.26
C ILE A 973 19.93 12.41 -1.54
N SER A 974 19.48 11.95 -0.38
CA SER A 974 20.27 11.04 0.44
C SER A 974 19.35 10.08 1.18
N SER A 975 19.86 8.87 1.43
CA SER A 975 19.18 7.94 2.31
C SER A 975 19.34 8.34 3.77
N VAL A 976 20.44 9.02 4.11
CA VAL A 976 20.75 9.37 5.49
C VAL A 976 19.94 10.62 5.84
N LEU A 977 19.11 10.49 6.87
CA LEU A 977 18.27 11.61 7.27
C LEU A 977 19.10 12.81 7.69
N ASN A 978 20.21 12.57 8.39
CA ASN A 978 21.01 13.67 8.92
C ASN A 978 21.81 14.39 7.84
N ASP A 979 22.21 13.68 6.78
CA ASP A 979 22.96 14.34 5.71
C ASP A 979 22.09 15.35 4.98
N ILE A 980 20.78 15.16 4.98
CA ILE A 980 19.88 16.17 4.44
C ILE A 980 19.88 17.41 5.32
N LEU A 981 19.70 17.20 6.63
CA LEU A 981 19.54 18.31 7.55
C LEU A 981 20.83 19.10 7.74
N SER A 982 21.98 18.47 7.57
CA SER A 982 23.24 19.17 7.70
C SER A 982 23.60 19.96 6.45
N ARG A 983 22.90 19.75 5.34
CA ARG A 983 23.18 20.44 4.09
C ARG A 983 22.08 21.40 3.67
N LEU A 984 20.86 21.21 4.12
CA LEU A 984 19.71 21.99 3.67
C LEU A 984 19.00 22.64 4.85
N ASP A 985 18.41 23.80 4.59
CA ASP A 985 17.64 24.51 5.60
C ASP A 985 16.19 24.06 5.59
N LYS A 986 15.41 24.59 6.54
CA LYS A 986 14.08 24.06 6.83
C LYS A 986 13.24 23.91 5.56
N VAL A 987 13.22 24.93 4.71
CA VAL A 987 12.33 24.89 3.56
C VAL A 987 12.79 23.86 2.55
N GLU A 988 14.11 23.78 2.30
CA GLU A 988 14.62 22.84 1.32
C GLU A 988 14.74 21.44 1.89
N ALA A 989 14.92 21.32 3.21
CA ALA A 989 14.94 20.00 3.84
C ALA A 989 13.55 19.39 3.89
N GLU A 990 12.53 20.21 4.13
CA GLU A 990 11.16 19.69 4.21
C GLU A 990 10.78 18.91 2.97
N VAL A 991 11.26 19.33 1.80
CA VAL A 991 10.98 18.58 0.58
C VAL A 991 11.65 17.22 0.63
N GLN A 992 12.93 17.19 0.98
CA GLN A 992 13.68 15.94 0.98
C GLN A 992 13.22 15.01 2.09
N ILE A 993 12.93 15.57 3.27
CA ILE A 993 12.49 14.73 4.39
C ILE A 993 11.12 14.15 4.10
N ASP A 994 10.24 14.92 3.48
CA ASP A 994 8.89 14.43 3.21
C ASP A 994 8.91 13.21 2.30
N ARG A 995 9.90 13.12 1.40
CA ARG A 995 10.02 11.94 0.56
C ARG A 995 10.39 10.72 1.39
N LEU A 996 11.37 10.87 2.29
CA LEU A 996 11.78 9.74 3.12
C LEU A 996 10.66 9.29 4.04
N ILE A 997 9.91 10.23 4.61
CA ILE A 997 8.76 9.87 5.42
C ILE A 997 7.77 9.07 4.58
N THR A 998 7.49 9.55 3.37
CA THR A 998 6.56 8.86 2.49
C THR A 998 7.04 7.46 2.17
N GLY A 999 8.32 7.33 1.80
CA GLY A 999 8.84 6.02 1.42
C GLY A 999 9.04 5.09 2.58
N ARG A 1000 9.46 5.60 3.73
CA ARG A 1000 9.65 4.75 4.90
C ARG A 1000 8.33 4.40 5.56
N LEU A 1001 7.36 5.32 5.54
CA LEU A 1001 6.02 4.98 6.02
C LEU A 1001 5.41 3.90 5.14
N GLN A 1002 5.64 3.96 3.84
CA GLN A 1002 5.13 2.92 2.95
C GLN A 1002 5.82 1.59 3.19
N SER A 1003 7.11 1.61 3.55
CA SER A 1003 7.80 0.37 3.87
C SER A 1003 7.18 -0.31 5.07
N LEU A 1004 6.80 0.46 6.09
CA LEU A 1004 6.11 -0.12 7.23
C LEU A 1004 4.72 -0.62 6.85
N GLN A 1005 3.99 0.14 6.04
CA GLN A 1005 2.68 -0.32 5.59
C GLN A 1005 2.81 -1.62 4.83
N THR A 1006 3.81 -1.74 3.98
CA THR A 1006 4.02 -2.99 3.23
C THR A 1006 4.36 -4.13 4.18
N TYR A 1007 5.28 -3.90 5.12
CA TYR A 1007 5.65 -4.94 6.05
C TYR A 1007 4.44 -5.41 6.86
N VAL A 1008 3.64 -4.47 7.36
CA VAL A 1008 2.48 -4.84 8.16
C VAL A 1008 1.47 -5.61 7.31
N THR A 1009 1.31 -5.23 6.04
CA THR A 1009 0.39 -5.97 5.17
C THR A 1009 0.85 -7.39 4.97
N GLN A 1010 2.15 -7.58 4.72
CA GLN A 1010 2.69 -8.92 4.60
C GLN A 1010 2.46 -9.73 5.87
N GLN A 1011 2.64 -9.09 7.03
CA GLN A 1011 2.49 -9.80 8.29
C GLN A 1011 1.03 -10.11 8.61
N LEU A 1012 0.11 -9.21 8.25
CA LEU A 1012 -1.31 -9.51 8.45
C LEU A 1012 -1.75 -10.67 7.56
N ILE A 1013 -1.29 -10.70 6.32
CA ILE A 1013 -1.56 -11.82 5.45
C ILE A 1013 -0.91 -13.09 6.00
N ARG A 1014 0.35 -12.97 6.41
CA ARG A 1014 1.08 -14.12 6.94
C ARG A 1014 0.41 -14.67 8.19
N ALA A 1015 0.00 -13.78 9.10
CA ALA A 1015 -0.66 -14.22 10.33
C ALA A 1015 -1.90 -15.03 10.04
N ALA A 1016 -2.56 -14.80 8.89
CA ALA A 1016 -3.72 -15.60 8.54
C ALA A 1016 -3.32 -16.99 8.08
N GLU A 1017 -2.13 -17.14 7.48
CA GLU A 1017 -1.61 -18.46 7.20
C GLU A 1017 -1.37 -19.22 8.50
N ILE A 1018 -0.82 -18.55 9.50
CA ILE A 1018 -0.54 -19.18 10.79
C ILE A 1018 -1.84 -19.46 11.53
N ARG A 1019 -2.79 -18.52 11.49
CA ARG A 1019 -4.04 -18.74 12.19
C ARG A 1019 -4.77 -19.96 11.67
N ALA A 1020 -4.79 -20.13 10.34
CA ALA A 1020 -5.41 -21.33 9.78
C ALA A 1020 -4.66 -22.58 10.21
N SER A 1021 -3.33 -22.52 10.23
CA SER A 1021 -2.55 -23.68 10.66
C SER A 1021 -2.70 -23.93 12.14
N ALA A 1022 -2.88 -22.88 12.94
CA ALA A 1022 -3.10 -23.08 14.37
C ALA A 1022 -4.50 -23.58 14.67
N ASN A 1023 -5.48 -23.20 13.84
CA ASN A 1023 -6.82 -23.76 14.00
C ASN A 1023 -6.86 -25.21 13.55
N LEU A 1024 -6.02 -25.58 12.58
CA LEU A 1024 -5.91 -26.99 12.21
C LEU A 1024 -5.24 -27.78 13.32
N ALA A 1025 -4.12 -27.28 13.83
CA ALA A 1025 -3.42 -27.98 14.90
C ALA A 1025 -4.29 -28.13 16.13
N ALA A 1026 -5.14 -27.13 16.41
CA ALA A 1026 -6.05 -27.24 17.53
C ALA A 1026 -7.12 -28.29 17.27
N THR A 1027 -7.58 -28.39 16.03
CA THR A 1027 -8.56 -29.43 15.68
C THR A 1027 -7.93 -30.82 15.74
N LYS A 1028 -6.67 -30.94 15.30
CA LYS A 1028 -5.99 -32.23 15.39
C LYS A 1028 -5.69 -32.60 16.83
N MET A 1029 -5.46 -31.61 17.68
CA MET A 1029 -5.31 -31.89 19.11
C MET A 1029 -6.60 -32.45 19.69
N SER A 1030 -7.73 -31.81 19.38
CA SER A 1030 -9.00 -32.25 19.94
C SER A 1030 -9.38 -33.64 19.44
N GLU A 1031 -9.11 -33.93 18.17
CA GLU A 1031 -9.65 -35.11 17.53
C GLU A 1031 -8.64 -36.25 17.39
N CYS A 1032 -7.42 -35.97 16.96
CA CYS A 1032 -6.40 -37.03 16.90
C CYS A 1032 -5.92 -37.41 18.31
N VAL A 1033 -5.68 -36.42 19.16
CA VAL A 1033 -5.12 -36.70 20.49
C VAL A 1033 -6.23 -37.00 21.49
N LEU A 1034 -7.13 -36.05 21.73
CA LEU A 1034 -8.15 -36.23 22.75
C LEU A 1034 -9.23 -37.19 22.34
N GLY A 1035 -9.12 -37.87 21.22
CA GLY A 1035 -10.10 -38.85 20.80
C GLY A 1035 -9.48 -39.83 19.87
N GLN A 1036 -10.29 -40.38 18.97
CA GLN A 1036 -9.81 -41.27 17.93
C GLN A 1036 -10.63 -40.97 16.68
N SER A 1037 -9.98 -40.42 15.67
CA SER A 1037 -10.69 -39.89 14.51
C SER A 1037 -10.99 -41.00 13.52
N LYS A 1038 -12.25 -41.07 13.11
CA LYS A 1038 -12.65 -41.95 12.01
C LYS A 1038 -12.44 -41.32 10.65
N ARG A 1039 -12.04 -40.05 10.62
CA ARG A 1039 -11.77 -39.37 9.36
C ARG A 1039 -10.53 -39.94 8.69
N VAL A 1040 -10.61 -40.14 7.37
CA VAL A 1040 -9.53 -40.79 6.65
C VAL A 1040 -8.36 -39.84 6.49
N ASP A 1041 -7.16 -40.33 6.77
CA ASP A 1041 -5.92 -39.61 6.51
C ASP A 1041 -5.90 -38.25 7.19
N PHE A 1042 -6.77 -38.02 8.16
CA PHE A 1042 -6.70 -36.79 8.94
C PHE A 1042 -5.58 -36.87 9.99
N CYS A 1043 -5.33 -38.06 10.51
CA CYS A 1043 -4.27 -38.25 11.51
C CYS A 1043 -3.24 -39.22 10.94
N GLY A 1044 -2.81 -38.98 9.70
CA GLY A 1044 -1.84 -39.82 9.04
C GLY A 1044 -2.47 -40.98 8.31
N LYS A 1045 -1.65 -41.71 7.56
CA LYS A 1045 -2.11 -42.78 6.71
C LYS A 1045 -2.24 -44.08 7.49
N GLY A 1046 -3.32 -44.79 7.23
CA GLY A 1046 -3.70 -45.96 8.02
C GLY A 1046 -4.96 -45.68 8.82
N TYR A 1047 -5.32 -46.66 9.62
CA TYR A 1047 -6.47 -46.53 10.51
C TYR A 1047 -5.99 -45.95 11.84
N HIS A 1048 -6.45 -44.75 12.17
CA HIS A 1048 -5.94 -44.03 13.32
C HIS A 1048 -6.26 -44.78 14.60
N LEU A 1049 -5.23 -44.98 15.42
CA LEU A 1049 -5.40 -45.51 16.77
C LEU A 1049 -5.30 -44.40 17.80
N MET A 1050 -4.18 -43.68 17.83
CA MET A 1050 -3.99 -42.61 18.80
C MET A 1050 -2.85 -41.72 18.31
N SER A 1051 -2.77 -40.53 18.90
CA SER A 1051 -1.75 -39.55 18.55
C SER A 1051 -1.19 -38.96 19.84
N PHE A 1052 0.06 -38.54 19.78
CA PHE A 1052 0.75 -37.94 20.91
C PHE A 1052 1.32 -36.59 20.50
N PRO A 1053 0.98 -35.50 21.18
CA PRO A 1053 1.56 -34.20 20.81
C PRO A 1053 2.97 -34.03 21.35
N GLN A 1054 3.78 -33.32 20.58
CA GLN A 1054 5.13 -32.96 21.00
C GLN A 1054 5.35 -31.50 20.65
N SER A 1055 5.80 -30.71 21.62
CA SER A 1055 6.01 -29.29 21.37
C SER A 1055 7.26 -29.09 20.51
N ALA A 1056 7.21 -28.07 19.67
CA ALA A 1056 8.33 -27.65 18.85
C ALA A 1056 8.36 -26.13 18.83
N PRO A 1057 9.50 -25.53 18.50
CA PRO A 1057 9.55 -24.07 18.43
C PRO A 1057 8.53 -23.52 17.45
N HIS A 1058 7.60 -22.74 17.96
CA HIS A 1058 6.56 -22.08 17.17
C HIS A 1058 5.65 -23.07 16.47
N GLY A 1059 5.59 -24.31 16.96
CA GLY A 1059 4.75 -25.31 16.31
C GLY A 1059 4.50 -26.47 17.23
N VAL A 1060 3.78 -27.45 16.69
CA VAL A 1060 3.45 -28.69 17.39
C VAL A 1060 3.69 -29.86 16.45
N VAL A 1061 4.17 -30.96 17.01
CA VAL A 1061 4.41 -32.19 16.27
C VAL A 1061 3.50 -33.27 16.82
N PHE A 1062 2.74 -33.91 15.94
CA PHE A 1062 1.86 -35.01 16.30
C PHE A 1062 2.50 -36.32 15.88
N LEU A 1063 2.62 -37.25 16.81
CA LEU A 1063 3.07 -38.60 16.50
C LEU A 1063 1.83 -39.47 16.34
N HIS A 1064 1.38 -39.65 15.10
CA HIS A 1064 0.17 -40.39 14.81
C HIS A 1064 0.46 -41.89 14.79
N VAL A 1065 -0.30 -42.66 15.56
CA VAL A 1065 -0.20 -44.11 15.56
C VAL A 1065 -1.35 -44.66 14.75
N THR A 1066 -1.04 -45.47 13.75
CA THR A 1066 -2.03 -45.98 12.81
C THR A 1066 -1.86 -47.47 12.61
N TYR A 1067 -2.99 -48.17 12.52
CA TYR A 1067 -3.00 -49.60 12.22
C TYR A 1067 -3.06 -49.78 10.70
N VAL A 1068 -2.05 -50.43 10.15
CA VAL A 1068 -1.90 -50.58 8.70
C VAL A 1068 -2.00 -52.06 8.35
N PRO A 1069 -2.97 -52.49 7.53
CA PRO A 1069 -2.97 -53.87 7.04
C PRO A 1069 -1.68 -54.25 6.33
N ALA A 1070 -1.13 -55.42 6.63
CA ALA A 1070 0.22 -55.77 6.22
C ALA A 1070 0.32 -56.86 5.17
N GLN A 1071 -0.29 -58.03 5.40
CA GLN A 1071 -0.06 -59.22 4.57
C GLN A 1071 -1.41 -59.76 4.11
N GLU A 1072 -1.91 -59.24 3.00
CA GLU A 1072 -3.21 -59.67 2.48
C GLU A 1072 -3.07 -60.96 1.67
N LYS A 1073 -4.11 -61.78 1.74
CA LYS A 1073 -4.22 -62.99 0.94
C LYS A 1073 -5.46 -62.93 0.05
N ASN A 1074 -5.36 -63.54 -1.12
CA ASN A 1074 -6.52 -63.70 -1.99
C ASN A 1074 -7.50 -64.69 -1.38
N PHE A 1075 -8.79 -64.38 -1.48
CA PHE A 1075 -9.83 -65.34 -1.15
C PHE A 1075 -10.97 -65.19 -2.15
N THR A 1076 -11.67 -66.30 -2.39
CA THR A 1076 -12.97 -66.24 -3.04
C THR A 1076 -14.00 -65.80 -2.02
N THR A 1077 -15.01 -65.06 -2.48
CA THR A 1077 -16.00 -64.49 -1.59
C THR A 1077 -17.37 -64.58 -2.25
N ALA A 1078 -18.40 -64.43 -1.42
CA ALA A 1078 -19.79 -64.44 -1.86
C ALA A 1078 -20.57 -63.42 -1.05
N PRO A 1079 -21.62 -62.84 -1.63
CA PRO A 1079 -22.44 -61.89 -0.88
C PRO A 1079 -23.43 -62.55 0.07
N ALA A 1080 -23.83 -63.79 -0.17
CA ALA A 1080 -24.79 -64.46 0.68
C ALA A 1080 -24.60 -65.96 0.55
N ILE A 1081 -25.19 -66.70 1.48
CA ILE A 1081 -25.10 -68.15 1.51
C ILE A 1081 -26.51 -68.73 1.68
N CYS A 1082 -26.76 -69.87 1.05
CA CYS A 1082 -28.07 -70.53 1.06
C CYS A 1082 -27.96 -71.84 1.82
N HIS A 1083 -28.40 -71.84 3.07
CA HIS A 1083 -28.38 -73.05 3.87
C HIS A 1083 -29.59 -73.93 3.61
N ASP A 1084 -30.78 -73.42 3.96
CA ASP A 1084 -31.99 -74.23 3.94
C ASP A 1084 -33.05 -73.61 3.03
N GLY A 1085 -32.63 -73.10 1.87
CA GLY A 1085 -33.55 -72.34 1.05
C GLY A 1085 -33.75 -70.92 1.51
N LYS A 1086 -32.82 -70.38 2.29
CA LYS A 1086 -32.85 -69.00 2.74
C LYS A 1086 -31.56 -68.31 2.29
N ALA A 1087 -31.39 -67.06 2.70
CA ALA A 1087 -30.21 -66.27 2.37
C ALA A 1087 -29.63 -65.71 3.66
N HIS A 1088 -28.36 -66.01 3.91
CA HIS A 1088 -27.69 -65.61 5.13
C HIS A 1088 -26.64 -64.55 4.84
N PHE A 1089 -26.62 -63.51 5.66
CA PHE A 1089 -25.65 -62.43 5.53
C PHE A 1089 -24.90 -62.28 6.84
N PRO A 1090 -23.62 -61.91 6.79
CA PRO A 1090 -22.86 -61.74 8.03
C PRO A 1090 -23.46 -60.64 8.88
N ARG A 1091 -23.42 -60.84 10.21
CA ARG A 1091 -23.71 -59.73 11.11
C ARG A 1091 -22.57 -58.73 11.08
N GLU A 1092 -21.36 -59.18 11.38
CA GLU A 1092 -20.13 -58.44 11.14
C GLU A 1092 -19.19 -59.33 10.34
N GLY A 1093 -18.53 -58.74 9.36
CA GLY A 1093 -17.54 -59.46 8.59
C GLY A 1093 -18.02 -59.80 7.19
N VAL A 1094 -17.30 -60.73 6.58
CA VAL A 1094 -17.49 -61.07 5.17
C VAL A 1094 -17.24 -62.56 4.99
N PHE A 1095 -17.91 -63.15 4.01
CA PHE A 1095 -17.71 -64.55 3.67
C PHE A 1095 -16.45 -64.72 2.83
N VAL A 1096 -15.70 -65.76 3.12
CA VAL A 1096 -14.50 -66.10 2.36
C VAL A 1096 -14.37 -67.61 2.26
N SER A 1097 -13.89 -68.07 1.11
CA SER A 1097 -13.54 -69.47 0.91
C SER A 1097 -12.04 -69.60 0.71
N ASN A 1098 -11.48 -70.65 1.30
CA ASN A 1098 -10.07 -70.98 1.09
C ASN A 1098 -9.89 -71.99 -0.04
N GLY A 1099 -10.91 -72.18 -0.86
CA GLY A 1099 -10.84 -73.08 -1.99
C GLY A 1099 -11.84 -74.21 -1.85
N THR A 1100 -12.01 -74.70 -0.63
CA THR A 1100 -12.89 -75.83 -0.35
C THR A 1100 -13.95 -75.51 0.70
N HIS A 1101 -13.61 -74.72 1.71
CA HIS A 1101 -14.50 -74.47 2.84
C HIS A 1101 -14.80 -72.97 2.93
N TRP A 1102 -16.01 -72.66 3.39
CA TRP A 1102 -16.47 -71.29 3.53
C TRP A 1102 -16.41 -70.85 4.98
N PHE A 1103 -15.95 -69.63 5.20
CA PHE A 1103 -15.87 -69.05 6.53
C PHE A 1103 -16.36 -67.61 6.49
N VAL A 1104 -16.77 -67.12 7.64
CA VAL A 1104 -17.11 -65.72 7.84
C VAL A 1104 -16.02 -65.11 8.70
N THR A 1105 -15.47 -63.97 8.25
CA THR A 1105 -14.35 -63.34 8.92
C THR A 1105 -14.59 -61.84 8.99
N GLN A 1106 -13.95 -61.20 9.96
CA GLN A 1106 -14.02 -59.75 10.06
C GLN A 1106 -13.31 -59.12 8.86
N ARG A 1107 -13.79 -57.96 8.44
CA ARG A 1107 -13.38 -57.40 7.16
C ARG A 1107 -11.92 -56.97 7.15
N ASN A 1108 -11.39 -56.51 8.29
CA ASN A 1108 -10.08 -55.87 8.33
C ASN A 1108 -8.98 -56.76 8.89
N PHE A 1109 -9.26 -58.05 9.13
CA PHE A 1109 -8.24 -58.95 9.65
C PHE A 1109 -8.70 -60.37 9.42
N TYR A 1110 -7.87 -61.16 8.73
CA TYR A 1110 -8.26 -62.52 8.39
C TYR A 1110 -8.20 -63.40 9.63
N GLU A 1111 -9.36 -63.66 10.21
CA GLU A 1111 -9.49 -64.57 11.35
C GLU A 1111 -10.77 -65.36 11.12
N PRO A 1112 -10.71 -66.47 10.38
CA PRO A 1112 -11.94 -67.11 9.91
C PRO A 1112 -12.66 -67.88 11.01
N GLN A 1113 -13.96 -68.01 10.82
CA GLN A 1113 -14.81 -68.75 11.74
C GLN A 1113 -15.84 -69.54 10.95
N ILE A 1114 -16.26 -70.67 11.50
CA ILE A 1114 -17.31 -71.46 10.87
C ILE A 1114 -18.59 -70.62 10.81
N ILE A 1115 -19.29 -70.71 9.69
CA ILE A 1115 -20.51 -69.93 9.47
C ILE A 1115 -21.63 -70.57 10.28
N THR A 1116 -22.07 -69.87 11.33
CA THR A 1116 -23.12 -70.34 12.21
C THR A 1116 -24.34 -69.44 12.08
N THR A 1117 -25.43 -69.86 12.71
CA THR A 1117 -26.60 -68.99 12.82
C THR A 1117 -26.35 -67.79 13.71
N ASP A 1118 -25.28 -67.80 14.49
CA ASP A 1118 -24.91 -66.66 15.33
C ASP A 1118 -24.07 -65.65 14.58
N ASN A 1119 -23.25 -66.10 13.63
CA ASN A 1119 -22.45 -65.18 12.82
C ASN A 1119 -23.28 -64.44 11.78
N THR A 1120 -24.44 -64.96 11.42
CA THR A 1120 -25.20 -64.47 10.27
C THR A 1120 -26.62 -64.13 10.68
N PHE A 1121 -27.21 -63.19 9.96
CA PHE A 1121 -28.64 -62.95 10.00
C PHE A 1121 -29.25 -63.37 8.67
N VAL A 1122 -30.58 -63.40 8.63
CA VAL A 1122 -31.31 -63.97 7.50
C VAL A 1122 -32.26 -62.94 6.92
N SER A 1123 -32.39 -62.93 5.60
CA SER A 1123 -33.38 -62.11 4.91
C SER A 1123 -33.69 -62.73 3.56
N GLY A 1124 -34.96 -63.03 3.33
CA GLY A 1124 -35.43 -63.49 2.04
C GLY A 1124 -34.92 -64.87 1.68
N ASN A 1125 -34.87 -65.14 0.37
CA ASN A 1125 -34.57 -66.46 -0.16
C ASN A 1125 -33.56 -66.34 -1.28
N CYS A 1126 -33.19 -67.49 -1.83
CA CYS A 1126 -32.08 -67.68 -2.75
C CYS A 1126 -32.34 -67.18 -4.16
N ASP A 1127 -33.45 -66.53 -4.52
CA ASP A 1127 -33.69 -66.16 -5.90
C ASP A 1127 -33.27 -64.73 -6.23
N VAL A 1128 -33.11 -63.87 -5.24
CA VAL A 1128 -32.99 -62.43 -5.48
C VAL A 1128 -31.53 -61.98 -5.46
N VAL A 1129 -30.70 -62.66 -4.67
CA VAL A 1129 -29.34 -62.20 -4.42
C VAL A 1129 -28.44 -62.64 -5.57
N ILE A 1130 -27.92 -61.67 -6.33
CA ILE A 1130 -26.98 -61.97 -7.40
C ILE A 1130 -25.67 -62.47 -6.81
N GLY A 1131 -25.22 -63.63 -7.26
CA GLY A 1131 -23.95 -64.18 -6.82
C GLY A 1131 -24.01 -65.05 -5.59
N ILE A 1132 -25.20 -65.39 -5.11
CA ILE A 1132 -25.31 -66.23 -3.92
C ILE A 1132 -24.79 -67.63 -4.22
N VAL A 1133 -24.16 -68.24 -3.21
CA VAL A 1133 -23.63 -69.58 -3.32
C VAL A 1133 -24.31 -70.54 -2.33
N ASN A 1134 -23.99 -71.83 -2.46
CA ASN A 1134 -24.54 -72.88 -1.61
C ASN A 1134 -23.50 -73.32 -0.59
N ASN A 1135 -23.88 -73.27 0.69
CA ASN A 1135 -23.02 -73.69 1.80
C ASN A 1135 -23.82 -73.90 3.09
N THR A 1136 -23.47 -74.93 3.87
CA THR A 1136 -24.17 -75.20 5.11
C THR A 1136 -23.91 -74.10 6.14
N VAL A 1137 -24.88 -73.91 7.02
CA VAL A 1137 -24.77 -72.95 8.11
C VAL A 1137 -24.98 -73.69 9.43
N TYR A 1138 -23.94 -73.74 10.25
CA TYR A 1138 -23.97 -74.52 11.47
C TYR A 1138 -24.93 -73.90 12.49
N ASP A 1139 -25.81 -74.71 13.06
CA ASP A 1139 -26.69 -74.26 14.12
C ASP A 1139 -26.21 -74.88 15.43
N PRO A 1140 -25.58 -74.12 16.33
CA PRO A 1140 -25.01 -74.74 17.53
C PRO A 1140 -26.05 -75.30 18.48
N LEU A 1141 -27.31 -74.89 18.35
CA LEU A 1141 -28.36 -75.46 19.19
C LEU A 1141 -28.70 -76.88 18.77
N GLN A 1142 -28.51 -77.22 17.49
CA GLN A 1142 -28.86 -78.55 17.02
C GLN A 1142 -28.13 -79.64 17.80
N PRO A 1143 -26.80 -79.72 17.78
CA PRO A 1143 -26.13 -80.80 18.53
C PRO A 1143 -26.41 -80.71 20.02
N GLU A 1144 -26.56 -79.50 20.57
CA GLU A 1144 -26.88 -79.37 21.98
C GLU A 1144 -28.21 -80.03 22.32
N LEU A 1145 -29.11 -80.16 21.35
CA LEU A 1145 -30.32 -80.95 21.51
C LEU A 1145 -30.16 -82.37 20.99
N ASP A 1146 -29.21 -82.60 20.08
CA ASP A 1146 -29.03 -83.94 19.53
C ASP A 1146 -28.51 -84.91 20.58
N SER A 1147 -27.46 -84.53 21.29
CA SER A 1147 -26.99 -85.35 22.40
C SER A 1147 -28.01 -85.41 23.53
N PHE A 1148 -28.88 -84.40 23.62
CA PHE A 1148 -30.01 -84.50 24.54
C PHE A 1148 -30.99 -85.57 24.07
N LYS A 1149 -31.10 -85.75 22.76
CA LYS A 1149 -31.94 -86.81 22.21
C LYS A 1149 -31.30 -88.18 22.45
N GLU A 1150 -29.98 -88.27 22.27
CA GLU A 1150 -29.29 -89.52 22.55
C GLU A 1150 -29.33 -89.86 24.04
N GLU A 1151 -29.19 -88.85 24.90
CA GLU A 1151 -29.39 -89.08 26.32
C GLU A 1151 -30.80 -89.57 26.58
N LEU A 1152 -31.78 -88.97 25.91
CA LEU A 1152 -33.16 -89.43 26.04
C LEU A 1152 -33.32 -90.85 25.52
N ASP A 1153 -32.67 -91.18 24.40
CA ASP A 1153 -32.84 -92.49 23.79
C ASP A 1153 -32.34 -93.59 24.72
N LYS A 1154 -31.16 -93.40 25.31
CA LYS A 1154 -30.62 -94.43 26.20
C LYS A 1154 -31.48 -94.57 27.44
N TYR A 1155 -32.09 -93.47 27.90
CA TYR A 1155 -33.03 -93.57 29.02
C TYR A 1155 -34.18 -94.51 28.68
N PHE A 1156 -34.77 -94.33 27.49
CA PHE A 1156 -35.86 -95.21 27.08
C PHE A 1156 -35.37 -96.65 26.92
N LYS A 1157 -34.21 -96.83 26.30
CA LYS A 1157 -33.69 -98.18 26.09
C LYS A 1157 -33.51 -98.90 27.41
N ASN A 1158 -32.87 -98.24 28.39
CA ASN A 1158 -32.69 -98.82 29.71
C ASN A 1158 -34.03 -99.09 30.39
N HIS A 1159 -35.06 -98.27 30.11
CA HIS A 1159 -36.35 -98.46 30.76
C HIS A 1159 -37.08 -99.69 30.22
N THR A 1160 -36.74 -100.13 29.00
CA THR A 1160 -37.29 -101.38 28.49
C THR A 1160 -36.67 -102.59 29.19
N SER A 1161 -35.43 -102.44 29.70
CA SER A 1161 -34.71 -103.60 30.21
C SER A 1161 -35.41 -104.26 31.39
N PRO A 1162 -35.79 -103.54 32.46
CA PRO A 1162 -36.42 -104.24 33.59
C PRO A 1162 -37.88 -104.61 33.34
N GLN B 14 -23.89 45.94 -47.81
CA GLN B 14 -24.59 47.16 -47.38
C GLN B 14 -25.21 46.96 -46.00
N CYS B 15 -26.31 47.65 -45.74
CA CYS B 15 -26.98 47.54 -44.44
C CYS B 15 -28.46 47.84 -44.63
N VAL B 16 -29.29 46.80 -44.69
CA VAL B 16 -30.73 46.95 -44.90
C VAL B 16 -31.47 45.98 -44.00
N ASN B 17 -32.58 46.44 -43.45
CA ASN B 17 -33.43 45.65 -42.57
C ASN B 17 -34.55 44.99 -43.37
N LEU B 18 -34.55 43.66 -43.43
CA LEU B 18 -35.58 42.91 -44.16
C LEU B 18 -36.65 42.41 -43.18
N THR B 19 -37.64 43.28 -42.96
CA THR B 19 -38.62 43.08 -41.89
C THR B 19 -39.75 42.12 -42.24
N THR B 20 -39.93 41.76 -43.50
CA THR B 20 -41.10 40.96 -43.90
C THR B 20 -40.92 39.52 -43.39
N ARG B 21 -41.64 39.17 -42.32
CA ARG B 21 -41.55 37.84 -41.74
C ARG B 21 -42.80 37.53 -40.94
N THR B 22 -43.02 36.24 -40.71
CA THR B 22 -44.13 35.76 -39.89
C THR B 22 -43.60 35.36 -38.51
N GLN B 23 -44.35 35.71 -37.47
CA GLN B 23 -43.95 35.42 -36.10
C GLN B 23 -44.29 33.98 -35.75
N LEU B 24 -43.29 33.22 -35.33
CA LEU B 24 -43.45 31.84 -34.89
C LEU B 24 -42.79 31.65 -33.53
N PRO B 25 -43.20 30.66 -32.76
CA PRO B 25 -42.58 30.42 -31.46
C PRO B 25 -41.25 29.71 -31.60
N PRO B 26 -40.43 29.69 -30.55
CA PRO B 26 -39.14 28.99 -30.63
C PRO B 26 -39.29 27.48 -30.64
N ALA B 27 -38.98 26.84 -31.77
CA ALA B 27 -39.03 25.40 -31.87
C ALA B 27 -37.82 24.77 -31.17
N TYR B 28 -37.96 23.48 -30.85
CA TYR B 28 -36.89 22.72 -30.23
C TYR B 28 -36.95 21.28 -30.70
N THR B 29 -35.82 20.58 -30.57
CA THR B 29 -35.74 19.17 -30.91
C THR B 29 -34.67 18.52 -30.06
N ASN B 30 -34.59 17.19 -30.15
CA ASN B 30 -33.72 16.40 -29.27
C ASN B 30 -32.43 16.03 -29.99
N SER B 31 -31.30 16.32 -29.35
CA SER B 31 -29.98 15.88 -29.81
C SER B 31 -29.71 14.49 -29.25
N PHE B 32 -30.08 13.48 -30.04
CA PHE B 32 -29.99 12.11 -29.56
C PHE B 32 -28.56 11.72 -29.21
N THR B 33 -27.71 11.56 -30.24
CA THR B 33 -26.34 11.09 -30.08
C THR B 33 -25.43 11.92 -31.00
N ARG B 34 -25.58 13.24 -30.93
CA ARG B 34 -24.85 14.14 -31.81
C ARG B 34 -23.98 15.05 -30.98
N GLY B 35 -23.02 15.68 -31.65
CA GLY B 35 -22.11 16.61 -31.00
C GLY B 35 -20.89 15.99 -30.37
N VAL B 36 -20.54 14.77 -30.76
CA VAL B 36 -19.29 14.15 -30.33
C VAL B 36 -18.23 14.41 -31.38
N TYR B 37 -16.99 14.63 -30.92
CA TYR B 37 -15.89 14.94 -31.81
C TYR B 37 -14.63 14.28 -31.27
N TYR B 38 -13.63 14.15 -32.13
CA TYR B 38 -12.36 13.58 -31.74
C TYR B 38 -11.65 14.49 -30.75
N PRO B 39 -11.51 14.11 -29.48
CA PRO B 39 -10.98 15.07 -28.49
C PRO B 39 -9.51 15.39 -28.68
N ASP B 40 -8.75 14.56 -29.38
CA ASP B 40 -7.36 14.83 -29.63
C ASP B 40 -6.95 14.16 -30.93
N LYS B 41 -5.80 14.57 -31.45
CA LYS B 41 -5.31 14.10 -32.74
C LYS B 41 -4.48 12.82 -32.62
N VAL B 42 -4.70 12.03 -31.57
CA VAL B 42 -4.01 10.76 -31.39
C VAL B 42 -4.90 9.63 -31.91
N PHE B 43 -4.30 8.68 -32.60
CA PHE B 43 -5.03 7.54 -33.13
C PHE B 43 -5.28 6.50 -32.04
N ARG B 44 -6.45 5.88 -32.07
CA ARG B 44 -6.80 4.78 -31.19
C ARG B 44 -7.73 3.84 -31.91
N SER B 45 -7.58 2.54 -31.66
CA SER B 45 -8.39 1.52 -32.33
C SER B 45 -8.73 0.41 -31.36
N SER B 46 -9.95 -0.11 -31.47
CA SER B 46 -10.44 -1.22 -30.65
C SER B 46 -10.17 -0.96 -29.17
N VAL B 47 -10.67 0.19 -28.70
CA VAL B 47 -10.54 0.55 -27.29
C VAL B 47 -11.70 1.48 -26.93
N LEU B 48 -12.11 1.42 -25.68
CA LEU B 48 -13.12 2.32 -25.14
C LEU B 48 -12.40 3.35 -24.28
N HIS B 49 -12.48 4.62 -24.69
CA HIS B 49 -11.64 5.67 -24.13
C HIS B 49 -12.51 6.71 -23.43
N SER B 50 -12.26 6.90 -22.14
CA SER B 50 -12.96 7.91 -21.37
C SER B 50 -12.27 9.27 -21.53
N THR B 51 -13.07 10.31 -21.71
CA THR B 51 -12.54 11.66 -21.81
C THR B 51 -13.56 12.64 -21.23
N GLN B 52 -13.05 13.68 -20.58
CA GLN B 52 -13.87 14.77 -20.06
C GLN B 52 -13.56 16.03 -20.84
N ASP B 53 -14.57 16.57 -21.50
CA ASP B 53 -14.40 17.77 -22.32
C ASP B 53 -15.77 18.40 -22.53
N LEU B 54 -15.76 19.57 -23.17
CA LEU B 54 -16.99 20.28 -23.48
C LEU B 54 -17.69 19.57 -24.63
N PHE B 55 -18.74 18.82 -24.29
CA PHE B 55 -19.52 18.07 -25.25
C PHE B 55 -20.97 18.54 -25.22
N LEU B 56 -21.67 18.30 -26.31
CA LEU B 56 -23.11 18.51 -26.33
C LEU B 56 -23.77 17.38 -25.56
N PRO B 57 -24.45 17.64 -24.44
CA PRO B 57 -25.07 16.55 -23.68
C PRO B 57 -26.05 15.76 -24.55
N PHE B 58 -26.07 14.45 -24.34
CA PHE B 58 -27.01 13.60 -25.06
C PHE B 58 -28.44 13.97 -24.68
N PHE B 59 -29.33 13.91 -25.68
CA PHE B 59 -30.76 14.10 -25.47
C PHE B 59 -31.06 15.46 -24.84
N SER B 60 -30.28 16.47 -25.14
CA SER B 60 -30.55 17.83 -24.65
C SER B 60 -31.42 18.56 -25.70
N ASN B 61 -32.28 19.49 -25.28
CA ASN B 61 -33.14 20.20 -26.23
C ASN B 61 -32.30 21.18 -27.03
N VAL B 62 -31.95 20.86 -28.28
CA VAL B 62 -31.19 21.83 -29.09
C VAL B 62 -32.16 22.84 -29.73
N THR B 63 -31.87 24.16 -29.71
CA THR B 63 -32.82 25.09 -30.29
C THR B 63 -32.83 24.95 -31.81
N TRP B 64 -33.98 25.26 -32.39
CA TRP B 64 -34.28 24.90 -33.78
C TRP B 64 -34.80 26.13 -34.52
N PHE B 65 -34.23 26.37 -35.71
CA PHE B 65 -34.54 27.57 -36.49
C PHE B 65 -34.81 27.18 -37.93
N HIS B 66 -35.71 27.94 -38.57
CA HIS B 66 -36.18 27.64 -39.92
C HIS B 66 -35.93 28.82 -40.85
N ALA B 67 -35.65 28.50 -42.11
CA ALA B 67 -35.82 29.42 -43.24
C ALA B 67 -36.86 28.81 -44.16
N ILE B 68 -37.93 29.56 -44.44
CA ILE B 68 -39.07 29.03 -45.19
C ILE B 68 -39.50 30.07 -46.21
N HIS B 69 -39.72 29.62 -47.44
CA HIS B 69 -40.25 30.48 -48.50
C HIS B 69 -39.54 31.83 -48.53
N LYS B 77 -41.28 34.02 -45.87
CA LYS B 77 -42.25 33.67 -44.84
C LYS B 77 -41.58 33.58 -43.48
N ARG B 78 -40.51 32.81 -43.37
CA ARG B 78 -39.71 32.73 -42.17
C ARG B 78 -38.23 32.79 -42.55
N PHE B 79 -37.49 33.64 -41.85
CA PHE B 79 -36.06 33.81 -42.07
C PHE B 79 -35.42 34.13 -40.72
N ASP B 80 -34.98 33.08 -40.02
CA ASP B 80 -34.66 33.18 -38.60
C ASP B 80 -33.15 33.34 -38.44
N ASN B 81 -32.70 34.56 -38.13
CA ASN B 81 -31.29 34.85 -37.91
C ASN B 81 -31.09 35.61 -36.60
N PRO B 82 -31.48 35.01 -35.47
CA PRO B 82 -31.31 35.71 -34.19
C PRO B 82 -29.86 35.73 -33.73
N VAL B 83 -29.55 36.71 -32.90
CA VAL B 83 -28.25 36.75 -32.22
C VAL B 83 -28.34 35.87 -30.98
N LEU B 84 -27.57 34.78 -30.98
CA LEU B 84 -27.70 33.77 -29.94
C LEU B 84 -26.53 33.83 -28.96
N PRO B 85 -26.73 33.44 -27.71
CA PRO B 85 -25.61 33.34 -26.77
C PRO B 85 -24.55 32.36 -27.24
N PHE B 86 -23.32 32.54 -26.79
CA PHE B 86 -22.22 31.62 -27.10
C PHE B 86 -21.41 31.46 -25.81
N ASN B 87 -21.70 30.41 -25.05
CA ASN B 87 -21.06 30.18 -23.77
C ASN B 87 -20.68 28.71 -23.65
N ASP B 88 -19.45 28.46 -23.22
CA ASP B 88 -18.95 27.10 -23.01
C ASP B 88 -19.12 26.26 -24.28
N GLY B 89 -18.85 26.87 -25.44
CA GLY B 89 -18.89 26.13 -26.69
C GLY B 89 -20.28 26.01 -27.28
N VAL B 90 -20.36 25.90 -28.60
CA VAL B 90 -21.62 25.75 -29.32
C VAL B 90 -21.53 24.58 -30.28
N TYR B 91 -22.60 23.80 -30.36
CA TYR B 91 -22.77 22.80 -31.41
C TYR B 91 -23.77 23.34 -32.42
N PHE B 92 -23.35 23.46 -33.67
CA PHE B 92 -24.18 23.98 -34.75
C PHE B 92 -24.31 22.93 -35.85
N ALA B 93 -25.53 22.74 -36.34
CA ALA B 93 -25.78 21.81 -37.42
C ALA B 93 -26.92 22.34 -38.28
N SER B 94 -26.89 22.02 -39.56
CA SER B 94 -27.90 22.47 -40.50
C SER B 94 -28.22 21.36 -41.50
N THR B 95 -29.50 21.01 -41.58
CA THR B 95 -30.01 20.16 -42.66
C THR B 95 -30.36 21.09 -43.81
N GLU B 96 -29.60 21.00 -44.90
CA GLU B 96 -29.50 22.09 -45.85
C GLU B 96 -29.68 21.62 -47.28
N LYS B 97 -30.56 22.29 -48.01
CA LYS B 97 -30.64 22.19 -49.46
C LYS B 97 -30.47 23.58 -50.05
N SER B 98 -30.00 23.63 -51.30
CA SER B 98 -29.86 24.88 -52.03
C SER B 98 -28.91 25.86 -51.35
N ASN B 99 -28.00 25.35 -50.51
CA ASN B 99 -26.90 26.13 -49.94
C ASN B 99 -27.37 27.47 -49.37
N ILE B 100 -28.13 27.39 -48.29
CA ILE B 100 -28.70 28.59 -47.68
C ILE B 100 -27.84 29.09 -46.53
N ILE B 101 -27.30 28.20 -45.70
CA ILE B 101 -26.44 28.61 -44.59
C ILE B 101 -25.04 28.86 -45.14
N ARG B 102 -24.50 30.06 -44.88
CA ARG B 102 -23.25 30.49 -45.50
C ARG B 102 -22.33 31.21 -44.51
N GLY B 103 -22.30 30.78 -43.25
CA GLY B 103 -21.34 31.32 -42.31
C GLY B 103 -21.94 31.82 -41.01
N TRP B 104 -21.13 32.51 -40.19
CA TRP B 104 -21.55 32.92 -38.87
C TRP B 104 -20.84 34.21 -38.48
N ILE B 105 -21.43 34.88 -37.49
CA ILE B 105 -20.81 36.02 -36.81
C ILE B 105 -20.57 35.61 -35.36
N PHE B 106 -19.40 35.92 -34.83
CA PHE B 106 -19.08 35.72 -33.43
C PHE B 106 -18.51 37.01 -32.87
N GLY B 107 -18.85 37.30 -31.62
CA GLY B 107 -18.32 38.49 -30.98
C GLY B 107 -18.95 38.69 -29.63
N THR B 108 -18.71 39.88 -29.05
CA THR B 108 -19.28 40.24 -27.76
C THR B 108 -20.12 41.50 -27.79
N THR B 109 -19.92 42.38 -28.78
CA THR B 109 -20.80 43.54 -28.97
C THR B 109 -21.34 43.68 -30.39
N LEU B 110 -20.60 43.26 -31.41
CA LEU B 110 -21.05 43.26 -32.79
C LEU B 110 -21.35 44.66 -33.32
N ASP B 111 -20.80 45.71 -32.67
CA ASP B 111 -21.05 47.08 -33.10
C ASP B 111 -19.76 47.89 -33.22
N SER B 112 -18.62 47.23 -33.40
CA SER B 112 -17.32 47.86 -33.62
C SER B 112 -16.79 48.56 -32.38
N LYS B 113 -17.45 48.40 -31.23
CA LYS B 113 -16.81 48.72 -29.97
C LYS B 113 -15.70 47.73 -29.65
N THR B 114 -15.80 46.52 -30.20
CA THR B 114 -14.87 45.43 -29.92
C THR B 114 -14.66 44.63 -31.19
N GLN B 115 -13.64 43.78 -31.17
CA GLN B 115 -13.38 42.92 -32.32
C GLN B 115 -14.44 41.84 -32.44
N SER B 116 -14.55 41.28 -33.65
CA SER B 116 -15.50 40.21 -33.90
C SER B 116 -14.96 39.33 -35.01
N LEU B 117 -15.40 38.08 -35.01
CA LEU B 117 -14.94 37.08 -35.97
C LEU B 117 -16.00 36.88 -37.05
N LEU B 118 -15.58 36.94 -38.30
CA LEU B 118 -16.44 36.71 -39.44
C LEU B 118 -15.97 35.45 -40.18
N ILE B 119 -16.88 34.47 -40.31
CA ILE B 119 -16.67 33.32 -41.17
C ILE B 119 -17.78 33.32 -42.21
N VAL B 120 -17.40 33.45 -43.48
CA VAL B 120 -18.34 33.62 -44.58
C VAL B 120 -17.95 32.69 -45.72
N ASN B 121 -18.94 32.00 -46.27
CA ASN B 121 -18.75 31.14 -47.44
C ASN B 121 -19.41 31.83 -48.63
N ASN B 122 -18.70 32.79 -49.21
CA ASN B 122 -19.27 33.48 -50.36
C ASN B 122 -18.98 32.69 -51.64
N ALA B 123 -19.67 33.06 -52.71
CA ALA B 123 -19.77 32.17 -53.86
C ALA B 123 -18.41 31.84 -54.45
N THR B 124 -17.40 32.68 -54.23
CA THR B 124 -16.09 32.47 -54.83
C THR B 124 -15.09 31.81 -53.90
N ASN B 125 -15.15 32.09 -52.60
CA ASN B 125 -14.22 31.47 -51.65
C ASN B 125 -14.72 31.65 -50.24
N VAL B 126 -14.23 30.78 -49.35
CA VAL B 126 -14.44 30.97 -47.92
C VAL B 126 -13.46 32.03 -47.42
N VAL B 127 -13.97 32.97 -46.64
CA VAL B 127 -13.16 34.04 -46.08
C VAL B 127 -13.37 34.09 -44.57
N ILE B 128 -12.29 34.12 -43.82
CA ILE B 128 -12.32 34.26 -42.36
C ILE B 128 -11.57 35.53 -42.01
N LYS B 129 -12.21 36.41 -41.24
CA LYS B 129 -11.64 37.70 -40.94
C LYS B 129 -12.09 38.14 -39.55
N VAL B 130 -11.15 38.72 -38.81
CA VAL B 130 -11.41 39.27 -37.47
C VAL B 130 -11.19 40.78 -37.56
N CYS B 131 -12.25 41.54 -37.32
CA CYS B 131 -12.19 42.99 -37.41
C CYS B 131 -13.14 43.61 -36.42
N GLU B 132 -12.99 44.91 -36.20
CA GLU B 132 -13.99 45.69 -35.47
C GLU B 132 -15.18 45.98 -36.37
N PHE B 133 -15.93 44.95 -36.73
CA PHE B 133 -17.01 45.09 -37.69
C PHE B 133 -18.15 45.93 -37.13
N GLN B 134 -18.75 46.75 -37.98
CA GLN B 134 -20.04 47.39 -37.70
C GLN B 134 -21.11 46.55 -38.37
N PHE B 135 -21.67 45.59 -37.62
CA PHE B 135 -22.63 44.67 -38.20
C PHE B 135 -24.01 45.30 -38.28
N CYS B 136 -24.84 44.72 -39.14
CA CYS B 136 -26.19 45.20 -39.39
C CYS B 136 -27.19 44.45 -38.52
N ASN B 137 -28.37 45.04 -38.35
CA ASN B 137 -29.41 44.41 -37.54
C ASN B 137 -29.77 43.04 -38.09
N ASP B 138 -29.96 42.95 -39.41
CA ASP B 138 -30.28 41.70 -40.08
C ASP B 138 -29.26 41.42 -41.18
N PRO B 139 -28.15 40.75 -40.89
CA PRO B 139 -27.17 40.45 -41.93
C PRO B 139 -27.61 39.30 -42.80
N PHE B 140 -27.21 39.35 -44.06
CA PHE B 140 -27.53 38.28 -44.99
C PHE B 140 -26.69 38.42 -46.25
N LEU B 141 -26.58 37.32 -46.98
CA LEU B 141 -26.14 37.31 -48.36
C LEU B 141 -27.37 37.13 -49.25
N GLY B 142 -27.16 37.29 -50.55
CA GLY B 142 -28.29 37.27 -51.47
C GLY B 142 -27.91 36.65 -52.79
N VAL B 143 -28.92 36.09 -53.47
CA VAL B 143 -28.75 35.42 -54.75
C VAL B 143 -29.93 35.79 -55.64
N TYR B 144 -29.64 36.17 -56.89
CA TYR B 144 -30.69 36.37 -57.87
C TYR B 144 -31.15 35.03 -58.42
N TYR B 145 -32.46 34.79 -58.39
CA TYR B 145 -33.03 33.48 -58.71
C TYR B 145 -33.29 33.37 -60.20
N HIS B 146 -32.44 32.60 -60.89
CA HIS B 146 -32.67 32.18 -62.28
C HIS B 146 -33.22 33.32 -63.13
N LYS B 147 -32.51 34.45 -63.16
CA LYS B 147 -32.96 35.62 -63.92
C LYS B 147 -32.46 35.52 -65.35
N ASN B 148 -33.20 34.78 -66.18
CA ASN B 148 -33.00 34.74 -67.63
C ASN B 148 -31.56 34.37 -67.99
N ASN B 149 -30.88 33.71 -67.07
CA ASN B 149 -29.57 33.12 -67.32
C ASN B 149 -29.56 31.63 -67.01
N LYS B 150 -30.68 31.08 -66.53
CA LYS B 150 -30.78 29.70 -66.04
C LYS B 150 -29.62 29.34 -65.13
N SER B 151 -29.08 30.33 -64.42
CA SER B 151 -28.13 30.11 -63.34
C SER B 151 -28.45 31.04 -62.18
N TRP B 152 -28.37 30.50 -60.97
CA TRP B 152 -28.49 31.33 -59.78
C TRP B 152 -27.20 32.08 -59.54
N MET B 153 -27.30 33.37 -59.22
CA MET B 153 -26.16 34.26 -59.16
C MET B 153 -26.20 35.07 -57.88
N GLU B 154 -25.08 35.06 -57.15
CA GLU B 154 -24.97 35.89 -55.95
C GLU B 154 -24.82 37.36 -56.35
N SER B 155 -25.66 38.21 -55.77
CA SER B 155 -25.59 39.63 -56.11
C SER B 155 -25.76 40.56 -54.92
N GLU B 156 -25.88 40.06 -53.69
CA GLU B 156 -26.01 40.90 -52.52
C GLU B 156 -25.09 40.39 -51.41
N PHE B 157 -24.44 41.31 -50.73
CA PHE B 157 -23.57 41.01 -49.58
C PHE B 157 -23.78 42.14 -48.57
N ARG B 158 -24.71 41.93 -47.65
CA ARG B 158 -25.12 42.96 -46.67
C ARG B 158 -25.03 42.35 -45.28
N VAL B 159 -23.83 42.37 -44.70
CA VAL B 159 -23.64 41.86 -43.34
C VAL B 159 -23.02 42.94 -42.46
N TYR B 160 -21.93 43.55 -42.92
CA TYR B 160 -21.27 44.62 -42.18
C TYR B 160 -21.11 45.83 -43.08
N SER B 161 -21.24 47.02 -42.49
CA SER B 161 -21.08 48.26 -43.24
C SER B 161 -19.62 48.66 -43.39
N SER B 162 -18.79 48.43 -42.36
CA SER B 162 -17.38 48.75 -42.44
C SER B 162 -16.62 47.86 -41.47
N ALA B 163 -15.33 47.65 -41.78
CA ALA B 163 -14.43 46.82 -40.98
C ALA B 163 -13.21 47.69 -40.66
N ASN B 164 -13.19 48.27 -39.46
CA ASN B 164 -12.21 49.31 -39.15
C ASN B 164 -10.83 48.72 -38.94
N ASN B 165 -10.62 48.00 -37.84
CA ASN B 165 -9.32 47.44 -37.49
C ASN B 165 -9.41 45.93 -37.63
N CYS B 166 -8.54 45.35 -38.46
CA CYS B 166 -8.49 43.91 -38.67
C CYS B 166 -7.14 43.37 -38.21
N THR B 167 -7.16 42.28 -37.45
CA THR B 167 -5.94 41.63 -36.99
C THR B 167 -5.73 40.24 -37.54
N PHE B 168 -6.78 39.57 -38.02
CA PHE B 168 -6.66 38.26 -38.66
C PHE B 168 -7.44 38.28 -39.97
N GLU B 169 -6.89 37.62 -40.99
CA GLU B 169 -7.56 37.54 -42.28
C GLU B 169 -7.06 36.32 -43.04
N TYR B 170 -7.99 35.49 -43.47
CA TYR B 170 -7.69 34.34 -44.33
C TYR B 170 -8.73 34.25 -45.44
N VAL B 171 -8.29 33.92 -46.64
CA VAL B 171 -9.17 33.69 -47.78
C VAL B 171 -8.71 32.43 -48.50
N SER B 172 -9.63 31.49 -48.69
CA SER B 172 -9.31 30.25 -49.37
C SER B 172 -9.10 30.50 -50.86
N GLN B 173 -8.43 29.55 -51.51
CA GLN B 173 -8.24 29.63 -52.94
C GLN B 173 -9.59 29.64 -53.63
N PRO B 174 -9.82 30.51 -54.61
CA PRO B 174 -11.18 30.68 -55.16
C PRO B 174 -11.71 29.41 -55.82
N PHE B 175 -13.02 29.21 -55.69
CA PHE B 175 -13.72 28.12 -56.35
C PHE B 175 -15.00 28.67 -56.97
N LEU B 176 -15.88 27.79 -57.45
CA LEU B 176 -17.20 28.19 -57.93
C LEU B 176 -18.21 27.11 -57.49
N MET B 177 -18.83 27.33 -56.34
CA MET B 177 -19.89 26.46 -55.88
C MET B 177 -21.23 26.92 -56.42
N ASP B 178 -22.14 25.98 -56.61
CA ASP B 178 -23.45 26.27 -57.17
C ASP B 178 -24.39 26.78 -56.08
N LEU B 179 -25.06 27.88 -56.36
CA LEU B 179 -26.16 28.38 -55.54
C LEU B 179 -27.52 27.98 -56.11
N GLU B 180 -27.54 27.00 -57.01
CA GLU B 180 -28.77 26.62 -57.68
C GLU B 180 -29.82 26.16 -56.68
N GLY B 181 -31.06 26.57 -56.90
CA GLY B 181 -32.15 26.13 -56.05
C GLY B 181 -32.42 24.65 -56.18
N LYS B 182 -32.06 23.90 -55.14
CA LYS B 182 -32.41 22.48 -55.05
C LYS B 182 -33.62 22.32 -54.15
N GLN B 183 -34.51 21.39 -54.53
CA GLN B 183 -35.78 21.26 -53.83
C GLN B 183 -36.04 19.85 -53.36
N GLY B 184 -37.25 19.58 -52.89
CA GLY B 184 -37.56 18.32 -52.26
C GLY B 184 -37.21 18.36 -50.78
N ASN B 185 -36.57 17.32 -50.29
CA ASN B 185 -36.17 17.25 -48.89
C ASN B 185 -34.71 17.70 -48.77
N PHE B 186 -34.17 17.63 -47.56
CA PHE B 186 -32.81 18.08 -47.30
C PHE B 186 -31.84 16.93 -47.59
N LYS B 187 -30.80 17.23 -48.36
CA LYS B 187 -29.87 16.21 -48.82
C LYS B 187 -28.49 16.31 -48.19
N ASN B 188 -28.18 17.39 -47.49
CA ASN B 188 -26.88 17.56 -46.84
C ASN B 188 -27.08 17.92 -45.38
N LEU B 189 -26.33 17.25 -44.51
CA LEU B 189 -26.25 17.58 -43.10
C LEU B 189 -24.82 18.02 -42.79
N ARG B 190 -24.67 19.25 -42.32
CA ARG B 190 -23.36 19.79 -41.95
C ARG B 190 -23.37 20.08 -40.46
N GLU B 191 -22.32 19.67 -39.77
CA GLU B 191 -22.25 19.78 -38.32
C GLU B 191 -20.98 20.53 -37.95
N PHE B 192 -21.09 21.40 -36.93
CA PHE B 192 -19.95 22.18 -36.48
C PHE B 192 -19.98 22.30 -34.97
N VAL B 193 -18.80 22.20 -34.37
CA VAL B 193 -18.59 22.50 -32.95
C VAL B 193 -17.66 23.70 -32.87
N PHE B 194 -18.04 24.70 -32.08
CA PHE B 194 -17.23 25.89 -31.88
C PHE B 194 -16.85 26.00 -30.42
N LYS B 195 -15.55 26.12 -30.17
CA LYS B 195 -15.03 26.35 -28.83
C LYS B 195 -14.01 27.46 -28.88
N ASN B 196 -14.11 28.41 -27.96
CA ASN B 196 -13.17 29.53 -27.85
C ASN B 196 -12.45 29.39 -26.51
N ILE B 197 -11.29 28.75 -26.54
CA ILE B 197 -10.55 28.40 -25.32
C ILE B 197 -9.18 29.08 -25.37
N ASP B 198 -8.90 29.90 -24.36
CA ASP B 198 -7.60 30.53 -24.18
C ASP B 198 -7.07 31.13 -25.48
N GLY B 199 -7.91 31.94 -26.13
CA GLY B 199 -7.51 32.68 -27.30
C GLY B 199 -7.56 31.93 -28.61
N TYR B 200 -7.75 30.61 -28.58
CA TYR B 200 -7.86 29.82 -29.78
C TYR B 200 -9.32 29.47 -30.05
N PHE B 201 -9.78 29.77 -31.26
CA PHE B 201 -11.13 29.41 -31.69
C PHE B 201 -11.05 28.12 -32.50
N LYS B 202 -11.65 27.06 -31.96
CA LYS B 202 -11.53 25.71 -32.52
C LYS B 202 -12.81 25.32 -33.24
N ILE B 203 -12.66 24.76 -34.43
CA ILE B 203 -13.79 24.30 -35.24
C ILE B 203 -13.61 22.82 -35.53
N TYR B 204 -14.64 22.03 -35.24
CA TYR B 204 -14.73 20.64 -35.68
C TYR B 204 -15.97 20.54 -36.55
N SER B 205 -15.84 19.84 -37.68
CA SER B 205 -16.95 19.77 -38.63
C SER B 205 -17.03 18.39 -39.25
N LYS B 206 -18.25 18.01 -39.64
CA LYS B 206 -18.51 16.76 -40.32
C LYS B 206 -19.63 16.96 -41.34
N HIS B 207 -19.59 16.18 -42.40
CA HIS B 207 -20.61 16.23 -43.45
C HIS B 207 -21.04 14.81 -43.80
N THR B 208 -22.36 14.61 -43.92
CA THR B 208 -22.93 13.34 -44.33
C THR B 208 -24.11 13.61 -45.26
N PRO B 209 -24.31 12.76 -46.28
CA PRO B 209 -25.55 12.85 -47.06
C PRO B 209 -26.74 12.37 -46.25
N ILE B 210 -27.90 12.94 -46.55
CA ILE B 210 -29.14 12.59 -45.87
C ILE B 210 -30.29 12.64 -46.88
N ASN B 211 -31.47 12.19 -46.43
CA ASN B 211 -32.66 12.23 -47.27
C ASN B 211 -33.90 12.63 -46.47
N LEU B 212 -33.72 13.34 -45.36
CA LEU B 212 -34.80 13.60 -44.42
C LEU B 212 -35.46 14.93 -44.70
N VAL B 213 -36.69 15.08 -44.21
CA VAL B 213 -37.55 16.18 -44.63
C VAL B 213 -37.52 17.35 -43.65
N ARG B 214 -37.70 17.11 -42.34
CA ARG B 214 -37.93 18.24 -41.44
C ARG B 214 -37.25 18.17 -40.08
N ASP B 215 -36.41 17.17 -39.79
CA ASP B 215 -35.81 17.08 -38.46
C ASP B 215 -34.37 16.61 -38.55
N LEU B 216 -33.63 16.90 -37.49
CA LEU B 216 -32.25 16.47 -37.32
C LEU B 216 -32.17 14.95 -37.32
N PRO B 217 -31.50 14.33 -38.30
CA PRO B 217 -31.53 12.87 -38.39
C PRO B 217 -31.00 12.21 -37.13
N GLN B 218 -31.66 11.12 -36.72
CA GLN B 218 -31.18 10.31 -35.61
C GLN B 218 -30.00 9.47 -36.08
N GLY B 219 -28.87 9.61 -35.41
CA GLY B 219 -27.69 8.84 -35.78
C GLY B 219 -26.50 9.27 -34.97
N PHE B 220 -25.34 8.73 -35.33
CA PHE B 220 -24.09 9.07 -34.66
C PHE B 220 -22.97 9.21 -35.67
N SER B 221 -22.19 10.28 -35.53
CA SER B 221 -20.99 10.49 -36.33
C SER B 221 -20.16 11.56 -35.65
N ALA B 222 -18.85 11.32 -35.51
CA ALA B 222 -17.97 12.22 -34.78
C ALA B 222 -17.33 13.22 -35.73
N LEU B 223 -17.17 14.45 -35.23
CA LEU B 223 -16.61 15.54 -36.03
C LEU B 223 -15.09 15.56 -35.90
N GLU B 224 -14.40 15.52 -37.03
CA GLU B 224 -12.95 15.71 -37.02
C GLU B 224 -12.63 17.20 -36.88
N PRO B 225 -11.59 17.55 -36.14
CA PRO B 225 -11.11 18.94 -36.17
C PRO B 225 -10.59 19.30 -37.54
N LEU B 226 -10.87 20.52 -37.98
CA LEU B 226 -10.41 21.00 -39.28
C LEU B 226 -9.51 22.21 -39.22
N VAL B 227 -9.82 23.19 -38.36
CA VAL B 227 -9.05 24.43 -38.30
C VAL B 227 -9.12 24.98 -36.88
N ASP B 228 -8.05 25.67 -36.49
CA ASP B 228 -7.96 26.31 -35.17
C ASP B 228 -7.36 27.68 -35.39
N LEU B 229 -8.17 28.73 -35.22
CA LEU B 229 -7.73 30.08 -35.54
C LEU B 229 -7.35 30.83 -34.28
N PRO B 230 -6.25 31.58 -34.28
CA PRO B 230 -5.80 32.32 -33.09
C PRO B 230 -6.38 33.73 -32.99
N ILE B 231 -7.71 33.83 -32.99
CA ILE B 231 -8.34 35.14 -33.04
C ILE B 231 -8.08 35.93 -31.77
N GLY B 232 -8.19 35.27 -30.61
CA GLY B 232 -7.90 35.93 -29.35
C GLY B 232 -8.90 37.00 -28.92
N ILE B 233 -10.17 36.85 -29.27
CA ILE B 233 -11.20 37.84 -28.95
C ILE B 233 -12.18 37.26 -27.95
N ASN B 234 -12.71 38.13 -27.10
CA ASN B 234 -13.81 37.75 -26.21
C ASN B 234 -15.07 37.53 -27.05
N ILE B 235 -15.72 36.40 -26.83
CA ILE B 235 -16.92 36.02 -27.57
C ILE B 235 -18.03 35.75 -26.56
N THR B 236 -19.21 36.32 -26.81
CA THR B 236 -20.37 36.11 -25.96
C THR B 236 -21.63 35.76 -26.73
N ARG B 237 -21.75 36.13 -28.00
CA ARG B 237 -22.92 35.84 -28.81
C ARG B 237 -22.47 35.50 -30.22
N PHE B 238 -23.38 34.98 -31.02
CA PHE B 238 -23.06 34.62 -32.39
C PHE B 238 -24.35 34.63 -33.20
N GLN B 239 -24.19 34.59 -34.52
CA GLN B 239 -25.32 34.72 -35.42
C GLN B 239 -24.95 34.14 -36.78
N THR B 240 -25.81 33.26 -37.30
CA THR B 240 -25.53 32.62 -38.57
C THR B 240 -25.95 33.53 -39.73
N LEU B 241 -25.24 33.40 -40.85
CA LEU B 241 -25.51 34.18 -42.04
C LEU B 241 -26.17 33.29 -43.09
N LEU B 242 -27.37 33.69 -43.52
CA LEU B 242 -28.15 32.94 -44.49
C LEU B 242 -28.19 33.66 -45.82
N ALA B 243 -28.28 32.89 -46.90
CA ALA B 243 -28.42 33.45 -48.24
C ALA B 243 -29.89 33.75 -48.52
N LEU B 244 -30.20 35.01 -48.78
CA LEU B 244 -31.58 35.41 -49.06
C LEU B 244 -32.06 34.79 -50.37
N SER B 254 -38.23 45.61 -53.49
CA SER B 254 -36.91 46.20 -53.61
C SER B 254 -36.01 45.77 -52.45
N SER B 255 -36.03 46.55 -51.38
CA SER B 255 -35.22 46.25 -50.20
C SER B 255 -35.90 45.24 -49.30
N SER B 256 -37.21 45.36 -49.17
CA SER B 256 -37.99 44.44 -48.34
C SER B 256 -38.93 43.58 -49.17
N GLY B 257 -39.28 42.41 -48.64
CA GLY B 257 -40.16 41.50 -49.34
C GLY B 257 -39.41 40.54 -50.23
N TRP B 258 -39.25 39.30 -49.76
CA TRP B 258 -38.48 38.30 -50.51
C TRP B 258 -39.02 36.89 -50.34
N THR B 259 -38.15 35.91 -50.60
CA THR B 259 -38.47 34.50 -50.48
C THR B 259 -37.30 33.78 -49.82
N ALA B 260 -37.57 33.03 -48.76
CA ALA B 260 -36.54 32.30 -48.05
C ALA B 260 -36.43 30.86 -48.53
N GLY B 261 -35.20 30.37 -48.64
CA GLY B 261 -34.97 29.01 -49.11
C GLY B 261 -35.27 27.98 -48.03
N ALA B 262 -35.98 26.92 -48.42
CA ALA B 262 -36.34 25.86 -47.48
C ALA B 262 -35.11 25.27 -46.82
N ALA B 263 -34.76 25.79 -45.64
CA ALA B 263 -33.60 25.32 -44.90
C ALA B 263 -33.85 25.37 -43.40
N ALA B 264 -33.06 24.59 -42.65
CA ALA B 264 -33.18 24.55 -41.21
C ALA B 264 -31.80 24.40 -40.59
N TYR B 265 -31.61 24.95 -39.40
CA TYR B 265 -30.38 24.77 -38.66
C TYR B 265 -30.69 24.69 -37.17
N TYR B 266 -29.78 24.05 -36.43
CA TYR B 266 -30.00 23.71 -35.04
C TYR B 266 -28.80 24.13 -34.22
N VAL B 267 -29.04 24.55 -32.98
CA VAL B 267 -28.00 25.06 -32.10
C VAL B 267 -28.16 24.45 -30.72
N GLY B 268 -27.07 23.85 -30.22
CA GLY B 268 -26.99 23.43 -28.83
C GLY B 268 -25.75 24.05 -28.19
N TYR B 269 -25.70 23.98 -26.87
CA TYR B 269 -24.60 24.53 -26.10
C TYR B 269 -23.88 23.42 -25.36
N LEU B 270 -22.56 23.36 -25.50
CA LEU B 270 -21.77 22.31 -24.88
C LEU B 270 -21.61 22.56 -23.38
N GLN B 271 -21.37 21.46 -22.66
CA GLN B 271 -21.08 21.52 -21.24
C GLN B 271 -19.95 20.54 -20.94
N PRO B 272 -19.19 20.79 -19.87
CA PRO B 272 -18.11 19.86 -19.53
C PRO B 272 -18.63 18.54 -19.00
N ARG B 273 -18.54 17.49 -19.81
CA ARG B 273 -19.13 16.20 -19.49
C ARG B 273 -18.14 15.09 -19.81
N THR B 274 -18.20 14.01 -19.03
CA THR B 274 -17.39 12.84 -19.28
C THR B 274 -18.07 11.96 -20.32
N PHE B 275 -17.33 11.60 -21.37
CA PHE B 275 -17.83 10.77 -22.45
C PHE B 275 -16.95 9.54 -22.61
N LEU B 276 -17.59 8.38 -22.73
CA LEU B 276 -16.90 7.13 -23.05
C LEU B 276 -17.06 6.88 -24.55
N LEU B 277 -15.94 6.82 -25.26
CA LEU B 277 -15.93 6.75 -26.71
C LEU B 277 -15.42 5.39 -27.17
N LYS B 278 -16.12 4.77 -28.11
CA LYS B 278 -15.72 3.49 -28.66
C LYS B 278 -15.02 3.70 -29.99
N TYR B 279 -13.77 3.25 -30.07
CA TYR B 279 -13.03 3.22 -31.32
C TYR B 279 -13.12 1.83 -31.92
N ASN B 280 -13.39 1.76 -33.22
CA ASN B 280 -13.46 0.48 -33.91
C ASN B 280 -12.05 0.06 -34.36
N GLU B 281 -12.00 -1.07 -35.06
CA GLU B 281 -10.74 -1.59 -35.57
C GLU B 281 -10.07 -0.56 -36.47
N ASN B 282 -10.88 0.19 -37.22
CA ASN B 282 -10.36 1.20 -38.12
C ASN B 282 -10.02 2.50 -37.41
N GLY B 283 -10.22 2.55 -36.10
CA GLY B 283 -9.85 3.70 -35.31
C GLY B 283 -10.73 4.91 -35.49
N THR B 284 -11.96 4.71 -35.97
CA THR B 284 -12.94 5.77 -36.07
C THR B 284 -13.92 5.65 -34.91
N ILE B 285 -14.17 6.78 -34.23
CA ILE B 285 -15.11 6.75 -33.11
C ILE B 285 -16.46 6.30 -33.63
N THR B 286 -16.93 5.17 -33.13
CA THR B 286 -18.12 4.51 -33.65
C THR B 286 -19.32 4.57 -32.73
N ASP B 287 -19.11 4.71 -31.42
CA ASP B 287 -20.22 4.85 -30.48
C ASP B 287 -19.71 5.65 -29.29
N ALA B 288 -20.65 6.18 -28.49
CA ALA B 288 -20.31 6.99 -27.35
C ALA B 288 -21.36 6.87 -26.27
N VAL B 289 -20.95 7.08 -25.02
CA VAL B 289 -21.83 7.04 -23.87
C VAL B 289 -21.60 8.31 -23.05
N ASP B 290 -22.68 8.99 -22.68
CA ASP B 290 -22.62 10.18 -21.85
C ASP B 290 -22.77 9.77 -20.39
N CYS B 291 -21.71 9.98 -19.61
CA CYS B 291 -21.66 9.49 -18.24
C CYS B 291 -22.72 10.11 -17.32
N ALA B 292 -23.44 11.13 -17.79
CA ALA B 292 -24.45 11.78 -16.96
C ALA B 292 -25.80 11.90 -17.66
N LEU B 293 -26.00 11.20 -18.77
CA LEU B 293 -27.31 11.19 -19.42
C LEU B 293 -28.37 10.65 -18.48
N ASP B 294 -28.05 9.56 -17.78
CA ASP B 294 -28.96 8.96 -16.81
C ASP B 294 -28.15 8.01 -15.94
N PRO B 295 -28.75 7.52 -14.84
CA PRO B 295 -27.99 6.59 -13.97
C PRO B 295 -27.49 5.35 -14.69
N LEU B 296 -28.24 4.82 -15.66
CA LEU B 296 -27.75 3.67 -16.40
C LEU B 296 -26.45 4.00 -17.11
N SER B 297 -26.39 5.17 -17.76
CA SER B 297 -25.18 5.55 -18.49
C SER B 297 -24.00 5.70 -17.56
N GLU B 298 -24.23 6.13 -16.32
CA GLU B 298 -23.13 6.21 -15.36
C GLU B 298 -22.49 4.84 -15.14
N THR B 299 -23.31 3.80 -14.99
CA THR B 299 -22.78 2.46 -14.80
C THR B 299 -21.99 2.01 -16.02
N LYS B 300 -22.56 2.24 -17.22
CA LYS B 300 -21.78 1.99 -18.43
C LYS B 300 -20.47 2.76 -18.40
N CYS B 301 -20.53 4.01 -17.98
CA CYS B 301 -19.31 4.81 -17.87
C CYS B 301 -18.37 4.24 -16.82
N THR B 302 -18.90 3.91 -15.63
CA THR B 302 -18.05 3.41 -14.56
C THR B 302 -17.42 2.07 -14.93
N LEU B 303 -18.19 1.17 -15.54
CA LEU B 303 -17.67 -0.12 -15.96
C LEU B 303 -16.86 -0.03 -17.25
N LYS B 304 -16.84 1.12 -17.90
CA LYS B 304 -16.16 1.29 -19.18
C LYS B 304 -16.56 0.19 -20.15
N SER B 305 -17.87 0.00 -20.29
CA SER B 305 -18.42 -0.99 -21.19
C SER B 305 -19.81 -0.55 -21.61
N PHE B 306 -20.12 -0.75 -22.89
CA PHE B 306 -21.44 -0.38 -23.40
C PHE B 306 -22.52 -1.39 -23.02
N THR B 307 -22.14 -2.60 -22.66
CA THR B 307 -23.08 -3.64 -22.25
C THR B 307 -22.88 -3.94 -20.77
N VAL B 308 -23.97 -3.89 -20.01
CA VAL B 308 -23.94 -4.13 -18.56
C VAL B 308 -24.77 -5.37 -18.27
N GLU B 309 -24.18 -6.31 -17.54
CA GLU B 309 -24.86 -7.55 -17.21
C GLU B 309 -25.90 -7.32 -16.11
N LYS B 310 -26.76 -8.32 -15.94
CA LYS B 310 -27.78 -8.29 -14.89
C LYS B 310 -27.15 -8.11 -13.52
N GLY B 311 -27.71 -7.22 -12.73
CA GLY B 311 -27.25 -7.03 -11.37
C GLY B 311 -27.65 -5.67 -10.85
N ILE B 312 -27.10 -5.35 -9.68
CA ILE B 312 -27.27 -4.05 -9.04
C ILE B 312 -25.89 -3.42 -8.87
N TYR B 313 -25.74 -2.19 -9.33
CA TYR B 313 -24.45 -1.51 -9.37
C TYR B 313 -24.52 -0.24 -8.55
N GLN B 314 -23.53 -0.05 -7.68
CA GLN B 314 -23.42 1.18 -6.91
C GLN B 314 -22.92 2.31 -7.79
N THR B 315 -23.41 3.52 -7.52
CA THR B 315 -23.01 4.69 -8.30
C THR B 315 -22.63 5.85 -7.37
N SER B 316 -22.40 7.03 -7.95
CA SER B 316 -22.03 8.19 -7.16
C SER B 316 -23.11 8.54 -6.15
N ASN B 317 -22.69 9.01 -4.98
CA ASN B 317 -23.64 9.52 -4.01
C ASN B 317 -24.48 10.64 -4.64
N PHE B 318 -25.74 10.71 -4.26
CA PHE B 318 -26.61 11.76 -4.76
C PHE B 318 -26.08 13.12 -4.32
N ARG B 319 -25.81 14.00 -5.29
CA ARG B 319 -25.21 15.29 -5.02
C ARG B 319 -26.00 16.39 -5.70
N VAL B 320 -26.20 17.49 -4.96
CA VAL B 320 -26.94 18.65 -5.45
C VAL B 320 -25.93 19.72 -5.87
N GLN B 321 -26.12 20.28 -7.04
CA GLN B 321 -25.28 21.37 -7.50
C GLN B 321 -25.67 22.68 -6.80
N PRO B 322 -24.72 23.57 -6.57
CA PRO B 322 -25.04 24.83 -5.89
C PRO B 322 -26.00 25.67 -6.69
N THR B 323 -26.90 26.37 -5.98
CA THR B 323 -27.88 27.21 -6.64
C THR B 323 -27.30 28.54 -7.06
N GLU B 324 -26.58 29.22 -6.17
CA GLU B 324 -26.02 30.53 -6.46
C GLU B 324 -24.75 30.72 -5.62
N SER B 325 -23.94 31.68 -6.03
CA SER B 325 -22.77 32.07 -5.27
C SER B 325 -23.15 33.05 -4.17
N ILE B 326 -22.37 33.04 -3.10
CA ILE B 326 -22.51 33.99 -2.00
C ILE B 326 -21.12 34.42 -1.55
N VAL B 327 -20.95 35.70 -1.29
CA VAL B 327 -19.69 36.28 -0.85
C VAL B 327 -19.97 37.13 0.38
N ARG B 328 -19.13 36.97 1.41
CA ARG B 328 -19.29 37.69 2.68
C ARG B 328 -17.93 38.21 3.15
N PHE B 329 -17.70 39.49 2.95
CA PHE B 329 -16.52 40.15 3.47
C PHE B 329 -16.92 41.11 4.58
N PRO B 330 -16.03 41.38 5.54
CA PRO B 330 -16.32 42.41 6.53
C PRO B 330 -16.38 43.77 5.85
N ASN B 331 -17.41 44.56 6.18
CA ASN B 331 -17.62 45.81 5.47
C ASN B 331 -16.69 46.87 6.03
N ILE B 332 -15.60 47.14 5.31
CA ILE B 332 -14.72 48.28 5.56
C ILE B 332 -14.60 49.04 4.25
N THR B 333 -14.79 50.36 4.32
CA THR B 333 -14.96 51.19 3.14
C THR B 333 -13.69 51.90 2.69
N ASN B 334 -12.78 52.21 3.60
CA ASN B 334 -11.59 52.98 3.26
C ASN B 334 -10.47 52.07 2.77
N LEU B 335 -9.79 52.52 1.72
CA LEU B 335 -8.70 51.75 1.13
C LEU B 335 -7.47 51.77 2.03
N CYS B 336 -6.61 50.76 1.84
CA CYS B 336 -5.43 50.61 2.66
C CYS B 336 -4.44 51.75 2.41
N PRO B 337 -3.57 52.04 3.38
CA PRO B 337 -2.62 53.15 3.21
C PRO B 337 -1.54 52.84 2.20
N PHE B 338 -1.90 52.82 0.91
CA PHE B 338 -0.92 52.55 -0.13
C PHE B 338 -0.01 53.75 -0.34
N GLY B 339 -0.55 54.96 -0.29
CA GLY B 339 0.25 56.15 -0.47
C GLY B 339 1.16 56.48 0.70
N GLU B 340 0.88 55.92 1.88
CA GLU B 340 1.76 56.11 3.02
C GLU B 340 2.79 55.01 3.15
N VAL B 341 2.49 53.82 2.64
CA VAL B 341 3.46 52.74 2.63
C VAL B 341 4.43 52.90 1.46
N PHE B 342 3.89 52.95 0.24
CA PHE B 342 4.71 52.94 -0.95
C PHE B 342 5.14 54.34 -1.42
N ASN B 343 4.58 55.41 -0.85
CA ASN B 343 4.81 56.75 -1.37
C ASN B 343 5.31 57.72 -0.31
N ALA B 344 5.78 57.23 0.83
CA ALA B 344 6.32 58.13 1.85
C ALA B 344 7.61 58.76 1.37
N THR B 345 7.89 59.97 1.88
CA THR B 345 9.07 60.71 1.46
C THR B 345 10.35 60.04 1.95
N ARG B 346 10.34 59.56 3.19
CA ARG B 346 11.53 59.03 3.84
C ARG B 346 11.27 57.62 4.33
N PHE B 347 12.08 56.66 3.87
CA PHE B 347 12.06 55.30 4.38
C PHE B 347 13.10 55.13 5.49
N ALA B 348 12.92 54.07 6.27
CA ALA B 348 13.81 53.78 7.38
C ALA B 348 15.07 53.07 6.91
N SER B 349 16.13 53.19 7.70
CA SER B 349 17.36 52.45 7.43
C SER B 349 17.12 50.96 7.66
N VAL B 350 17.76 50.14 6.83
CA VAL B 350 17.53 48.69 6.90
C VAL B 350 17.85 48.15 8.28
N TYR B 351 18.84 48.72 8.96
CA TYR B 351 19.19 48.24 10.28
C TYR B 351 18.13 48.60 11.31
N ALA B 352 17.37 49.67 11.06
CA ALA B 352 16.31 50.12 11.96
C ALA B 352 14.97 50.10 11.24
N TRP B 353 14.72 49.07 10.43
CA TRP B 353 13.55 49.03 9.56
C TRP B 353 12.26 49.30 10.33
N ASN B 354 11.37 50.04 9.70
CA ASN B 354 10.08 50.39 10.26
C ASN B 354 9.07 49.26 10.09
N ARG B 355 8.10 49.19 11.00
CA ARG B 355 6.97 48.28 10.89
C ARG B 355 5.69 49.04 11.18
N LYS B 356 4.76 49.00 10.23
CA LYS B 356 3.46 49.66 10.36
C LYS B 356 2.36 48.61 10.34
N ARG B 357 1.37 48.77 11.23
CA ARG B 357 0.20 47.90 11.25
C ARG B 357 -0.85 48.43 10.30
N ILE B 358 -1.31 47.56 9.40
CA ILE B 358 -2.35 47.88 8.42
C ILE B 358 -3.61 47.13 8.82
N SER B 359 -4.68 47.86 9.13
CA SER B 359 -5.89 47.25 9.64
C SER B 359 -7.11 48.06 9.19
N ASN B 360 -8.24 47.38 9.06
CA ASN B 360 -9.51 47.99 8.69
C ASN B 360 -9.39 48.78 7.40
N CYS B 361 -9.08 48.05 6.32
CA CYS B 361 -8.90 48.71 5.03
C CYS B 361 -9.10 47.71 3.90
N VAL B 362 -9.28 48.25 2.71
CA VAL B 362 -9.54 47.47 1.50
C VAL B 362 -8.23 47.32 0.73
N ALA B 363 -7.77 46.08 0.57
CA ALA B 363 -6.50 45.82 -0.11
C ALA B 363 -6.67 45.88 -1.63
N ASP B 364 -7.17 47.02 -2.13
CA ASP B 364 -7.36 47.23 -3.57
C ASP B 364 -6.05 47.73 -4.20
N TYR B 365 -5.11 46.81 -4.34
CA TYR B 365 -3.78 47.17 -4.83
C TYR B 365 -3.79 47.64 -6.28
N SER B 366 -4.91 47.51 -6.99
CA SER B 366 -4.96 47.98 -8.38
C SER B 366 -4.69 49.48 -8.48
N VAL B 367 -5.02 50.23 -7.44
CA VAL B 367 -4.99 51.69 -7.53
C VAL B 367 -3.58 52.23 -7.78
N LEU B 368 -2.55 51.47 -7.44
CA LEU B 368 -1.17 51.92 -7.57
C LEU B 368 -0.51 51.45 -8.85
N TYR B 369 -1.24 50.75 -9.73
CA TYR B 369 -0.66 50.30 -10.99
C TYR B 369 -0.03 51.46 -11.76
N ASN B 370 -0.75 52.56 -11.91
CA ASN B 370 -0.25 53.66 -12.73
C ASN B 370 1.12 54.14 -12.27
N SER B 371 1.39 54.11 -10.96
CA SER B 371 2.57 54.76 -10.41
C SER B 371 3.52 53.83 -9.65
N ALA B 372 3.26 52.52 -9.62
CA ALA B 372 4.06 51.62 -8.80
C ALA B 372 5.43 51.33 -9.40
N SER B 373 5.47 50.70 -10.57
CA SER B 373 6.72 50.29 -11.20
C SER B 373 7.59 49.45 -10.27
N PHE B 374 7.00 48.39 -9.74
CA PHE B 374 7.75 47.47 -8.89
C PHE B 374 8.65 46.56 -9.72
N SER B 375 9.93 46.49 -9.34
CA SER B 375 10.84 45.53 -9.94
C SER B 375 10.72 44.14 -9.34
N THR B 376 10.26 44.05 -8.09
CA THR B 376 10.05 42.77 -7.44
C THR B 376 8.68 42.77 -6.78
N PHE B 377 7.91 41.71 -7.02
CA PHE B 377 6.65 41.47 -6.30
C PHE B 377 6.51 39.95 -6.21
N LYS B 378 7.00 39.40 -5.11
CA LYS B 378 7.07 37.95 -4.92
C LYS B 378 6.25 37.57 -3.70
N CYS B 379 5.25 36.71 -3.91
CA CYS B 379 4.41 36.21 -2.83
C CYS B 379 4.85 34.81 -2.44
N TYR B 380 4.74 34.52 -1.14
CA TYR B 380 5.25 33.27 -0.58
C TYR B 380 4.18 32.39 0.04
N GLY B 381 3.10 32.97 0.57
CA GLY B 381 2.05 32.16 1.15
C GLY B 381 0.82 32.09 0.27
N VAL B 382 0.84 32.79 -0.87
CA VAL B 382 -0.32 32.88 -1.75
C VAL B 382 0.17 33.04 -3.18
N SER B 383 -0.68 32.69 -4.12
CA SER B 383 -0.46 33.11 -5.49
C SER B 383 -0.86 34.58 -5.64
N PRO B 384 -0.09 35.36 -6.40
CA PRO B 384 -0.41 36.79 -6.50
C PRO B 384 -1.79 37.05 -7.09
N THR B 385 -2.26 36.19 -7.99
CA THR B 385 -3.57 36.39 -8.58
C THR B 385 -4.68 36.31 -7.54
N LYS B 386 -4.50 35.51 -6.49
CA LYS B 386 -5.54 35.26 -5.52
C LYS B 386 -5.75 36.40 -4.54
N LEU B 387 -4.88 37.41 -4.53
CA LEU B 387 -4.99 38.46 -3.54
C LEU B 387 -6.34 39.14 -3.56
N ASN B 388 -6.95 39.27 -4.75
CA ASN B 388 -8.23 39.95 -4.84
C ASN B 388 -9.36 39.15 -4.18
N ASP B 389 -9.30 37.83 -4.27
CA ASP B 389 -10.36 36.98 -3.76
C ASP B 389 -10.20 36.66 -2.28
N LEU B 390 -9.27 37.31 -1.58
CA LEU B 390 -8.80 36.83 -0.29
C LEU B 390 -8.93 37.93 0.75
N CYS B 391 -8.76 37.55 2.01
CA CYS B 391 -8.80 38.46 3.15
C CYS B 391 -7.64 38.15 4.08
N PHE B 392 -7.26 39.14 4.88
CA PHE B 392 -6.05 39.07 5.69
C PHE B 392 -6.36 39.45 7.13
N THR B 393 -5.75 38.75 8.08
CA THR B 393 -6.10 38.85 9.48
C THR B 393 -5.32 39.92 10.22
N ASN B 394 -3.99 39.82 10.23
CA ASN B 394 -3.14 40.90 10.70
C ASN B 394 -2.06 41.17 9.67
N VAL B 395 -1.85 42.43 9.34
CA VAL B 395 -1.02 42.84 8.22
C VAL B 395 -0.01 43.88 8.71
N TYR B 396 1.27 43.66 8.39
CA TYR B 396 2.34 44.58 8.75
C TYR B 396 3.19 44.86 7.52
N ALA B 397 3.49 46.13 7.29
CA ALA B 397 4.37 46.55 6.20
C ALA B 397 5.73 46.94 6.77
N ASP B 398 6.75 46.17 6.43
CA ASP B 398 8.13 46.46 6.84
C ASP B 398 8.81 47.25 5.74
N SER B 399 9.12 48.52 6.01
CA SER B 399 9.63 49.45 5.01
C SER B 399 11.07 49.79 5.31
N PHE B 400 11.94 49.63 4.32
CA PHE B 400 13.35 50.00 4.47
C PHE B 400 13.98 50.12 3.10
N VAL B 401 15.17 50.71 3.07
CA VAL B 401 15.93 50.93 1.83
C VAL B 401 17.23 50.15 1.92
N ILE B 402 17.58 49.46 0.83
CA ILE B 402 18.79 48.66 0.75
C ILE B 402 19.44 48.88 -0.61
N ARG B 403 20.68 48.42 -0.72
CA ARG B 403 21.37 48.38 -2.00
C ARG B 403 20.66 47.44 -2.96
N GLY B 404 20.72 47.76 -4.25
CA GLY B 404 20.02 46.95 -5.23
C GLY B 404 20.48 45.51 -5.28
N ASP B 405 21.77 45.28 -5.07
CA ASP B 405 22.27 43.90 -5.09
C ASP B 405 21.66 43.05 -3.99
N GLU B 406 21.34 43.67 -2.85
CA GLU B 406 20.91 42.93 -1.66
C GLU B 406 19.42 42.66 -1.62
N VAL B 407 18.66 43.05 -2.64
CA VAL B 407 17.23 42.72 -2.65
C VAL B 407 17.03 41.22 -2.66
N ARG B 408 17.96 40.47 -3.28
CA ARG B 408 17.83 39.02 -3.32
C ARG B 408 17.87 38.42 -1.91
N GLN B 409 18.52 39.10 -0.97
CA GLN B 409 18.63 38.61 0.39
C GLN B 409 17.34 38.73 1.19
N ILE B 410 16.34 39.43 0.66
CA ILE B 410 15.10 39.61 1.40
C ILE B 410 14.22 38.37 1.33
N ALA B 411 14.53 37.43 0.44
CA ALA B 411 13.80 36.17 0.41
C ALA B 411 14.07 35.38 1.69
N PRO B 412 13.11 34.57 2.15
CA PRO B 412 13.34 33.77 3.36
C PRO B 412 14.39 32.70 3.12
N GLY B 413 15.23 32.49 4.12
CA GLY B 413 16.28 31.48 4.03
C GLY B 413 17.51 31.90 3.27
N GLN B 414 17.91 33.15 3.37
CA GLN B 414 19.07 33.67 2.69
C GLN B 414 20.21 33.94 3.67
N THR B 415 21.38 34.27 3.11
CA THR B 415 22.53 34.73 3.88
C THR B 415 23.05 36.00 3.23
N GLY B 416 24.12 36.54 3.79
CA GLY B 416 24.58 37.88 3.45
C GLY B 416 24.32 38.86 4.57
N LYS B 417 24.98 40.01 4.49
CA LYS B 417 25.00 40.93 5.63
C LYS B 417 23.64 41.54 5.92
N ILE B 418 22.73 41.58 4.95
CA ILE B 418 21.38 42.04 5.25
C ILE B 418 20.57 40.94 5.90
N ALA B 419 20.57 39.75 5.31
CA ALA B 419 19.89 38.62 5.92
C ALA B 419 20.52 38.24 7.25
N ASP B 420 21.85 38.25 7.32
CA ASP B 420 22.53 37.82 8.54
C ASP B 420 22.41 38.85 9.65
N TYR B 421 22.57 40.14 9.33
CA TYR B 421 22.76 41.16 10.35
C TYR B 421 21.66 42.19 10.44
N ASN B 422 20.78 42.31 9.45
CA ASN B 422 19.82 43.40 9.41
C ASN B 422 18.37 42.96 9.42
N TYR B 423 17.99 42.02 8.55
CA TYR B 423 16.57 41.72 8.35
C TYR B 423 16.44 40.27 7.88
N LYS B 424 15.95 39.41 8.76
CA LYS B 424 15.76 38.00 8.48
C LYS B 424 14.27 37.70 8.37
N LEU B 425 13.88 37.01 7.29
CA LEU B 425 12.51 36.54 7.17
C LEU B 425 12.42 35.09 7.67
N PRO B 426 11.33 34.71 8.34
CA PRO B 426 11.20 33.34 8.82
C PRO B 426 11.03 32.37 7.66
N ASP B 427 11.35 31.10 7.94
CA ASP B 427 11.25 30.07 6.91
C ASP B 427 9.81 29.83 6.48
N ASP B 428 8.85 29.99 7.40
CA ASP B 428 7.43 29.85 7.10
C ASP B 428 6.78 31.18 6.80
N PHE B 429 7.55 32.13 6.27
CA PHE B 429 7.05 33.47 5.97
C PHE B 429 5.88 33.42 5.02
N THR B 430 4.76 34.02 5.43
CA THR B 430 3.58 34.21 4.59
C THR B 430 3.49 35.70 4.28
N GLY B 431 3.68 36.05 3.02
CA GLY B 431 3.64 37.45 2.62
C GLY B 431 4.14 37.63 1.21
N CYS B 432 3.91 38.84 0.71
CA CYS B 432 4.46 39.28 -0.56
C CYS B 432 5.54 40.33 -0.31
N VAL B 433 6.66 40.21 -1.02
CA VAL B 433 7.81 41.09 -0.84
C VAL B 433 7.92 41.99 -2.06
N ILE B 434 8.05 43.30 -1.83
CA ILE B 434 7.91 44.30 -2.87
C ILE B 434 9.10 45.24 -2.81
N ALA B 435 9.74 45.45 -3.97
CA ALA B 435 10.86 46.37 -4.08
C ALA B 435 10.80 47.10 -5.41
N TRP B 436 11.31 48.33 -5.43
CA TRP B 436 11.39 49.11 -6.66
C TRP B 436 12.61 50.02 -6.60
N ASN B 437 13.25 50.19 -7.75
CA ASN B 437 14.41 51.07 -7.84
C ASN B 437 14.03 52.50 -7.45
N SER B 438 14.82 53.09 -6.55
CA SER B 438 14.54 54.42 -6.02
C SER B 438 15.72 55.37 -6.20
N ASN B 439 16.49 55.22 -7.28
CA ASN B 439 17.61 56.11 -7.51
C ASN B 439 17.15 57.56 -7.62
N ASN B 440 15.98 57.79 -8.22
CA ASN B 440 15.52 59.16 -8.41
C ASN B 440 15.14 59.82 -7.09
N LEU B 441 14.63 59.04 -6.13
CA LEU B 441 14.11 59.60 -4.89
C LEU B 441 15.17 59.72 -3.81
N ASP B 442 15.97 58.67 -3.61
CA ASP B 442 16.85 58.59 -2.44
C ASP B 442 18.27 59.04 -2.72
N SER B 443 18.71 59.06 -3.98
CA SER B 443 20.10 59.36 -4.28
C SER B 443 20.38 60.86 -4.18
N LYS B 444 21.63 61.17 -3.85
CA LYS B 444 22.08 62.54 -3.66
C LYS B 444 23.43 62.70 -4.35
N VAL B 445 23.67 63.89 -4.89
CA VAL B 445 24.82 64.08 -5.78
C VAL B 445 26.12 63.78 -5.04
N GLY B 446 26.21 64.16 -3.78
CA GLY B 446 27.38 63.82 -2.98
C GLY B 446 27.29 62.43 -2.42
N GLY B 447 26.08 61.87 -2.40
CA GLY B 447 25.84 60.57 -1.80
C GLY B 447 25.01 60.69 -0.54
N ASN B 448 23.85 60.04 -0.52
CA ASN B 448 22.92 60.12 0.60
C ASN B 448 23.36 59.13 1.67
N TYR B 449 24.02 59.63 2.71
CA TYR B 449 24.52 58.79 3.79
C TYR B 449 23.51 58.60 4.91
N ASN B 450 22.28 59.10 4.75
CA ASN B 450 21.25 58.92 5.78
C ASN B 450 20.81 57.47 5.94
N TYR B 451 21.17 56.59 5.01
CA TYR B 451 20.73 55.20 5.03
C TYR B 451 21.86 54.32 5.55
N LEU B 452 21.61 53.63 6.66
CA LEU B 452 22.60 52.82 7.35
C LEU B 452 22.23 51.35 7.26
N TYR B 453 23.26 50.50 7.27
CA TYR B 453 23.09 49.07 7.43
C TYR B 453 24.10 48.56 8.45
N ARG B 454 23.75 47.45 9.11
CA ARG B 454 24.64 46.85 10.08
C ARG B 454 25.62 45.93 9.37
N LEU B 455 26.89 46.01 9.76
CA LEU B 455 27.96 45.30 9.08
C LEU B 455 28.66 44.28 9.96
N PHE B 456 28.51 44.36 11.29
CA PHE B 456 29.15 43.43 12.21
C PHE B 456 28.14 42.97 13.25
N ARG B 457 28.21 41.70 13.62
CA ARG B 457 27.30 41.11 14.60
C ARG B 457 27.97 39.90 15.22
N LYS B 458 27.74 39.69 16.51
CA LYS B 458 28.24 38.49 17.16
C LYS B 458 27.57 37.24 16.63
N SER B 459 26.30 37.33 16.25
CA SER B 459 25.57 36.19 15.71
C SER B 459 24.46 36.69 14.79
N ASN B 460 24.06 35.81 13.86
CA ASN B 460 22.99 36.15 12.94
C ASN B 460 21.70 36.37 13.73
N LEU B 461 20.99 37.44 13.40
CA LEU B 461 19.79 37.78 14.16
C LEU B 461 18.61 36.91 13.73
N LYS B 462 17.60 36.85 14.59
CA LYS B 462 16.45 36.00 14.40
C LYS B 462 15.43 36.64 13.45
N PRO B 463 14.51 35.84 12.92
CA PRO B 463 13.52 36.38 11.98
C PRO B 463 12.74 37.54 12.56
N PHE B 464 12.54 38.58 11.74
CA PHE B 464 11.79 39.76 12.13
C PHE B 464 12.36 40.42 13.38
N GLU B 465 13.63 40.16 13.68
CA GLU B 465 14.32 40.85 14.76
C GLU B 465 14.94 42.15 14.25
N ARG B 466 14.96 43.15 15.11
CA ARG B 466 15.51 44.46 14.78
C ARG B 466 16.55 44.82 15.84
N ASP B 467 17.78 45.09 15.41
CA ASP B 467 18.88 45.41 16.30
C ASP B 467 19.26 46.88 16.14
N ILE B 468 18.97 47.68 17.17
CA ILE B 468 19.28 49.10 17.15
C ILE B 468 20.63 49.43 17.79
N SER B 469 21.32 48.42 18.34
CA SER B 469 22.55 48.67 19.09
C SER B 469 23.60 49.36 18.22
N THR B 470 24.33 50.28 18.85
CA THR B 470 25.44 50.99 18.22
C THR B 470 26.78 50.65 18.84
N GLU B 471 26.83 49.66 19.72
CA GLU B 471 28.04 49.38 20.49
C GLU B 471 29.13 48.78 19.60
N ILE B 472 30.38 48.99 20.03
CA ILE B 472 31.53 48.59 19.23
C ILE B 472 31.64 47.07 19.17
N TYR B 473 32.05 46.56 18.02
CA TYR B 473 32.21 45.13 17.79
C TYR B 473 33.68 44.73 17.92
N GLN B 474 33.93 43.60 18.59
CA GLN B 474 35.28 43.10 18.83
C GLN B 474 35.59 42.04 17.78
N ALA B 475 36.43 42.39 16.80
CA ALA B 475 36.82 41.42 15.78
C ALA B 475 37.96 40.53 16.23
N GLY B 476 38.85 41.04 17.09
CA GLY B 476 39.97 40.26 17.56
C GLY B 476 39.66 39.51 18.85
N SER B 477 40.69 38.85 19.37
CA SER B 477 40.58 38.17 20.66
C SER B 477 40.52 39.15 21.82
N THR B 478 41.00 40.37 21.63
CA THR B 478 41.04 41.33 22.73
C THR B 478 39.63 41.86 23.01
N PRO B 479 39.30 42.12 24.27
CA PRO B 479 38.09 42.92 24.55
C PRO B 479 38.29 44.36 24.09
N CYS B 480 37.16 45.03 23.88
CA CYS B 480 37.19 46.44 23.50
C CYS B 480 36.22 47.22 24.38
N ASN B 481 36.61 48.45 24.71
CA ASN B 481 35.80 49.33 25.53
C ASN B 481 35.78 50.71 24.88
N GLY B 482 35.22 51.68 25.61
CA GLY B 482 35.20 53.06 25.18
C GLY B 482 34.55 53.28 23.83
N VAL B 483 35.27 53.95 22.92
CA VAL B 483 34.72 54.40 21.66
C VAL B 483 35.35 53.66 20.48
N GLU B 484 36.65 53.40 20.54
CA GLU B 484 37.36 52.88 19.38
C GLU B 484 38.61 52.16 19.86
N GLY B 485 39.21 51.41 18.94
CA GLY B 485 40.46 50.74 19.22
C GLY B 485 40.88 49.92 18.01
N PHE B 486 42.02 49.26 18.15
CA PHE B 486 42.49 48.35 17.12
C PHE B 486 41.66 47.07 17.13
N ASN B 487 41.30 46.60 15.94
CA ASN B 487 40.38 45.47 15.78
C ASN B 487 39.04 45.76 16.44
N CYS B 488 38.62 47.01 16.45
CA CYS B 488 37.34 47.43 17.00
C CYS B 488 36.63 48.27 15.95
N TYR B 489 35.42 47.86 15.59
CA TYR B 489 34.67 48.49 14.51
C TYR B 489 33.35 49.03 15.02
N PHE B 490 32.94 50.15 14.46
CA PHE B 490 31.58 50.64 14.69
C PHE B 490 30.62 49.81 13.85
N PRO B 491 29.56 49.25 14.44
CA PRO B 491 28.81 48.20 13.73
C PRO B 491 28.01 48.69 12.54
N LEU B 492 27.69 49.98 12.46
CA LEU B 492 26.83 50.51 11.41
C LEU B 492 27.66 51.24 10.36
N GLN B 493 27.33 51.02 9.10
CA GLN B 493 27.97 51.69 7.98
C GLN B 493 26.92 52.23 7.03
N SER B 494 27.24 53.34 6.38
CA SER B 494 26.27 54.04 5.55
C SER B 494 26.35 53.61 4.09
N TYR B 495 25.37 54.04 3.32
CA TYR B 495 25.29 53.79 1.89
C TYR B 495 25.60 55.08 1.13
N GLY B 496 26.54 55.00 0.20
CA GLY B 496 26.86 56.14 -0.64
C GLY B 496 25.99 56.20 -1.87
N PHE B 497 24.70 56.51 -1.69
CA PHE B 497 23.75 56.48 -2.79
C PHE B 497 23.92 57.72 -3.66
N GLN B 498 24.97 57.69 -4.47
CA GLN B 498 25.14 58.71 -5.49
C GLN B 498 24.38 58.31 -6.75
N PRO B 499 23.73 59.26 -7.43
CA PRO B 499 22.94 58.90 -8.61
C PRO B 499 23.77 58.32 -9.75
N THR B 500 25.08 58.52 -9.75
CA THR B 500 25.95 57.92 -10.75
C THR B 500 26.29 56.47 -10.45
N ASN B 501 25.87 55.96 -9.28
CA ASN B 501 26.19 54.58 -8.91
C ASN B 501 25.69 53.60 -9.95
N GLY B 502 26.51 52.58 -10.23
CA GLY B 502 26.09 51.54 -11.14
C GLY B 502 24.85 50.82 -10.64
N VAL B 503 24.01 50.39 -11.59
CA VAL B 503 22.78 49.71 -11.21
C VAL B 503 23.10 48.48 -10.39
N GLY B 504 22.28 48.22 -9.36
CA GLY B 504 22.58 47.23 -8.37
C GLY B 504 23.30 47.79 -7.16
N TYR B 505 24.12 48.81 -7.37
CA TYR B 505 24.66 49.62 -6.29
C TYR B 505 23.75 50.81 -5.98
N GLN B 506 22.57 50.88 -6.62
CA GLN B 506 21.59 51.94 -6.45
C GLN B 506 20.62 51.61 -5.31
N PRO B 507 19.95 52.62 -4.77
CA PRO B 507 19.01 52.37 -3.67
C PRO B 507 17.71 51.77 -4.16
N TYR B 508 17.29 50.67 -3.54
CA TYR B 508 16.02 50.02 -3.80
C TYR B 508 15.16 50.10 -2.55
N ARG B 509 13.96 50.67 -2.68
CA ARG B 509 13.00 50.68 -1.58
C ARG B 509 12.28 49.35 -1.52
N VAL B 510 12.09 48.84 -0.31
CA VAL B 510 11.51 47.51 -0.10
C VAL B 510 10.37 47.63 0.90
N VAL B 511 9.22 47.04 0.55
CA VAL B 511 8.10 46.86 1.47
C VAL B 511 7.79 45.38 1.54
N VAL B 512 7.70 44.85 2.76
CA VAL B 512 7.42 43.43 2.99
C VAL B 512 6.09 43.35 3.73
N LEU B 513 5.08 42.79 3.07
CA LEU B 513 3.76 42.61 3.66
C LEU B 513 3.70 41.22 4.27
N SER B 514 3.61 41.15 5.59
CA SER B 514 3.44 39.89 6.30
C SER B 514 2.01 39.80 6.81
N PHE B 515 1.36 38.67 6.54
CA PHE B 515 -0.04 38.50 6.91
C PHE B 515 -0.35 37.02 7.10
N GLU B 516 -1.46 36.77 7.79
CA GLU B 516 -1.99 35.44 8.02
C GLU B 516 -3.35 35.32 7.36
N LEU B 517 -3.69 34.12 6.92
CA LEU B 517 -4.83 33.91 6.04
C LEU B 517 -5.73 32.79 6.56
N LEU B 518 -7.04 33.04 6.54
CA LEU B 518 -8.05 32.00 6.67
C LEU B 518 -8.10 31.35 8.04
N HIS B 519 -7.26 31.79 8.97
CA HIS B 519 -7.22 31.16 10.29
C HIS B 519 -7.95 31.94 11.36
N ALA B 520 -8.09 33.24 11.21
CA ALA B 520 -8.49 34.10 12.31
C ALA B 520 -9.47 35.14 11.79
N PRO B 521 -10.23 35.78 12.68
CA PRO B 521 -11.09 36.88 12.23
C PRO B 521 -10.26 37.93 11.53
N ALA B 522 -10.77 38.40 10.39
CA ALA B 522 -10.00 39.24 9.48
C ALA B 522 -10.44 40.69 9.58
N THR B 523 -9.52 41.58 9.22
CA THR B 523 -9.77 43.01 9.25
C THR B 523 -9.28 43.71 7.99
N VAL B 524 -8.72 42.99 7.03
CA VAL B 524 -8.37 43.52 5.71
C VAL B 524 -8.93 42.56 4.68
N CYS B 525 -9.34 43.10 3.53
CA CYS B 525 -9.91 42.26 2.49
C CYS B 525 -9.64 42.88 1.12
N GLY B 526 -9.94 42.08 0.08
CA GLY B 526 -9.82 42.54 -1.28
C GLY B 526 -11.01 43.38 -1.69
N PRO B 527 -10.99 43.84 -2.94
CA PRO B 527 -12.03 44.73 -3.45
C PRO B 527 -13.22 43.99 -4.07
N LYS B 528 -13.83 43.11 -3.29
CA LYS B 528 -15.03 42.39 -3.72
C LYS B 528 -16.22 42.75 -2.85
N LYS B 529 -17.39 42.85 -3.48
CA LYS B 529 -18.61 43.21 -2.76
C LYS B 529 -19.26 41.99 -2.15
N SER B 530 -19.78 42.16 -0.94
CA SER B 530 -20.55 41.09 -0.29
C SER B 530 -21.91 40.94 -0.94
N THR B 531 -22.34 39.69 -1.11
CA THR B 531 -23.72 39.41 -1.51
C THR B 531 -24.61 39.34 -0.28
N ASN B 532 -25.91 39.26 -0.51
CA ASN B 532 -26.83 39.04 0.60
C ASN B 532 -26.66 37.61 1.12
N LEU B 533 -26.84 37.46 2.42
CA LEU B 533 -26.67 36.16 3.06
C LEU B 533 -27.92 35.31 2.86
N VAL B 534 -27.74 34.11 2.32
CA VAL B 534 -28.82 33.17 2.09
C VAL B 534 -28.54 31.89 2.84
N LYS B 535 -29.60 31.21 3.26
CA LYS B 535 -29.49 30.00 4.06
C LYS B 535 -30.43 28.94 3.51
N ASN B 536 -30.20 27.70 3.96
CA ASN B 536 -31.04 26.56 3.57
C ASN B 536 -31.10 26.40 2.06
N LYS B 537 -29.96 26.62 1.40
CA LYS B 537 -29.87 26.49 -0.05
C LYS B 537 -28.41 26.23 -0.40
N CYS B 538 -28.16 25.20 -1.21
CA CYS B 538 -26.80 24.90 -1.63
C CYS B 538 -26.23 26.09 -2.42
N VAL B 539 -25.07 26.57 -1.99
CA VAL B 539 -24.47 27.77 -2.55
C VAL B 539 -22.95 27.65 -2.54
N ASN B 540 -22.32 28.22 -3.56
CA ASN B 540 -20.86 28.37 -3.58
C ASN B 540 -20.51 29.58 -2.73
N PHE B 541 -20.11 29.33 -1.49
CA PHE B 541 -19.91 30.41 -0.53
C PHE B 541 -18.46 30.87 -0.51
N ASN B 542 -18.27 32.09 0.00
CA ASN B 542 -16.94 32.66 0.24
C ASN B 542 -17.03 33.57 1.45
N PHE B 543 -16.43 33.14 2.56
CA PHE B 543 -16.39 33.93 3.79
C PHE B 543 -14.93 34.29 4.05
N ASN B 544 -14.59 35.58 3.92
CA ASN B 544 -13.24 36.04 4.15
C ASN B 544 -12.24 35.24 3.33
N GLY B 545 -12.59 34.98 2.08
CA GLY B 545 -11.76 34.17 1.23
C GLY B 545 -11.96 32.68 1.38
N LEU B 546 -12.78 32.25 2.34
CA LEU B 546 -13.00 30.84 2.59
C LEU B 546 -13.94 30.23 1.55
N THR B 547 -13.44 30.04 0.33
CA THR B 547 -14.28 29.54 -0.74
C THR B 547 -14.69 28.10 -0.47
N GLY B 548 -15.94 27.78 -0.73
CA GLY B 548 -16.40 26.42 -0.60
C GLY B 548 -17.77 26.23 -1.22
N THR B 549 -18.35 25.06 -0.98
CA THR B 549 -19.72 24.75 -1.39
C THR B 549 -20.41 24.02 -0.25
N GLY B 550 -21.64 24.41 0.04
CA GLY B 550 -22.36 23.79 1.14
C GLY B 550 -23.64 24.52 1.44
N VAL B 551 -24.47 23.86 2.23
CA VAL B 551 -25.70 24.46 2.74
C VAL B 551 -25.36 25.25 4.00
N LEU B 552 -25.81 26.50 4.05
CA LEU B 552 -25.62 27.36 5.20
C LEU B 552 -26.85 27.32 6.09
N THR B 553 -26.62 27.25 7.40
CA THR B 553 -27.71 27.14 8.36
C THR B 553 -27.31 27.83 9.64
N GLU B 554 -28.31 28.25 10.41
CA GLU B 554 -28.05 28.95 11.66
C GLU B 554 -27.56 27.97 12.72
N SER B 555 -26.62 28.43 13.54
CA SER B 555 -25.93 27.59 14.50
C SER B 555 -26.09 28.15 15.91
N ASN B 556 -26.04 27.26 16.89
CA ASN B 556 -26.03 27.64 18.29
C ASN B 556 -24.66 27.45 18.94
N LYS B 557 -23.62 27.29 18.12
CA LYS B 557 -22.26 27.35 18.63
C LYS B 557 -21.93 28.77 19.08
N LYS B 558 -21.07 28.88 20.07
CA LYS B 558 -20.77 30.17 20.72
C LYS B 558 -19.27 30.41 20.69
N PHE B 559 -18.80 31.02 19.61
CA PHE B 559 -17.39 31.34 19.45
C PHE B 559 -17.00 32.46 20.41
N LEU B 560 -15.91 32.28 21.13
CA LEU B 560 -15.28 33.41 21.80
C LEU B 560 -14.82 34.40 20.74
N PRO B 561 -14.80 35.70 21.04
CA PRO B 561 -14.63 36.71 19.98
C PRO B 561 -13.40 36.52 19.10
N PHE B 562 -12.35 35.89 19.62
CA PHE B 562 -11.13 35.75 18.81
C PHE B 562 -11.23 34.64 17.77
N GLN B 563 -12.36 33.95 17.67
CA GLN B 563 -12.52 32.82 16.75
C GLN B 563 -13.53 33.17 15.66
N GLN B 564 -13.21 32.80 14.42
CA GLN B 564 -14.11 33.02 13.29
C GLN B 564 -14.59 31.74 12.62
N PHE B 565 -13.82 30.65 12.68
CA PHE B 565 -14.14 29.41 11.99
C PHE B 565 -14.13 28.25 12.96
N GLY B 566 -15.06 27.32 12.77
CA GLY B 566 -15.06 26.04 13.48
C GLY B 566 -14.75 24.93 12.50
N ARG B 567 -14.05 23.90 12.97
CA ARG B 567 -13.57 22.83 12.12
C ARG B 567 -14.01 21.47 12.62
N ASP B 568 -14.24 20.56 11.68
CA ASP B 568 -14.80 19.24 11.93
C ASP B 568 -13.73 18.29 12.49
N ILE B 569 -14.16 17.07 12.78
CA ILE B 569 -13.21 15.98 13.04
C ILE B 569 -12.33 15.76 11.83
N ALA B 570 -12.91 15.81 10.63
CA ALA B 570 -12.16 15.75 9.39
C ALA B 570 -11.40 17.04 9.11
N ASP B 571 -11.46 18.00 10.02
CA ASP B 571 -10.70 19.24 9.90
C ASP B 571 -11.28 20.16 8.83
N THR B 572 -12.34 19.72 8.16
CA THR B 572 -13.04 20.60 7.22
C THR B 572 -13.83 21.65 7.98
N THR B 573 -13.78 22.88 7.49
CA THR B 573 -14.52 23.97 8.12
C THR B 573 -16.00 23.65 8.15
N ASP B 574 -16.57 23.54 9.35
CA ASP B 574 -17.98 23.19 9.52
C ASP B 574 -18.82 24.34 10.05
N ALA B 575 -18.20 25.43 10.48
CA ALA B 575 -18.95 26.59 10.96
C ALA B 575 -18.13 27.84 10.69
N VAL B 576 -18.82 28.96 10.56
CA VAL B 576 -18.18 30.24 10.30
C VAL B 576 -19.03 31.35 10.90
N ARG B 577 -18.36 32.39 11.39
CA ARG B 577 -19.02 33.57 11.93
C ARG B 577 -19.15 34.60 10.82
N ASP B 578 -20.38 34.94 10.45
CA ASP B 578 -20.60 35.91 9.39
C ASP B 578 -19.94 37.23 9.77
N PRO B 579 -19.19 37.87 8.87
CA PRO B 579 -18.40 39.05 9.26
C PRO B 579 -19.18 40.35 9.34
N GLN B 580 -20.37 40.43 8.73
CA GLN B 580 -21.17 41.65 8.78
C GLN B 580 -22.22 41.62 9.87
N THR B 581 -22.97 40.53 9.99
CA THR B 581 -23.87 40.31 11.12
C THR B 581 -23.28 39.17 11.93
N LEU B 582 -22.67 39.51 13.07
CA LEU B 582 -21.86 38.55 13.82
C LEU B 582 -22.76 37.44 14.36
N GLU B 583 -23.25 36.63 13.44
CA GLU B 583 -24.03 35.45 13.75
C GLU B 583 -23.29 34.22 13.24
N ILE B 584 -23.52 33.10 13.89
CA ILE B 584 -22.78 31.88 13.62
C ILE B 584 -23.58 31.00 12.67
N LEU B 585 -22.90 30.39 11.71
CA LEU B 585 -23.53 29.59 10.68
C LEU B 585 -22.89 28.21 10.63
N ASP B 586 -23.72 27.18 10.52
CA ASP B 586 -23.23 25.84 10.21
C ASP B 586 -23.05 25.69 8.71
N ILE B 587 -22.02 24.94 8.32
CA ILE B 587 -21.79 24.59 6.92
C ILE B 587 -21.93 23.07 6.80
N THR B 588 -22.88 22.64 5.97
CA THR B 588 -23.11 21.23 5.71
C THR B 588 -23.01 20.97 4.21
N PRO B 589 -22.20 20.01 3.77
CA PRO B 589 -22.12 19.72 2.33
C PRO B 589 -23.45 19.20 1.79
N CYS B 590 -23.69 19.45 0.49
CA CYS B 590 -24.96 19.09 -0.12
C CYS B 590 -24.96 17.66 -0.64
N SER B 591 -23.80 17.14 -1.05
CA SER B 591 -23.69 15.77 -1.57
C SER B 591 -23.81 14.79 -0.40
N PHE B 592 -24.81 13.91 -0.45
CA PHE B 592 -25.10 12.99 0.64
C PHE B 592 -26.07 11.94 0.16
N GLY B 593 -25.87 10.70 0.62
CA GLY B 593 -26.74 9.60 0.26
C GLY B 593 -26.25 8.79 -0.91
N GLY B 594 -26.30 7.46 -0.79
CA GLY B 594 -25.85 6.59 -1.86
C GLY B 594 -26.94 6.29 -2.87
N VAL B 595 -26.52 5.89 -4.07
CA VAL B 595 -27.42 5.56 -5.17
C VAL B 595 -26.92 4.28 -5.84
N SER B 596 -27.83 3.36 -6.11
CA SER B 596 -27.54 2.12 -6.82
C SER B 596 -28.54 1.94 -7.96
N VAL B 597 -28.07 1.35 -9.06
CA VAL B 597 -28.90 1.13 -10.25
C VAL B 597 -29.14 -0.36 -10.40
N ILE B 598 -30.41 -0.74 -10.48
CA ILE B 598 -30.81 -2.12 -10.73
C ILE B 598 -31.14 -2.26 -12.21
N THR B 599 -30.55 -3.27 -12.85
CA THR B 599 -30.76 -3.46 -14.27
C THR B 599 -30.78 -4.95 -14.61
N PRO B 600 -31.67 -5.38 -15.50
CA PRO B 600 -31.43 -6.65 -16.21
C PRO B 600 -30.30 -6.48 -17.21
N GLY B 601 -29.96 -7.58 -17.87
CA GLY B 601 -28.91 -7.50 -18.87
C GLY B 601 -29.22 -6.45 -19.92
N THR B 602 -28.19 -5.70 -20.31
CA THR B 602 -28.38 -4.74 -21.38
C THR B 602 -28.77 -5.44 -22.68
N ASN B 603 -28.35 -6.69 -22.85
CA ASN B 603 -28.84 -7.50 -23.96
C ASN B 603 -30.31 -7.85 -23.80
N THR B 604 -30.88 -7.67 -22.61
CA THR B 604 -32.28 -7.97 -22.34
C THR B 604 -33.17 -6.74 -22.38
N SER B 605 -32.78 -5.67 -21.68
CA SER B 605 -33.56 -4.46 -21.66
C SER B 605 -32.68 -3.29 -21.27
N ASN B 606 -33.09 -2.10 -21.67
CA ASN B 606 -32.48 -0.86 -21.22
C ASN B 606 -33.27 -0.20 -20.10
N GLN B 607 -34.32 -0.86 -19.61
CA GLN B 607 -35.10 -0.36 -18.49
C GLN B 607 -34.37 -0.66 -17.19
N VAL B 608 -34.31 0.33 -16.30
CA VAL B 608 -33.57 0.20 -15.04
C VAL B 608 -34.43 0.75 -13.90
N ALA B 609 -34.09 0.32 -12.69
CA ALA B 609 -34.60 0.88 -11.47
C ALA B 609 -33.44 1.52 -10.70
N VAL B 610 -33.78 2.44 -9.81
CA VAL B 610 -32.78 3.18 -9.03
C VAL B 610 -33.14 3.07 -7.56
N LEU B 611 -32.14 2.79 -6.74
CA LEU B 611 -32.29 2.66 -5.30
C LEU B 611 -31.53 3.81 -4.64
N TYR B 612 -32.22 4.56 -3.79
CA TYR B 612 -31.63 5.69 -3.07
C TYR B 612 -31.48 5.29 -1.61
N GLN B 613 -30.27 4.91 -1.22
CA GLN B 613 -29.98 4.74 0.19
C GLN B 613 -29.96 6.12 0.85
N ASP B 614 -30.30 6.14 2.14
CA ASP B 614 -30.37 7.37 2.93
C ASP B 614 -31.44 8.32 2.44
N VAL B 615 -32.30 7.88 1.52
CA VAL B 615 -33.47 8.64 1.08
C VAL B 615 -34.71 7.84 1.41
N ASN B 616 -35.71 8.51 1.98
CA ASN B 616 -36.94 7.88 2.42
C ASN B 616 -38.09 8.61 1.73
N CYS B 617 -38.71 7.96 0.75
CA CYS B 617 -39.84 8.55 0.04
C CYS B 617 -41.18 8.26 0.72
N THR B 618 -41.19 7.43 1.77
CA THR B 618 -42.41 7.03 2.46
C THR B 618 -43.60 6.87 1.52
N TRP B 633 -38.45 14.94 -3.47
CA TRP B 633 -37.44 14.21 -2.72
C TRP B 633 -36.06 14.41 -3.35
N ARG B 634 -35.03 13.98 -2.64
CA ARG B 634 -33.66 14.03 -3.15
C ARG B 634 -33.46 12.86 -4.11
N VAL B 635 -34.00 13.03 -5.32
CA VAL B 635 -33.95 12.00 -6.35
C VAL B 635 -33.59 12.64 -7.69
N TYR B 636 -33.17 11.81 -8.62
CA TYR B 636 -32.85 12.25 -9.96
C TYR B 636 -34.07 12.35 -10.87
N SER B 637 -35.16 11.67 -10.51
CA SER B 637 -36.36 11.69 -11.32
C SER B 637 -37.56 11.30 -10.46
N THR B 638 -38.74 11.80 -10.85
CA THR B 638 -39.97 11.44 -10.19
C THR B 638 -40.54 10.16 -10.80
N GLY B 639 -40.95 9.22 -9.95
CA GLY B 639 -41.37 7.91 -10.40
C GLY B 639 -42.87 7.73 -10.36
N SER B 640 -43.38 6.98 -11.35
CA SER B 640 -44.77 6.55 -11.31
C SER B 640 -44.98 5.52 -10.21
N ASN B 641 -44.07 4.55 -10.12
CA ASN B 641 -44.06 3.56 -9.05
C ASN B 641 -42.88 3.86 -8.14
N VAL B 642 -43.16 4.13 -6.87
CA VAL B 642 -42.14 4.41 -5.88
C VAL B 642 -42.38 3.52 -4.68
N PHE B 643 -41.31 2.94 -4.16
CA PHE B 643 -41.39 1.85 -3.18
C PHE B 643 -40.34 2.12 -2.10
N GLN B 644 -40.79 2.60 -0.95
CA GLN B 644 -39.88 2.76 0.17
C GLN B 644 -39.55 1.41 0.77
N THR B 645 -38.27 1.19 1.04
CA THR B 645 -37.79 -0.06 1.62
C THR B 645 -36.87 0.26 2.78
N ARG B 646 -36.69 -0.71 3.67
CA ARG B 646 -35.76 -0.52 4.77
C ARG B 646 -34.34 -0.31 4.28
N ALA B 647 -34.04 -0.69 3.04
CA ALA B 647 -32.75 -0.44 2.42
C ALA B 647 -32.68 0.91 1.72
N GLY B 648 -33.81 1.59 1.53
CA GLY B 648 -33.84 2.86 0.85
C GLY B 648 -35.05 3.01 -0.06
N CYS B 649 -35.16 4.15 -0.74
CA CYS B 649 -36.28 4.40 -1.63
C CYS B 649 -35.98 3.83 -3.01
N LEU B 650 -36.81 2.91 -3.47
CA LEU B 650 -36.62 2.25 -4.75
C LEU B 650 -37.60 2.84 -5.77
N ILE B 651 -37.07 3.30 -6.90
CA ILE B 651 -37.84 4.01 -7.91
C ILE B 651 -37.68 3.29 -9.24
N GLY B 652 -38.79 3.08 -9.93
CA GLY B 652 -38.79 2.38 -11.20
C GLY B 652 -39.07 0.90 -11.13
N ALA B 653 -39.49 0.39 -9.97
CA ALA B 653 -39.79 -1.02 -9.79
C ALA B 653 -41.16 -1.19 -9.14
N GLU B 654 -41.94 -2.14 -9.64
CA GLU B 654 -43.29 -2.37 -9.13
C GLU B 654 -43.24 -3.28 -7.92
N HIS B 655 -43.82 -2.84 -6.81
CA HIS B 655 -43.93 -3.65 -5.60
C HIS B 655 -45.03 -4.69 -5.79
N VAL B 656 -44.66 -5.97 -5.75
CA VAL B 656 -45.59 -7.08 -5.93
C VAL B 656 -45.66 -7.89 -4.65
N ASN B 657 -46.86 -8.33 -4.30
CA ASN B 657 -47.05 -9.07 -3.05
C ASN B 657 -46.50 -10.48 -3.11
N ASN B 658 -46.42 -11.07 -4.31
CA ASN B 658 -46.02 -12.47 -4.46
C ASN B 658 -44.51 -12.58 -4.32
N SER B 659 -44.06 -13.18 -3.23
CA SER B 659 -42.63 -13.42 -3.03
C SER B 659 -42.11 -14.43 -4.05
N TYR B 660 -40.85 -14.23 -4.45
CA TYR B 660 -40.16 -15.16 -5.35
C TYR B 660 -38.78 -15.45 -4.78
N GLU B 661 -38.07 -16.35 -5.46
CA GLU B 661 -36.66 -16.57 -5.15
C GLU B 661 -35.86 -15.34 -5.56
N CYS B 662 -34.86 -15.00 -4.77
CA CYS B 662 -34.08 -13.80 -5.01
C CYS B 662 -33.38 -13.87 -6.37
N ASP B 663 -33.52 -12.81 -7.16
CA ASP B 663 -32.83 -12.73 -8.44
C ASP B 663 -31.76 -11.64 -8.41
N ILE B 664 -32.15 -10.41 -8.09
CA ILE B 664 -31.22 -9.31 -7.86
C ILE B 664 -31.39 -8.85 -6.42
N PRO B 665 -30.40 -9.03 -5.55
CA PRO B 665 -30.58 -8.65 -4.15
C PRO B 665 -30.49 -7.14 -3.99
N ILE B 666 -31.55 -6.55 -3.47
CA ILE B 666 -31.56 -5.10 -3.21
C ILE B 666 -31.18 -4.78 -1.78
N GLY B 667 -31.35 -5.72 -0.86
CA GLY B 667 -30.96 -5.54 0.52
C GLY B 667 -32.16 -5.40 1.44
N ALA B 668 -31.94 -5.70 2.70
CA ALA B 668 -32.98 -5.65 3.72
C ALA B 668 -34.22 -6.42 3.26
N GLY B 669 -33.99 -7.64 2.78
CA GLY B 669 -35.06 -8.54 2.43
C GLY B 669 -35.67 -8.35 1.05
N ILE B 670 -35.33 -7.27 0.36
CA ILE B 670 -35.91 -6.99 -0.95
C ILE B 670 -35.00 -7.54 -2.03
N CYS B 671 -35.58 -8.28 -2.97
CA CYS B 671 -34.93 -8.62 -4.22
C CYS B 671 -35.79 -8.12 -5.36
N ALA B 672 -35.22 -8.08 -6.56
CA ALA B 672 -35.92 -7.55 -7.73
C ALA B 672 -35.66 -8.44 -8.92
N SER B 673 -36.55 -8.36 -9.90
CA SER B 673 -36.48 -9.20 -11.08
C SER B 673 -37.27 -8.56 -12.20
N TYR B 674 -37.03 -9.05 -13.41
CA TYR B 674 -37.63 -8.52 -14.63
C TYR B 674 -38.68 -9.52 -15.10
N GLN B 675 -39.95 -9.13 -15.06
CA GLN B 675 -41.04 -10.02 -15.40
C GLN B 675 -42.21 -9.23 -15.97
N THR B 676 -43.12 -9.96 -16.62
CA THR B 676 -44.32 -9.39 -17.20
C THR B 676 -45.10 -8.60 -16.16
N SER B 689 -44.47 -5.81 -22.37
CA SER B 689 -45.23 -6.16 -21.18
C SER B 689 -44.33 -6.41 -19.98
N GLN B 690 -43.02 -6.48 -20.24
CA GLN B 690 -42.05 -6.74 -19.19
C GLN B 690 -41.74 -5.47 -18.41
N SER B 691 -41.55 -5.62 -17.10
CA SER B 691 -41.13 -4.51 -16.25
C SER B 691 -40.46 -5.07 -15.01
N ILE B 692 -39.71 -4.21 -14.33
CA ILE B 692 -38.96 -4.61 -13.15
C ILE B 692 -39.91 -4.68 -11.96
N ILE B 693 -39.93 -5.83 -11.29
CA ILE B 693 -40.74 -6.03 -10.10
C ILE B 693 -39.82 -6.10 -8.89
N ALA B 694 -40.31 -5.61 -7.75
CA ALA B 694 -39.59 -5.66 -6.49
C ALA B 694 -40.46 -6.37 -5.46
N TYR B 695 -39.86 -7.29 -4.71
CA TYR B 695 -40.61 -8.16 -3.82
C TYR B 695 -39.74 -8.55 -2.64
N THR B 696 -40.39 -8.96 -1.55
CA THR B 696 -39.68 -9.56 -0.44
C THR B 696 -39.37 -11.02 -0.76
N MET B 697 -38.10 -11.38 -0.69
CA MET B 697 -37.68 -12.72 -1.13
C MET B 697 -38.31 -13.79 -0.24
N SER B 698 -38.65 -14.91 -0.86
CA SER B 698 -39.13 -16.08 -0.13
C SER B 698 -37.94 -16.89 0.35
N LEU B 699 -38.04 -17.40 1.58
CA LEU B 699 -37.00 -18.27 2.13
C LEU B 699 -37.17 -19.70 1.65
N GLY B 700 -38.39 -20.17 1.54
CA GLY B 700 -38.64 -21.51 1.02
C GLY B 700 -40.08 -21.90 1.27
N ALA B 701 -40.38 -23.16 0.95
CA ALA B 701 -41.69 -23.70 1.28
C ALA B 701 -41.85 -23.80 2.80
N GLU B 702 -43.08 -23.60 3.26
CA GLU B 702 -43.40 -23.67 4.68
C GLU B 702 -44.14 -24.96 4.97
N ASN B 703 -43.68 -25.70 5.98
CA ASN B 703 -44.04 -27.10 6.14
C ASN B 703 -44.08 -27.45 7.63
N SER B 704 -45.28 -27.62 8.18
CA SER B 704 -45.41 -28.10 9.56
C SER B 704 -45.26 -29.62 9.59
N VAL B 705 -44.33 -30.10 10.42
CA VAL B 705 -44.05 -31.53 10.51
C VAL B 705 -45.12 -32.23 11.35
N ALA B 706 -45.42 -33.48 11.02
CA ALA B 706 -46.50 -34.22 11.66
C ALA B 706 -46.06 -34.86 12.96
N TYR B 707 -45.52 -34.06 13.88
CA TYR B 707 -45.00 -34.60 15.13
C TYR B 707 -46.11 -35.04 16.07
N SER B 708 -45.87 -36.14 16.79
CA SER B 708 -46.72 -36.61 17.85
C SER B 708 -45.87 -37.49 18.77
N ASN B 709 -46.30 -37.64 20.02
CA ASN B 709 -45.48 -38.33 21.00
C ASN B 709 -45.34 -39.83 20.71
N ASN B 710 -46.10 -40.38 19.77
CA ASN B 710 -45.96 -41.80 19.44
C ASN B 710 -45.99 -42.07 17.94
N SER B 711 -45.73 -41.07 17.11
CA SER B 711 -45.78 -41.23 15.66
C SER B 711 -44.38 -41.15 15.08
N ILE B 712 -44.07 -42.06 14.17
CA ILE B 712 -42.78 -42.09 13.49
C ILE B 712 -42.99 -42.40 12.02
N ALA B 713 -42.16 -41.78 11.19
CA ALA B 713 -42.16 -42.01 9.75
C ALA B 713 -40.87 -42.71 9.36
N ILE B 714 -40.99 -43.76 8.54
CA ILE B 714 -39.83 -44.56 8.15
C ILE B 714 -39.83 -44.74 6.63
N PRO B 715 -38.70 -44.54 5.95
CA PRO B 715 -38.68 -44.64 4.49
C PRO B 715 -38.85 -46.08 4.03
N THR B 716 -39.85 -46.30 3.16
CA THR B 716 -40.03 -47.60 2.53
C THR B 716 -39.14 -47.80 1.30
N ASN B 717 -38.48 -46.75 0.82
CA ASN B 717 -37.75 -46.80 -0.42
C ASN B 717 -36.62 -45.78 -0.34
N PHE B 718 -35.74 -45.80 -1.34
CA PHE B 718 -34.61 -44.89 -1.36
C PHE B 718 -34.34 -44.43 -2.78
N THR B 719 -33.68 -43.28 -2.89
CA THR B 719 -33.17 -42.78 -4.16
C THR B 719 -31.65 -42.64 -4.07
N ILE B 720 -30.95 -43.28 -5.00
CA ILE B 720 -29.54 -42.97 -5.19
C ILE B 720 -29.43 -41.70 -6.02
N SER B 721 -28.66 -40.74 -5.53
CA SER B 721 -28.53 -39.45 -6.20
C SER B 721 -27.07 -39.03 -6.20
N VAL B 722 -26.65 -38.43 -7.31
CA VAL B 722 -25.29 -37.96 -7.49
C VAL B 722 -25.33 -36.46 -7.72
N THR B 723 -24.55 -35.73 -6.94
CA THR B 723 -24.50 -34.28 -7.00
C THR B 723 -23.07 -33.82 -7.23
N THR B 724 -22.89 -32.90 -8.16
CA THR B 724 -21.58 -32.36 -8.48
C THR B 724 -21.21 -31.23 -7.52
N GLU B 725 -19.97 -31.23 -7.04
CA GLU B 725 -19.43 -30.16 -6.23
C GLU B 725 -18.12 -29.68 -6.84
N ILE B 726 -18.03 -28.37 -7.10
CA ILE B 726 -16.91 -27.77 -7.82
C ILE B 726 -16.14 -26.89 -6.86
N LEU B 727 -14.82 -27.11 -6.78
CA LEU B 727 -13.96 -26.37 -5.86
C LEU B 727 -12.75 -25.82 -6.59
N PRO B 728 -12.45 -24.53 -6.47
CA PRO B 728 -11.14 -24.03 -6.93
C PRO B 728 -10.01 -24.73 -6.18
N VAL B 729 -8.94 -25.04 -6.91
CA VAL B 729 -7.78 -25.69 -6.30
C VAL B 729 -6.56 -24.79 -6.46
N SER B 730 -6.39 -24.22 -7.64
CA SER B 730 -5.24 -23.39 -7.93
C SER B 730 -5.69 -22.20 -8.76
N MET B 731 -4.80 -21.21 -8.87
CA MET B 731 -5.00 -20.05 -9.71
C MET B 731 -3.74 -19.85 -10.55
N THR B 732 -3.87 -19.00 -11.56
CA THR B 732 -2.78 -18.81 -12.51
C THR B 732 -1.54 -18.28 -11.80
N LYS B 733 -0.40 -18.92 -12.09
CA LYS B 733 0.88 -18.37 -11.66
C LYS B 733 1.21 -17.13 -12.47
N THR B 734 1.80 -16.14 -11.81
CA THR B 734 2.27 -14.95 -12.50
C THR B 734 3.65 -14.56 -12.00
N SER B 735 4.40 -13.91 -12.86
CA SER B 735 5.68 -13.30 -12.50
C SER B 735 5.78 -11.98 -13.24
N VAL B 736 6.46 -11.01 -12.62
CA VAL B 736 6.57 -9.67 -13.16
C VAL B 736 8.04 -9.29 -13.22
N ASP B 737 8.46 -8.76 -14.37
CA ASP B 737 9.75 -8.09 -14.49
C ASP B 737 9.54 -6.67 -13.97
N CYS B 738 9.82 -6.49 -12.68
CA CYS B 738 9.50 -5.23 -12.01
C CYS B 738 10.04 -4.03 -12.78
N THR B 739 11.26 -4.14 -13.30
CA THR B 739 11.83 -3.04 -14.05
C THR B 739 11.12 -2.84 -15.38
N MET B 740 10.80 -3.92 -16.09
CA MET B 740 10.22 -3.80 -17.42
C MET B 740 8.83 -3.21 -17.36
N TYR B 741 8.09 -3.46 -16.28
CA TYR B 741 6.77 -2.86 -16.13
C TYR B 741 6.90 -1.37 -15.82
N ILE B 742 7.67 -1.03 -14.78
CA ILE B 742 7.81 0.37 -14.37
C ILE B 742 8.55 1.17 -15.42
N CYS B 743 9.69 0.65 -15.89
CA CYS B 743 10.63 1.44 -16.67
C CYS B 743 10.93 0.80 -18.02
N GLY B 744 9.89 0.41 -18.75
CA GLY B 744 10.12 -0.25 -20.02
C GLY B 744 11.00 0.58 -20.93
N ASP B 745 11.99 -0.07 -21.53
CA ASP B 745 12.90 0.50 -22.52
C ASP B 745 13.31 1.93 -22.17
N SER B 746 13.88 2.09 -20.98
CA SER B 746 14.40 3.39 -20.56
C SER B 746 15.53 3.16 -19.56
N THR B 747 16.78 3.39 -20.01
CA THR B 747 17.91 3.29 -19.09
C THR B 747 17.85 4.36 -18.02
N GLU B 748 17.36 5.55 -18.36
CA GLU B 748 17.29 6.63 -17.37
C GLU B 748 16.36 6.26 -16.23
N CYS B 749 15.20 5.70 -16.55
CA CYS B 749 14.29 5.24 -15.51
C CYS B 749 14.86 4.06 -14.75
N SER B 750 15.50 3.12 -15.46
CA SER B 750 16.09 1.96 -14.80
C SER B 750 17.15 2.38 -13.78
N ASN B 751 17.92 3.42 -14.09
CA ASN B 751 18.90 3.89 -13.12
C ASN B 751 18.22 4.53 -11.91
N LEU B 752 17.08 5.18 -12.12
CA LEU B 752 16.37 5.81 -11.02
C LEU B 752 15.63 4.78 -10.17
N LEU B 753 15.18 3.69 -10.78
CA LEU B 753 14.50 2.66 -10.01
C LEU B 753 15.46 1.98 -9.05
N LEU B 754 16.75 1.95 -9.37
CA LEU B 754 17.73 1.38 -8.46
C LEU B 754 17.68 2.06 -7.10
N GLN B 755 17.29 3.34 -7.06
CA GLN B 755 17.25 4.08 -5.81
C GLN B 755 16.17 3.61 -4.87
N TYR B 756 15.32 2.67 -5.30
CA TYR B 756 14.34 2.01 -4.44
C TYR B 756 14.78 0.63 -4.00
N GLY B 757 15.42 -0.13 -4.88
CA GLY B 757 16.11 -1.35 -4.50
C GLY B 757 15.24 -2.54 -4.21
N SER B 758 15.22 -2.96 -2.93
CA SER B 758 14.59 -4.21 -2.55
C SER B 758 13.11 -4.26 -2.87
N PHE B 759 12.45 -3.10 -3.05
CA PHE B 759 11.01 -3.11 -3.27
C PHE B 759 10.65 -3.97 -4.47
N CYS B 760 11.42 -3.87 -5.56
CA CYS B 760 11.15 -4.70 -6.72
C CYS B 760 11.33 -6.18 -6.40
N THR B 761 12.37 -6.52 -5.64
CA THR B 761 12.60 -7.92 -5.30
C THR B 761 11.62 -8.43 -4.26
N GLN B 762 11.12 -7.55 -3.39
CA GLN B 762 10.10 -7.96 -2.44
C GLN B 762 8.83 -8.39 -3.17
N LEU B 763 8.47 -7.66 -4.22
CA LEU B 763 7.34 -8.07 -5.05
C LEU B 763 7.53 -9.46 -5.63
N ASN B 764 8.73 -9.74 -6.14
CA ASN B 764 8.96 -11.03 -6.79
C ASN B 764 9.00 -12.17 -5.79
N ARG B 765 9.47 -11.92 -4.57
CA ARG B 765 9.42 -12.96 -3.55
C ARG B 765 7.99 -13.34 -3.22
N ALA B 766 7.10 -12.35 -3.13
CA ALA B 766 5.70 -12.64 -2.85
C ALA B 766 5.07 -13.45 -3.97
N LEU B 767 5.24 -13.02 -5.22
CA LEU B 767 4.64 -13.73 -6.34
C LEU B 767 5.22 -15.14 -6.47
N THR B 768 6.49 -15.32 -6.14
CA THR B 768 7.06 -16.66 -6.20
C THR B 768 6.49 -17.55 -5.10
N GLY B 769 6.33 -17.00 -3.90
CA GLY B 769 5.66 -17.76 -2.84
C GLY B 769 4.26 -18.16 -3.24
N ILE B 770 3.54 -17.27 -3.92
CA ILE B 770 2.22 -17.62 -4.43
C ILE B 770 2.33 -18.73 -5.48
N ALA B 771 3.21 -18.54 -6.46
CA ALA B 771 3.31 -19.50 -7.56
C ALA B 771 3.79 -20.85 -7.06
N VAL B 772 4.81 -20.87 -6.20
CA VAL B 772 5.38 -22.14 -5.76
C VAL B 772 4.33 -22.97 -5.03
N GLU B 773 3.40 -22.33 -4.32
CA GLU B 773 2.40 -23.06 -3.57
C GLU B 773 1.18 -23.41 -4.39
N GLN B 774 1.01 -22.83 -5.58
CA GLN B 774 -0.05 -23.32 -6.46
C GLN B 774 0.23 -24.74 -6.90
N ASP B 775 1.50 -25.10 -7.05
CA ASP B 775 1.88 -26.48 -7.28
C ASP B 775 1.61 -27.33 -6.04
N LYS B 776 1.91 -26.79 -4.86
CA LYS B 776 1.59 -27.48 -3.62
C LYS B 776 0.09 -27.77 -3.53
N ASN B 777 -0.73 -26.74 -3.73
CA ASN B 777 -2.17 -26.93 -3.66
C ASN B 777 -2.63 -28.05 -4.57
N THR B 778 -2.12 -28.09 -5.79
CA THR B 778 -2.49 -29.15 -6.72
C THR B 778 -1.93 -30.50 -6.27
N GLN B 779 -0.77 -30.50 -5.63
CA GLN B 779 -0.21 -31.75 -5.14
C GLN B 779 -0.99 -32.29 -3.96
N GLU B 780 -1.41 -31.41 -3.05
CA GLU B 780 -2.13 -31.85 -1.86
C GLU B 780 -3.46 -32.49 -2.23
N VAL B 781 -4.12 -31.99 -3.28
CA VAL B 781 -5.44 -32.48 -3.63
C VAL B 781 -5.34 -33.80 -4.40
N PHE B 782 -4.56 -33.81 -5.47
CA PHE B 782 -4.59 -34.90 -6.44
C PHE B 782 -3.56 -35.98 -6.17
N ALA B 783 -2.40 -35.62 -5.64
CA ALA B 783 -1.29 -36.55 -5.53
C ALA B 783 -1.35 -37.33 -4.23
N GLN B 784 -2.56 -37.49 -3.67
CA GLN B 784 -2.69 -38.14 -2.37
C GLN B 784 -2.16 -39.57 -2.39
N VAL B 785 -2.35 -40.29 -3.49
CA VAL B 785 -1.82 -41.64 -3.66
C VAL B 785 -0.64 -41.56 -4.62
N LYS B 786 0.49 -42.13 -4.19
CA LYS B 786 1.70 -42.15 -5.01
C LYS B 786 1.82 -43.44 -5.82
N GLN B 787 0.68 -44.05 -6.17
CA GLN B 787 0.68 -45.26 -6.98
C GLN B 787 -0.48 -45.14 -7.97
N ILE B 788 -0.15 -45.12 -9.26
CA ILE B 788 -1.15 -44.92 -10.29
C ILE B 788 -1.87 -46.22 -10.58
N TYR B 789 -2.98 -46.46 -9.88
CA TYR B 789 -3.80 -47.63 -10.15
C TYR B 789 -4.49 -47.48 -11.51
N LYS B 790 -4.73 -48.62 -12.16
CA LYS B 790 -5.43 -48.63 -13.43
C LYS B 790 -6.53 -49.68 -13.40
N THR B 791 -7.61 -49.39 -14.12
CA THR B 791 -8.79 -50.23 -14.08
C THR B 791 -8.57 -51.53 -14.83
N PRO B 792 -9.22 -52.61 -14.44
CA PRO B 792 -9.20 -53.84 -15.25
C PRO B 792 -10.00 -53.63 -16.53
N PRO B 793 -9.69 -54.38 -17.59
CA PRO B 793 -10.48 -54.23 -18.82
C PRO B 793 -11.89 -54.79 -18.70
N ILE B 794 -12.10 -55.80 -17.86
CA ILE B 794 -13.40 -56.44 -17.71
C ILE B 794 -14.19 -55.64 -16.66
N LYS B 795 -15.12 -54.81 -17.12
CA LYS B 795 -15.86 -53.91 -16.26
C LYS B 795 -17.09 -54.57 -15.64
N ASP B 796 -16.90 -55.69 -14.94
CA ASP B 796 -18.00 -56.36 -14.28
C ASP B 796 -18.26 -55.79 -12.89
N PHE B 797 -18.50 -54.48 -12.81
CA PHE B 797 -18.70 -53.83 -11.51
C PHE B 797 -20.13 -53.94 -11.00
N GLY B 798 -20.67 -55.15 -10.91
CA GLY B 798 -21.96 -55.34 -10.27
C GLY B 798 -23.11 -54.62 -10.94
N GLY B 799 -22.97 -54.21 -12.20
CA GLY B 799 -24.00 -53.49 -12.89
C GLY B 799 -23.90 -51.98 -12.81
N PHE B 800 -22.93 -51.45 -12.08
CA PHE B 800 -22.69 -50.01 -12.06
C PHE B 800 -21.84 -49.62 -13.28
N ASN B 801 -22.17 -48.48 -13.87
CA ASN B 801 -21.63 -48.05 -15.16
C ASN B 801 -20.75 -46.83 -14.95
N PHE B 802 -19.46 -47.07 -14.74
CA PHE B 802 -18.48 -46.00 -14.55
C PHE B 802 -17.86 -45.55 -15.87
N SER B 803 -18.32 -46.07 -17.00
CA SER B 803 -17.73 -45.68 -18.29
C SER B 803 -17.79 -44.18 -18.53
N GLN B 804 -18.77 -43.49 -17.94
CA GLN B 804 -18.92 -42.07 -18.16
C GLN B 804 -17.94 -41.23 -17.35
N ILE B 805 -17.28 -41.83 -16.36
CA ILE B 805 -16.29 -41.11 -15.56
C ILE B 805 -14.90 -41.72 -15.64
N LEU B 806 -14.75 -42.96 -16.10
CA LEU B 806 -13.43 -43.53 -16.29
C LEU B 806 -12.79 -42.96 -17.54
N PRO B 807 -11.45 -43.08 -17.66
CA PRO B 807 -10.77 -42.51 -18.81
C PRO B 807 -11.37 -42.96 -20.14
N ASP B 808 -11.27 -42.09 -21.13
CA ASP B 808 -11.67 -42.40 -22.50
C ASP B 808 -10.40 -42.56 -23.32
N PRO B 809 -9.84 -43.78 -23.40
CA PRO B 809 -8.44 -43.92 -23.84
C PRO B 809 -8.15 -43.38 -25.23
N SER B 810 -9.10 -43.47 -26.17
CA SER B 810 -8.80 -43.14 -27.55
C SER B 810 -8.58 -41.65 -27.77
N LYS B 811 -8.98 -40.81 -26.82
CA LYS B 811 -8.81 -39.38 -26.98
C LYS B 811 -7.34 -38.99 -26.77
N PRO B 812 -6.89 -37.90 -27.38
CA PRO B 812 -5.46 -37.55 -27.28
C PRO B 812 -5.00 -37.34 -25.85
N SER B 813 -5.84 -36.76 -25.00
CA SER B 813 -5.61 -36.72 -23.57
C SER B 813 -6.53 -37.73 -22.92
N LYS B 814 -5.96 -38.64 -22.14
CA LYS B 814 -6.71 -39.78 -21.65
C LYS B 814 -7.61 -39.37 -20.49
N ARG B 815 -8.51 -38.42 -20.73
CA ARG B 815 -9.49 -37.99 -19.74
C ARG B 815 -10.80 -38.74 -19.92
N SER B 816 -11.65 -38.61 -18.92
CA SER B 816 -12.96 -39.25 -18.96
C SER B 816 -13.90 -38.43 -19.84
N PHE B 817 -15.11 -38.96 -20.03
CA PHE B 817 -16.11 -38.22 -20.81
C PHE B 817 -16.52 -36.94 -20.09
N ILE B 818 -16.89 -37.07 -18.81
CA ILE B 818 -17.39 -35.91 -18.07
C ILE B 818 -16.31 -34.86 -17.90
N GLU B 819 -15.06 -35.28 -17.72
CA GLU B 819 -13.98 -34.31 -17.56
C GLU B 819 -13.83 -33.44 -18.81
N ASP B 820 -14.06 -34.02 -19.99
CA ASP B 820 -13.98 -33.23 -21.22
C ASP B 820 -15.07 -32.18 -21.30
N LEU B 821 -16.22 -32.40 -20.66
CA LEU B 821 -17.20 -31.34 -20.52
C LEU B 821 -16.69 -30.23 -19.63
N LEU B 822 -16.11 -30.61 -18.48
CA LEU B 822 -15.63 -29.60 -17.53
C LEU B 822 -14.57 -28.72 -18.18
N PHE B 823 -13.67 -29.32 -18.97
CA PHE B 823 -12.61 -28.54 -19.58
C PHE B 823 -13.13 -27.64 -20.69
N ASN B 824 -14.28 -27.96 -21.27
CA ASN B 824 -14.88 -27.08 -22.27
C ASN B 824 -15.72 -25.98 -21.65
N LYS B 825 -16.24 -26.18 -20.44
CA LYS B 825 -17.09 -25.19 -19.80
C LYS B 825 -16.29 -24.06 -19.17
N VAL B 826 -14.98 -24.21 -19.02
CA VAL B 826 -14.11 -23.13 -18.56
C VAL B 826 -13.23 -22.71 -19.73
N THR B 827 -13.27 -21.42 -20.06
CA THR B 827 -12.52 -20.87 -21.18
C THR B 827 -11.41 -19.96 -20.65
N LEU B 828 -10.20 -20.14 -21.19
CA LEU B 828 -9.03 -19.38 -20.78
C LEU B 828 -8.53 -18.55 -21.95
N ALA B 829 -7.98 -17.38 -21.64
CA ALA B 829 -7.54 -16.45 -22.68
C ALA B 829 -6.35 -16.97 -23.47
N ASP B 830 -5.56 -17.87 -22.90
CA ASP B 830 -4.34 -18.35 -23.55
C ASP B 830 -4.23 -19.87 -23.43
N ALA B 831 -3.49 -20.46 -24.35
CA ALA B 831 -3.29 -21.91 -24.39
C ALA B 831 -1.86 -22.24 -24.76
N GLY B 832 -1.29 -23.22 -24.05
CA GLY B 832 0.03 -23.72 -24.32
C GLY B 832 1.18 -22.94 -23.73
N PHE B 833 0.93 -21.76 -23.17
CA PHE B 833 1.91 -21.02 -22.39
C PHE B 833 3.14 -20.57 -23.18
N ILE B 834 3.17 -20.83 -24.49
CA ILE B 834 4.23 -20.32 -25.35
C ILE B 834 3.60 -19.43 -26.41
N LYS B 835 4.01 -18.18 -26.44
CA LYS B 835 3.55 -17.20 -27.43
C LYS B 835 4.79 -16.47 -27.92
N GLN B 836 5.26 -16.84 -29.10
CA GLN B 836 6.55 -16.38 -29.58
C GLN B 836 6.49 -14.91 -29.99
N TYR B 837 7.68 -14.34 -30.20
CA TYR B 837 7.77 -12.97 -30.66
C TYR B 837 7.11 -12.81 -32.02
N GLY B 838 7.24 -13.80 -32.89
CA GLY B 838 6.70 -13.72 -34.24
C GLY B 838 5.21 -13.51 -34.32
N ASP B 839 4.44 -14.37 -33.65
CA ASP B 839 2.99 -14.36 -33.71
C ASP B 839 2.36 -13.31 -32.80
N CYS B 840 3.14 -12.37 -32.28
CA CYS B 840 2.66 -11.44 -31.27
C CYS B 840 3.10 -10.01 -31.56
N LEU B 841 4.05 -9.82 -32.47
CA LEU B 841 4.63 -8.52 -32.74
C LEU B 841 3.90 -7.81 -33.87
N GLY B 842 4.02 -6.48 -33.88
CA GLY B 842 3.50 -5.66 -34.95
C GLY B 842 2.00 -5.48 -34.91
N ASP B 843 1.30 -6.08 -35.87
CA ASP B 843 -0.15 -5.93 -35.93
C ASP B 843 -0.81 -6.52 -34.70
N ILE B 844 -0.24 -7.59 -34.14
CA ILE B 844 -0.84 -8.28 -33.01
C ILE B 844 -0.28 -7.81 -31.67
N ALA B 845 0.67 -6.88 -31.68
CA ALA B 845 1.04 -6.22 -30.44
C ALA B 845 -0.08 -5.31 -29.97
N ALA B 846 -0.75 -4.65 -30.92
CA ALA B 846 -1.88 -3.80 -30.60
C ALA B 846 -3.07 -4.60 -30.05
N ARG B 847 -3.28 -5.82 -30.56
CA ARG B 847 -4.57 -6.46 -30.44
C ARG B 847 -4.76 -7.30 -29.19
N ASP B 848 -3.75 -8.07 -28.77
CA ASP B 848 -3.98 -9.18 -27.85
C ASP B 848 -3.70 -8.77 -26.41
N LEU B 849 -4.60 -9.19 -25.51
CA LEU B 849 -4.38 -8.96 -24.09
C LEU B 849 -3.04 -9.50 -23.64
N ILE B 850 -2.75 -10.75 -24.00
CA ILE B 850 -1.54 -11.40 -23.51
C ILE B 850 -0.30 -10.70 -24.06
N CYS B 851 -0.37 -10.23 -25.30
CA CYS B 851 0.75 -9.51 -25.88
C CYS B 851 1.01 -8.20 -25.15
N ALA B 852 -0.05 -7.48 -24.80
CA ALA B 852 0.11 -6.27 -23.99
C ALA B 852 0.72 -6.61 -22.64
N GLN B 853 0.28 -7.72 -22.03
CA GLN B 853 0.85 -8.16 -20.76
C GLN B 853 2.33 -8.49 -20.91
N LYS B 854 2.67 -9.33 -21.88
CA LYS B 854 4.04 -9.82 -21.98
C LYS B 854 5.01 -8.69 -22.27
N PHE B 855 4.61 -7.72 -23.09
CA PHE B 855 5.50 -6.63 -23.43
C PHE B 855 5.80 -5.76 -22.23
N ASN B 856 4.83 -5.57 -21.33
CA ASN B 856 5.03 -4.82 -20.11
C ASN B 856 5.53 -5.68 -18.96
N GLY B 857 6.14 -6.83 -19.25
CA GLY B 857 6.81 -7.63 -18.25
C GLY B 857 5.93 -8.52 -17.42
N LEU B 858 4.63 -8.59 -17.69
CA LEU B 858 3.73 -9.47 -16.96
C LEU B 858 3.67 -10.82 -17.67
N THR B 859 3.85 -11.90 -16.91
CA THR B 859 3.91 -13.24 -17.46
C THR B 859 3.04 -14.18 -16.65
N VAL B 860 2.53 -15.21 -17.32
CA VAL B 860 1.75 -16.27 -16.68
C VAL B 860 2.54 -17.56 -16.82
N LEU B 861 2.85 -18.19 -15.70
CA LEU B 861 3.72 -19.36 -15.74
C LEU B 861 2.90 -20.64 -15.85
N PRO B 862 3.46 -21.68 -16.46
CA PRO B 862 2.74 -22.96 -16.57
C PRO B 862 2.73 -23.70 -15.25
N PRO B 863 1.64 -24.40 -14.94
CA PRO B 863 1.63 -25.25 -13.74
C PRO B 863 2.55 -26.45 -13.90
N LEU B 864 2.99 -26.99 -12.76
CA LEU B 864 3.90 -28.12 -12.80
C LEU B 864 3.21 -29.36 -13.36
N LEU B 865 2.03 -29.71 -12.82
CA LEU B 865 1.28 -30.84 -13.33
C LEU B 865 0.43 -30.41 -14.51
N THR B 866 0.61 -31.08 -15.64
CA THR B 866 -0.22 -30.82 -16.81
C THR B 866 -1.62 -31.37 -16.59
N ASP B 867 -2.55 -30.94 -17.44
CA ASP B 867 -3.91 -31.47 -17.37
C ASP B 867 -3.94 -32.97 -17.64
N GLU B 868 -2.88 -33.54 -18.22
CA GLU B 868 -2.82 -34.98 -18.41
C GLU B 868 -2.38 -35.68 -17.13
N MET B 869 -1.37 -35.13 -16.45
CA MET B 869 -0.94 -35.70 -15.19
C MET B 869 -2.02 -35.58 -14.13
N ILE B 870 -2.79 -34.49 -14.17
CA ILE B 870 -3.92 -34.36 -13.24
C ILE B 870 -4.92 -35.46 -13.50
N ALA B 871 -5.20 -35.77 -14.76
CA ALA B 871 -6.14 -36.82 -15.08
C ALA B 871 -5.63 -38.20 -14.69
N GLN B 872 -4.32 -38.42 -14.80
CA GLN B 872 -3.76 -39.70 -14.37
C GLN B 872 -3.93 -39.88 -12.87
N TYR B 873 -3.72 -38.83 -12.09
CA TYR B 873 -3.99 -38.91 -10.67
C TYR B 873 -5.47 -39.14 -10.39
N THR B 874 -6.33 -38.46 -11.14
CA THR B 874 -7.77 -38.66 -10.97
C THR B 874 -8.17 -40.07 -11.38
N SER B 875 -7.56 -40.58 -12.46
CA SER B 875 -7.82 -41.95 -12.86
C SER B 875 -7.40 -42.94 -11.79
N ALA B 876 -6.24 -42.71 -11.18
CA ALA B 876 -5.76 -43.61 -10.14
C ALA B 876 -6.72 -43.62 -8.95
N LEU B 877 -7.19 -42.46 -8.54
CA LEU B 877 -8.12 -42.39 -7.42
C LEU B 877 -9.44 -43.06 -7.76
N LEU B 878 -9.99 -42.76 -8.93
CA LEU B 878 -11.26 -43.34 -9.33
C LEU B 878 -11.11 -44.84 -9.59
N ALA B 879 -10.04 -45.23 -10.28
CA ALA B 879 -9.84 -46.65 -10.55
C ALA B 879 -9.59 -47.42 -9.27
N GLY B 880 -8.84 -46.83 -8.33
CA GLY B 880 -8.62 -47.49 -7.05
C GLY B 880 -9.89 -47.61 -6.23
N THR B 881 -10.74 -46.59 -6.29
CA THR B 881 -11.98 -46.61 -5.51
C THR B 881 -12.87 -47.77 -5.94
N ILE B 882 -13.16 -47.86 -7.23
CA ILE B 882 -14.12 -48.85 -7.70
C ILE B 882 -13.58 -50.26 -7.54
N THR B 883 -12.28 -50.45 -7.67
CA THR B 883 -11.69 -51.78 -7.57
C THR B 883 -11.29 -52.18 -6.16
N SER B 884 -11.12 -51.23 -5.25
CA SER B 884 -10.57 -51.57 -3.94
C SER B 884 -11.30 -50.90 -2.79
N GLY B 885 -12.29 -50.07 -3.08
CA GLY B 885 -12.96 -49.36 -1.99
C GLY B 885 -12.02 -48.40 -1.30
N TRP B 886 -12.23 -48.22 0.00
CA TRP B 886 -11.41 -47.31 0.80
C TRP B 886 -10.10 -47.93 1.26
N THR B 887 -9.89 -49.23 1.01
CA THR B 887 -8.67 -49.87 1.50
C THR B 887 -7.42 -49.27 0.88
N PHE B 888 -7.51 -48.79 -0.36
CA PHE B 888 -6.33 -48.29 -1.04
C PHE B 888 -5.80 -47.00 -0.41
N GLY B 889 -6.59 -46.35 0.43
CA GLY B 889 -6.12 -45.17 1.14
C GLY B 889 -5.43 -45.52 2.43
N ALA B 890 -5.99 -46.48 3.16
CA ALA B 890 -5.46 -46.90 4.45
C ALA B 890 -4.23 -47.78 4.33
N GLY B 891 -3.89 -48.25 3.14
CA GLY B 891 -2.77 -49.15 2.97
C GLY B 891 -2.62 -49.62 1.54
N ALA B 892 -2.42 -50.91 1.34
CA ALA B 892 -2.38 -51.48 0.00
C ALA B 892 -3.79 -51.75 -0.49
N ALA B 893 -3.99 -51.55 -1.79
CA ALA B 893 -5.31 -51.71 -2.40
C ALA B 893 -5.76 -53.16 -2.36
N LEU B 894 -6.71 -53.47 -1.47
CA LEU B 894 -7.28 -54.81 -1.38
C LEU B 894 -8.53 -54.86 -2.25
N GLN B 895 -8.51 -55.70 -3.28
CA GLN B 895 -9.66 -55.77 -4.17
C GLN B 895 -10.88 -56.29 -3.41
N ILE B 896 -12.05 -55.95 -3.94
CA ILE B 896 -13.31 -56.40 -3.34
C ILE B 896 -14.42 -56.21 -4.36
N PRO B 897 -15.33 -57.17 -4.55
CA PRO B 897 -16.39 -56.97 -5.54
C PRO B 897 -17.19 -55.72 -5.22
N PHE B 898 -17.55 -54.98 -6.26
CA PHE B 898 -18.12 -53.66 -6.04
C PHE B 898 -19.45 -53.75 -5.30
N ALA B 899 -20.28 -54.73 -5.65
CA ALA B 899 -21.51 -54.94 -4.89
C ALA B 899 -21.20 -55.30 -3.46
N MET B 900 -20.09 -56.00 -3.22
CA MET B 900 -19.65 -56.25 -1.85
C MET B 900 -19.20 -54.94 -1.21
N GLN B 901 -18.53 -54.09 -1.98
CA GLN B 901 -18.10 -52.79 -1.44
C GLN B 901 -19.30 -51.92 -1.12
N MET B 902 -20.24 -51.79 -2.06
CA MET B 902 -21.44 -51.01 -1.80
C MET B 902 -22.23 -51.57 -0.62
N ALA B 903 -22.11 -52.87 -0.38
CA ALA B 903 -22.73 -53.45 0.81
C ALA B 903 -22.06 -52.94 2.08
N TYR B 904 -20.73 -52.81 2.05
CA TYR B 904 -20.04 -52.18 3.18
C TYR B 904 -20.55 -50.77 3.41
N ARG B 905 -20.77 -50.02 2.33
CA ARG B 905 -21.13 -48.61 2.44
C ARG B 905 -22.57 -48.44 2.88
N PHE B 906 -23.44 -49.40 2.59
CA PHE B 906 -24.78 -49.36 3.16
C PHE B 906 -24.73 -49.55 4.68
N ASN B 907 -23.92 -50.52 5.14
CA ASN B 907 -23.70 -50.65 6.57
C ASN B 907 -23.17 -49.36 7.17
N GLY B 908 -22.40 -48.59 6.41
CA GLY B 908 -21.88 -47.34 6.92
C GLY B 908 -22.97 -46.33 7.25
N ILE B 909 -24.06 -46.33 6.47
CA ILE B 909 -25.14 -45.38 6.68
C ILE B 909 -26.25 -45.96 7.54
N GLY B 910 -26.06 -47.15 8.11
CA GLY B 910 -27.07 -47.74 8.97
C GLY B 910 -28.21 -48.40 8.24
N VAL B 911 -27.98 -48.84 7.01
CA VAL B 911 -28.95 -49.64 6.26
C VAL B 911 -28.33 -51.01 6.05
N THR B 912 -29.06 -52.05 6.42
CA THR B 912 -28.50 -53.39 6.42
C THR B 912 -28.13 -53.81 5.00
N GLN B 913 -27.03 -54.56 4.88
CA GLN B 913 -26.48 -54.88 3.58
C GLN B 913 -27.46 -55.65 2.71
N ASN B 914 -28.34 -56.45 3.32
CA ASN B 914 -29.29 -57.21 2.51
C ASN B 914 -30.22 -56.27 1.74
N VAL B 915 -30.35 -55.02 2.18
CA VAL B 915 -31.14 -54.05 1.45
C VAL B 915 -30.50 -53.69 0.12
N LEU B 916 -29.18 -53.85 -0.01
CA LEU B 916 -28.52 -53.64 -1.29
C LEU B 916 -28.73 -54.84 -2.21
N TYR B 917 -28.39 -56.03 -1.73
CA TYR B 917 -28.44 -57.21 -2.57
C TYR B 917 -29.86 -57.49 -3.05
N GLU B 918 -30.85 -57.25 -2.20
CA GLU B 918 -32.24 -57.47 -2.59
C GLU B 918 -32.76 -56.36 -3.50
N ASN B 919 -31.98 -55.30 -3.72
CA ASN B 919 -32.38 -54.22 -4.61
C ASN B 919 -31.24 -53.80 -5.54
N GLN B 920 -30.32 -54.71 -5.84
CA GLN B 920 -29.11 -54.31 -6.58
C GLN B 920 -29.45 -53.78 -7.96
N LYS B 921 -30.41 -54.41 -8.65
CA LYS B 921 -30.76 -53.95 -9.99
C LYS B 921 -31.22 -52.50 -9.96
N LEU B 922 -32.09 -52.16 -9.01
CA LEU B 922 -32.60 -50.80 -8.91
C LEU B 922 -31.51 -49.83 -8.48
N ILE B 923 -30.66 -50.23 -7.54
CA ILE B 923 -29.60 -49.34 -7.07
C ILE B 923 -28.62 -49.06 -8.20
N ALA B 924 -28.23 -50.10 -8.95
CA ALA B 924 -27.32 -49.90 -10.07
C ALA B 924 -27.93 -48.99 -11.12
N ASN B 925 -29.22 -49.21 -11.43
CA ASN B 925 -29.89 -48.38 -12.43
C ASN B 925 -29.98 -46.93 -11.98
N GLN B 926 -30.27 -46.71 -10.69
CA GLN B 926 -30.41 -45.34 -10.21
C GLN B 926 -29.07 -44.60 -10.25
N PHE B 927 -27.98 -45.31 -9.95
CA PHE B 927 -26.67 -44.69 -10.09
C PHE B 927 -26.38 -44.37 -11.55
N ASN B 928 -26.64 -45.32 -12.45
CA ASN B 928 -26.39 -45.09 -13.87
C ASN B 928 -27.26 -43.96 -14.39
N SER B 929 -28.53 -43.90 -13.94
CA SER B 929 -29.39 -42.81 -14.37
C SER B 929 -28.97 -41.49 -13.75
N ALA B 930 -28.48 -41.51 -12.52
CA ALA B 930 -28.04 -40.28 -11.87
C ALA B 930 -26.80 -39.72 -12.56
N ILE B 931 -25.85 -40.59 -12.90
CA ILE B 931 -24.67 -40.13 -13.62
C ILE B 931 -25.05 -39.59 -14.98
N GLY B 932 -26.06 -40.20 -15.62
CA GLY B 932 -26.52 -39.67 -16.90
C GLY B 932 -26.99 -38.24 -16.80
N LYS B 933 -27.79 -37.94 -15.76
CA LYS B 933 -28.26 -36.58 -15.57
C LYS B 933 -27.12 -35.61 -15.33
N ILE B 934 -26.00 -36.08 -14.79
CA ILE B 934 -24.83 -35.23 -14.62
C ILE B 934 -24.31 -34.76 -15.97
N GLN B 935 -24.20 -35.70 -16.93
CA GLN B 935 -23.80 -35.31 -18.28
C GLN B 935 -24.78 -34.32 -18.87
N ASP B 936 -26.08 -34.62 -18.78
CA ASP B 936 -27.09 -33.72 -19.34
C ASP B 936 -27.06 -32.37 -18.66
N SER B 937 -26.89 -32.36 -17.33
CA SER B 937 -26.83 -31.09 -16.61
C SER B 937 -25.67 -30.24 -17.09
N LEU B 938 -24.46 -30.81 -17.09
CA LEU B 938 -23.29 -30.05 -17.49
C LEU B 938 -23.35 -29.67 -18.96
N SER B 939 -24.01 -30.49 -19.78
CA SER B 939 -24.18 -30.15 -21.18
C SER B 939 -25.12 -28.96 -21.35
N SER B 940 -26.13 -28.83 -20.48
CA SER B 940 -27.23 -27.91 -20.69
C SER B 940 -26.99 -26.54 -20.08
N THR B 941 -26.69 -26.46 -18.78
CA THR B 941 -26.71 -25.21 -18.04
C THR B 941 -25.34 -24.54 -18.12
N ALA B 942 -25.34 -23.24 -18.39
CA ALA B 942 -24.10 -22.51 -18.65
C ALA B 942 -23.38 -22.07 -17.37
N SER B 943 -24.10 -21.91 -16.27
CA SER B 943 -23.56 -21.27 -15.07
C SER B 943 -23.03 -22.27 -14.06
N ALA B 944 -22.94 -23.56 -14.39
CA ALA B 944 -22.60 -24.56 -13.39
C ALA B 944 -21.21 -24.31 -12.81
N LEU B 945 -20.20 -24.17 -13.65
CA LEU B 945 -18.83 -23.95 -13.19
C LEU B 945 -18.53 -22.49 -12.91
N GLY B 946 -19.33 -21.83 -12.08
CA GLY B 946 -19.06 -20.44 -11.75
C GLY B 946 -17.75 -20.24 -11.03
N LYS B 947 -17.45 -21.09 -10.05
CA LYS B 947 -16.29 -20.87 -9.21
C LYS B 947 -14.99 -20.93 -10.02
N LEU B 948 -14.88 -21.90 -10.92
CA LEU B 948 -13.63 -22.06 -11.65
C LEU B 948 -13.44 -20.99 -12.71
N GLN B 949 -14.54 -20.50 -13.31
CA GLN B 949 -14.41 -19.38 -14.21
C GLN B 949 -14.18 -18.09 -13.43
N ASP B 950 -14.84 -17.94 -12.28
CA ASP B 950 -14.64 -16.74 -11.48
C ASP B 950 -13.18 -16.57 -11.07
N VAL B 951 -12.45 -17.67 -10.88
CA VAL B 951 -11.04 -17.57 -10.54
C VAL B 951 -10.22 -17.18 -11.76
N VAL B 952 -10.49 -17.80 -12.92
CA VAL B 952 -9.77 -17.44 -14.13
C VAL B 952 -10.07 -15.99 -14.51
N ASN B 953 -11.32 -15.57 -14.36
CA ASN B 953 -11.69 -14.20 -14.73
C ASN B 953 -11.02 -13.20 -13.81
N GLN B 954 -11.00 -13.45 -12.50
CA GLN B 954 -10.40 -12.50 -11.58
C GLN B 954 -8.92 -12.33 -11.84
N ASN B 955 -8.22 -13.44 -12.11
CA ASN B 955 -6.79 -13.36 -12.38
C ASN B 955 -6.53 -12.58 -13.66
N ALA B 956 -7.35 -12.79 -14.68
CA ALA B 956 -7.20 -12.04 -15.92
C ALA B 956 -7.51 -10.56 -15.70
N GLN B 957 -8.58 -10.27 -14.97
CA GLN B 957 -8.96 -8.87 -14.74
C GLN B 957 -7.86 -8.13 -13.98
N ALA B 958 -7.21 -8.80 -13.03
CA ALA B 958 -6.18 -8.13 -12.24
C ALA B 958 -4.99 -7.73 -13.11
N LEU B 959 -4.60 -8.60 -14.04
CA LEU B 959 -3.48 -8.25 -14.92
C LEU B 959 -3.89 -7.20 -15.94
N ASN B 960 -5.08 -7.33 -16.53
CA ASN B 960 -5.52 -6.36 -17.51
C ASN B 960 -5.80 -5.00 -16.88
N THR B 961 -6.08 -4.96 -15.57
CA THR B 961 -6.11 -3.69 -14.85
C THR B 961 -4.69 -3.14 -14.71
N LEU B 962 -3.73 -4.02 -14.43
CA LEU B 962 -2.36 -3.58 -14.21
C LEU B 962 -1.78 -2.91 -15.44
N VAL B 963 -2.14 -3.37 -16.63
CA VAL B 963 -1.62 -2.75 -17.85
C VAL B 963 -2.29 -1.41 -18.10
N LYS B 964 -3.60 -1.32 -17.88
CA LYS B 964 -4.30 -0.05 -18.07
C LYS B 964 -3.75 1.03 -17.14
N GLN B 965 -3.29 0.64 -15.96
CA GLN B 965 -2.76 1.61 -15.01
C GLN B 965 -1.44 2.22 -15.48
N LEU B 966 -0.83 1.69 -16.53
CA LEU B 966 0.31 2.35 -17.14
C LEU B 966 -0.08 3.65 -17.83
N SER B 967 -1.36 3.83 -18.11
CA SER B 967 -1.85 5.06 -18.74
C SER B 967 -2.01 6.21 -17.77
N SER B 968 -1.94 5.96 -16.46
CA SER B 968 -2.10 7.02 -15.47
C SER B 968 -0.87 7.90 -15.42
N ASN B 969 -1.08 9.17 -15.08
CA ASN B 969 0.02 10.13 -14.96
C ASN B 969 0.64 10.14 -13.57
N PHE B 970 -0.16 9.95 -12.53
CA PHE B 970 0.31 10.08 -11.16
C PHE B 970 0.90 11.46 -10.90
N GLY B 971 0.38 12.47 -11.61
CA GLY B 971 0.84 13.83 -11.46
C GLY B 971 1.94 14.25 -12.41
N ALA B 972 2.54 13.31 -13.14
CA ALA B 972 3.55 13.67 -14.12
C ALA B 972 2.90 14.33 -15.33
N ILE B 973 3.74 15.00 -16.13
CA ILE B 973 3.23 15.68 -17.31
C ILE B 973 2.70 14.71 -18.34
N SER B 974 3.10 13.44 -18.28
CA SER B 974 2.72 12.47 -19.29
C SER B 974 2.69 11.08 -18.69
N SER B 975 1.82 10.23 -19.23
CA SER B 975 1.85 8.81 -18.88
C SER B 975 2.99 8.11 -19.61
N VAL B 976 3.33 8.56 -20.80
CA VAL B 976 4.38 7.95 -21.60
C VAL B 976 5.73 8.33 -21.02
N LEU B 977 6.53 7.32 -20.66
CA LEU B 977 7.83 7.58 -20.06
C LEU B 977 8.74 8.35 -21.02
N ASN B 978 8.68 8.01 -22.31
CA ASN B 978 9.60 8.60 -23.27
C ASN B 978 9.24 10.05 -23.60
N ASP B 979 7.95 10.40 -23.56
CA ASP B 979 7.57 11.78 -23.84
C ASP B 979 8.09 12.74 -22.77
N ILE B 980 8.46 12.22 -21.60
CA ILE B 980 9.13 13.03 -20.61
C ILE B 980 10.59 13.19 -20.96
N LEU B 981 11.27 12.07 -21.24
CA LEU B 981 12.70 12.10 -21.50
C LEU B 981 13.05 12.87 -22.77
N SER B 982 12.11 12.98 -23.70
CA SER B 982 12.38 13.69 -24.95
C SER B 982 12.05 15.18 -24.87
N ARG B 983 11.42 15.64 -23.78
CA ARG B 983 11.06 17.04 -23.63
C ARG B 983 11.73 17.71 -22.44
N LEU B 984 12.36 16.97 -21.55
CA LEU B 984 12.93 17.53 -20.33
C LEU B 984 14.34 17.00 -20.11
N ASP B 985 15.17 17.82 -19.49
CA ASP B 985 16.54 17.43 -19.18
C ASP B 985 16.58 16.55 -17.94
N LYS B 986 17.80 16.21 -17.50
CA LYS B 986 17.95 15.18 -16.48
C LYS B 986 17.27 15.56 -15.17
N VAL B 987 17.39 16.82 -14.76
CA VAL B 987 16.86 17.21 -13.45
C VAL B 987 15.36 17.48 -13.50
N GLU B 988 14.87 18.08 -14.59
CA GLU B 988 13.44 18.28 -14.73
C GLU B 988 12.72 16.99 -15.09
N ALA B 989 13.43 16.05 -15.72
CA ALA B 989 12.86 14.73 -15.95
C ALA B 989 12.85 13.89 -14.68
N GLU B 990 13.85 14.07 -13.82
CA GLU B 990 13.92 13.28 -12.59
C GLU B 990 12.68 13.47 -11.74
N VAL B 991 12.19 14.71 -11.65
CA VAL B 991 10.96 14.97 -10.91
C VAL B 991 9.80 14.21 -11.54
N GLN B 992 9.65 14.34 -12.86
CA GLN B 992 8.53 13.70 -13.54
C GLN B 992 8.66 12.19 -13.53
N ILE B 993 9.87 11.67 -13.72
CA ILE B 993 10.07 10.23 -13.72
C ILE B 993 9.82 9.67 -12.32
N ASP B 994 10.23 10.40 -11.29
CA ASP B 994 10.03 9.91 -9.92
C ASP B 994 8.57 9.68 -9.61
N ARG B 995 7.68 10.51 -10.15
CA ARG B 995 6.25 10.30 -9.92
C ARG B 995 5.78 9.00 -10.57
N LEU B 996 6.20 8.75 -11.79
CA LEU B 996 5.79 7.53 -12.46
C LEU B 996 6.32 6.29 -11.75
N ILE B 997 7.57 6.33 -11.29
CA ILE B 997 8.11 5.21 -10.52
C ILE B 997 7.28 4.99 -9.27
N THR B 998 6.99 6.07 -8.54
CA THR B 998 6.19 5.95 -7.33
C THR B 998 4.81 5.38 -7.63
N GLY B 999 4.15 5.91 -8.65
CA GLY B 999 2.82 5.44 -8.98
C GLY B 999 2.80 4.02 -9.53
N ARG B 1000 3.73 3.70 -10.41
CA ARG B 1000 3.75 2.38 -11.01
C ARG B 1000 4.27 1.33 -10.03
N LEU B 1001 5.16 1.72 -9.12
CA LEU B 1001 5.55 0.80 -8.06
C LEU B 1001 4.41 0.54 -7.10
N GLN B 1002 3.62 1.57 -6.80
CA GLN B 1002 2.44 1.39 -5.97
C GLN B 1002 1.43 0.47 -6.65
N SER B 1003 1.35 0.54 -7.98
CA SER B 1003 0.42 -0.32 -8.70
C SER B 1003 0.81 -1.78 -8.56
N LEU B 1004 2.10 -2.08 -8.60
CA LEU B 1004 2.55 -3.46 -8.39
C LEU B 1004 2.34 -3.89 -6.94
N GLN B 1005 2.62 -3.00 -6.00
CA GLN B 1005 2.36 -3.33 -4.60
C GLN B 1005 0.88 -3.64 -4.39
N THR B 1006 0.00 -2.87 -5.00
CA THR B 1006 -1.44 -3.13 -4.89
C THR B 1006 -1.78 -4.48 -5.51
N TYR B 1007 -1.30 -4.73 -6.73
CA TYR B 1007 -1.60 -5.99 -7.39
C TYR B 1007 -1.11 -7.17 -6.57
N VAL B 1008 0.12 -7.09 -6.08
CA VAL B 1008 0.68 -8.20 -5.31
C VAL B 1008 -0.12 -8.41 -4.02
N THR B 1009 -0.54 -7.32 -3.39
CA THR B 1009 -1.34 -7.44 -2.17
C THR B 1009 -2.64 -8.17 -2.46
N GLN B 1010 -3.33 -7.79 -3.53
CA GLN B 1010 -4.56 -8.47 -3.92
C GLN B 1010 -4.30 -9.95 -4.17
N GLN B 1011 -3.19 -10.27 -4.82
CA GLN B 1011 -2.90 -11.66 -5.15
C GLN B 1011 -2.52 -12.47 -3.91
N LEU B 1012 -1.83 -11.86 -2.95
CA LEU B 1012 -1.53 -12.57 -1.71
C LEU B 1012 -2.81 -12.87 -0.94
N ILE B 1013 -3.72 -11.90 -0.87
CA ILE B 1013 -5.02 -12.15 -0.24
C ILE B 1013 -5.80 -13.20 -1.02
N ARG B 1014 -5.82 -13.06 -2.35
CA ARG B 1014 -6.56 -13.99 -3.18
C ARG B 1014 -6.01 -15.41 -3.05
N ALA B 1015 -4.68 -15.55 -3.07
CA ALA B 1015 -4.07 -16.87 -2.90
C ALA B 1015 -4.51 -17.53 -1.60
N ALA B 1016 -4.80 -16.75 -0.57
CA ALA B 1016 -5.28 -17.33 0.67
C ALA B 1016 -6.70 -17.86 0.51
N GLU B 1017 -7.51 -17.21 -0.31
CA GLU B 1017 -8.82 -17.77 -0.64
C GLU B 1017 -8.67 -19.11 -1.33
N ILE B 1018 -7.74 -19.20 -2.28
CA ILE B 1018 -7.56 -20.44 -3.04
C ILE B 1018 -6.92 -21.51 -2.18
N ARG B 1019 -6.00 -21.13 -1.28
CA ARG B 1019 -5.36 -22.11 -0.42
C ARG B 1019 -6.39 -22.79 0.48
N ALA B 1020 -7.25 -22.00 1.11
CA ALA B 1020 -8.31 -22.56 1.93
C ALA B 1020 -9.20 -23.48 1.12
N SER B 1021 -9.53 -23.07 -0.11
CA SER B 1021 -10.33 -23.93 -0.98
C SER B 1021 -9.56 -25.19 -1.36
N ALA B 1022 -8.26 -25.07 -1.61
CA ALA B 1022 -7.45 -26.24 -1.94
C ALA B 1022 -7.25 -27.13 -0.73
N ASN B 1023 -7.24 -26.56 0.48
CA ASN B 1023 -7.18 -27.39 1.68
C ASN B 1023 -8.50 -28.07 1.93
N LEU B 1024 -9.61 -27.45 1.54
CA LEU B 1024 -10.91 -28.11 1.63
C LEU B 1024 -11.00 -29.24 0.62
N ALA B 1025 -10.63 -28.96 -0.63
CA ALA B 1025 -10.68 -30.00 -1.66
C ALA B 1025 -9.78 -31.17 -1.30
N ALA B 1026 -8.64 -30.89 -0.67
CA ALA B 1026 -7.75 -31.96 -0.23
C ALA B 1026 -8.42 -32.80 0.85
N THR B 1027 -9.16 -32.17 1.76
CA THR B 1027 -9.85 -32.91 2.81
C THR B 1027 -11.04 -33.69 2.26
N LYS B 1028 -11.79 -33.09 1.31
CA LYS B 1028 -12.87 -33.83 0.68
C LYS B 1028 -12.35 -35.00 -0.12
N MET B 1029 -11.17 -34.87 -0.72
CA MET B 1029 -10.55 -36.01 -1.40
C MET B 1029 -10.28 -37.14 -0.41
N SER B 1030 -9.63 -36.81 0.71
CA SER B 1030 -9.28 -37.83 1.69
C SER B 1030 -10.53 -38.47 2.28
N GLU B 1031 -11.53 -37.65 2.62
CA GLU B 1031 -12.64 -38.12 3.43
C GLU B 1031 -13.86 -38.56 2.62
N CYS B 1032 -14.09 -37.99 1.44
CA CYS B 1032 -15.21 -38.41 0.61
C CYS B 1032 -14.80 -39.44 -0.44
N VAL B 1033 -13.60 -39.29 -1.02
CA VAL B 1033 -13.13 -40.24 -2.02
C VAL B 1033 -12.41 -41.42 -1.39
N LEU B 1034 -11.33 -41.16 -0.65
CA LEU B 1034 -10.55 -42.25 -0.07
C LEU B 1034 -11.24 -42.95 1.07
N GLY B 1035 -12.43 -42.53 1.45
CA GLY B 1035 -13.17 -43.15 2.54
C GLY B 1035 -14.65 -42.97 2.36
N GLN B 1036 -15.36 -42.96 3.49
CA GLN B 1036 -16.80 -42.69 3.49
C GLN B 1036 -17.09 -41.82 4.69
N SER B 1037 -17.49 -40.58 4.44
CA SER B 1037 -17.63 -39.60 5.52
C SER B 1037 -18.96 -39.79 6.23
N LYS B 1038 -18.90 -39.91 7.56
CA LYS B 1038 -20.10 -39.90 8.38
C LYS B 1038 -20.57 -38.49 8.68
N ARG B 1039 -19.80 -37.48 8.30
CA ARG B 1039 -20.18 -36.10 8.54
C ARG B 1039 -21.36 -35.70 7.67
N VAL B 1040 -22.20 -34.83 8.19
CA VAL B 1040 -23.43 -34.46 7.52
C VAL B 1040 -23.15 -33.36 6.51
N ASP B 1041 -23.73 -33.51 5.31
CA ASP B 1041 -23.65 -32.49 4.29
C ASP B 1041 -22.22 -32.11 3.94
N PHE B 1042 -21.25 -32.95 4.33
CA PHE B 1042 -19.87 -32.69 3.92
C PHE B 1042 -19.61 -33.19 2.51
N CYS B 1043 -20.29 -34.24 2.08
CA CYS B 1043 -20.14 -34.75 0.74
C CYS B 1043 -21.53 -34.75 0.09
N GLY B 1044 -22.22 -33.62 0.20
CA GLY B 1044 -23.54 -33.45 -0.39
C GLY B 1044 -24.66 -33.90 0.53
N LYS B 1045 -25.88 -33.60 0.10
CA LYS B 1045 -27.06 -33.89 0.91
C LYS B 1045 -27.46 -35.35 0.72
N GLY B 1046 -27.90 -35.97 1.81
CA GLY B 1046 -28.12 -37.39 1.87
C GLY B 1046 -27.05 -38.07 2.70
N TYR B 1047 -27.15 -39.39 2.77
CA TYR B 1047 -26.16 -40.20 3.48
C TYR B 1047 -25.06 -40.60 2.50
N HIS B 1048 -23.85 -40.12 2.74
CA HIS B 1048 -22.74 -40.34 1.82
C HIS B 1048 -22.45 -41.82 1.66
N LEU B 1049 -22.41 -42.26 0.40
CA LEU B 1049 -21.92 -43.59 0.06
C LEU B 1049 -20.49 -43.55 -0.46
N MET B 1050 -20.27 -42.80 -1.53
CA MET B 1050 -18.94 -42.70 -2.12
C MET B 1050 -18.91 -41.48 -3.03
N SER B 1051 -17.69 -41.03 -3.34
CA SER B 1051 -17.47 -39.88 -4.21
C SER B 1051 -16.39 -40.20 -5.23
N PHE B 1052 -16.50 -39.58 -6.39
CA PHE B 1052 -15.56 -39.79 -7.48
C PHE B 1052 -14.97 -38.45 -7.89
N PRO B 1053 -13.65 -38.27 -7.85
CA PRO B 1053 -13.07 -37.00 -8.29
C PRO B 1053 -13.05 -36.88 -9.80
N GLN B 1054 -13.21 -35.65 -10.28
CA GLN B 1054 -13.09 -35.32 -11.68
C GLN B 1054 -12.27 -34.04 -11.79
N SER B 1055 -11.23 -34.07 -12.62
CA SER B 1055 -10.40 -32.89 -12.79
C SER B 1055 -11.13 -31.84 -13.62
N ALA B 1056 -10.89 -30.58 -13.29
CA ALA B 1056 -11.40 -29.45 -14.03
C ALA B 1056 -10.33 -28.39 -14.09
N PRO B 1057 -10.42 -27.45 -15.03
CA PRO B 1057 -9.41 -26.40 -15.11
C PRO B 1057 -9.27 -25.63 -13.81
N HIS B 1058 -8.09 -25.71 -13.20
CA HIS B 1058 -7.77 -25.00 -11.97
C HIS B 1058 -8.63 -25.44 -10.80
N GLY B 1059 -9.27 -26.60 -10.89
CA GLY B 1059 -10.14 -27.04 -9.83
C GLY B 1059 -10.38 -28.54 -9.89
N VAL B 1060 -11.25 -28.98 -9.00
CA VAL B 1060 -11.65 -30.38 -8.92
C VAL B 1060 -13.16 -30.44 -8.76
N VAL B 1061 -13.77 -31.47 -9.36
CA VAL B 1061 -15.20 -31.71 -9.25
C VAL B 1061 -15.40 -33.06 -8.57
N PHE B 1062 -16.17 -33.07 -7.49
CA PHE B 1062 -16.50 -34.29 -6.77
C PHE B 1062 -17.92 -34.69 -7.15
N LEU B 1063 -18.09 -35.93 -7.59
CA LEU B 1063 -19.40 -36.50 -7.85
C LEU B 1063 -19.81 -37.29 -6.61
N HIS B 1064 -20.60 -36.66 -5.74
CA HIS B 1064 -20.96 -37.25 -4.45
C HIS B 1064 -22.17 -38.16 -4.63
N VAL B 1065 -22.00 -39.44 -4.31
CA VAL B 1065 -23.09 -40.41 -4.36
C VAL B 1065 -23.67 -40.53 -2.96
N THR B 1066 -24.98 -40.32 -2.84
CA THR B 1066 -25.65 -40.28 -1.54
C THR B 1066 -26.95 -41.08 -1.58
N TYR B 1067 -27.18 -41.84 -0.51
CA TYR B 1067 -28.43 -42.56 -0.33
C TYR B 1067 -29.44 -41.64 0.34
N VAL B 1068 -30.58 -41.44 -0.30
CA VAL B 1068 -31.60 -40.49 0.16
C VAL B 1068 -32.89 -41.27 0.43
N PRO B 1069 -33.43 -41.24 1.65
CA PRO B 1069 -34.75 -41.83 1.89
C PRO B 1069 -35.81 -41.19 1.01
N ALA B 1070 -36.67 -42.03 0.44
CA ALA B 1070 -37.58 -41.59 -0.62
C ALA B 1070 -39.05 -41.63 -0.21
N GLN B 1071 -39.57 -42.79 0.17
CA GLN B 1071 -41.01 -42.98 0.31
C GLN B 1071 -41.34 -43.40 1.75
N GLU B 1072 -41.56 -42.42 2.61
CA GLU B 1072 -41.83 -42.70 4.01
C GLU B 1072 -43.30 -42.99 4.24
N LYS B 1073 -43.56 -43.86 5.22
CA LYS B 1073 -44.90 -44.14 5.71
C LYS B 1073 -45.01 -43.78 7.18
N ASN B 1074 -46.17 -43.28 7.57
CA ASN B 1074 -46.45 -43.06 8.98
C ASN B 1074 -46.59 -44.39 9.71
N PHE B 1075 -46.11 -44.43 10.94
CA PHE B 1075 -46.29 -45.59 11.81
C PHE B 1075 -46.48 -45.12 13.25
N THR B 1076 -47.22 -45.91 14.01
CA THR B 1076 -47.21 -45.77 15.45
C THR B 1076 -45.98 -46.48 16.01
N THR B 1077 -45.42 -45.92 17.08
CA THR B 1077 -44.18 -46.43 17.63
C THR B 1077 -44.25 -46.39 19.15
N ALA B 1078 -43.35 -47.16 19.77
CA ALA B 1078 -43.24 -47.24 21.22
C ALA B 1078 -41.76 -47.28 21.60
N PRO B 1079 -41.41 -46.72 22.75
CA PRO B 1079 -40.00 -46.82 23.18
C PRO B 1079 -39.62 -48.20 23.70
N ALA B 1080 -40.57 -48.96 24.23
CA ALA B 1080 -40.27 -50.27 24.80
C ALA B 1080 -41.52 -51.13 24.76
N ILE B 1081 -41.32 -52.44 24.96
CA ILE B 1081 -42.42 -53.41 24.90
C ILE B 1081 -42.35 -54.33 26.11
N CYS B 1082 -43.46 -54.44 26.82
CA CYS B 1082 -43.57 -55.39 27.94
C CYS B 1082 -43.97 -56.77 27.44
N HIS B 1083 -43.20 -57.78 27.85
CA HIS B 1083 -43.60 -59.16 27.56
C HIS B 1083 -43.85 -59.98 28.82
N ASP B 1084 -42.82 -60.16 29.63
CA ASP B 1084 -42.87 -61.05 30.79
C ASP B 1084 -42.94 -60.30 32.11
N GLY B 1085 -43.27 -59.01 32.09
CA GLY B 1085 -43.03 -58.14 33.21
C GLY B 1085 -41.73 -57.36 33.09
N LYS B 1086 -40.92 -57.67 32.09
CA LYS B 1086 -39.71 -56.94 31.76
C LYS B 1086 -39.99 -55.97 30.61
N ALA B 1087 -39.05 -55.04 30.40
CA ALA B 1087 -39.12 -54.09 29.31
C ALA B 1087 -38.06 -54.44 28.28
N HIS B 1088 -38.44 -54.43 27.00
CA HIS B 1088 -37.58 -54.86 25.91
C HIS B 1088 -37.31 -53.70 24.97
N PHE B 1089 -36.06 -53.57 24.55
CA PHE B 1089 -35.64 -52.52 23.64
C PHE B 1089 -34.93 -53.14 22.44
N PRO B 1090 -35.04 -52.52 21.27
CA PRO B 1090 -34.34 -53.07 20.10
C PRO B 1090 -32.84 -53.05 20.30
N ARG B 1091 -32.16 -54.09 19.79
CA ARG B 1091 -30.71 -54.02 19.69
C ARG B 1091 -30.31 -53.00 18.63
N GLU B 1092 -30.79 -53.21 17.41
CA GLU B 1092 -30.71 -52.21 16.35
C GLU B 1092 -32.10 -52.05 15.75
N GLY B 1093 -32.51 -50.81 15.57
CA GLY B 1093 -33.79 -50.52 14.96
C GLY B 1093 -34.78 -49.92 15.94
N VAL B 1094 -36.04 -49.90 15.53
CA VAL B 1094 -37.09 -49.23 16.27
C VAL B 1094 -38.37 -50.04 16.16
N PHE B 1095 -39.24 -49.89 17.15
CA PHE B 1095 -40.54 -50.54 17.14
C PHE B 1095 -41.54 -49.73 16.33
N VAL B 1096 -42.34 -50.42 15.52
CA VAL B 1096 -43.38 -49.78 14.72
C VAL B 1096 -44.59 -50.70 14.69
N SER B 1097 -45.78 -50.09 14.77
CA SER B 1097 -47.04 -50.79 14.65
C SER B 1097 -47.75 -50.35 13.38
N ASN B 1098 -48.18 -51.31 12.57
CA ASN B 1098 -48.97 -51.00 11.39
C ASN B 1098 -50.45 -50.84 11.71
N GLY B 1099 -50.81 -50.75 12.99
CA GLY B 1099 -52.17 -50.55 13.43
C GLY B 1099 -52.77 -51.74 14.14
N THR B 1100 -52.26 -52.94 13.88
CA THR B 1100 -52.71 -54.15 14.54
C THR B 1100 -51.58 -54.97 15.15
N HIS B 1101 -50.40 -54.95 14.53
CA HIS B 1101 -49.28 -55.79 14.95
C HIS B 1101 -48.05 -54.93 15.15
N TRP B 1102 -47.20 -55.34 16.09
CA TRP B 1102 -45.96 -54.64 16.41
C TRP B 1102 -44.77 -55.33 15.76
N PHE B 1103 -43.89 -54.54 15.16
CA PHE B 1103 -42.70 -55.05 14.52
C PHE B 1103 -41.50 -54.22 14.94
N VAL B 1104 -40.32 -54.80 14.74
CA VAL B 1104 -39.06 -54.10 14.92
C VAL B 1104 -38.41 -53.97 13.55
N THR B 1105 -37.95 -52.75 13.24
CA THR B 1105 -37.39 -52.48 11.92
C THR B 1105 -36.15 -51.61 12.10
N GLN B 1106 -35.28 -51.66 11.09
CA GLN B 1106 -34.13 -50.76 11.06
C GLN B 1106 -34.60 -49.32 10.87
N ARG B 1107 -33.84 -48.39 11.41
CA ARG B 1107 -34.31 -47.01 11.53
C ARG B 1107 -34.42 -46.32 10.19
N ASN B 1108 -33.58 -46.68 9.22
CA ASN B 1108 -33.49 -45.93 7.96
C ASN B 1108 -34.12 -46.64 6.78
N PHE B 1109 -34.84 -47.74 7.00
CA PHE B 1109 -35.46 -48.46 5.91
C PHE B 1109 -36.52 -49.39 6.47
N TYR B 1110 -37.76 -49.25 6.00
CA TYR B 1110 -38.87 -50.04 6.54
C TYR B 1110 -38.78 -51.46 6.04
N GLU B 1111 -38.19 -52.33 6.86
CA GLU B 1111 -38.15 -53.77 6.61
C GLU B 1111 -38.56 -54.45 7.90
N PRO B 1112 -39.86 -54.65 8.13
CA PRO B 1112 -40.33 -55.11 9.43
C PRO B 1112 -40.00 -56.57 9.70
N GLN B 1113 -39.93 -56.89 10.98
CA GLN B 1113 -39.67 -58.26 11.43
C GLN B 1113 -40.42 -58.52 12.71
N ILE B 1114 -40.69 -59.80 12.98
CA ILE B 1114 -41.32 -60.18 14.23
C ILE B 1114 -40.38 -59.86 15.38
N ILE B 1115 -40.94 -59.36 16.48
CA ILE B 1115 -40.15 -59.04 17.65
C ILE B 1115 -39.80 -60.32 18.39
N THR B 1116 -38.51 -60.51 18.65
CA THR B 1116 -38.00 -61.72 19.28
C THR B 1116 -36.95 -61.33 20.32
N THR B 1117 -36.54 -62.31 21.12
CA THR B 1117 -35.43 -62.08 22.04
C THR B 1117 -34.12 -61.85 21.31
N ASP B 1118 -34.07 -62.14 20.01
CA ASP B 1118 -32.89 -61.87 19.19
C ASP B 1118 -32.86 -60.43 18.70
N ASN B 1119 -34.02 -59.87 18.37
CA ASN B 1119 -34.08 -58.48 17.93
C ASN B 1119 -33.88 -57.53 19.09
N THR B 1120 -34.30 -57.91 20.29
CA THR B 1120 -34.41 -57.02 21.43
C THR B 1120 -33.40 -57.39 22.51
N PHE B 1121 -33.27 -56.51 23.49
CA PHE B 1121 -32.58 -56.79 24.73
C PHE B 1121 -33.44 -56.29 25.88
N VAL B 1122 -33.12 -56.73 27.09
CA VAL B 1122 -33.98 -56.53 28.26
C VAL B 1122 -33.27 -55.64 29.27
N SER B 1123 -34.04 -54.77 29.91
CA SER B 1123 -33.52 -53.97 31.02
C SER B 1123 -34.69 -53.50 31.88
N GLY B 1124 -34.73 -53.97 33.13
CA GLY B 1124 -35.69 -53.50 34.09
C GLY B 1124 -37.12 -53.93 33.78
N ASN B 1125 -38.04 -53.46 34.61
CA ASN B 1125 -39.46 -53.77 34.49
C ASN B 1125 -40.21 -52.60 33.89
N CYS B 1126 -41.53 -52.77 33.76
CA CYS B 1126 -42.36 -51.90 32.94
C CYS B 1126 -42.72 -50.58 33.62
N ASP B 1127 -42.54 -50.47 34.93
CA ASP B 1127 -43.05 -49.31 35.65
C ASP B 1127 -42.34 -48.01 35.29
N VAL B 1128 -41.10 -48.07 34.80
CA VAL B 1128 -40.28 -46.87 34.71
C VAL B 1128 -40.36 -46.19 33.33
N VAL B 1129 -40.57 -46.96 32.27
CA VAL B 1129 -40.46 -46.44 30.91
C VAL B 1129 -41.76 -45.76 30.52
N ILE B 1130 -41.68 -44.45 30.23
CA ILE B 1130 -42.84 -43.69 29.79
C ILE B 1130 -43.21 -44.11 28.38
N GLY B 1131 -44.49 -44.41 28.16
CA GLY B 1131 -44.99 -44.77 26.85
C GLY B 1131 -44.82 -46.23 26.48
N ILE B 1132 -44.46 -47.08 27.42
CA ILE B 1132 -44.29 -48.50 27.12
C ILE B 1132 -45.64 -49.12 26.78
N VAL B 1133 -45.61 -50.13 25.90
CA VAL B 1133 -46.81 -50.83 25.45
C VAL B 1133 -46.61 -52.32 25.63
N ASN B 1134 -47.69 -53.07 25.42
CA ASN B 1134 -47.72 -54.52 25.62
C ASN B 1134 -47.80 -55.22 24.28
N ASN B 1135 -46.87 -56.13 24.03
CA ASN B 1135 -46.97 -57.03 22.88
C ASN B 1135 -46.10 -58.24 23.14
N THR B 1136 -46.52 -59.38 22.62
CA THR B 1136 -45.76 -60.61 22.82
C THR B 1136 -44.39 -60.51 22.15
N VAL B 1137 -43.41 -61.13 22.77
CA VAL B 1137 -42.04 -61.20 22.25
C VAL B 1137 -41.74 -62.67 21.98
N TYR B 1138 -41.62 -63.02 20.71
CA TYR B 1138 -41.52 -64.42 20.30
C TYR B 1138 -40.11 -64.94 20.56
N ASP B 1139 -40.01 -65.95 21.42
CA ASP B 1139 -38.73 -66.57 21.72
C ASP B 1139 -38.54 -67.75 20.76
N PRO B 1140 -37.60 -67.69 19.82
CA PRO B 1140 -37.47 -68.80 18.86
C PRO B 1140 -37.01 -70.10 19.51
N LEU B 1141 -36.46 -70.05 20.71
CA LEU B 1141 -36.08 -71.29 21.39
C LEU B 1141 -37.31 -72.10 21.80
N GLN B 1142 -38.42 -71.42 22.10
CA GLN B 1142 -39.59 -72.12 22.63
C GLN B 1142 -40.09 -73.20 21.69
N PRO B 1143 -40.51 -72.90 20.45
CA PRO B 1143 -40.99 -73.98 19.58
C PRO B 1143 -39.95 -75.05 19.33
N GLU B 1144 -38.65 -74.68 19.30
CA GLU B 1144 -37.62 -75.69 19.11
C GLU B 1144 -37.55 -76.66 20.27
N LEU B 1145 -38.03 -76.26 21.45
CA LEU B 1145 -38.20 -77.17 22.57
C LEU B 1145 -39.61 -77.73 22.65
N ASP B 1146 -40.58 -77.08 22.02
CA ASP B 1146 -41.96 -77.53 22.10
C ASP B 1146 -42.19 -78.76 21.22
N SER B 1147 -41.84 -78.67 19.95
CA SER B 1147 -41.89 -79.87 19.11
C SER B 1147 -40.93 -80.93 19.61
N PHE B 1148 -39.88 -80.53 20.32
CA PHE B 1148 -39.04 -81.49 21.03
C PHE B 1148 -39.81 -82.12 22.18
N LYS B 1149 -40.72 -81.36 22.79
CA LYS B 1149 -41.60 -81.91 23.81
C LYS B 1149 -42.60 -82.88 23.20
N GLU B 1150 -43.17 -82.52 22.04
CA GLU B 1150 -44.08 -83.42 21.36
C GLU B 1150 -43.37 -84.67 20.86
N GLU B 1151 -42.14 -84.53 20.37
CA GLU B 1151 -41.36 -85.72 20.03
C GLU B 1151 -41.17 -86.60 21.25
N LEU B 1152 -40.87 -85.99 22.39
CA LEU B 1152 -40.74 -86.75 23.63
C LEU B 1152 -42.06 -87.42 24.00
N ASP B 1153 -43.17 -86.69 23.86
CA ASP B 1153 -44.47 -87.24 24.23
C ASP B 1153 -44.81 -88.46 23.38
N LYS B 1154 -44.65 -88.36 22.07
CA LYS B 1154 -44.99 -89.49 21.21
C LYS B 1154 -44.06 -90.68 21.44
N TYR B 1155 -42.82 -90.42 21.87
CA TYR B 1155 -41.97 -91.52 22.32
C TYR B 1155 -42.60 -92.22 23.52
N PHE B 1156 -43.11 -91.45 24.48
CA PHE B 1156 -43.80 -92.04 25.62
C PHE B 1156 -45.06 -92.78 25.18
N LYS B 1157 -45.86 -92.16 24.31
CA LYS B 1157 -47.09 -92.80 23.86
C LYS B 1157 -46.83 -94.18 23.29
N ASN B 1158 -45.88 -94.27 22.36
CA ASN B 1158 -45.54 -95.55 21.75
C ASN B 1158 -45.04 -96.54 22.78
N HIS B 1159 -44.21 -96.08 23.73
CA HIS B 1159 -43.63 -96.97 24.72
C HIS B 1159 -44.68 -97.60 25.62
N THR B 1160 -45.88 -97.01 25.69
CA THR B 1160 -46.98 -97.63 26.44
C THR B 1160 -47.55 -98.83 25.70
N SER B 1161 -47.42 -98.87 24.37
CA SER B 1161 -48.14 -99.82 23.55
C SER B 1161 -47.63 -101.25 23.67
N PRO B 1162 -46.30 -101.49 23.67
CA PRO B 1162 -45.90 -102.90 23.67
C PRO B 1162 -46.13 -103.60 25.00
N GLN C 14 11.77 58.09 39.39
CA GLN C 14 13.14 58.28 39.86
C GLN C 14 13.91 56.95 39.82
N CYS C 15 14.96 56.86 40.63
CA CYS C 15 15.82 55.68 40.64
C CYS C 15 16.48 55.53 42.01
N VAL C 16 15.94 54.64 42.84
CA VAL C 16 16.47 54.41 44.19
C VAL C 16 16.45 52.93 44.49
N ASN C 17 17.41 52.50 45.31
CA ASN C 17 17.54 51.10 45.71
C ASN C 17 16.86 50.93 47.06
N LEU C 18 15.63 50.45 47.05
CA LEU C 18 14.93 50.11 48.29
C LEU C 18 15.49 48.82 48.87
N THR C 19 16.38 48.94 49.85
CA THR C 19 17.22 47.82 50.28
C THR C 19 16.67 47.05 51.48
N THR C 20 15.74 47.62 52.24
CA THR C 20 15.24 46.95 53.44
C THR C 20 14.46 45.70 53.05
N ARG C 21 15.04 44.52 53.29
CA ARG C 21 14.41 43.27 52.93
C ARG C 21 14.93 42.16 53.84
N THR C 22 14.18 41.05 53.87
CA THR C 22 14.51 39.88 54.67
C THR C 22 14.94 38.76 53.73
N GLN C 23 16.04 38.09 54.07
CA GLN C 23 16.62 37.07 53.20
C GLN C 23 15.94 35.72 53.43
N LEU C 24 15.38 35.16 52.37
CA LEU C 24 14.72 33.85 52.39
C LEU C 24 15.30 32.96 51.30
N PRO C 25 15.21 31.65 51.46
CA PRO C 25 15.65 30.73 50.41
C PRO C 25 14.70 30.74 49.23
N PRO C 26 15.13 30.28 48.06
CA PRO C 26 14.21 30.23 46.90
C PRO C 26 13.19 29.11 47.02
N ALA C 27 11.92 29.47 47.19
CA ALA C 27 10.86 28.49 47.35
C ALA C 27 10.41 27.93 46.00
N TYR C 28 9.75 26.78 46.05
CA TYR C 28 9.19 26.13 44.87
C TYR C 28 7.76 25.72 45.13
N THR C 29 7.06 25.39 44.05
CA THR C 29 5.65 25.01 44.11
C THR C 29 5.35 24.14 42.89
N ASN C 30 4.27 23.37 43.00
CA ASN C 30 3.90 22.38 41.98
C ASN C 30 2.85 22.97 41.04
N SER C 31 3.16 22.98 39.75
CA SER C 31 2.19 23.34 38.71
C SER C 31 1.39 22.10 38.34
N PHE C 32 0.30 21.88 39.07
CA PHE C 32 -0.45 20.64 38.92
C PHE C 32 -0.95 20.47 37.49
N THR C 33 -1.95 21.27 37.09
CA THR C 33 -2.40 21.32 35.70
C THR C 33 -2.72 22.78 35.40
N ARG C 34 -1.72 23.51 34.93
CA ARG C 34 -1.84 24.93 34.64
C ARG C 34 -1.00 25.27 33.41
N GLY C 35 -1.14 26.49 32.93
CA GLY C 35 -0.35 26.93 31.80
C GLY C 35 -0.76 26.32 30.48
N VAL C 36 -1.97 25.81 30.38
CA VAL C 36 -2.53 25.40 29.10
C VAL C 36 -3.31 26.56 28.52
N TYR C 37 -3.25 26.71 27.20
CA TYR C 37 -3.87 27.84 26.53
C TYR C 37 -4.40 27.37 25.18
N TYR C 38 -5.32 28.14 24.63
CA TYR C 38 -5.87 27.80 23.33
C TYR C 38 -4.79 27.90 22.27
N PRO C 39 -4.41 26.81 21.60
CA PRO C 39 -3.26 26.87 20.70
C PRO C 39 -3.52 27.61 19.40
N ASP C 40 -4.78 27.81 19.03
CA ASP C 40 -5.09 28.53 17.81
C ASP C 40 -6.50 29.11 17.93
N LYS C 41 -6.82 29.99 16.99
CA LYS C 41 -8.08 30.75 17.05
C LYS C 41 -9.21 30.03 16.32
N VAL C 42 -9.10 28.71 16.20
CA VAL C 42 -10.11 27.89 15.54
C VAL C 42 -11.00 27.26 16.60
N PHE C 43 -12.30 27.25 16.34
CA PHE C 43 -13.26 26.65 17.26
C PHE C 43 -13.28 25.14 17.11
N ARG C 44 -13.44 24.43 18.23
CA ARG C 44 -13.63 22.99 18.22
C ARG C 44 -14.54 22.62 19.38
N SER C 45 -15.27 21.52 19.21
CA SER C 45 -16.25 21.11 20.21
C SER C 45 -16.40 19.59 20.19
N SER C 46 -16.52 19.00 21.38
CA SER C 46 -16.70 17.57 21.53
C SER C 46 -15.67 16.79 20.72
N VAL C 47 -14.40 17.12 20.94
CA VAL C 47 -13.30 16.44 20.25
C VAL C 47 -12.07 16.51 21.15
N LEU C 48 -11.20 15.52 21.00
CA LEU C 48 -9.93 15.47 21.70
C LEU C 48 -8.83 15.78 20.70
N HIS C 49 -8.14 16.90 20.90
CA HIS C 49 -7.24 17.46 19.90
C HIS C 49 -5.80 17.40 20.41
N SER C 50 -4.95 16.72 19.66
CA SER C 50 -3.53 16.66 19.98
C SER C 50 -2.80 17.83 19.32
N THR C 51 -1.89 18.45 20.07
CA THR C 51 -1.12 19.56 19.54
C THR C 51 0.25 19.58 20.20
N GLN C 52 1.24 20.08 19.47
CA GLN C 52 2.59 20.26 19.97
C GLN C 52 2.92 21.74 19.96
N ASP C 53 3.29 22.28 21.12
CA ASP C 53 3.63 23.68 21.25
C ASP C 53 4.42 23.87 22.53
N LEU C 54 4.86 25.10 22.75
CA LEU C 54 5.55 25.45 23.99
C LEU C 54 4.53 25.51 25.11
N PHE C 55 4.51 24.49 25.95
CA PHE C 55 3.56 24.39 27.05
C PHE C 55 4.31 24.29 28.35
N LEU C 56 3.62 24.60 29.43
CA LEU C 56 4.17 24.40 30.77
C LEU C 56 3.97 22.93 31.16
N PRO C 57 5.04 22.15 31.30
CA PRO C 57 4.87 20.74 31.65
C PRO C 57 4.09 20.57 32.95
N PHE C 58 3.23 19.55 32.97
CA PHE C 58 2.44 19.28 34.16
C PHE C 58 3.34 18.93 35.34
N PHE C 59 2.94 19.37 36.53
CA PHE C 59 3.61 19.00 37.77
C PHE C 59 5.09 19.37 37.76
N SER C 60 5.40 20.51 37.15
CA SER C 60 6.78 21.02 37.15
C SER C 60 6.92 21.95 38.35
N ASN C 61 8.12 22.06 38.92
CA ASN C 61 8.33 22.91 40.09
C ASN C 61 8.48 24.36 39.62
N VAL C 62 7.44 25.16 39.81
CA VAL C 62 7.50 26.57 39.41
C VAL C 62 8.06 27.41 40.56
N THR C 63 8.92 28.38 40.24
CA THR C 63 9.52 29.26 41.24
C THR C 63 8.43 30.03 41.97
N TRP C 64 8.60 30.25 43.27
CA TRP C 64 7.56 30.95 44.02
C TRP C 64 8.14 32.20 44.66
N PHE C 65 7.43 33.31 44.51
CA PHE C 65 7.90 34.61 44.98
C PHE C 65 6.79 35.29 45.79
N HIS C 66 7.21 36.11 46.75
CA HIS C 66 6.31 36.70 47.73
C HIS C 66 6.51 38.19 47.83
N ALA C 67 5.41 38.89 48.12
CA ALA C 67 5.44 40.22 48.71
C ALA C 67 4.73 40.13 50.07
N ILE C 68 5.42 40.55 51.13
CA ILE C 68 4.93 40.36 52.49
C ILE C 68 5.19 41.64 53.28
N HIS C 69 4.19 42.10 54.03
CA HIS C 69 4.34 43.27 54.89
C HIS C 69 5.02 44.42 54.17
N LYS C 77 8.89 43.80 54.37
CA LYS C 77 9.56 42.64 54.97
C LYS C 77 10.10 41.72 53.88
N ARG C 78 9.27 41.40 52.89
CA ARG C 78 9.68 40.58 51.75
C ARG C 78 9.18 41.25 50.47
N PHE C 79 10.11 41.61 49.60
CA PHE C 79 9.79 42.40 48.40
C PHE C 79 10.58 41.97 47.18
N ASP C 80 10.64 40.67 46.89
CA ASP C 80 11.53 40.16 45.86
C ASP C 80 10.99 40.51 44.47
N ASN C 81 11.80 41.25 43.70
CA ASN C 81 11.54 41.46 42.28
C ASN C 81 12.79 41.09 41.48
N PRO C 82 13.18 39.82 41.48
CA PRO C 82 14.44 39.44 40.82
C PRO C 82 14.33 39.46 39.30
N VAL C 83 15.48 39.67 38.66
CA VAL C 83 15.58 39.47 37.22
C VAL C 83 15.71 37.98 36.94
N LEU C 84 14.81 37.46 36.11
CA LEU C 84 14.73 36.03 35.89
C LEU C 84 14.99 35.69 34.42
N PRO C 85 15.51 34.50 34.14
CA PRO C 85 15.66 34.09 32.74
C PRO C 85 14.33 34.06 32.01
N PHE C 86 14.38 34.18 30.68
CA PHE C 86 13.19 34.09 29.84
C PHE C 86 13.59 33.28 28.61
N ASN C 87 13.43 31.96 28.68
CA ASN C 87 13.87 31.05 27.63
C ASN C 87 12.71 30.18 27.22
N ASP C 88 12.48 30.09 25.91
CA ASP C 88 11.40 29.30 25.33
C ASP C 88 10.02 29.70 25.84
N GLY C 89 9.89 30.90 26.40
CA GLY C 89 8.63 31.35 26.93
C GLY C 89 8.51 31.14 28.43
N VAL C 90 7.52 31.81 29.01
CA VAL C 90 7.30 31.82 30.46
C VAL C 90 5.82 31.72 30.76
N TYR C 91 5.47 30.94 31.78
CA TYR C 91 4.15 30.99 32.38
C TYR C 91 4.22 31.77 33.68
N PHE C 92 3.38 32.79 33.80
CA PHE C 92 3.39 33.68 34.96
C PHE C 92 1.99 33.78 35.52
N ALA C 93 1.87 33.62 36.84
CA ALA C 93 0.59 33.72 37.52
C ALA C 93 0.80 34.36 38.89
N SER C 94 -0.20 35.10 39.34
CA SER C 94 -0.13 35.81 40.62
C SER C 94 -1.44 35.61 41.38
N THR C 95 -1.34 35.08 42.59
CA THR C 95 -2.44 35.10 43.54
C THR C 95 -2.39 36.44 44.27
N GLU C 96 -3.40 37.27 44.06
CA GLU C 96 -3.25 38.70 44.27
C GLU C 96 -4.47 39.29 44.96
N LYS C 97 -4.23 40.11 45.98
CA LYS C 97 -5.22 41.01 46.53
C LYS C 97 -4.64 42.43 46.56
N SER C 98 -5.52 43.41 46.41
CA SER C 98 -5.12 44.82 46.47
C SER C 98 -4.10 45.18 45.39
N ASN C 99 -4.09 44.45 44.28
CA ASN C 99 -3.45 44.87 43.03
C ASN C 99 -1.99 45.28 43.25
N ILE C 100 -1.18 44.28 43.61
CA ILE C 100 0.22 44.52 43.91
C ILE C 100 1.17 44.23 42.74
N ILE C 101 0.76 43.38 41.79
CA ILE C 101 1.56 43.08 40.60
C ILE C 101 0.99 43.89 39.44
N ARG C 102 1.82 44.74 38.84
CA ARG C 102 1.34 45.73 37.89
C ARG C 102 2.10 45.75 36.56
N GLY C 103 2.86 44.72 36.25
CA GLY C 103 3.50 44.65 34.95
C GLY C 103 4.83 43.91 35.01
N TRP C 104 5.58 44.03 33.92
CA TRP C 104 6.82 43.29 33.75
C TRP C 104 7.81 44.08 32.91
N ILE C 105 9.07 43.68 33.01
CA ILE C 105 10.13 44.15 32.13
C ILE C 105 10.65 42.94 31.37
N PHE C 106 10.82 43.08 30.06
CA PHE C 106 11.44 42.05 29.24
C PHE C 106 12.59 42.68 28.46
N GLY C 107 13.67 41.92 28.31
CA GLY C 107 14.80 42.39 27.54
C GLY C 107 15.96 41.43 27.67
N THR C 108 17.14 41.88 27.24
CA THR C 108 18.34 41.08 27.30
C THR C 108 19.41 41.71 28.19
N THR C 109 19.72 42.99 28.00
CA THR C 109 20.71 43.68 28.82
C THR C 109 20.07 44.52 29.93
N LEU C 110 18.93 45.14 29.64
CA LEU C 110 18.20 45.99 30.60
C LEU C 110 18.98 47.23 31.01
N ASP C 111 20.01 47.63 30.25
CA ASP C 111 20.81 48.79 30.61
C ASP C 111 20.92 49.79 29.46
N SER C 112 19.99 49.75 28.51
CA SER C 112 19.92 50.68 27.38
C SER C 112 21.00 50.42 26.33
N LYS C 113 21.86 49.43 26.53
CA LYS C 113 22.69 48.96 25.42
C LYS C 113 21.83 48.35 24.33
N THR C 114 20.64 47.86 24.69
CA THR C 114 19.74 47.18 23.77
C THR C 114 18.31 47.59 24.11
N GLN C 115 17.39 47.26 23.21
CA GLN C 115 15.99 47.58 23.44
C GLN C 115 15.39 46.66 24.50
N SER C 116 14.27 47.12 25.07
CA SER C 116 13.56 46.34 26.07
C SER C 116 12.07 46.67 25.99
N LEU C 117 11.25 45.73 26.45
CA LEU C 117 9.81 45.85 26.41
C LEU C 117 9.28 46.17 27.80
N LEU C 118 8.48 47.23 27.90
CA LEU C 118 7.83 47.62 29.14
C LEU C 118 6.32 47.40 29.01
N ILE C 119 5.77 46.58 29.89
CA ILE C 119 4.32 46.45 30.05
C ILE C 119 3.99 46.83 31.48
N VAL C 120 3.18 47.87 31.64
CA VAL C 120 2.84 48.42 32.95
C VAL C 120 1.36 48.78 32.97
N ASN C 121 0.71 48.47 34.10
CA ASN C 121 -0.68 48.85 34.34
C ASN C 121 -0.68 49.91 35.44
N ASN C 122 -0.45 51.16 35.05
CA ASN C 122 -0.44 52.22 36.05
C ASN C 122 -1.87 52.69 36.30
N ALA C 123 -2.06 53.50 37.33
CA ALA C 123 -3.39 53.70 37.91
C ALA C 123 -4.38 54.25 36.90
N THR C 124 -3.92 54.87 35.82
CA THR C 124 -4.82 55.50 34.86
C THR C 124 -5.04 54.67 33.60
N ASN C 125 -4.05 53.90 33.17
CA ASN C 125 -4.19 53.11 31.95
C ASN C 125 -3.02 52.14 31.82
N VAL C 126 -3.20 51.17 30.93
CA VAL C 126 -2.12 50.25 30.58
C VAL C 126 -1.25 50.90 29.52
N VAL C 127 0.06 50.77 29.67
CA VAL C 127 1.03 51.32 28.73
C VAL C 127 1.98 50.22 28.30
N ILE C 128 2.17 50.06 26.99
CA ILE C 128 3.14 49.14 26.43
C ILE C 128 4.10 49.94 25.56
N LYS C 129 5.38 49.86 25.88
CA LYS C 129 6.39 50.66 25.20
C LYS C 129 7.67 49.86 25.05
N VAL C 130 8.32 50.01 23.90
CA VAL C 130 9.58 49.34 23.61
C VAL C 130 10.62 50.42 23.35
N CYS C 131 11.62 50.51 24.23
CA CYS C 131 12.64 51.54 24.16
C CYS C 131 13.96 50.96 24.65
N GLU C 132 15.04 51.67 24.33
CA GLU C 132 16.35 51.36 24.93
C GLU C 132 16.37 51.90 26.36
N PHE C 133 15.62 51.26 27.23
CA PHE C 133 15.42 51.78 28.58
C PHE C 133 16.68 51.63 29.43
N GLN C 134 16.88 52.59 30.33
CA GLN C 134 17.84 52.46 31.43
C GLN C 134 17.02 52.13 32.68
N PHE C 135 16.87 50.84 32.96
CA PHE C 135 16.08 50.41 34.11
C PHE C 135 16.88 50.52 35.40
N CYS C 136 16.16 50.70 36.49
CA CYS C 136 16.78 50.82 37.81
C CYS C 136 17.05 49.44 38.40
N ASN C 137 17.98 49.39 39.36
CA ASN C 137 18.35 48.12 39.96
C ASN C 137 17.14 47.44 40.58
N ASP C 138 16.33 48.20 41.32
CA ASP C 138 15.11 47.68 41.96
C ASP C 138 13.93 48.53 41.51
N PRO C 139 13.35 48.25 40.35
CA PRO C 139 12.23 49.05 39.86
C PRO C 139 10.94 48.71 40.59
N PHE C 140 10.11 49.74 40.78
CA PHE C 140 8.82 49.54 41.41
C PHE C 140 7.93 50.73 41.12
N LEU C 141 6.63 50.51 41.27
CA LEU C 141 5.65 51.58 41.39
C LEU C 141 5.27 51.73 42.85
N GLY C 142 4.73 52.89 43.20
CA GLY C 142 4.47 53.21 44.60
C GLY C 142 3.10 53.83 44.78
N VAL C 143 2.59 53.67 46.00
CA VAL C 143 1.26 54.16 46.36
C VAL C 143 1.32 54.72 47.78
N TYR C 144 0.62 55.84 48.00
CA TYR C 144 0.46 56.39 49.34
C TYR C 144 -0.77 55.76 50.01
N TYR C 145 -0.62 55.44 51.29
CA TYR C 145 -1.57 54.60 52.01
C TYR C 145 -2.42 55.45 52.97
N HIS C 146 -3.74 55.42 52.76
CA HIS C 146 -4.72 55.90 53.74
C HIS C 146 -4.33 57.28 54.29
N LYS C 147 -3.79 58.14 53.44
CA LYS C 147 -3.23 59.42 53.86
C LYS C 147 -4.33 60.47 54.00
N ASN C 148 -5.05 60.39 55.12
CA ASN C 148 -6.04 61.40 55.52
C ASN C 148 -7.00 61.74 54.38
N ASN C 149 -7.19 60.79 53.47
CA ASN C 149 -8.13 60.90 52.37
C ASN C 149 -8.96 59.65 52.17
N LYS C 150 -8.64 58.56 52.87
CA LYS C 150 -9.20 57.24 52.60
C LYS C 150 -9.20 56.93 51.10
N SER C 151 -8.27 57.52 50.37
CA SER C 151 -8.04 57.25 48.96
C SER C 151 -6.57 56.90 48.78
N TRP C 152 -6.29 55.68 48.32
CA TRP C 152 -4.92 55.25 48.08
C TRP C 152 -4.45 55.85 46.77
N MET C 153 -3.42 56.70 46.83
CA MET C 153 -2.96 57.48 45.70
C MET C 153 -1.63 56.93 45.20
N GLU C 154 -1.56 56.61 43.91
CA GLU C 154 -0.31 56.23 43.29
C GLU C 154 0.57 57.46 43.11
N SER C 155 1.83 57.37 43.58
CA SER C 155 2.70 58.55 43.53
C SER C 155 4.12 58.26 43.06
N GLU C 156 4.49 57.02 42.76
CA GLU C 156 5.85 56.70 42.34
C GLU C 156 5.83 55.81 41.11
N PHE C 157 6.77 56.06 40.20
CA PHE C 157 6.92 55.30 38.96
C PHE C 157 8.40 55.03 38.72
N ARG C 158 9.12 54.64 39.77
CA ARG C 158 10.57 54.48 39.73
C ARG C 158 10.94 53.14 39.10
N VAL C 159 10.78 53.07 37.78
CA VAL C 159 11.11 51.86 37.01
C VAL C 159 12.31 52.09 36.10
N TYR C 160 12.32 53.20 35.35
CA TYR C 160 13.42 53.51 34.46
C TYR C 160 13.79 54.97 34.59
N SER C 161 15.04 55.28 34.27
CA SER C 161 15.57 56.64 34.33
C SER C 161 15.85 57.24 32.97
N SER C 162 15.77 56.45 31.89
CA SER C 162 15.99 56.99 30.55
C SER C 162 15.32 56.07 29.54
N ALA C 163 14.83 56.68 28.45
CA ALA C 163 14.22 55.96 27.33
C ALA C 163 14.76 56.61 26.05
N ASN C 164 15.87 56.06 25.56
CA ASN C 164 16.60 56.72 24.48
C ASN C 164 15.88 56.60 23.15
N ASN C 165 15.58 55.38 22.72
CA ASN C 165 15.10 55.11 21.35
C ASN C 165 13.86 54.24 21.42
N CYS C 166 12.68 54.86 21.27
CA CYS C 166 11.39 54.17 21.40
C CYS C 166 10.82 53.91 20.00
N THR C 167 10.81 52.64 19.59
CA THR C 167 10.22 52.28 18.30
C THR C 167 8.72 52.04 18.42
N PHE C 168 8.27 51.33 19.46
CA PHE C 168 6.89 50.89 19.59
C PHE C 168 6.30 51.41 20.88
N GLU C 169 5.01 51.77 20.83
CA GLU C 169 4.34 52.32 22.01
C GLU C 169 2.83 52.19 21.86
N TYR C 170 2.16 51.92 22.98
CA TYR C 170 0.70 51.87 23.03
C TYR C 170 0.24 52.25 24.42
N VAL C 171 -0.85 53.02 24.49
CA VAL C 171 -1.48 53.40 25.75
C VAL C 171 -2.99 53.21 25.60
N SER C 172 -3.59 52.46 26.53
CA SER C 172 -5.00 52.17 26.48
C SER C 172 -5.84 53.39 26.90
N GLN C 173 -7.12 53.32 26.59
CA GLN C 173 -8.04 54.36 27.03
C GLN C 173 -8.05 54.43 28.56
N PRO C 174 -8.10 55.63 29.14
CA PRO C 174 -7.91 55.75 30.59
C PRO C 174 -9.04 55.10 31.39
N PHE C 175 -8.67 54.58 32.56
CA PHE C 175 -9.62 54.06 33.53
C PHE C 175 -9.12 54.42 34.93
N LEU C 176 -9.95 54.17 35.93
CA LEU C 176 -9.55 54.25 37.32
C LEU C 176 -9.81 52.90 37.97
N MET C 177 -8.73 52.19 38.29
CA MET C 177 -8.80 50.90 38.97
C MET C 177 -8.28 51.07 40.39
N ASP C 178 -9.09 50.66 41.36
CA ASP C 178 -8.82 50.94 42.76
C ASP C 178 -7.58 50.22 43.25
N LEU C 179 -6.88 50.86 44.19
CA LEU C 179 -5.62 50.35 44.74
C LEU C 179 -5.69 50.14 46.25
N GLU C 180 -6.87 49.85 46.79
CA GLU C 180 -7.08 49.78 48.22
C GLU C 180 -7.76 48.47 48.59
N GLY C 181 -7.39 47.93 49.74
CA GLY C 181 -8.01 46.73 50.26
C GLY C 181 -7.08 45.98 51.20
N LYS C 182 -7.68 45.23 52.13
CA LYS C 182 -6.94 44.39 53.05
C LYS C 182 -7.85 43.23 53.47
N GLN C 183 -7.56 42.04 52.97
CA GLN C 183 -8.36 40.85 53.23
C GLN C 183 -7.47 39.73 53.71
N GLY C 184 -8.11 38.75 54.37
CA GLY C 184 -7.36 37.63 54.90
C GLY C 184 -6.65 36.84 53.80
N ASN C 185 -7.41 36.39 52.81
CA ASN C 185 -6.91 35.48 51.79
C ASN C 185 -6.95 36.14 50.41
N PHE C 186 -6.11 35.62 49.53
CA PHE C 186 -6.05 36.10 48.15
C PHE C 186 -7.37 35.86 47.44
N LYS C 187 -7.83 36.89 46.72
CA LYS C 187 -9.14 36.85 46.09
C LYS C 187 -9.10 36.70 44.58
N ASN C 188 -7.98 37.01 43.93
CA ASN C 188 -7.89 36.95 42.47
C ASN C 188 -6.65 36.19 42.04
N LEU C 189 -6.82 35.34 41.04
CA LEU C 189 -5.73 34.68 40.35
C LEU C 189 -5.66 35.19 38.92
N ARG C 190 -4.51 35.69 38.52
CA ARG C 190 -4.26 36.12 37.16
C ARG C 190 -3.14 35.27 36.57
N GLU C 191 -3.33 34.83 35.33
CA GLU C 191 -2.41 33.90 34.69
C GLU C 191 -1.99 34.46 33.34
N PHE C 192 -0.71 34.27 33.01
CA PHE C 192 -0.18 34.76 31.75
C PHE C 192 0.81 33.75 31.17
N VAL C 193 0.77 33.60 29.85
CA VAL C 193 1.79 32.87 29.10
C VAL C 193 2.47 33.88 28.18
N PHE C 194 3.79 33.93 28.23
CA PHE C 194 4.57 34.82 27.38
C PHE C 194 5.40 33.98 26.42
N LYS C 195 5.21 34.22 25.12
CA LYS C 195 6.00 33.57 24.09
C LYS C 195 6.54 34.64 23.15
N ASN C 196 7.81 34.51 22.80
CA ASN C 196 8.50 35.43 21.89
C ASN C 196 8.94 34.62 20.68
N ILE C 197 8.13 34.66 19.62
CA ILE C 197 8.33 33.81 18.45
C ILE C 197 8.51 34.71 17.23
N ASP C 198 9.68 34.59 16.59
CA ASP C 198 9.95 35.23 15.29
C ASP C 198 9.46 36.68 15.26
N GLY C 199 9.87 37.45 16.27
CA GLY C 199 9.60 38.87 16.32
C GLY C 199 8.24 39.25 16.85
N TYR C 200 7.37 38.29 17.13
CA TYR C 200 6.05 38.55 17.69
C TYR C 200 6.03 38.08 19.13
N PHE C 201 5.72 39.00 20.05
CA PHE C 201 5.58 38.68 21.47
C PHE C 201 4.12 38.41 21.76
N LYS C 202 3.81 37.16 22.09
CA LYS C 202 2.43 36.70 22.27
C LYS C 202 2.10 36.58 23.75
N ILE C 203 0.92 37.06 24.14
CA ILE C 203 0.43 36.98 25.51
C ILE C 203 -0.90 36.25 25.51
N TYR C 204 -1.05 35.27 26.40
CA TYR C 204 -2.31 34.63 26.70
C TYR C 204 -2.60 34.84 28.17
N SER C 205 -3.87 35.02 28.52
CA SER C 205 -4.21 35.35 29.89
C SER C 205 -5.55 34.76 30.27
N LYS C 206 -5.74 34.58 31.58
CA LYS C 206 -7.00 34.15 32.15
C LYS C 206 -7.14 34.76 33.54
N HIS C 207 -8.38 34.92 33.98
CA HIS C 207 -8.68 35.56 35.25
C HIS C 207 -9.79 34.78 35.96
N THR C 208 -9.53 34.38 37.20
CA THR C 208 -10.50 33.60 37.97
C THR C 208 -10.53 34.03 39.43
N PRO C 209 -11.70 34.03 40.06
CA PRO C 209 -11.75 34.29 41.51
C PRO C 209 -11.26 33.10 42.32
N ILE C 210 -10.81 33.39 43.54
CA ILE C 210 -10.31 32.36 44.44
C ILE C 210 -10.56 32.81 45.89
N ASN C 211 -10.60 31.83 46.79
CA ASN C 211 -10.47 32.06 48.24
C ASN C 211 -9.41 31.08 48.72
N LEU C 212 -8.15 31.48 48.59
CA LEU C 212 -7.01 30.65 48.93
C LEU C 212 -5.97 31.50 49.66
N VAL C 213 -5.24 30.88 50.58
CA VAL C 213 -4.41 31.65 51.49
C VAL C 213 -2.97 31.77 50.99
N ARG C 214 -2.29 30.66 50.65
CA ARG C 214 -0.88 30.76 50.31
C ARG C 214 -0.39 29.80 49.22
N ASP C 215 -1.23 29.43 48.24
CA ASP C 215 -0.75 28.48 47.25
C ASP C 215 -1.46 28.65 45.92
N LEU C 216 -0.75 28.29 44.85
CA LEU C 216 -1.30 28.24 43.49
C LEU C 216 -2.47 27.27 43.47
N PRO C 217 -3.69 27.74 43.14
CA PRO C 217 -4.86 26.86 43.24
C PRO C 217 -4.72 25.62 42.38
N GLN C 218 -5.15 24.48 42.95
CA GLN C 218 -5.20 23.24 42.19
C GLN C 218 -6.44 23.23 41.31
N GLY C 219 -6.24 23.21 40.01
CA GLY C 219 -7.37 23.26 39.09
C GLY C 219 -6.89 23.31 37.66
N PHE C 220 -7.81 23.64 36.77
CA PHE C 220 -7.50 23.70 35.34
C PHE C 220 -8.39 24.74 34.66
N SER C 221 -7.77 25.65 33.92
CA SER C 221 -8.49 26.64 33.12
C SER C 221 -7.55 27.17 32.05
N ALA C 222 -7.94 27.05 30.79
CA ALA C 222 -7.07 27.45 29.69
C ALA C 222 -7.08 28.96 29.50
N LEU C 223 -5.95 29.49 29.05
CA LEU C 223 -5.79 30.92 28.82
C LEU C 223 -6.15 31.26 27.37
N GLU C 224 -6.99 32.27 27.19
CA GLU C 224 -7.25 32.75 25.84
C GLU C 224 -6.15 33.73 25.41
N PRO C 225 -5.81 33.75 24.12
CA PRO C 225 -4.94 34.81 23.61
C PRO C 225 -5.63 36.16 23.72
N LEU C 226 -4.84 37.21 23.96
CA LEU C 226 -5.43 38.55 24.07
C LEU C 226 -4.72 39.56 23.17
N VAL C 227 -3.39 39.50 23.10
CA VAL C 227 -2.63 40.49 22.36
C VAL C 227 -1.36 39.84 21.83
N ASP C 228 -0.89 40.34 20.69
CA ASP C 228 0.34 39.87 20.04
C ASP C 228 1.05 41.11 19.50
N LEU C 229 2.16 41.49 20.16
CA LEU C 229 2.83 42.74 19.83
C LEU C 229 4.06 42.47 18.99
N PRO C 230 4.27 43.20 17.89
CA PRO C 230 5.42 42.93 17.01
C PRO C 230 6.69 43.63 17.45
N ILE C 231 7.09 43.46 18.71
CA ILE C 231 8.21 44.24 19.23
C ILE C 231 9.49 43.95 18.48
N GLY C 232 9.79 42.68 18.19
CA GLY C 232 10.97 42.35 17.42
C GLY C 232 12.29 42.43 18.16
N ILE C 233 12.28 42.52 19.49
CA ILE C 233 13.52 42.63 20.26
C ILE C 233 13.98 41.23 20.66
N ASN C 234 15.27 41.13 20.99
CA ASN C 234 15.82 39.91 21.58
C ASN C 234 15.56 39.95 23.08
N ILE C 235 14.97 38.87 23.59
CA ILE C 235 14.61 38.77 25.00
C ILE C 235 15.37 37.59 25.59
N THR C 236 16.02 37.82 26.72
CA THR C 236 16.69 36.75 27.47
C THR C 236 16.35 36.76 28.95
N ARG C 237 15.86 37.86 29.50
CA ARG C 237 15.52 37.95 30.92
C ARG C 237 14.29 38.83 31.07
N PHE C 238 13.63 38.70 32.21
CA PHE C 238 12.43 39.47 32.48
C PHE C 238 12.32 39.71 33.98
N GLN C 239 11.43 40.61 34.35
CA GLN C 239 11.33 41.04 35.75
C GLN C 239 9.97 41.68 35.97
N THR C 240 9.20 41.14 36.90
CA THR C 240 7.88 41.68 37.20
C THR C 240 8.00 42.95 38.04
N LEU C 241 7.07 43.88 37.84
CA LEU C 241 7.09 45.17 38.51
C LEU C 241 6.06 45.16 39.63
N LEU C 242 6.52 45.29 40.86
CA LEU C 242 5.66 45.27 42.03
C LEU C 242 5.25 46.68 42.44
N ALA C 243 4.07 46.78 43.02
CA ALA C 243 3.62 48.02 43.64
C ALA C 243 4.11 48.08 45.08
N LEU C 244 4.44 49.28 45.54
CA LEU C 244 4.96 49.46 46.89
C LEU C 244 3.90 50.04 47.82
N SER C 254 12.05 57.49 54.36
CA SER C 254 12.04 58.31 53.16
C SER C 254 12.18 57.46 51.90
N SER C 255 13.41 57.24 51.47
CA SER C 255 13.68 56.44 50.28
C SER C 255 13.68 54.95 50.59
N SER C 256 14.21 54.60 51.75
CA SER C 256 14.27 53.20 52.17
C SER C 256 13.38 52.95 53.39
N GLY C 257 12.93 51.71 53.55
CA GLY C 257 12.09 51.34 54.66
C GLY C 257 10.62 51.51 54.35
N TRP C 258 9.94 50.40 54.07
CA TRP C 258 8.52 50.45 53.68
C TRP C 258 7.73 49.24 54.16
N THR C 259 6.60 48.99 53.51
CA THR C 259 5.75 47.86 53.87
C THR C 259 5.22 47.17 52.61
N ALA C 260 5.59 45.90 52.44
CA ALA C 260 5.14 45.13 51.29
C ALA C 260 3.71 44.63 51.49
N GLY C 261 2.97 44.49 50.39
CA GLY C 261 1.60 44.03 50.45
C GLY C 261 1.48 42.53 50.28
N ALA C 262 0.52 41.93 50.97
CA ALA C 262 0.30 40.49 50.89
C ALA C 262 0.01 40.05 49.46
N ALA C 263 1.06 39.67 48.74
CA ALA C 263 0.93 39.23 47.36
C ALA C 263 1.99 38.20 47.00
N ALA C 264 1.66 37.34 46.04
CA ALA C 264 2.57 36.30 45.60
C ALA C 264 2.41 36.08 44.10
N TYR C 265 3.47 35.60 43.47
CA TYR C 265 3.42 35.24 42.06
C TYR C 265 4.34 34.06 41.81
N TYR C 266 4.03 33.31 40.76
CA TYR C 266 4.70 32.05 40.44
C TYR C 266 5.15 32.07 38.99
N VAL C 267 6.29 31.45 38.71
CA VAL C 267 6.90 31.50 37.39
C VAL C 267 7.33 30.10 36.98
N GLY C 268 6.90 29.68 35.79
CA GLY C 268 7.38 28.46 35.20
C GLY C 268 7.83 28.69 33.77
N TYR C 269 8.62 27.76 33.27
CA TYR C 269 9.23 27.88 31.94
C TYR C 269 8.67 26.82 31.01
N LEU C 270 8.24 27.25 29.83
CA LEU C 270 7.62 26.36 28.85
C LEU C 270 8.67 25.48 28.16
N GLN C 271 8.21 24.35 27.66
CA GLN C 271 9.01 23.45 26.84
C GLN C 271 8.16 22.98 25.68
N PRO C 272 8.79 22.58 24.57
CA PRO C 272 8.02 22.05 23.45
C PRO C 272 7.45 20.68 23.77
N ARG C 273 6.14 20.62 24.01
CA ARG C 273 5.49 19.41 24.52
C ARG C 273 4.23 19.12 23.72
N THR C 274 3.95 17.83 23.54
CA THR C 274 2.69 17.39 22.96
C THR C 274 1.62 17.37 24.05
N PHE C 275 0.46 17.95 23.74
CA PHE C 275 -0.64 18.01 24.69
C PHE C 275 -1.92 17.55 24.02
N LEU C 276 -2.63 16.63 24.67
CA LEU C 276 -3.96 16.22 24.24
C LEU C 276 -4.99 17.06 24.98
N LEU C 277 -5.80 17.79 24.23
CA LEU C 277 -6.74 18.75 24.79
C LEU C 277 -8.17 18.30 24.52
N LYS C 278 -9.02 18.44 25.53
CA LYS C 278 -10.43 18.05 25.44
C LYS C 278 -11.29 19.29 25.30
N TYR C 279 -12.09 19.34 24.24
CA TYR C 279 -13.08 20.40 24.05
C TYR C 279 -14.45 19.86 24.38
N ASN C 280 -15.18 20.59 25.24
CA ASN C 280 -16.53 20.19 25.60
C ASN C 280 -17.51 20.59 24.51
N GLU C 281 -18.79 20.39 24.79
CA GLU C 281 -19.85 20.73 23.84
C GLU C 281 -19.81 22.21 23.48
N ASN C 282 -19.48 23.05 24.47
CA ASN C 282 -19.41 24.48 24.24
C ASN C 282 -18.06 24.91 23.66
N GLY C 283 -17.18 23.97 23.40
CA GLY C 283 -15.92 24.26 22.75
C GLY C 283 -14.88 24.92 23.63
N THR C 284 -15.07 24.90 24.94
CA THR C 284 -14.05 25.37 25.86
C THR C 284 -13.14 24.21 26.25
N ILE C 285 -11.83 24.45 26.19
CA ILE C 285 -10.86 23.42 26.55
C ILE C 285 -11.07 23.11 28.03
N THR C 286 -11.60 21.92 28.32
CA THR C 286 -12.02 21.56 29.66
C THR C 286 -11.06 20.62 30.38
N ASP C 287 -10.23 19.89 29.65
CA ASP C 287 -9.24 19.02 30.27
C ASP C 287 -8.07 18.87 29.31
N ALA C 288 -6.94 18.40 29.83
CA ALA C 288 -5.73 18.25 29.03
C ALA C 288 -4.86 17.14 29.61
N VAL C 289 -4.07 16.53 28.73
CA VAL C 289 -3.12 15.48 29.11
C VAL C 289 -1.76 15.85 28.57
N ASP C 290 -0.74 15.82 29.43
CA ASP C 290 0.63 16.08 29.03
C ASP C 290 1.24 14.77 28.50
N CYS C 291 1.61 14.76 27.23
CA CYS C 291 2.04 13.54 26.56
C CYS C 291 3.34 12.98 27.12
N ALA C 292 4.07 13.73 27.95
CA ALA C 292 5.36 13.29 28.46
C ALA C 292 5.44 13.35 29.99
N LEU C 293 4.32 13.63 30.67
CA LEU C 293 4.35 13.70 32.13
C LEU C 293 4.86 12.40 32.73
N ASP C 294 4.32 11.26 32.27
CA ASP C 294 4.75 9.96 32.76
C ASP C 294 4.29 8.91 31.75
N PRO C 295 4.76 7.66 31.88
CA PRO C 295 4.35 6.63 30.92
C PRO C 295 2.85 6.44 30.81
N LEU C 296 2.11 6.56 31.92
CA LEU C 296 0.65 6.44 31.82
C LEU C 296 0.09 7.49 30.89
N SER C 297 0.51 8.75 31.07
CA SER C 297 0.02 9.83 30.22
C SER C 297 0.40 9.61 28.76
N GLU C 298 1.53 8.95 28.52
CA GLU C 298 1.91 8.64 27.14
C GLU C 298 0.86 7.77 26.47
N THR C 299 0.33 6.78 27.19
CA THR C 299 -0.68 5.91 26.61
C THR C 299 -1.98 6.68 26.35
N LYS C 300 -2.42 7.47 27.32
CA LYS C 300 -3.56 8.34 27.08
C LYS C 300 -3.33 9.20 25.85
N CYS C 301 -2.15 9.79 25.75
CA CYS C 301 -1.82 10.61 24.59
C CYS C 301 -1.79 9.78 23.31
N THR C 302 -1.24 8.58 23.38
CA THR C 302 -1.17 7.73 22.18
C THR C 302 -2.54 7.24 21.76
N LEU C 303 -3.38 6.86 22.72
CA LEU C 303 -4.72 6.37 22.41
C LEU C 303 -5.70 7.51 22.15
N LYS C 304 -5.30 8.75 22.35
CA LYS C 304 -6.18 9.90 22.18
C LYS C 304 -7.47 9.72 22.98
N SER C 305 -7.30 9.30 24.23
CA SER C 305 -8.42 9.12 25.14
C SER C 305 -7.95 9.37 26.55
N PHE C 306 -8.78 10.03 27.35
CA PHE C 306 -8.46 10.29 28.74
C PHE C 306 -8.66 9.08 29.62
N THR C 307 -9.44 8.10 29.17
CA THR C 307 -9.65 6.85 29.90
C THR C 307 -8.93 5.73 29.17
N VAL C 308 -8.24 4.88 29.94
CA VAL C 308 -7.50 3.74 29.40
C VAL C 308 -8.02 2.48 30.09
N GLU C 309 -8.38 1.48 29.29
CA GLU C 309 -8.89 0.24 29.83
C GLU C 309 -7.77 -0.65 30.35
N LYS C 310 -8.15 -1.67 31.09
CA LYS C 310 -7.20 -2.65 31.64
C LYS C 310 -6.40 -3.29 30.52
N GLY C 311 -5.11 -3.45 30.74
CA GLY C 311 -4.26 -4.14 29.80
C GLY C 311 -2.83 -3.64 29.89
N ILE C 312 -2.00 -4.15 28.98
CA ILE C 312 -0.61 -3.73 28.85
C ILE C 312 -0.45 -3.08 27.48
N TYR C 313 0.07 -1.86 27.47
CA TYR C 313 0.16 -1.04 26.28
C TYR C 313 1.61 -0.77 25.92
N GLN C 314 1.95 -0.91 24.65
CA GLN C 314 3.28 -0.60 24.16
C GLN C 314 3.46 0.89 24.01
N THR C 315 4.58 1.41 24.50
CA THR C 315 4.90 2.83 24.42
C THR C 315 6.18 3.02 23.60
N SER C 316 6.63 4.28 23.54
CA SER C 316 7.84 4.60 22.79
C SER C 316 9.05 3.91 23.40
N ASN C 317 10.03 3.60 22.55
CA ASN C 317 11.27 3.03 23.03
C ASN C 317 11.96 3.99 23.99
N PHE C 318 12.57 3.45 25.04
CA PHE C 318 13.32 4.26 25.98
C PHE C 318 14.46 4.96 25.26
N ARG C 319 14.55 6.27 25.42
CA ARG C 319 15.57 7.06 24.72
C ARG C 319 16.14 8.14 25.63
N VAL C 320 17.46 8.29 25.59
CA VAL C 320 18.17 9.29 26.36
C VAL C 320 18.42 10.51 25.49
N GLN C 321 18.20 11.69 26.06
CA GLN C 321 18.49 12.92 25.35
C GLN C 321 19.99 13.22 25.39
N PRO C 322 20.52 13.93 24.39
CA PRO C 322 21.95 14.23 24.39
C PRO C 322 22.35 15.06 25.60
N THR C 323 23.50 14.71 26.18
CA THR C 323 23.98 15.44 27.36
C THR C 323 24.58 16.78 26.97
N GLU C 324 25.33 16.83 25.88
CA GLU C 324 25.94 18.08 25.42
C GLU C 324 26.26 17.95 23.94
N SER C 325 26.53 19.09 23.32
CA SER C 325 26.95 19.11 21.93
C SER C 325 28.46 18.94 21.83
N ILE C 326 28.91 18.38 20.70
CA ILE C 326 30.33 18.22 20.41
C ILE C 326 30.55 18.55 18.94
N VAL C 327 31.62 19.29 18.65
CA VAL C 327 31.96 19.71 17.30
C VAL C 327 33.42 19.37 17.05
N ARG C 328 33.69 18.72 15.91
CA ARG C 328 35.04 18.29 15.56
C ARG C 328 35.32 18.69 14.12
N PHE C 329 36.21 19.68 13.94
CA PHE C 329 36.60 20.13 12.62
C PHE C 329 38.10 19.95 12.43
N PRO C 330 38.54 19.55 11.24
CA PRO C 330 39.98 19.57 10.95
C PRO C 330 40.55 20.93 11.29
N ASN C 331 41.70 20.94 11.95
CA ASN C 331 42.26 22.22 12.39
C ASN C 331 43.14 22.81 11.29
N ILE C 332 42.61 23.84 10.65
CA ILE C 332 43.33 24.64 9.67
C ILE C 332 43.22 26.10 10.10
N THR C 333 44.35 26.75 10.32
CA THR C 333 44.34 28.10 10.89
C THR C 333 44.23 29.19 9.84
N ASN C 334 44.72 28.97 8.63
CA ASN C 334 44.77 30.01 7.62
C ASN C 334 43.43 30.12 6.89
N LEU C 335 43.06 31.34 6.55
CA LEU C 335 41.81 31.60 5.83
C LEU C 335 42.00 31.39 4.34
N CYS C 336 40.88 31.22 3.64
CA CYS C 336 40.92 30.91 2.22
C CYS C 336 41.31 32.14 1.40
N PRO C 337 41.75 31.93 0.16
CA PRO C 337 42.23 33.06 -0.66
C PRO C 337 41.09 33.89 -1.24
N PHE C 338 40.16 34.30 -0.39
CA PHE C 338 39.06 35.16 -0.84
C PHE C 338 39.58 36.37 -1.60
N GLY C 339 40.68 36.96 -1.13
CA GLY C 339 41.23 38.14 -1.77
C GLY C 339 41.89 37.87 -3.12
N GLU C 340 42.31 36.63 -3.37
CA GLU C 340 42.88 36.27 -4.65
C GLU C 340 41.81 35.89 -5.65
N VAL C 341 40.82 35.10 -5.21
CA VAL C 341 39.75 34.67 -6.11
C VAL C 341 38.88 35.85 -6.51
N PHE C 342 38.37 36.59 -5.52
CA PHE C 342 37.38 37.63 -5.77
C PHE C 342 37.98 39.02 -6.02
N ASN C 343 39.30 39.17 -5.87
CA ASN C 343 39.91 40.50 -5.99
C ASN C 343 41.09 40.52 -6.96
N ALA C 344 41.20 39.53 -7.85
CA ALA C 344 42.31 39.51 -8.79
C ALA C 344 42.24 40.71 -9.73
N THR C 345 43.39 41.12 -10.23
CA THR C 345 43.47 42.28 -11.12
C THR C 345 42.95 41.96 -12.52
N ARG C 346 43.03 40.72 -12.95
CA ARG C 346 42.53 40.33 -14.27
C ARG C 346 42.01 38.90 -14.20
N PHE C 347 40.78 38.71 -14.65
CA PHE C 347 40.17 37.39 -14.74
C PHE C 347 40.47 36.75 -16.11
N ALA C 348 40.21 35.46 -16.20
CA ALA C 348 40.40 34.72 -17.43
C ALA C 348 39.21 34.89 -18.37
N SER C 349 39.47 34.73 -19.67
CA SER C 349 38.39 34.73 -20.65
C SER C 349 37.50 33.50 -20.46
N VAL C 350 36.21 33.68 -20.70
CA VAL C 350 35.27 32.57 -20.51
C VAL C 350 35.65 31.38 -21.38
N TYR C 351 36.19 31.64 -22.56
CA TYR C 351 36.57 30.54 -23.45
C TYR C 351 37.75 29.75 -22.89
N ALA C 352 38.57 30.38 -22.05
CA ALA C 352 39.74 29.74 -21.44
C ALA C 352 39.69 29.84 -19.93
N TRP C 353 38.49 29.70 -19.35
CA TRP C 353 38.28 29.93 -17.92
C TRP C 353 39.33 29.22 -17.07
N ASN C 354 39.76 29.92 -16.02
CA ASN C 354 40.73 29.40 -15.07
C ASN C 354 40.05 28.53 -14.02
N ARG C 355 40.82 27.60 -13.46
CA ARG C 355 40.36 26.75 -12.37
C ARG C 355 41.45 26.67 -11.31
N LYS C 356 41.16 27.16 -10.11
CA LYS C 356 42.10 27.15 -8.99
C LYS C 356 41.66 26.13 -7.94
N ARG C 357 42.64 25.45 -7.35
CA ARG C 357 42.38 24.48 -6.29
C ARG C 357 42.46 25.17 -4.94
N ILE C 358 41.38 25.06 -4.16
CA ILE C 358 41.30 25.66 -2.83
C ILE C 358 41.36 24.52 -1.82
N SER C 359 42.38 24.57 -0.95
CA SER C 359 42.63 23.48 -0.02
C SER C 359 43.29 24.01 1.24
N ASN C 360 43.09 23.30 2.35
CA ASN C 360 43.74 23.62 3.61
C ASN C 360 43.51 25.08 3.99
N CYS C 361 42.26 25.53 3.92
CA CYS C 361 41.89 26.89 4.28
C CYS C 361 40.48 26.92 4.87
N VAL C 362 40.18 28.00 5.60
CA VAL C 362 38.90 28.18 6.28
C VAL C 362 37.97 28.98 5.39
N ALA C 363 36.71 28.55 5.30
CA ALA C 363 35.71 29.21 4.45
C ALA C 363 34.87 30.22 5.20
N ASP C 364 35.52 31.20 5.83
CA ASP C 364 34.82 32.28 6.53
C ASP C 364 34.45 33.40 5.55
N TYR C 365 33.44 33.13 4.73
CA TYR C 365 33.07 34.06 3.66
C TYR C 365 32.53 35.38 4.20
N SER C 366 32.27 35.49 5.51
CA SER C 366 31.79 36.74 6.07
C SER C 366 32.76 37.89 5.83
N VAL C 367 34.05 37.58 5.68
CA VAL C 367 35.08 38.63 5.63
C VAL C 367 34.89 39.55 4.45
N LEU C 368 34.29 39.08 3.36
CA LEU C 368 34.11 39.89 2.17
C LEU C 368 32.75 40.58 2.11
N TYR C 369 31.94 40.48 3.15
CA TYR C 369 30.67 41.21 3.18
C TYR C 369 30.88 42.70 2.93
N ASN C 370 31.94 43.27 3.50
CA ASN C 370 32.14 44.72 3.43
C ASN C 370 32.48 45.21 2.04
N SER C 371 32.98 44.35 1.15
CA SER C 371 33.48 44.81 -0.15
C SER C 371 33.01 43.99 -1.34
N ALA C 372 32.30 42.88 -1.17
CA ALA C 372 32.00 41.99 -2.28
C ALA C 372 30.93 42.59 -3.21
N SER C 373 29.71 42.72 -2.70
CA SER C 373 28.58 43.20 -3.49
C SER C 373 28.28 42.27 -4.68
N PHE C 374 27.90 41.04 -4.34
CA PHE C 374 27.54 40.07 -5.36
C PHE C 374 26.13 40.31 -5.88
N SER C 375 25.97 40.33 -7.21
CA SER C 375 24.65 40.41 -7.81
C SER C 375 23.97 39.06 -7.87
N THR C 376 24.74 37.97 -7.93
CA THR C 376 24.20 36.63 -7.98
C THR C 376 24.95 35.76 -6.97
N PHE C 377 24.20 34.97 -6.22
CA PHE C 377 24.78 33.97 -5.32
C PHE C 377 23.77 32.85 -5.18
N LYS C 378 23.98 31.75 -5.90
CA LYS C 378 23.05 30.64 -5.93
C LYS C 378 23.81 29.34 -5.71
N CYS C 379 23.25 28.47 -4.87
CA CYS C 379 23.84 27.17 -4.56
C CYS C 379 22.90 26.06 -5.00
N TYR C 380 23.48 24.95 -5.44
CA TYR C 380 22.73 23.86 -6.04
C TYR C 380 22.83 22.55 -5.28
N GLY C 381 23.56 22.51 -4.17
CA GLY C 381 23.65 21.29 -3.40
C GLY C 381 23.56 21.52 -1.91
N VAL C 382 23.39 22.77 -1.50
CA VAL C 382 23.33 23.14 -0.10
C VAL C 382 22.52 24.42 0.02
N SER C 383 21.91 24.60 1.19
CA SER C 383 21.32 25.89 1.47
C SER C 383 22.43 26.90 1.79
N PRO C 384 22.29 28.14 1.35
CA PRO C 384 23.34 29.13 1.65
C PRO C 384 23.55 29.34 3.13
N THR C 385 22.48 29.25 3.93
CA THR C 385 22.60 29.43 5.37
C THR C 385 23.46 28.37 6.03
N LYS C 386 23.57 27.19 5.43
CA LYS C 386 24.25 26.06 6.07
C LYS C 386 25.75 26.06 5.84
N LEU C 387 26.27 26.94 4.99
CA LEU C 387 27.68 26.88 4.62
C LEU C 387 28.61 26.98 5.83
N ASN C 388 28.22 27.72 6.85
CA ASN C 388 29.09 27.92 7.99
C ASN C 388 29.18 26.70 8.89
N ASP C 389 28.18 25.81 8.85
CA ASP C 389 28.14 24.63 9.68
C ASP C 389 28.71 23.40 8.99
N LEU C 390 29.46 23.59 7.90
CA LEU C 390 29.69 22.53 6.94
C LEU C 390 31.11 22.64 6.39
N CYS C 391 31.73 21.48 6.14
CA CYS C 391 33.06 21.39 5.58
C CYS C 391 32.99 20.79 4.18
N PHE C 392 34.06 21.01 3.41
CA PHE C 392 34.10 20.66 1.99
C PHE C 392 35.37 19.85 1.70
N THR C 393 35.25 18.89 0.80
CA THR C 393 36.31 17.91 0.56
C THR C 393 37.31 18.34 -0.49
N ASN C 394 36.86 18.64 -1.71
CA ASN C 394 37.71 19.23 -2.72
C ASN C 394 36.99 20.41 -3.35
N VAL C 395 37.67 21.55 -3.42
CA VAL C 395 37.04 22.82 -3.77
C VAL C 395 37.80 23.43 -4.93
N TYR C 396 37.08 23.78 -5.99
CA TYR C 396 37.66 24.41 -7.18
C TYR C 396 36.89 25.67 -7.50
N ALA C 397 37.60 26.75 -7.78
CA ALA C 397 37.00 28.02 -8.17
C ALA C 397 37.24 28.26 -9.64
N ASP C 398 36.16 28.37 -10.42
CA ASP C 398 36.23 28.65 -11.85
C ASP C 398 35.95 30.14 -12.06
N SER C 399 36.96 30.88 -12.48
CA SER C 399 36.89 32.33 -12.59
C SER C 399 36.92 32.73 -14.05
N PHE C 400 35.95 33.54 -14.46
CA PHE C 400 35.91 34.05 -15.83
C PHE C 400 34.99 35.26 -15.89
N VAL C 401 35.05 35.97 -17.00
CA VAL C 401 34.26 37.17 -17.23
C VAL C 401 33.35 36.95 -18.43
N ILE C 402 32.08 37.34 -18.29
CA ILE C 402 31.09 37.19 -19.34
C ILE C 402 30.23 38.45 -19.43
N ARG C 403 29.53 38.57 -20.55
CA ARG C 403 28.51 39.60 -20.69
C ARG C 403 27.42 39.42 -19.65
N GLY C 404 26.87 40.53 -19.16
CA GLY C 404 25.90 40.45 -18.10
C GLY C 404 24.66 39.66 -18.47
N ASP C 405 24.26 39.70 -19.73
CA ASP C 405 23.08 38.94 -20.15
C ASP C 405 23.28 37.44 -19.98
N GLU C 406 24.53 36.98 -20.01
CA GLU C 406 24.80 35.55 -20.06
C GLU C 406 25.04 34.92 -18.70
N VAL C 407 24.86 35.67 -17.61
CA VAL C 407 24.99 35.06 -16.28
C VAL C 407 23.94 33.96 -16.09
N ARG C 408 22.77 34.13 -16.69
CA ARG C 408 21.73 33.11 -16.57
C ARG C 408 22.16 31.79 -17.17
N GLN C 409 23.04 31.82 -18.18
CA GLN C 409 23.51 30.59 -18.80
C GLN C 409 24.44 29.78 -17.92
N ILE C 410 24.90 30.36 -16.80
CA ILE C 410 25.84 29.63 -15.94
C ILE C 410 25.14 28.60 -15.06
N ALA C 411 23.82 28.66 -14.94
CA ALA C 411 23.09 27.65 -14.20
C ALA C 411 23.16 26.30 -14.91
N PRO C 412 23.17 25.19 -14.17
CA PRO C 412 23.23 23.88 -14.83
C PRO C 412 21.98 23.62 -15.65
N GLY C 413 22.17 22.93 -16.77
CA GLY C 413 21.07 22.62 -17.65
C GLY C 413 20.55 23.85 -18.38
N GLN C 414 21.42 24.48 -19.17
CA GLN C 414 21.09 25.70 -19.89
C GLN C 414 21.64 25.62 -21.30
N THR C 415 21.19 26.54 -22.15
CA THR C 415 21.70 26.64 -23.51
C THR C 415 22.05 28.08 -23.79
N GLY C 416 22.58 28.33 -24.98
CA GLY C 416 23.22 29.58 -25.31
C GLY C 416 24.72 29.40 -25.52
N LYS C 417 25.31 30.39 -26.19
CA LYS C 417 26.69 30.21 -26.65
C LYS C 417 27.68 30.07 -25.50
N ILE C 418 27.33 30.53 -24.29
CA ILE C 418 28.19 30.28 -23.15
C ILE C 418 28.01 28.85 -22.65
N ALA C 419 26.76 28.46 -22.38
CA ALA C 419 26.50 27.09 -21.95
C ALA C 419 26.87 26.10 -23.05
N ASP C 420 26.56 26.43 -24.30
CA ASP C 420 26.76 25.48 -25.39
C ASP C 420 28.24 25.34 -25.74
N TYR C 421 28.99 26.45 -25.78
CA TYR C 421 30.27 26.45 -26.49
C TYR C 421 31.50 26.67 -25.63
N ASN C 422 31.40 27.27 -24.43
CA ASN C 422 32.61 27.47 -23.65
C ASN C 422 32.52 27.04 -22.19
N TYR C 423 31.37 27.07 -21.53
CA TYR C 423 31.29 26.67 -20.12
C TYR C 423 29.97 25.96 -19.85
N LYS C 424 30.06 24.68 -19.51
CA LYS C 424 28.89 23.85 -19.20
C LYS C 424 29.01 23.33 -17.77
N LEU C 425 27.94 23.49 -16.99
CA LEU C 425 27.89 22.89 -15.67
C LEU C 425 27.12 21.57 -15.71
N PRO C 426 27.55 20.55 -14.96
CA PRO C 426 26.85 19.28 -14.97
C PRO C 426 25.48 19.38 -14.34
N ASP C 427 24.58 18.46 -14.75
CA ASP C 427 23.21 18.51 -14.25
C ASP C 427 23.15 18.25 -12.75
N ASP C 428 24.06 17.44 -12.21
CA ASP C 428 24.15 17.18 -10.77
C ASP C 428 25.19 18.07 -10.10
N PHE C 429 25.35 19.30 -10.60
CA PHE C 429 26.34 20.22 -10.06
C PHE C 429 26.08 20.47 -8.58
N THR C 430 27.13 20.30 -7.77
CA THR C 430 27.12 20.61 -6.35
C THR C 430 28.10 21.77 -6.13
N GLY C 431 27.56 22.94 -5.83
CA GLY C 431 28.39 24.12 -5.69
C GLY C 431 27.52 25.37 -5.65
N CYS C 432 28.17 26.52 -5.83
CA CYS C 432 27.48 27.80 -5.83
C CYS C 432 28.04 28.65 -6.96
N VAL C 433 27.18 29.49 -7.52
CA VAL C 433 27.53 30.41 -8.61
C VAL C 433 27.55 31.83 -8.05
N ILE C 434 28.65 32.54 -8.28
CA ILE C 434 28.84 33.87 -7.73
C ILE C 434 29.21 34.81 -8.88
N ALA C 435 28.53 35.95 -8.96
CA ALA C 435 28.79 36.93 -10.01
C ALA C 435 28.49 38.32 -9.49
N TRP C 436 29.25 39.31 -9.98
CA TRP C 436 29.04 40.70 -9.63
C TRP C 436 29.40 41.58 -10.81
N ASN C 437 28.60 42.62 -11.04
CA ASN C 437 28.85 43.57 -12.10
C ASN C 437 30.23 44.19 -11.94
N SER C 438 31.06 44.08 -12.99
CA SER C 438 32.44 44.57 -12.94
C SER C 438 32.72 45.64 -13.99
N ASN C 439 31.72 46.45 -14.33
CA ASN C 439 31.95 47.48 -15.33
C ASN C 439 33.06 48.44 -14.91
N ASN C 440 33.18 48.71 -13.61
CA ASN C 440 34.16 49.68 -13.13
C ASN C 440 35.58 49.14 -13.16
N LEU C 441 35.75 47.82 -13.21
CA LEU C 441 37.07 47.20 -13.21
C LEU C 441 37.54 46.81 -14.61
N ASP C 442 36.69 46.14 -15.38
CA ASP C 442 37.12 45.51 -16.63
C ASP C 442 36.92 46.38 -17.85
N SER C 443 36.04 47.39 -17.78
CA SER C 443 35.69 48.17 -18.96
C SER C 443 36.78 49.18 -19.30
N LYS C 444 36.86 49.51 -20.58
CA LYS C 444 37.87 50.42 -21.12
C LYS C 444 37.18 51.37 -22.09
N VAL C 445 37.60 52.64 -22.06
CA VAL C 445 36.90 53.67 -22.83
C VAL C 445 36.94 53.35 -24.31
N GLY C 446 38.08 52.86 -24.80
CA GLY C 446 38.18 52.42 -26.17
C GLY C 446 37.66 51.03 -26.43
N GLY C 447 37.14 50.37 -25.40
CA GLY C 447 36.67 49.00 -25.50
C GLY C 447 37.74 48.01 -25.11
N ASN C 448 37.49 47.24 -24.05
CA ASN C 448 38.43 46.22 -23.59
C ASN C 448 38.16 44.93 -24.35
N TYR C 449 39.09 44.54 -25.21
CA TYR C 449 38.94 43.36 -26.05
C TYR C 449 39.76 42.17 -25.58
N ASN C 450 40.31 42.25 -24.36
CA ASN C 450 41.10 41.14 -23.82
C ASN C 450 40.23 39.97 -23.36
N TYR C 451 38.92 40.12 -23.33
CA TYR C 451 38.01 39.07 -22.87
C TYR C 451 37.34 38.43 -24.07
N LEU C 452 37.57 37.13 -24.25
CA LEU C 452 37.15 36.39 -25.43
C LEU C 452 36.12 35.35 -25.05
N TYR C 453 35.21 35.07 -25.98
CA TYR C 453 34.28 33.96 -25.86
C TYR C 453 34.23 33.23 -27.20
N ARG C 454 33.88 31.94 -27.14
CA ARG C 454 33.79 31.12 -28.33
C ARG C 454 32.39 31.22 -28.93
N LEU C 455 32.33 31.50 -30.23
CA LEU C 455 31.07 31.73 -30.92
C LEU C 455 30.64 30.56 -31.79
N PHE C 456 31.55 29.66 -32.15
CA PHE C 456 31.25 28.54 -33.03
C PHE C 456 31.83 27.26 -32.47
N ARG C 457 31.10 26.16 -32.66
CA ARG C 457 31.52 24.85 -32.20
C ARG C 457 30.80 23.78 -33.00
N LYS C 458 31.51 22.71 -33.33
CA LYS C 458 30.87 21.60 -34.03
C LYS C 458 29.82 20.92 -33.16
N SER C 459 30.01 20.91 -31.84
CA SER C 459 29.09 20.25 -30.94
C SER C 459 29.16 20.93 -29.58
N ASN C 460 28.07 20.80 -28.82
CA ASN C 460 28.04 21.32 -27.46
C ASN C 460 29.04 20.58 -26.60
N LEU C 461 29.85 21.33 -25.86
CA LEU C 461 30.91 20.72 -25.07
C LEU C 461 30.33 20.08 -23.81
N LYS C 462 31.15 19.20 -23.21
CA LYS C 462 30.75 18.46 -22.02
C LYS C 462 30.90 19.32 -20.77
N PRO C 463 30.26 18.91 -19.67
CA PRO C 463 30.37 19.69 -18.43
C PRO C 463 31.82 19.84 -17.98
N PHE C 464 32.16 21.03 -17.50
CA PHE C 464 33.49 21.35 -17.00
C PHE C 464 34.57 21.07 -18.05
N GLU C 465 34.19 21.05 -19.33
CA GLU C 465 35.17 20.96 -20.40
C GLU C 465 35.62 22.35 -20.83
N ARG C 466 36.91 22.47 -21.15
CA ARG C 466 37.52 23.73 -21.55
C ARG C 466 38.15 23.55 -22.93
N ASP C 467 37.62 24.26 -23.92
CA ASP C 467 38.10 24.15 -25.30
C ASP C 467 38.97 25.37 -25.61
N ILE C 468 40.28 25.15 -25.73
CA ILE C 468 41.20 26.21 -26.09
C ILE C 468 41.39 26.32 -27.61
N SER C 469 40.95 25.33 -28.38
CA SER C 469 41.23 25.28 -29.81
C SER C 469 40.78 26.56 -30.51
N THR C 470 41.62 27.05 -31.42
CA THR C 470 41.31 28.20 -32.25
C THR C 470 41.12 27.83 -33.72
N GLU C 471 41.03 26.54 -34.03
CA GLU C 471 40.91 26.10 -35.41
C GLU C 471 39.63 26.64 -36.04
N ILE C 472 39.71 26.95 -37.33
CA ILE C 472 38.60 27.60 -38.03
C ILE C 472 37.38 26.67 -38.06
N TYR C 473 36.20 27.27 -37.97
CA TYR C 473 34.93 26.55 -38.02
C TYR C 473 34.35 26.61 -39.44
N GLN C 474 33.91 25.46 -39.94
CA GLN C 474 33.34 25.36 -41.29
C GLN C 474 31.82 25.41 -41.18
N ALA C 475 31.23 26.50 -41.67
CA ALA C 475 29.78 26.63 -41.67
C ALA C 475 29.14 25.96 -42.87
N GLY C 476 29.75 26.08 -44.04
CA GLY C 476 29.25 25.44 -45.23
C GLY C 476 29.66 23.98 -45.32
N SER C 477 29.29 23.36 -46.44
CA SER C 477 29.66 21.98 -46.69
C SER C 477 31.10 21.83 -47.18
N THR C 478 31.73 22.92 -47.61
CA THR C 478 33.09 22.84 -48.10
C THR C 478 34.08 22.72 -46.94
N PRO C 479 35.21 22.03 -47.15
CA PRO C 479 36.32 22.18 -46.21
C PRO C 479 36.96 23.55 -46.35
N CYS C 480 37.68 23.95 -45.30
CA CYS C 480 38.36 25.24 -45.30
C CYS C 480 39.70 25.08 -44.58
N ASN C 481 40.78 25.27 -45.32
CA ASN C 481 42.14 25.16 -44.83
C ASN C 481 42.71 26.56 -44.58
N GLY C 482 44.01 26.60 -44.27
CA GLY C 482 44.69 27.87 -44.05
C GLY C 482 44.08 28.65 -42.89
N VAL C 483 43.92 29.95 -43.10
CA VAL C 483 43.55 30.87 -42.02
C VAL C 483 42.09 31.31 -42.17
N GLU C 484 41.64 31.48 -43.39
CA GLU C 484 40.34 32.11 -43.62
C GLU C 484 39.77 31.64 -44.96
N GLY C 485 38.49 31.91 -45.13
CA GLY C 485 37.83 31.61 -46.38
C GLY C 485 36.41 32.12 -46.34
N PHE C 486 35.64 31.76 -47.37
CA PHE C 486 34.23 32.14 -47.40
C PHE C 486 33.44 31.23 -46.46
N ASN C 487 32.65 31.86 -45.59
CA ASN C 487 31.89 31.13 -44.56
C ASN C 487 32.81 30.30 -43.67
N CYS C 488 34.05 30.75 -43.50
CA CYS C 488 35.01 30.13 -42.59
C CYS C 488 35.28 31.14 -41.48
N TYR C 489 34.89 30.79 -40.25
CA TYR C 489 34.87 31.72 -39.14
C TYR C 489 35.93 31.36 -38.11
N PHE C 490 36.59 32.38 -37.58
CA PHE C 490 37.43 32.18 -36.42
C PHE C 490 36.54 31.92 -35.21
N PRO C 491 36.74 30.83 -34.48
CA PRO C 491 35.74 30.41 -33.49
C PRO C 491 35.59 31.37 -32.32
N LEU C 492 36.56 32.23 -32.06
CA LEU C 492 36.54 33.12 -30.91
C LEU C 492 36.18 34.54 -31.32
N GLN C 493 35.45 35.23 -30.45
CA GLN C 493 35.14 36.63 -30.62
C GLN C 493 35.23 37.32 -29.26
N SER C 494 35.61 38.60 -29.29
CA SER C 494 35.90 39.34 -28.07
C SER C 494 34.77 40.30 -27.74
N TYR C 495 34.42 40.37 -26.46
CA TYR C 495 33.45 41.35 -26.01
C TYR C 495 34.03 42.76 -26.16
N GLY C 496 33.20 43.67 -26.65
CA GLY C 496 33.59 45.06 -26.73
C GLY C 496 33.18 45.84 -25.50
N PHE C 497 33.72 45.46 -24.34
CA PHE C 497 33.30 46.09 -23.10
C PHE C 497 33.68 47.57 -23.10
N GLN C 498 32.68 48.43 -22.98
CA GLN C 498 32.87 49.86 -22.91
C GLN C 498 32.07 50.34 -21.72
N PRO C 499 32.60 51.27 -20.93
CA PRO C 499 31.86 51.72 -19.74
C PRO C 499 30.52 52.35 -20.08
N THR C 500 30.33 52.78 -21.32
CA THR C 500 29.04 53.29 -21.76
C THR C 500 28.06 52.18 -22.11
N ASN C 501 28.50 50.93 -22.14
CA ASN C 501 27.61 49.82 -22.48
C ASN C 501 26.45 49.74 -21.51
N GLY C 502 25.27 49.44 -22.03
CA GLY C 502 24.10 49.31 -21.19
C GLY C 502 24.20 48.09 -20.28
N VAL C 503 23.49 48.17 -19.15
CA VAL C 503 23.48 47.07 -18.21
C VAL C 503 23.01 45.80 -18.90
N GLY C 504 23.67 44.69 -18.62
CA GLY C 504 23.47 43.44 -19.33
C GLY C 504 24.46 43.25 -20.46
N TYR C 505 24.91 44.33 -21.08
CA TYR C 505 26.04 44.30 -21.99
C TYR C 505 27.34 44.64 -21.27
N GLN C 506 27.28 44.91 -19.96
CA GLN C 506 28.44 45.20 -19.15
C GLN C 506 29.14 43.92 -18.71
N PRO C 507 30.41 44.01 -18.32
CA PRO C 507 31.14 42.81 -17.91
C PRO C 507 30.75 42.39 -16.50
N TYR C 508 30.44 41.09 -16.35
CA TYR C 508 30.15 40.49 -15.05
C TYR C 508 31.21 39.45 -14.75
N ARG C 509 31.89 39.59 -13.62
CA ARG C 509 32.83 38.58 -13.17
C ARG C 509 32.08 37.43 -12.50
N VAL C 510 32.49 36.20 -12.80
CA VAL C 510 31.82 35.01 -12.32
C VAL C 510 32.83 34.11 -11.64
N VAL C 511 32.49 33.63 -10.44
CA VAL C 511 33.25 32.59 -9.75
C VAL C 511 32.28 31.46 -9.42
N VAL C 512 32.64 30.25 -9.82
CA VAL C 512 31.81 29.07 -9.61
C VAL C 512 32.57 28.14 -8.66
N LEU C 513 32.09 28.02 -7.43
CA LEU C 513 32.70 27.11 -6.47
C LEU C 513 32.02 25.75 -6.58
N SER C 514 32.82 24.71 -6.76
CA SER C 514 32.33 23.34 -6.81
C SER C 514 32.99 22.54 -5.70
N PHE C 515 32.17 21.75 -4.99
CA PHE C 515 32.67 21.02 -3.83
C PHE C 515 31.80 19.80 -3.60
N GLU C 516 32.37 18.82 -2.89
CA GLU C 516 31.67 17.64 -2.43
C GLU C 516 31.60 17.65 -0.91
N LEU C 517 30.51 17.11 -0.37
CA LEU C 517 30.21 17.27 1.04
C LEU C 517 29.95 15.92 1.70
N LEU C 518 30.51 15.75 2.90
CA LEU C 518 30.10 14.69 3.82
C LEU C 518 30.41 13.29 3.30
N HIS C 519 31.10 13.18 2.18
CA HIS C 519 31.45 11.86 1.64
C HIS C 519 32.91 11.49 1.84
N ALA C 520 33.80 12.46 2.03
CA ALA C 520 35.24 12.21 1.92
C ALA C 520 35.95 13.08 2.95
N PRO C 521 37.20 12.75 3.26
CA PRO C 521 37.94 13.57 4.24
C PRO C 521 38.01 15.03 3.80
N ALA C 522 37.45 15.89 4.64
CA ALA C 522 37.38 17.31 4.33
C ALA C 522 38.76 17.95 4.38
N THR C 523 38.93 18.99 3.55
CA THR C 523 40.15 19.80 3.56
C THR C 523 39.88 21.29 3.65
N VAL C 524 38.64 21.73 3.42
CA VAL C 524 38.25 23.13 3.54
C VAL C 524 37.02 23.17 4.44
N CYS C 525 37.13 23.84 5.59
CA CYS C 525 36.13 23.78 6.63
C CYS C 525 35.56 25.17 6.94
N GLY C 526 34.50 25.17 7.74
CA GLY C 526 33.81 26.37 8.13
C GLY C 526 34.41 27.03 9.37
N PRO C 527 33.89 28.20 9.72
CA PRO C 527 34.38 28.97 10.88
C PRO C 527 33.76 28.51 12.20
N LYS C 528 34.09 27.30 12.63
CA LYS C 528 33.66 26.78 13.92
C LYS C 528 34.86 26.23 14.70
N LYS C 529 34.88 26.50 16.00
CA LYS C 529 35.89 25.93 16.88
C LYS C 529 35.50 24.52 17.28
N SER C 530 36.48 23.63 17.34
CA SER C 530 36.24 22.27 17.81
C SER C 530 36.11 22.24 19.32
N THR C 531 35.14 21.47 19.81
CA THR C 531 35.04 21.19 21.23
C THR C 531 35.95 20.03 21.59
N ASN C 532 36.17 19.84 22.89
CA ASN C 532 36.94 18.69 23.33
C ASN C 532 36.18 17.41 23.05
N LEU C 533 36.92 16.36 22.70
CA LEU C 533 36.31 15.09 22.36
C LEU C 533 35.81 14.38 23.62
N VAL C 534 34.59 13.85 23.56
CA VAL C 534 33.97 13.14 24.66
C VAL C 534 33.46 11.81 24.14
N LYS C 535 33.52 10.79 24.99
CA LYS C 535 33.12 9.44 24.61
C LYS C 535 32.23 8.83 25.69
N ASN C 536 31.47 7.82 25.28
CA ASN C 536 30.63 7.00 26.14
C ASN C 536 29.42 7.75 26.68
N LYS C 537 29.25 9.02 26.33
CA LYS C 537 28.07 9.79 26.71
C LYS C 537 27.29 10.19 25.46
N CYS C 538 25.98 10.36 25.62
CA CYS C 538 25.14 10.77 24.51
C CYS C 538 25.33 12.25 24.22
N VAL C 539 25.66 12.58 22.97
CA VAL C 539 26.01 13.95 22.59
C VAL C 539 25.52 14.24 21.18
N ASN C 540 25.16 15.49 20.94
CA ASN C 540 24.89 15.98 19.59
C ASN C 540 26.23 16.29 18.92
N PHE C 541 26.66 15.40 18.02
CA PHE C 541 27.98 15.53 17.41
C PHE C 541 27.89 16.25 16.07
N ASN C 542 29.05 16.72 15.62
CA ASN C 542 29.19 17.34 14.31
C ASN C 542 30.61 17.10 13.84
N PHE C 543 30.79 16.15 12.93
CA PHE C 543 32.09 15.84 12.33
C PHE C 543 32.05 16.28 10.88
N ASN C 544 32.82 17.32 10.55
CA ASN C 544 32.90 17.81 9.18
C ASN C 544 31.51 18.20 8.65
N GLY C 545 30.65 18.70 9.52
CA GLY C 545 29.29 18.99 9.17
C GLY C 545 28.34 17.81 9.35
N LEU C 546 28.88 16.63 9.65
CA LEU C 546 28.08 15.42 9.83
C LEU C 546 27.38 15.51 11.18
N THR C 547 26.34 16.33 11.22
CA THR C 547 25.58 16.49 12.45
C THR C 547 24.80 15.23 12.77
N GLY C 548 24.60 14.98 14.05
CA GLY C 548 23.82 13.84 14.47
C GLY C 548 23.78 13.74 15.98
N THR C 549 23.07 12.73 16.46
CA THR C 549 22.98 12.43 17.88
C THR C 549 23.32 10.97 18.10
N GLY C 550 24.17 10.70 19.07
CA GLY C 550 24.55 9.32 19.34
C GLY C 550 25.68 9.26 20.35
N VAL C 551 25.96 8.04 20.77
CA VAL C 551 27.06 7.75 21.70
C VAL C 551 28.32 7.48 20.89
N LEU C 552 29.39 8.20 21.20
CA LEU C 552 30.68 8.01 20.56
C LEU C 552 31.51 7.00 21.37
N THR C 553 32.28 6.19 20.64
CA THR C 553 33.06 5.15 21.28
C THR C 553 34.27 4.83 20.40
N GLU C 554 35.34 4.38 21.04
CA GLU C 554 36.56 4.04 20.32
C GLU C 554 36.34 2.78 19.49
N SER C 555 36.62 2.87 18.20
CA SER C 555 36.43 1.77 17.27
C SER C 555 37.73 1.00 17.06
N ASN C 556 37.61 -0.16 16.41
CA ASN C 556 38.76 -0.90 15.91
C ASN C 556 38.69 -1.10 14.40
N LYS C 557 37.78 -0.41 13.72
CA LYS C 557 37.75 -0.44 12.27
C LYS C 557 38.98 0.26 11.71
N LYS C 558 39.52 -0.30 10.64
CA LYS C 558 40.76 0.21 10.02
C LYS C 558 40.41 0.86 8.69
N PHE C 559 40.12 2.15 8.74
CA PHE C 559 39.86 2.91 7.53
C PHE C 559 41.15 3.09 6.74
N LEU C 560 41.13 2.71 5.47
CA LEU C 560 42.19 3.13 4.59
C LEU C 560 42.17 4.66 4.48
N PRO C 561 43.32 5.31 4.29
CA PRO C 561 43.37 6.76 4.52
C PRO C 561 42.37 7.57 3.71
N PHE C 562 41.99 7.12 2.51
CA PHE C 562 41.06 7.92 1.70
C PHE C 562 39.64 7.90 2.24
N GLN C 563 39.36 7.12 3.28
CA GLN C 563 38.01 6.98 3.83
C GLN C 563 37.91 7.71 5.17
N GLN C 564 36.82 8.46 5.35
CA GLN C 564 36.56 9.15 6.61
C GLN C 564 35.33 8.66 7.35
N PHE C 565 34.31 8.16 6.66
CA PHE C 565 33.07 7.75 7.28
C PHE C 565 32.79 6.29 6.95
N GLY C 566 32.17 5.59 7.89
CA GLY C 566 31.68 4.24 7.65
C GLY C 566 30.17 4.20 7.83
N ARG C 567 29.51 3.40 7.01
CA ARG C 567 28.06 3.37 6.96
C ARG C 567 27.51 1.97 7.19
N ASP C 568 26.33 1.92 7.80
CA ASP C 568 25.71 0.69 8.28
C ASP C 568 25.02 -0.05 7.12
N ILE C 569 24.44 -1.20 7.45
CA ILE C 569 23.50 -1.85 6.55
C ILE C 569 22.37 -0.89 6.21
N ALA C 570 21.83 -0.22 7.23
CA ALA C 570 20.83 0.83 7.04
C ALA C 570 21.41 2.08 6.39
N ASP C 571 22.70 2.08 6.06
CA ASP C 571 23.33 3.20 5.37
C ASP C 571 23.48 4.42 6.27
N THR C 572 23.08 4.31 7.53
CA THR C 572 23.35 5.38 8.49
C THR C 572 24.82 5.36 8.90
N THR C 573 25.43 6.55 8.93
CA THR C 573 26.83 6.66 9.32
C THR C 573 27.02 6.12 10.73
N ASP C 574 27.83 5.07 10.85
CA ASP C 574 28.05 4.41 12.13
C ASP C 574 29.47 4.54 12.65
N ALA C 575 30.40 5.07 11.84
CA ALA C 575 31.77 5.27 12.29
C ALA C 575 32.33 6.50 11.60
N VAL C 576 33.28 7.16 12.26
CA VAL C 576 33.86 8.38 11.75
C VAL C 576 35.31 8.46 12.21
N ARG C 577 36.15 9.02 11.36
CA ARG C 577 37.55 9.29 11.69
C ARG C 577 37.66 10.69 12.24
N ASP C 578 38.01 10.81 13.51
CA ASP C 578 38.15 12.12 14.12
C ASP C 578 39.19 12.92 13.35
N PRO C 579 38.89 14.15 12.93
CA PRO C 579 39.79 14.88 12.03
C PRO C 579 40.97 15.58 12.68
N GLN C 580 41.06 15.59 14.02
CA GLN C 580 42.19 16.20 14.71
C GLN C 580 43.15 15.18 15.29
N THR C 581 42.64 14.12 15.92
CA THR C 581 43.44 12.97 16.33
C THR C 581 42.90 11.77 15.58
N LEU C 582 43.64 11.34 14.56
CA LEU C 582 43.10 10.44 13.54
C LEU C 582 42.90 9.07 14.16
N GLU C 583 41.79 8.92 14.88
CA GLU C 583 41.35 7.64 15.39
C GLU C 583 39.90 7.41 15.00
N ILE C 584 39.56 6.16 14.75
CA ILE C 584 38.24 5.80 14.25
C ILE C 584 37.30 5.62 15.44
N LEU C 585 36.16 6.30 15.39
CA LEU C 585 35.16 6.24 16.45
C LEU C 585 33.91 5.56 15.94
N ASP C 586 33.32 4.70 16.78
CA ASP C 586 31.99 4.18 16.51
C ASP C 586 30.93 5.19 16.92
N ILE C 587 29.83 5.20 16.19
CA ILE C 587 28.67 6.01 16.53
C ILE C 587 27.49 5.06 16.77
N THR C 588 26.93 5.11 17.97
CA THR C 588 25.78 4.30 18.33
C THR C 588 24.63 5.19 18.81
N PRO C 589 23.41 4.97 18.31
CA PRO C 589 22.28 5.78 18.79
C PRO C 589 21.98 5.49 20.25
N CYS C 590 21.44 6.50 20.94
CA CYS C 590 21.14 6.39 22.35
C CYS C 590 19.73 5.85 22.61
N SER C 591 18.81 6.05 21.66
CA SER C 591 17.45 5.56 21.80
C SER C 591 17.44 4.06 21.52
N PHE C 592 17.08 3.26 22.51
CA PHE C 592 17.15 1.81 22.40
C PHE C 592 16.36 1.18 23.54
N GLY C 593 15.68 0.08 23.24
CA GLY C 593 14.92 -0.65 24.24
C GLY C 593 13.45 -0.30 24.25
N GLY C 594 12.58 -1.32 24.38
CA GLY C 594 11.15 -1.09 24.40
C GLY C 594 10.63 -0.81 25.80
N VAL C 595 9.46 -0.17 25.84
CA VAL C 595 8.78 0.14 27.09
C VAL C 595 7.30 -0.15 26.94
N SER C 596 6.71 -0.77 27.96
CA SER C 596 5.28 -1.08 27.98
C SER C 596 4.71 -0.67 29.33
N VAL C 597 3.48 -0.15 29.30
CA VAL C 597 2.78 0.33 30.49
C VAL C 597 1.68 -0.65 30.84
N ILE C 598 1.69 -1.13 32.09
CA ILE C 598 0.71 -2.08 32.58
C ILE C 598 -0.22 -1.33 33.53
N THR C 599 -1.52 -1.41 33.26
CA THR C 599 -2.49 -0.64 34.03
C THR C 599 -3.77 -1.44 34.25
N PRO C 600 -4.40 -1.32 35.42
CA PRO C 600 -5.83 -1.65 35.51
C PRO C 600 -6.65 -0.60 34.81
N GLY C 601 -7.97 -0.73 34.82
CA GLY C 601 -8.80 0.29 34.20
C GLY C 601 -8.56 1.64 34.86
N THR C 602 -8.52 2.70 34.04
CA THR C 602 -8.41 4.03 34.60
C THR C 602 -9.60 4.35 35.49
N ASN C 603 -10.75 3.74 35.21
CA ASN C 603 -11.89 3.85 36.10
C ASN C 603 -11.65 3.12 37.42
N THR C 604 -10.64 2.25 37.46
CA THR C 604 -10.30 1.50 38.66
C THR C 604 -9.18 2.16 39.45
N SER C 605 -8.10 2.55 38.77
CA SER C 605 -6.97 3.17 39.45
C SER C 605 -6.13 3.91 38.43
N ASN C 606 -5.35 4.87 38.94
CA ASN C 606 -4.33 5.54 38.15
C ASN C 606 -2.94 4.98 38.42
N GLN C 607 -2.84 3.96 39.26
CA GLN C 607 -1.56 3.30 39.50
C GLN C 607 -1.21 2.39 38.33
N VAL C 608 0.05 2.43 37.92
CA VAL C 608 0.52 1.67 36.76
C VAL C 608 1.87 1.03 37.08
N ALA C 609 2.16 -0.02 36.34
CA ALA C 609 3.49 -0.63 36.30
C ALA C 609 4.09 -0.41 34.92
N VAL C 610 5.41 -0.56 34.83
CA VAL C 610 6.15 -0.32 33.60
C VAL C 610 7.08 -1.50 33.35
N LEU C 611 7.07 -2.00 32.12
CA LEU C 611 7.93 -3.11 31.71
C LEU C 611 8.96 -2.58 30.73
N TYR C 612 10.24 -2.86 31.01
CA TYR C 612 11.35 -2.46 30.15
C TYR C 612 11.90 -3.70 29.49
N GLN C 613 11.53 -3.93 28.24
CA GLN C 613 12.20 -4.95 27.45
C GLN C 613 13.61 -4.48 27.13
N ASP C 614 14.51 -5.46 26.93
CA ASP C 614 15.90 -5.18 26.63
C ASP C 614 16.62 -4.47 27.76
N VAL C 615 16.11 -4.59 28.99
CA VAL C 615 16.73 -4.02 30.17
C VAL C 615 16.81 -5.09 31.24
N ASN C 616 17.99 -5.20 31.87
CA ASN C 616 18.25 -6.23 32.88
C ASN C 616 18.52 -5.52 34.20
N CYS C 617 17.60 -5.68 35.15
CA CYS C 617 17.71 -5.06 36.47
C CYS C 617 18.30 -6.00 37.50
N THR C 618 19.09 -6.97 37.07
CA THR C 618 19.68 -7.95 37.97
C THR C 618 18.61 -8.61 38.84
N TRP C 633 20.08 2.16 36.16
CA TRP C 633 19.62 1.45 34.97
C TRP C 633 19.06 2.42 33.94
N ARG C 634 18.73 1.92 32.76
CA ARG C 634 18.12 2.72 31.71
C ARG C 634 16.61 2.64 31.91
N VAL C 635 16.13 3.39 32.91
CA VAL C 635 14.73 3.39 33.31
C VAL C 635 14.29 4.84 33.52
N TYR C 636 12.96 5.04 33.49
CA TYR C 636 12.41 6.36 33.74
C TYR C 636 12.39 6.70 35.22
N SER C 637 12.27 5.70 36.09
CA SER C 637 12.16 5.95 37.52
C SER C 637 12.70 4.76 38.30
N THR C 638 13.26 5.06 39.47
CA THR C 638 13.70 4.02 40.39
C THR C 638 12.51 3.50 41.18
N GLY C 639 12.40 2.17 41.28
CA GLY C 639 11.26 1.54 41.92
C GLY C 639 11.63 0.89 43.24
N SER C 640 10.71 1.00 44.21
CA SER C 640 10.86 0.25 45.45
C SER C 640 10.74 -1.24 45.18
N ASN C 641 9.78 -1.64 44.35
CA ASN C 641 9.60 -3.02 43.93
C ASN C 641 10.05 -3.15 42.48
N VAL C 642 11.10 -3.93 42.25
CA VAL C 642 11.63 -4.16 40.92
C VAL C 642 11.80 -5.67 40.74
N PHE C 643 11.38 -6.16 39.59
CA PHE C 643 11.28 -7.60 39.34
C PHE C 643 11.78 -7.88 37.93
N GLN C 644 12.93 -8.54 37.84
CA GLN C 644 13.46 -8.93 36.54
C GLN C 644 12.72 -10.15 36.04
N THR C 645 12.23 -10.08 34.80
CA THR C 645 11.55 -11.17 34.13
C THR C 645 12.27 -11.50 32.85
N ARG C 646 12.07 -12.73 32.36
CA ARG C 646 12.64 -13.10 31.08
C ARG C 646 12.14 -12.20 29.97
N ALA C 647 10.98 -11.55 30.17
CA ALA C 647 10.45 -10.59 29.22
C ALA C 647 11.05 -9.21 29.37
N GLY C 648 11.69 -8.92 30.49
CA GLY C 648 12.27 -7.62 30.73
C GLY C 648 12.22 -7.28 32.20
N CYS C 649 12.51 -6.01 32.49
CA CYS C 649 12.52 -5.50 33.85
C CYS C 649 11.17 -4.85 34.16
N LEU C 650 10.49 -5.34 35.18
CA LEU C 650 9.16 -4.89 35.55
C LEU C 650 9.24 -4.05 36.81
N ILE C 651 8.73 -2.83 36.75
CA ILE C 651 8.85 -1.86 37.82
C ILE C 651 7.46 -1.39 38.22
N GLY C 652 7.19 -1.34 39.52
CA GLY C 652 5.92 -0.91 40.03
C GLY C 652 4.92 -2.01 40.31
N ALA C 653 5.37 -3.27 40.32
CA ALA C 653 4.50 -4.41 40.59
C ALA C 653 5.18 -5.35 41.57
N GLU C 654 4.41 -5.83 42.55
CA GLU C 654 4.94 -6.71 43.58
C GLU C 654 4.98 -8.15 43.08
N HIS C 655 6.15 -8.76 43.12
CA HIS C 655 6.30 -10.16 42.77
C HIS C 655 5.77 -11.03 43.89
N VAL C 656 4.76 -11.86 43.59
CA VAL C 656 4.11 -12.71 44.58
C VAL C 656 4.32 -14.16 44.19
N ASN C 657 4.50 -15.02 45.20
CA ASN C 657 4.80 -16.43 44.95
C ASN C 657 3.57 -17.24 44.52
N ASN C 658 2.37 -16.75 44.78
CA ASN C 658 1.15 -17.52 44.49
C ASN C 658 0.75 -17.33 43.03
N SER C 659 0.76 -18.40 42.26
CA SER C 659 0.38 -18.36 40.85
C SER C 659 -1.13 -18.30 40.71
N TYR C 660 -1.63 -17.23 40.11
CA TYR C 660 -3.04 -17.10 39.77
C TYR C 660 -3.25 -17.33 38.27
N GLU C 661 -4.51 -17.27 37.85
CA GLU C 661 -4.84 -17.31 36.43
C GLU C 661 -4.43 -16.01 35.77
N CYS C 662 -3.94 -16.10 34.54
CA CYS C 662 -3.39 -14.94 33.85
C CYS C 662 -4.45 -13.88 33.63
N ASP C 663 -4.20 -12.68 34.18
CA ASP C 663 -5.11 -11.57 34.00
C ASP C 663 -4.54 -10.62 32.96
N ILE C 664 -3.36 -10.06 33.17
CA ILE C 664 -2.70 -9.21 32.18
C ILE C 664 -1.45 -9.93 31.70
N PRO C 665 -1.38 -10.36 30.45
CA PRO C 665 -0.19 -11.11 29.99
C PRO C 665 1.00 -10.19 29.79
N ILE C 666 1.95 -10.26 30.73
CA ILE C 666 3.18 -9.49 30.57
C ILE C 666 4.14 -10.18 29.62
N GLY C 667 4.07 -11.50 29.50
CA GLY C 667 4.88 -12.24 28.57
C GLY C 667 5.92 -13.10 29.28
N ALA C 668 6.37 -14.12 28.56
CA ALA C 668 7.37 -15.06 29.08
C ALA C 668 6.93 -15.62 30.43
N GLY C 669 5.68 -16.04 30.50
CA GLY C 669 5.16 -16.72 31.67
C GLY C 669 4.65 -15.82 32.78
N ILE C 670 4.84 -14.52 32.69
CA ILE C 670 4.45 -13.59 33.74
C ILE C 670 3.14 -12.93 33.34
N CYS C 671 2.19 -12.89 34.27
CA CYS C 671 1.00 -12.07 34.15
C CYS C 671 0.88 -11.19 35.38
N ALA C 672 -0.01 -10.21 35.31
CA ALA C 672 -0.15 -9.23 36.38
C ALA C 672 -1.62 -8.94 36.63
N SER C 673 -1.92 -8.48 37.84
CA SER C 673 -3.28 -8.22 38.25
C SER C 673 -3.28 -7.21 39.38
N TYR C 674 -4.45 -6.59 39.58
CA TYR C 674 -4.64 -5.59 40.62
C TYR C 674 -5.36 -6.24 41.79
N GLN C 675 -4.67 -6.34 42.92
CA GLN C 675 -5.23 -6.99 44.09
C GLN C 675 -4.66 -6.37 45.36
N THR C 676 -5.36 -6.61 46.47
CA THR C 676 -4.93 -6.15 47.79
C THR C 676 -3.53 -6.66 48.11
N SER C 689 -5.65 -0.13 49.77
CA SER C 689 -4.73 -1.23 50.05
C SER C 689 -4.43 -2.03 48.79
N GLN C 690 -5.05 -1.65 47.68
CA GLN C 690 -4.84 -2.33 46.42
C GLN C 690 -3.48 -1.98 45.82
N SER C 691 -2.89 -2.94 45.11
CA SER C 691 -1.66 -2.70 44.38
C SER C 691 -1.55 -3.72 43.25
N ILE C 692 -0.68 -3.41 42.29
CA ILE C 692 -0.45 -4.28 41.14
C ILE C 692 0.52 -5.39 41.54
N ILE C 693 0.14 -6.63 41.28
CA ILE C 693 0.98 -7.78 41.57
C ILE C 693 1.39 -8.45 40.26
N ALA C 694 2.59 -9.03 40.26
CA ALA C 694 3.11 -9.78 39.14
C ALA C 694 3.44 -11.19 39.59
N TYR C 695 3.04 -12.18 38.79
CA TYR C 695 3.14 -13.58 39.20
C TYR C 695 3.33 -14.45 37.97
N THR C 696 3.89 -15.64 38.19
CA THR C 696 3.94 -16.66 37.16
C THR C 696 2.59 -17.34 37.05
N MET C 697 2.02 -17.31 35.84
CA MET C 697 0.66 -17.78 35.64
C MET C 697 0.54 -19.27 35.89
N SER C 698 -0.55 -19.67 36.53
CA SER C 698 -0.86 -21.09 36.71
C SER C 698 -1.53 -21.63 35.45
N LEU C 699 -1.13 -22.84 35.07
CA LEU C 699 -1.76 -23.52 33.94
C LEU C 699 -3.01 -24.28 34.35
N GLY C 700 -3.08 -24.74 35.58
CA GLY C 700 -4.25 -25.45 36.05
C GLY C 700 -3.91 -26.26 37.29
N ALA C 701 -4.90 -27.00 37.76
CA ALA C 701 -4.68 -27.91 38.87
C ALA C 701 -3.85 -29.10 38.43
N GLU C 702 -2.96 -29.54 39.31
CA GLU C 702 -2.09 -30.68 39.03
C GLU C 702 -2.73 -31.93 39.60
N ASN C 703 -2.80 -32.99 38.77
CA ASN C 703 -3.70 -34.11 39.06
C ASN C 703 -3.05 -35.39 38.52
N SER C 704 -2.52 -36.21 39.42
CA SER C 704 -2.01 -37.52 39.03
C SER C 704 -3.16 -38.52 38.91
N VAL C 705 -3.26 -39.17 37.75
CA VAL C 705 -4.33 -40.13 37.51
C VAL C 705 -4.03 -41.44 38.23
N ALA C 706 -5.08 -42.10 38.72
CA ALA C 706 -4.93 -43.32 39.52
C ALA C 706 -4.79 -44.56 38.63
N TYR C 707 -3.80 -44.56 37.74
CA TYR C 707 -3.63 -45.64 36.79
C TYR C 707 -3.04 -46.89 37.45
N SER C 708 -3.54 -48.05 37.04
CA SER C 708 -3.00 -49.35 37.41
C SER C 708 -3.32 -50.33 36.30
N ASN C 709 -2.56 -51.42 36.23
CA ASN C 709 -2.69 -52.35 35.12
C ASN C 709 -4.00 -53.13 35.15
N ASN C 710 -4.77 -53.04 36.24
CA ASN C 710 -6.05 -53.74 36.26
C ASN C 710 -7.18 -52.92 36.89
N SER C 711 -7.06 -51.60 36.93
CA SER C 711 -8.07 -50.75 37.57
C SER C 711 -8.73 -49.89 36.52
N ILE C 712 -10.06 -49.84 36.56
CA ILE C 712 -10.83 -49.01 35.63
C ILE C 712 -11.88 -48.24 36.42
N ALA C 713 -12.19 -47.05 35.94
CA ALA C 713 -13.23 -46.20 36.51
C ALA C 713 -14.35 -46.03 35.50
N ILE C 714 -15.59 -46.16 35.95
CA ILE C 714 -16.74 -46.11 35.06
C ILE C 714 -17.81 -45.20 35.66
N PRO C 715 -18.39 -44.28 34.89
CA PRO C 715 -19.37 -43.34 35.46
C PRO C 715 -20.67 -44.02 35.82
N THR C 716 -21.11 -43.80 37.06
CA THR C 716 -22.40 -44.31 37.53
C THR C 716 -23.55 -43.36 37.24
N ASN C 717 -23.27 -42.12 36.86
CA ASN C 717 -24.27 -41.09 36.66
C ASN C 717 -23.77 -40.16 35.57
N PHE C 718 -24.63 -39.26 35.12
CA PHE C 718 -24.27 -38.34 34.06
C PHE C 718 -24.87 -36.96 34.31
N THR C 719 -24.29 -35.96 33.67
CA THR C 719 -24.80 -34.60 33.66
C THR C 719 -25.07 -34.18 32.22
N ILE C 720 -26.24 -33.63 31.96
CA ILE C 720 -26.56 -33.03 30.67
C ILE C 720 -26.16 -31.56 30.74
N SER C 721 -25.12 -31.19 30.00
CA SER C 721 -24.56 -29.85 30.05
C SER C 721 -24.80 -29.16 28.71
N VAL C 722 -25.40 -27.97 28.76
CA VAL C 722 -25.57 -27.11 27.59
C VAL C 722 -24.53 -26.01 27.66
N THR C 723 -23.80 -25.80 26.57
CA THR C 723 -22.78 -24.78 26.49
C THR C 723 -22.98 -23.96 25.22
N THR C 724 -22.63 -22.68 25.30
CA THR C 724 -22.87 -21.73 24.24
C THR C 724 -21.58 -21.40 23.50
N GLU C 725 -21.62 -21.50 22.17
CA GLU C 725 -20.49 -21.15 21.31
C GLU C 725 -20.91 -20.02 20.37
N ILE C 726 -20.14 -18.94 20.36
CA ILE C 726 -20.46 -17.74 19.59
C ILE C 726 -19.46 -17.63 18.45
N LEU C 727 -19.97 -17.47 17.22
CA LEU C 727 -19.14 -17.40 16.03
C LEU C 727 -19.53 -16.18 15.19
N PRO C 728 -18.59 -15.32 14.83
CA PRO C 728 -18.88 -14.32 13.79
C PRO C 728 -19.21 -14.99 12.47
N VAL C 729 -20.22 -14.46 11.78
CA VAL C 729 -20.65 -14.97 10.49
C VAL C 729 -20.44 -13.95 9.38
N SER C 730 -20.77 -12.69 9.63
CA SER C 730 -20.61 -11.65 8.63
C SER C 730 -20.19 -10.37 9.34
N MET C 731 -19.88 -9.36 8.55
CA MET C 731 -19.47 -8.06 9.07
C MET C 731 -20.15 -6.98 8.23
N THR C 732 -20.13 -5.76 8.75
CA THR C 732 -20.84 -4.66 8.10
C THR C 732 -20.30 -4.44 6.69
N LYS C 733 -21.22 -4.47 5.72
CA LYS C 733 -20.88 -4.05 4.37
C LYS C 733 -20.55 -2.56 4.36
N THR C 734 -19.63 -2.16 3.50
CA THR C 734 -19.34 -0.75 3.29
C THR C 734 -19.12 -0.48 1.82
N SER C 735 -19.48 0.74 1.41
CA SER C 735 -19.19 1.24 0.07
C SER C 735 -18.70 2.67 0.22
N VAL C 736 -17.72 3.05 -0.59
CA VAL C 736 -17.10 4.36 -0.50
C VAL C 736 -17.22 5.05 -1.85
N ASP C 737 -17.71 6.29 -1.83
CA ASP C 737 -17.63 7.16 -2.99
C ASP C 737 -16.21 7.71 -3.08
N CYS C 738 -15.32 6.96 -3.73
CA CYS C 738 -13.90 7.27 -3.66
C CYS C 738 -13.61 8.71 -4.09
N THR C 739 -14.41 9.25 -5.00
CA THR C 739 -14.23 10.65 -5.38
C THR C 739 -14.64 11.58 -4.24
N MET C 740 -15.72 11.27 -3.54
CA MET C 740 -16.22 12.18 -2.52
C MET C 740 -15.37 12.16 -1.27
N TYR C 741 -14.74 11.03 -0.96
CA TYR C 741 -13.81 10.99 0.17
C TYR C 741 -12.59 11.85 -0.10
N ILE C 742 -11.94 11.64 -1.24
CA ILE C 742 -10.73 12.39 -1.57
C ILE C 742 -11.06 13.85 -1.88
N CYS C 743 -12.07 14.06 -2.72
CA CYS C 743 -12.26 15.36 -3.36
C CYS C 743 -13.66 15.91 -3.09
N GLY C 744 -14.09 15.89 -1.84
CA GLY C 744 -15.45 16.31 -1.51
C GLY C 744 -15.68 17.74 -1.95
N ASP C 745 -16.70 17.97 -2.77
CA ASP C 745 -17.23 19.28 -3.17
C ASP C 745 -16.22 20.13 -3.95
N SER C 746 -15.17 19.54 -4.50
CA SER C 746 -14.19 20.27 -5.29
C SER C 746 -14.18 19.75 -6.72
N THR C 747 -14.44 20.65 -7.68
CA THR C 747 -14.32 20.27 -9.09
C THR C 747 -12.85 20.23 -9.52
N GLU C 748 -12.02 21.13 -8.98
CA GLU C 748 -10.62 21.14 -9.35
C GLU C 748 -9.92 19.85 -8.92
N CYS C 749 -10.23 19.38 -7.71
CA CYS C 749 -9.68 18.11 -7.24
C CYS C 749 -10.17 16.96 -8.09
N SER C 750 -11.47 16.95 -8.42
CA SER C 750 -12.03 15.85 -9.20
C SER C 750 -11.34 15.70 -10.55
N ASN C 751 -11.07 16.82 -11.22
CA ASN C 751 -10.38 16.74 -12.51
C ASN C 751 -8.99 16.14 -12.35
N LEU C 752 -8.32 16.42 -11.23
CA LEU C 752 -6.99 15.87 -11.00
C LEU C 752 -7.06 14.40 -10.62
N LEU C 753 -8.12 14.01 -9.91
CA LEU C 753 -8.27 12.60 -9.54
C LEU C 753 -8.46 11.73 -10.76
N LEU C 754 -9.08 12.25 -11.81
CA LEU C 754 -9.23 11.48 -13.04
C LEU C 754 -7.89 11.04 -13.60
N GLN C 755 -6.81 11.77 -13.28
CA GLN C 755 -5.48 11.42 -13.78
C GLN C 755 -4.96 10.13 -13.15
N TYR C 756 -5.61 9.61 -12.12
CA TYR C 756 -5.28 8.31 -11.54
C TYR C 756 -6.16 7.20 -12.08
N GLY C 757 -7.46 7.47 -12.25
CA GLY C 757 -8.35 6.59 -12.98
C GLY C 757 -8.79 5.32 -12.27
N SER C 758 -8.26 4.19 -12.73
CA SER C 758 -8.78 2.89 -12.31
C SER C 758 -8.62 2.63 -10.83
N PHE C 759 -7.77 3.40 -10.14
CA PHE C 759 -7.65 3.26 -8.69
C PHE C 759 -9.01 3.38 -8.02
N CYS C 760 -9.73 4.45 -8.32
CA CYS C 760 -11.07 4.65 -7.78
C CYS C 760 -11.97 3.45 -7.99
N THR C 761 -11.71 2.65 -9.03
CA THR C 761 -12.54 1.49 -9.35
C THR C 761 -12.02 0.24 -8.65
N GLN C 762 -10.74 -0.05 -8.79
CA GLN C 762 -10.12 -1.19 -8.14
C GLN C 762 -10.52 -1.23 -6.66
N LEU C 763 -10.63 -0.06 -6.04
CA LEU C 763 -11.05 0.00 -4.64
C LEU C 763 -12.47 -0.53 -4.47
N ASN C 764 -13.40 -0.04 -5.31
CA ASN C 764 -14.80 -0.42 -5.14
C ASN C 764 -15.09 -1.82 -5.66
N ARG C 765 -14.25 -2.37 -6.54
CA ARG C 765 -14.38 -3.78 -6.89
C ARG C 765 -14.07 -4.66 -5.69
N ALA C 766 -13.05 -4.29 -4.91
CA ALA C 766 -12.71 -5.05 -3.72
C ALA C 766 -13.83 -4.97 -2.69
N LEU C 767 -14.33 -3.77 -2.41
CA LEU C 767 -15.38 -3.62 -1.41
C LEU C 767 -16.66 -4.31 -1.85
N THR C 768 -16.98 -4.30 -3.15
CA THR C 768 -18.14 -5.03 -3.62
C THR C 768 -17.96 -6.52 -3.40
N GLY C 769 -16.75 -7.04 -3.67
CA GLY C 769 -16.48 -8.44 -3.39
C GLY C 769 -16.63 -8.76 -1.92
N ILE C 770 -16.17 -7.86 -1.05
CA ILE C 770 -16.35 -8.06 0.38
C ILE C 770 -17.83 -8.03 0.74
N ALA C 771 -18.54 -7.00 0.28
CA ALA C 771 -19.95 -6.85 0.64
C ALA C 771 -20.79 -7.99 0.10
N VAL C 772 -20.56 -8.37 -1.16
CA VAL C 772 -21.41 -9.38 -1.78
C VAL C 772 -21.25 -10.72 -1.09
N GLU C 773 -20.05 -11.04 -0.62
CA GLU C 773 -19.84 -12.33 0.04
C GLU C 773 -20.33 -12.35 1.47
N GLN C 774 -20.60 -11.19 2.08
CA GLN C 774 -21.25 -11.20 3.38
C GLN C 774 -22.64 -11.80 3.28
N ASP C 775 -23.33 -11.57 2.16
CA ASP C 775 -24.60 -12.24 1.91
C ASP C 775 -24.38 -13.73 1.68
N LYS C 776 -23.31 -14.09 0.98
CA LYS C 776 -22.97 -15.50 0.82
C LYS C 776 -22.70 -16.15 2.17
N ASN C 777 -21.90 -15.50 3.01
CA ASN C 777 -21.58 -16.07 4.31
C ASN C 777 -22.85 -16.36 5.11
N THR C 778 -23.77 -15.40 5.16
CA THR C 778 -24.99 -15.60 5.92
C THR C 778 -25.88 -16.65 5.27
N GLN C 779 -25.87 -16.73 3.95
CA GLN C 779 -26.66 -17.76 3.28
C GLN C 779 -26.12 -19.14 3.57
N GLU C 780 -24.79 -19.30 3.56
CA GLU C 780 -24.20 -20.62 3.75
C GLU C 780 -24.47 -21.16 5.15
N VAL C 781 -24.54 -20.29 6.15
CA VAL C 781 -24.74 -20.74 7.53
C VAL C 781 -26.20 -21.07 7.79
N PHE C 782 -27.09 -20.13 7.48
CA PHE C 782 -28.47 -20.20 7.94
C PHE C 782 -29.42 -20.85 6.93
N ALA C 783 -29.15 -20.71 5.64
CA ALA C 783 -30.10 -21.14 4.61
C ALA C 783 -29.87 -22.59 4.23
N GLN C 784 -29.32 -23.39 5.15
CA GLN C 784 -28.93 -24.74 4.79
C GLN C 784 -30.12 -25.63 4.45
N VAL C 785 -31.32 -25.30 4.90
CA VAL C 785 -32.55 -25.97 4.46
C VAL C 785 -33.44 -24.94 3.82
N LYS C 786 -33.81 -25.17 2.56
CA LYS C 786 -34.76 -24.32 1.86
C LYS C 786 -36.19 -24.78 2.05
N GLN C 787 -36.61 -24.97 3.30
CA GLN C 787 -37.98 -25.34 3.61
C GLN C 787 -38.23 -24.98 5.07
N ILE C 788 -39.14 -24.03 5.29
CA ILE C 788 -39.30 -23.40 6.60
C ILE C 788 -40.22 -24.29 7.43
N TYR C 789 -39.61 -25.20 8.19
CA TYR C 789 -40.37 -26.03 9.12
C TYR C 789 -40.90 -25.19 10.27
N LYS C 790 -42.04 -25.62 10.82
CA LYS C 790 -42.64 -24.93 11.95
C LYS C 790 -43.13 -25.95 12.97
N THR C 791 -42.99 -25.61 14.24
CA THR C 791 -43.33 -26.53 15.32
C THR C 791 -44.85 -26.73 15.39
N PRO C 792 -45.31 -27.89 15.86
CA PRO C 792 -46.73 -28.05 16.17
C PRO C 792 -47.09 -27.16 17.35
N PRO C 793 -48.35 -26.71 17.46
CA PRO C 793 -48.71 -25.87 18.60
C PRO C 793 -48.61 -26.59 19.93
N ILE C 794 -48.85 -27.90 19.95
CA ILE C 794 -48.69 -28.69 21.17
C ILE C 794 -47.23 -29.08 21.31
N LYS C 795 -46.72 -29.00 22.54
CA LYS C 795 -45.29 -29.11 22.80
C LYS C 795 -44.96 -30.33 23.65
N ASP C 796 -45.55 -31.48 23.31
CA ASP C 796 -45.37 -32.71 24.08
C ASP C 796 -44.04 -33.39 23.72
N PHE C 797 -42.96 -32.65 23.92
CA PHE C 797 -41.62 -33.13 23.60
C PHE C 797 -41.00 -33.91 24.75
N GLY C 798 -41.72 -34.90 25.26
CA GLY C 798 -41.15 -35.82 26.21
C GLY C 798 -40.62 -35.21 27.49
N GLY C 799 -41.08 -34.01 27.85
CA GLY C 799 -40.62 -33.36 29.06
C GLY C 799 -39.54 -32.33 28.85
N PHE C 800 -38.97 -32.24 27.65
CA PHE C 800 -38.01 -31.20 27.34
C PHE C 800 -38.73 -29.91 27.00
N ASN C 801 -38.20 -28.79 27.50
CA ASN C 801 -38.87 -27.49 27.45
C ASN C 801 -38.05 -26.57 26.55
N PHE C 802 -38.38 -26.58 25.25
CA PHE C 802 -37.72 -25.74 24.27
C PHE C 802 -38.33 -24.35 24.16
N SER C 803 -39.30 -24.01 25.03
CA SER C 803 -39.97 -22.72 24.91
C SER C 803 -39.00 -21.56 25.00
N GLN C 804 -37.88 -21.75 25.68
CA GLN C 804 -36.91 -20.69 25.86
C GLN C 804 -36.07 -20.42 24.62
N ILE C 805 -36.08 -21.32 23.65
CA ILE C 805 -35.32 -21.13 22.42
C ILE C 805 -36.19 -21.10 21.17
N LEU C 806 -37.43 -21.55 21.24
CA LEU C 806 -38.33 -21.47 20.10
C LEU C 806 -38.88 -20.05 19.95
N PRO C 807 -39.39 -19.71 18.76
CA PRO C 807 -39.92 -18.36 18.55
C PRO C 807 -40.88 -17.92 19.64
N ASP C 808 -41.00 -16.61 19.82
CA ASP C 808 -41.92 -15.98 20.75
C ASP C 808 -42.87 -15.13 19.90
N PRO C 809 -43.97 -15.71 19.41
CA PRO C 809 -44.76 -15.04 18.38
C PRO C 809 -45.29 -13.67 18.77
N SER C 810 -45.60 -13.43 20.04
CA SER C 810 -46.24 -12.19 20.43
C SER C 810 -45.36 -10.98 20.20
N LYS C 811 -44.05 -11.15 20.11
CA LYS C 811 -43.14 -10.04 19.94
C LYS C 811 -43.11 -9.60 18.48
N PRO C 812 -42.83 -8.32 18.22
CA PRO C 812 -42.94 -7.83 16.84
C PRO C 812 -42.00 -8.53 15.87
N SER C 813 -40.79 -8.86 16.32
CA SER C 813 -39.90 -9.73 15.57
C SER C 813 -39.94 -11.10 16.22
N LYS C 814 -40.25 -12.12 15.44
CA LYS C 814 -40.62 -13.42 16.00
C LYS C 814 -39.37 -14.21 16.39
N ARG C 815 -38.52 -13.61 17.22
CA ARG C 815 -37.35 -14.27 17.75
C ARG C 815 -37.67 -14.98 19.06
N SER C 816 -36.78 -15.88 19.45
CA SER C 816 -36.94 -16.61 20.70
C SER C 816 -36.58 -15.72 21.88
N PHE C 817 -36.76 -16.25 23.08
CA PHE C 817 -36.40 -15.50 24.28
C PHE C 817 -34.90 -15.28 24.35
N ILE C 818 -34.12 -16.35 24.21
CA ILE C 818 -32.68 -16.26 24.36
C ILE C 818 -32.08 -15.41 23.25
N GLU C 819 -32.65 -15.47 22.05
CA GLU C 819 -32.12 -14.66 20.96
C GLU C 819 -32.26 -13.17 21.26
N ASP C 820 -33.32 -12.77 21.95
CA ASP C 820 -33.49 -11.36 22.30
C ASP C 820 -32.43 -10.91 23.29
N LEU C 821 -31.97 -11.80 24.16
CA LEU C 821 -30.83 -11.49 25.00
C LEU C 821 -29.60 -11.23 24.15
N LEU C 822 -29.34 -12.12 23.18
CA LEU C 822 -28.17 -11.96 22.33
C LEU C 822 -28.22 -10.63 21.57
N PHE C 823 -29.37 -10.29 21.01
CA PHE C 823 -29.47 -9.06 20.24
C PHE C 823 -29.33 -7.82 21.10
N ASN C 824 -29.60 -7.92 22.41
CA ASN C 824 -29.40 -6.80 23.31
C ASN C 824 -27.96 -6.68 23.80
N LYS C 825 -27.18 -7.74 23.71
CA LYS C 825 -25.81 -7.72 24.22
C LYS C 825 -24.81 -7.18 23.21
N VAL C 826 -25.20 -7.02 21.95
CA VAL C 826 -24.36 -6.41 20.93
C VAL C 826 -25.00 -5.09 20.53
N THR C 827 -24.24 -4.01 20.63
CA THR C 827 -24.72 -2.66 20.35
C THR C 827 -23.99 -2.10 19.14
N LEU C 828 -24.77 -1.52 18.22
CA LEU C 828 -24.24 -0.95 16.98
C LEU C 828 -24.54 0.53 16.94
N ALA C 829 -23.63 1.30 16.34
CA ALA C 829 -23.72 2.76 16.37
C ALA C 829 -24.95 3.29 15.63
N ASP C 830 -25.47 2.55 14.65
CA ASP C 830 -26.60 3.02 13.86
C ASP C 830 -27.69 1.95 13.82
N ALA C 831 -28.88 2.35 13.39
CA ALA C 831 -30.03 1.47 13.38
C ALA C 831 -30.93 1.80 12.19
N GLY C 832 -31.54 0.78 11.62
CA GLY C 832 -32.48 0.92 10.53
C GLY C 832 -31.88 1.22 9.18
N PHE C 833 -30.57 1.48 9.11
CA PHE C 833 -29.83 1.64 7.85
C PHE C 833 -30.31 2.79 6.99
N ILE C 834 -31.23 3.62 7.47
CA ILE C 834 -31.68 4.80 6.75
C ILE C 834 -31.56 6.02 7.66
N LYS C 835 -30.86 7.05 7.19
CA LYS C 835 -30.64 8.28 7.95
C LYS C 835 -30.75 9.44 6.97
N GLN C 836 -31.92 10.07 6.92
CA GLN C 836 -32.17 11.11 5.93
C GLN C 836 -31.22 12.29 6.12
N TYR C 837 -31.04 13.04 5.03
CA TYR C 837 -30.32 14.30 5.10
C TYR C 837 -30.92 15.22 6.15
N GLY C 838 -32.26 15.26 6.24
CA GLY C 838 -32.91 16.19 7.15
C GLY C 838 -32.42 16.08 8.57
N ASP C 839 -32.32 14.86 9.08
CA ASP C 839 -31.98 14.62 10.48
C ASP C 839 -30.50 14.33 10.67
N CYS C 840 -29.66 14.86 9.78
CA CYS C 840 -28.23 14.60 9.83
C CYS C 840 -27.43 15.85 9.47
N LEU C 841 -28.12 16.96 9.25
CA LEU C 841 -27.51 18.19 8.76
C LEU C 841 -27.48 19.27 9.84
N GLY C 842 -26.54 20.21 9.68
CA GLY C 842 -26.46 21.36 10.55
C GLY C 842 -25.87 21.05 11.91
N ASP C 843 -26.71 21.13 12.95
CA ASP C 843 -26.23 20.87 14.30
C ASP C 843 -25.73 19.44 14.44
N ILE C 844 -26.35 18.50 13.73
CA ILE C 844 -26.00 17.09 13.85
C ILE C 844 -24.99 16.64 12.80
N ALA C 845 -24.60 17.54 11.88
CA ALA C 845 -23.46 17.25 11.03
C ALA C 845 -22.17 17.27 11.85
N ALA C 846 -22.08 18.21 12.79
CA ALA C 846 -20.93 18.26 13.68
C ALA C 846 -20.88 17.04 14.60
N ARG C 847 -22.03 16.62 15.12
CA ARG C 847 -22.05 15.66 16.23
C ARG C 847 -21.87 14.21 15.79
N ASP C 848 -22.80 13.71 14.99
CA ASP C 848 -22.91 12.28 14.77
C ASP C 848 -21.74 11.74 13.96
N LEU C 849 -21.26 10.56 14.37
CA LEU C 849 -20.20 9.90 13.61
C LEU C 849 -20.71 9.36 12.29
N ILE C 850 -21.88 8.72 12.29
CA ILE C 850 -22.43 8.20 11.05
C ILE C 850 -22.71 9.32 10.06
N CYS C 851 -22.83 10.56 10.53
CA CYS C 851 -22.99 11.70 9.63
C CYS C 851 -21.65 12.15 9.08
N ALA C 852 -20.62 12.24 9.94
CA ALA C 852 -19.27 12.52 9.44
C ALA C 852 -18.85 11.51 8.39
N GLN C 853 -19.21 10.24 8.59
CA GLN C 853 -18.87 9.21 7.63
C GLN C 853 -19.55 9.45 6.29
N LYS C 854 -20.88 9.63 6.32
CA LYS C 854 -21.64 9.73 5.07
C LYS C 854 -21.32 10.99 4.31
N PHE C 855 -21.02 12.09 5.01
CA PHE C 855 -20.63 13.31 4.31
C PHE C 855 -19.35 13.12 3.54
N ASN C 856 -18.41 12.33 4.07
CA ASN C 856 -17.15 12.06 3.42
C ASN C 856 -17.21 10.81 2.54
N GLY C 857 -18.39 10.43 2.08
CA GLY C 857 -18.55 9.38 1.10
C GLY C 857 -18.56 7.96 1.62
N LEU C 858 -18.38 7.75 2.93
CA LEU C 858 -18.39 6.40 3.48
C LEU C 858 -19.81 6.00 3.83
N THR C 859 -20.22 4.80 3.41
CA THR C 859 -21.57 4.32 3.63
C THR C 859 -21.56 2.86 4.07
N VAL C 860 -22.52 2.50 4.91
CA VAL C 860 -22.70 1.13 5.37
C VAL C 860 -23.96 0.57 4.73
N LEU C 861 -23.84 -0.56 4.06
CA LEU C 861 -24.96 -1.12 3.33
C LEU C 861 -25.72 -2.14 4.18
N PRO C 862 -27.03 -2.28 3.96
CA PRO C 862 -27.79 -3.26 4.74
C PRO C 862 -27.56 -4.67 4.22
N PRO C 863 -27.61 -5.68 5.09
CA PRO C 863 -27.50 -7.05 4.62
C PRO C 863 -28.74 -7.49 3.87
N LEU C 864 -28.55 -8.52 3.03
CA LEU C 864 -29.67 -9.03 2.25
C LEU C 864 -30.75 -9.61 3.14
N LEU C 865 -30.39 -10.48 4.08
CA LEU C 865 -31.34 -11.10 4.99
C LEU C 865 -31.51 -10.23 6.23
N THR C 866 -32.75 -9.89 6.54
CA THR C 866 -33.03 -9.13 7.75
C THR C 866 -32.91 -10.04 8.97
N ASP C 867 -32.84 -9.42 10.15
CA ASP C 867 -32.80 -10.20 11.37
C ASP C 867 -34.05 -11.03 11.57
N GLU C 868 -35.14 -10.68 10.89
CA GLU C 868 -36.33 -11.52 10.91
C GLU C 868 -36.15 -12.75 10.04
N MET C 869 -35.57 -12.58 8.85
CA MET C 869 -35.34 -13.72 7.97
C MET C 869 -34.32 -14.67 8.57
N ILE C 870 -33.31 -14.14 9.29
CA ILE C 870 -32.38 -15.03 9.98
C ILE C 870 -33.11 -15.82 11.06
N ALA C 871 -34.00 -15.17 11.79
CA ALA C 871 -34.77 -15.87 12.82
C ALA C 871 -35.69 -16.92 12.22
N GLN C 872 -36.24 -16.66 11.04
CA GLN C 872 -37.07 -17.66 10.38
C GLN C 872 -36.25 -18.87 9.96
N TYR C 873 -35.06 -18.63 9.41
CA TYR C 873 -34.18 -19.74 9.09
C TYR C 873 -33.78 -20.49 10.35
N THR C 874 -33.46 -19.76 11.42
CA THR C 874 -33.11 -20.41 12.68
C THR C 874 -34.29 -21.18 13.25
N SER C 875 -35.50 -20.63 13.12
CA SER C 875 -36.69 -21.33 13.60
C SER C 875 -36.89 -22.63 12.84
N ALA C 876 -36.68 -22.61 11.53
CA ALA C 876 -36.84 -23.83 10.73
C ALA C 876 -35.83 -24.88 11.14
N LEU C 877 -34.58 -24.48 11.34
CA LEU C 877 -33.56 -25.43 11.78
C LEU C 877 -33.90 -25.99 13.15
N LEU C 878 -34.23 -25.12 14.09
CA LEU C 878 -34.51 -25.58 15.45
C LEU C 878 -35.81 -26.39 15.50
N ALA C 879 -36.87 -25.88 14.86
CA ALA C 879 -38.14 -26.59 14.86
C ALA C 879 -38.03 -27.92 14.12
N GLY C 880 -37.28 -27.95 13.02
CA GLY C 880 -37.07 -29.21 12.32
C GLY C 880 -36.32 -30.22 13.17
N THR C 881 -35.32 -29.76 13.93
CA THR C 881 -34.52 -30.66 14.74
C THR C 881 -35.37 -31.38 15.78
N ILE C 882 -36.13 -30.63 16.56
CA ILE C 882 -36.86 -31.23 17.67
C ILE C 882 -37.95 -32.15 17.16
N THR C 883 -38.56 -31.83 16.03
CA THR C 883 -39.65 -32.64 15.49
C THR C 883 -39.19 -33.76 14.57
N SER C 884 -37.96 -33.72 14.06
CA SER C 884 -37.55 -34.68 13.03
C SER C 884 -36.18 -35.29 13.28
N GLY C 885 -35.43 -34.75 14.23
CA GLY C 885 -34.08 -35.23 14.41
C GLY C 885 -33.17 -34.80 13.28
N TRP C 886 -32.20 -35.65 12.96
CA TRP C 886 -31.27 -35.36 11.86
C TRP C 886 -31.83 -35.70 10.49
N THR C 887 -33.02 -36.30 10.42
CA THR C 887 -33.54 -36.75 9.13
C THR C 887 -33.80 -35.60 8.19
N PHE C 888 -34.25 -34.45 8.70
CA PHE C 888 -34.62 -33.35 7.82
C PHE C 888 -33.42 -32.80 7.05
N GLY C 889 -32.20 -33.07 7.51
CA GLY C 889 -31.03 -32.66 6.76
C GLY C 889 -30.63 -33.65 5.69
N ALA C 890 -30.89 -34.94 5.91
CA ALA C 890 -30.54 -35.98 4.97
C ALA C 890 -31.57 -36.17 3.86
N GLY C 891 -32.78 -35.66 4.04
CA GLY C 891 -33.83 -35.82 3.06
C GLY C 891 -35.11 -35.13 3.50
N ALA C 892 -36.25 -35.78 3.26
CA ALA C 892 -37.51 -35.27 3.78
C ALA C 892 -37.57 -35.47 5.29
N ALA C 893 -38.13 -34.48 5.98
CA ALA C 893 -38.22 -34.54 7.43
C ALA C 893 -39.14 -35.66 7.88
N LEU C 894 -38.59 -36.63 8.59
CA LEU C 894 -39.35 -37.74 9.15
C LEU C 894 -39.55 -37.48 10.64
N GLN C 895 -40.82 -37.42 11.07
CA GLN C 895 -41.09 -37.14 12.48
C GLN C 895 -40.63 -38.31 13.34
N ILE C 896 -40.39 -38.01 14.61
CA ILE C 896 -39.99 -39.03 15.57
C ILE C 896 -40.17 -38.49 16.98
N PRO C 897 -40.72 -39.25 17.92
CA PRO C 897 -40.88 -38.72 19.28
C PRO C 897 -39.53 -38.32 19.85
N PHE C 898 -39.51 -37.21 20.58
CA PHE C 898 -38.24 -36.65 21.00
C PHE C 898 -37.52 -37.57 21.99
N ALA C 899 -38.25 -38.24 22.88
CA ALA C 899 -37.62 -39.25 23.70
C ALA C 899 -37.08 -40.39 22.87
N MET C 900 -37.72 -40.68 21.75
CA MET C 900 -37.19 -41.68 20.82
C MET C 900 -35.97 -41.12 20.10
N GLN C 901 -36.01 -39.85 19.73
CA GLN C 901 -34.85 -39.22 19.10
C GLN C 901 -33.67 -39.19 20.06
N MET C 902 -33.89 -38.71 21.29
CA MET C 902 -32.81 -38.69 22.27
C MET C 902 -32.27 -40.08 22.53
N ALA C 903 -33.08 -41.11 22.34
CA ALA C 903 -32.59 -42.48 22.47
C ALA C 903 -31.64 -42.82 21.34
N TYR C 904 -31.92 -42.32 20.13
CA TYR C 904 -30.94 -42.44 19.05
C TYR C 904 -29.65 -41.73 19.43
N ARG C 905 -29.76 -40.56 20.05
CA ARG C 905 -28.57 -39.79 20.40
C ARG C 905 -27.70 -40.55 21.39
N PHE C 906 -28.31 -41.18 22.38
CA PHE C 906 -27.54 -41.91 23.37
C PHE C 906 -26.79 -43.07 22.74
N ASN C 907 -27.45 -43.82 21.85
CA ASN C 907 -26.76 -44.85 21.10
C ASN C 907 -25.57 -44.28 20.35
N GLY C 908 -25.70 -43.06 19.86
CA GLY C 908 -24.61 -42.44 19.12
C GLY C 908 -23.35 -42.27 19.96
N ILE C 909 -23.50 -42.09 21.26
CA ILE C 909 -22.38 -41.84 22.15
C ILE C 909 -21.97 -43.10 22.93
N GLY C 910 -22.50 -44.25 22.56
CA GLY C 910 -22.13 -45.48 23.22
C GLY C 910 -22.79 -45.71 24.55
N VAL C 911 -23.96 -45.13 24.79
CA VAL C 911 -24.76 -45.39 25.97
C VAL C 911 -26.07 -45.99 25.50
N THR C 912 -26.45 -47.11 26.12
CA THR C 912 -27.60 -47.86 25.64
C THR C 912 -28.88 -47.05 25.82
N GLN C 913 -29.79 -47.19 24.86
CA GLN C 913 -30.98 -46.35 24.84
C GLN C 913 -31.85 -46.56 26.07
N ASN C 914 -31.78 -47.72 26.71
CA ASN C 914 -32.56 -47.92 27.93
C ASN C 914 -32.09 -46.99 29.04
N VAL C 915 -30.84 -46.51 28.95
CA VAL C 915 -30.34 -45.56 29.94
C VAL C 915 -31.05 -44.22 29.86
N LEU C 916 -31.64 -43.89 28.72
CA LEU C 916 -32.46 -42.69 28.61
C LEU C 916 -33.84 -42.92 29.22
N TYR C 917 -34.53 -43.95 28.75
CA TYR C 917 -35.90 -44.19 29.20
C TYR C 917 -35.97 -44.43 30.69
N GLU C 918 -34.99 -45.12 31.25
CA GLU C 918 -34.96 -45.37 32.68
C GLU C 918 -34.57 -44.14 33.48
N ASN C 919 -34.15 -43.06 32.81
CA ASN C 919 -33.80 -41.81 33.49
C ASN C 919 -34.37 -40.60 32.76
N GLN C 920 -35.50 -40.75 32.06
CA GLN C 920 -35.98 -39.66 31.21
C GLN C 920 -36.34 -38.43 32.01
N LYS C 921 -36.98 -38.60 33.17
CA LYS C 921 -37.33 -37.45 33.99
C LYS C 921 -36.10 -36.65 34.38
N LEU C 922 -35.05 -37.35 34.83
CA LEU C 922 -33.82 -36.67 35.23
C LEU C 922 -33.15 -35.99 34.03
N ILE C 923 -33.10 -36.68 32.89
CA ILE C 923 -32.45 -36.09 31.73
C ILE C 923 -33.21 -34.86 31.26
N ALA C 924 -34.54 -34.95 31.21
CA ALA C 924 -35.34 -33.81 30.80
C ALA C 924 -35.15 -32.63 31.74
N ASN C 925 -35.10 -32.90 33.05
CA ASN C 925 -34.92 -31.83 34.02
C ASN C 925 -33.52 -31.23 33.92
N GLN C 926 -32.51 -32.06 33.67
CA GLN C 926 -31.15 -31.54 33.55
C GLN C 926 -31.04 -30.62 32.34
N PHE C 927 -31.69 -30.99 31.22
CA PHE C 927 -31.69 -30.11 30.06
C PHE C 927 -32.41 -28.81 30.35
N ASN C 928 -33.60 -28.89 30.94
CA ASN C 928 -34.34 -27.69 31.26
C ASN C 928 -33.56 -26.80 32.23
N SER C 929 -32.92 -27.41 33.23
CA SER C 929 -32.10 -26.64 34.13
C SER C 929 -30.90 -26.01 33.42
N ALA C 930 -30.27 -26.77 32.52
CA ALA C 930 -29.11 -26.25 31.81
C ALA C 930 -29.47 -25.09 30.91
N ILE C 931 -30.61 -25.16 30.23
CA ILE C 931 -31.05 -24.05 29.41
C ILE C 931 -31.34 -22.83 30.27
N GLY C 932 -31.90 -23.05 31.46
CA GLY C 932 -32.13 -21.93 32.37
C GLY C 932 -30.86 -21.18 32.69
N LYS C 933 -29.77 -21.91 32.94
CA LYS C 933 -28.50 -21.26 33.24
C LYS C 933 -27.98 -20.43 32.07
N ILE C 934 -28.42 -20.72 30.85
CA ILE C 934 -28.04 -19.89 29.71
C ILE C 934 -28.68 -18.52 29.83
N GLN C 935 -29.98 -18.47 30.15
CA GLN C 935 -30.65 -17.20 30.37
C GLN C 935 -29.98 -16.43 31.50
N ASP C 936 -29.71 -17.10 32.62
CA ASP C 936 -29.07 -16.44 33.74
C ASP C 936 -27.66 -15.98 33.37
N SER C 937 -26.93 -16.82 32.64
CA SER C 937 -25.56 -16.45 32.24
C SER C 937 -25.55 -15.21 31.38
N LEU C 938 -26.36 -15.22 30.30
CA LEU C 938 -26.36 -14.09 29.38
C LEU C 938 -26.96 -12.84 30.04
N SER C 939 -27.83 -13.03 31.04
CA SER C 939 -28.35 -11.89 31.78
C SER C 939 -27.27 -11.25 32.66
N SER C 940 -26.30 -12.04 33.12
CA SER C 940 -25.38 -11.61 34.17
C SER C 940 -24.09 -11.01 33.63
N THR C 941 -23.35 -11.75 32.80
CA THR C 941 -21.98 -11.41 32.45
C THR C 941 -21.95 -10.59 31.16
N ALA C 942 -21.18 -9.51 31.17
CA ALA C 942 -21.22 -8.54 30.08
C ALA C 942 -20.32 -8.94 28.91
N SER C 943 -19.20 -9.60 29.19
CA SER C 943 -18.19 -9.87 28.16
C SER C 943 -18.48 -11.12 27.35
N ALA C 944 -19.65 -11.74 27.52
CA ALA C 944 -19.88 -13.03 26.90
C ALA C 944 -19.81 -12.98 25.37
N LEU C 945 -20.40 -11.98 24.74
CA LEU C 945 -20.43 -11.88 23.29
C LEU C 945 -19.30 -11.05 22.72
N GLY C 946 -18.10 -11.13 23.32
CA GLY C 946 -17.00 -10.32 22.84
C GLY C 946 -16.69 -10.56 21.37
N LYS C 947 -16.76 -11.81 20.93
CA LYS C 947 -16.40 -12.12 19.55
C LYS C 947 -17.23 -11.33 18.56
N LEU C 948 -18.52 -11.19 18.82
CA LEU C 948 -19.39 -10.48 17.88
C LEU C 948 -19.25 -8.97 18.04
N GLN C 949 -19.18 -8.48 19.27
CA GLN C 949 -18.95 -7.05 19.48
C GLN C 949 -17.60 -6.65 18.91
N ASP C 950 -16.59 -7.49 19.09
CA ASP C 950 -15.26 -7.17 18.57
C ASP C 950 -15.28 -6.97 17.05
N VAL C 951 -16.17 -7.68 16.35
CA VAL C 951 -16.26 -7.53 14.90
C VAL C 951 -16.97 -6.23 14.54
N VAL C 952 -18.02 -5.87 15.28
CA VAL C 952 -18.69 -4.60 15.05
C VAL C 952 -17.77 -3.44 15.41
N ASN C 953 -17.04 -3.56 16.51
CA ASN C 953 -16.18 -2.47 16.94
C ASN C 953 -15.01 -2.25 15.99
N GLN C 954 -14.42 -3.34 15.48
CA GLN C 954 -13.30 -3.19 14.56
C GLN C 954 -13.73 -2.52 13.27
N ASN C 955 -14.89 -2.91 12.73
CA ASN C 955 -15.38 -2.29 11.50
C ASN C 955 -15.75 -0.84 11.73
N ALA C 956 -16.30 -0.52 12.91
CA ALA C 956 -16.60 0.87 13.23
C ALA C 956 -15.32 1.69 13.36
N GLN C 957 -14.34 1.18 14.10
CA GLN C 957 -13.11 1.92 14.29
C GLN C 957 -12.41 2.17 12.96
N ALA C 958 -12.46 1.20 12.05
CA ALA C 958 -11.75 1.36 10.78
C ALA C 958 -12.31 2.52 9.97
N LEU C 959 -13.63 2.72 9.98
CA LEU C 959 -14.21 3.85 9.29
C LEU C 959 -13.93 5.16 10.01
N ASN C 960 -14.05 5.16 11.34
CA ASN C 960 -13.80 6.39 12.09
C ASN C 960 -12.33 6.81 12.00
N THR C 961 -11.42 5.84 11.87
CA THR C 961 -10.04 6.19 11.55
C THR C 961 -9.95 6.81 10.16
N LEU C 962 -10.69 6.26 9.21
CA LEU C 962 -10.63 6.75 7.84
C LEU C 962 -11.06 8.21 7.74
N VAL C 963 -12.01 8.62 8.56
CA VAL C 963 -12.46 10.01 8.55
C VAL C 963 -11.41 10.92 9.17
N LYS C 964 -10.84 10.51 10.31
CA LYS C 964 -9.82 11.33 10.97
C LYS C 964 -8.63 11.56 10.07
N GLN C 965 -8.28 10.57 9.24
CA GLN C 965 -7.13 10.70 8.36
C GLN C 965 -7.34 11.72 7.25
N LEU C 966 -8.54 12.32 7.15
CA LEU C 966 -8.72 13.46 6.27
C LEU C 966 -8.07 14.72 6.82
N SER C 967 -7.79 14.75 8.12
CA SER C 967 -7.12 15.89 8.74
C SER C 967 -5.62 15.93 8.46
N SER C 968 -5.04 14.85 7.93
CA SER C 968 -3.61 14.82 7.68
C SER C 968 -3.26 15.71 6.47
N ASN C 969 -2.12 16.39 6.57
CA ASN C 969 -1.66 17.23 5.47
C ASN C 969 -1.00 16.43 4.36
N PHE C 970 -0.31 15.35 4.70
CA PHE C 970 0.46 14.58 3.73
C PHE C 970 1.51 15.45 3.06
N GLY C 971 2.01 16.45 3.77
CA GLY C 971 3.01 17.36 3.26
C GLY C 971 2.49 18.57 2.54
N ALA C 972 1.19 18.64 2.25
CA ALA C 972 0.62 19.83 1.66
C ALA C 972 0.55 20.95 2.71
N ILE C 973 0.34 22.18 2.23
CA ILE C 973 0.26 23.32 3.13
C ILE C 973 -0.94 23.20 4.06
N SER C 974 -1.95 22.43 3.68
CA SER C 974 -3.17 22.35 4.47
C SER C 974 -3.83 21.00 4.28
N SER C 975 -4.56 20.57 5.30
CA SER C 975 -5.43 19.41 5.18
C SER C 975 -6.74 19.76 4.50
N VAL C 976 -7.17 21.01 4.61
CA VAL C 976 -8.44 21.45 4.05
C VAL C 976 -8.24 21.66 2.55
N LEU C 977 -8.98 20.90 1.74
CA LEU C 977 -8.84 20.99 0.30
C LEU C 977 -9.13 22.40 -0.21
N ASN C 978 -10.10 23.07 0.40
CA ASN C 978 -10.53 24.39 -0.07
C ASN C 978 -9.55 25.49 0.31
N ASP C 979 -8.89 25.38 1.47
CA ASP C 979 -7.94 26.41 1.86
C ASP C 979 -6.74 26.45 0.92
N ILE C 980 -6.46 25.36 0.21
CA ILE C 980 -5.43 25.40 -0.82
C ILE C 980 -5.93 26.16 -2.04
N LEU C 981 -7.13 25.84 -2.51
CA LEU C 981 -7.65 26.43 -3.74
C LEU C 981 -7.99 27.90 -3.58
N SER C 982 -8.26 28.36 -2.36
CA SER C 982 -8.58 29.76 -2.12
C SER C 982 -7.34 30.63 -1.91
N ARG C 983 -6.15 30.02 -1.82
CA ARG C 983 -4.92 30.76 -1.63
C ARG C 983 -3.90 30.58 -2.75
N LEU C 984 -4.05 29.56 -3.60
CA LEU C 984 -3.07 29.25 -4.63
C LEU C 984 -3.75 29.13 -5.98
N ASP C 985 -3.05 29.57 -7.02
CA ASP C 985 -3.56 29.43 -8.38
C ASP C 985 -3.28 28.02 -8.90
N LYS C 986 -3.81 27.75 -10.10
CA LYS C 986 -3.88 26.38 -10.60
C LYS C 986 -2.54 25.67 -10.53
N VAL C 987 -1.46 26.33 -10.95
CA VAL C 987 -0.19 25.64 -11.07
C VAL C 987 0.36 25.30 -9.69
N GLU C 988 0.23 26.23 -8.73
CA GLU C 988 0.73 25.98 -7.39
C GLU C 988 -0.25 25.13 -6.58
N ALA C 989 -1.55 25.25 -6.85
CA ALA C 989 -2.53 24.39 -6.21
C ALA C 989 -2.36 22.94 -6.64
N GLU C 990 -2.05 22.71 -7.92
CA GLU C 990 -1.91 21.35 -8.41
C GLU C 990 -0.87 20.57 -7.61
N VAL C 991 0.23 21.22 -7.25
CA VAL C 991 1.24 20.55 -6.44
C VAL C 991 0.66 20.15 -5.10
N GLN C 992 0.00 21.10 -4.43
CA GLN C 992 -0.57 20.82 -3.12
C GLN C 992 -1.71 19.81 -3.19
N ILE C 993 -2.57 19.94 -4.20
CA ILE C 993 -3.68 19.01 -4.33
C ILE C 993 -3.17 17.61 -4.63
N ASP C 994 -2.13 17.49 -5.46
CA ASP C 994 -1.61 16.18 -5.81
C ASP C 994 -1.15 15.42 -4.59
N ARG C 995 -0.61 16.12 -3.59
CA ARG C 995 -0.21 15.44 -2.36
C ARG C 995 -1.41 14.89 -1.62
N LEU C 996 -2.49 15.67 -1.54
CA LEU C 996 -3.69 15.20 -0.84
C LEU C 996 -4.32 14.02 -1.56
N ILE C 997 -4.36 14.06 -2.90
CA ILE C 997 -4.88 12.93 -3.65
C ILE C 997 -4.05 11.68 -3.35
N THR C 998 -2.73 11.83 -3.37
CA THR C 998 -1.85 10.69 -3.12
C THR C 998 -2.07 10.14 -1.71
N GLY C 999 -2.11 11.03 -0.71
CA GLY C 999 -2.27 10.57 0.65
C GLY C 999 -3.65 10.03 0.96
N ARG C 1000 -4.68 10.70 0.46
CA ARG C 1000 -6.04 10.26 0.73
C ARG C 1000 -6.39 9.01 -0.05
N LEU C 1001 -5.86 8.89 -1.28
CA LEU C 1001 -6.02 7.65 -2.02
C LEU C 1001 -5.29 6.51 -1.33
N GLN C 1002 -4.11 6.79 -0.77
CA GLN C 1002 -3.39 5.78 -0.01
C GLN C 1002 -4.18 5.33 1.20
N SER C 1003 -4.91 6.26 1.84
CA SER C 1003 -5.69 5.90 3.01
C SER C 1003 -6.82 4.94 2.64
N LEU C 1004 -7.46 5.15 1.48
CA LEU C 1004 -8.48 4.21 1.03
C LEU C 1004 -7.86 2.87 0.66
N GLN C 1005 -6.71 2.88 -0.01
CA GLN C 1005 -6.04 1.62 -0.33
C GLN C 1005 -5.72 0.84 0.94
N THR C 1006 -5.23 1.53 1.98
CA THR C 1006 -4.91 0.87 3.23
C THR C 1006 -6.18 0.32 3.89
N TYR C 1007 -7.24 1.12 3.93
CA TYR C 1007 -8.49 0.66 4.51
C TYR C 1007 -9.01 -0.58 3.80
N VAL C 1008 -9.02 -0.55 2.47
CA VAL C 1008 -9.51 -1.68 1.70
C VAL C 1008 -8.65 -2.91 1.96
N THR C 1009 -7.34 -2.72 2.04
CA THR C 1009 -6.45 -3.83 2.33
C THR C 1009 -6.78 -4.46 3.68
N GLN C 1010 -6.98 -3.62 4.70
CA GLN C 1010 -7.34 -4.14 6.01
C GLN C 1010 -8.66 -4.90 5.97
N GLN C 1011 -9.63 -4.39 5.21
CA GLN C 1011 -10.93 -5.04 5.15
C GLN C 1011 -10.91 -6.31 4.32
N LEU C 1012 -10.07 -6.36 3.28
CA LEU C 1012 -9.93 -7.61 2.53
C LEU C 1012 -9.33 -8.70 3.39
N ILE C 1013 -8.31 -8.36 4.17
CA ILE C 1013 -7.73 -9.33 5.10
C ILE C 1013 -8.75 -9.70 6.17
N ARG C 1014 -9.45 -8.70 6.71
CA ARG C 1014 -10.44 -8.95 7.75
C ARG C 1014 -11.56 -9.84 7.25
N ALA C 1015 -12.07 -9.56 6.05
CA ALA C 1015 -13.12 -10.38 5.48
C ALA C 1015 -12.71 -11.84 5.37
N ALA C 1016 -11.42 -12.10 5.21
CA ALA C 1016 -10.96 -13.49 5.17
C ALA C 1016 -11.03 -14.13 6.55
N GLU C 1017 -10.81 -13.35 7.61
CA GLU C 1017 -11.05 -13.85 8.95
C GLU C 1017 -12.50 -14.23 9.13
N ILE C 1018 -13.42 -13.37 8.68
CA ILE C 1018 -14.84 -13.64 8.84
C ILE C 1018 -15.27 -14.78 7.94
N ARG C 1019 -14.71 -14.88 6.73
CA ARG C 1019 -15.08 -15.97 5.84
C ARG C 1019 -14.72 -17.31 6.45
N ALA C 1020 -13.56 -17.40 7.09
CA ALA C 1020 -13.17 -18.64 7.76
C ALA C 1020 -14.13 -18.96 8.89
N SER C 1021 -14.52 -17.95 9.68
CA SER C 1021 -15.47 -18.18 10.75
C SER C 1021 -16.86 -18.51 10.21
N ALA C 1022 -17.24 -17.91 9.08
CA ALA C 1022 -18.53 -18.24 8.48
C ALA C 1022 -18.52 -19.65 7.90
N ASN C 1023 -17.38 -20.09 7.37
CA ASN C 1023 -17.28 -21.47 6.89
C ASN C 1023 -17.24 -22.45 8.04
N LEU C 1024 -16.72 -22.04 9.19
CA LEU C 1024 -16.78 -22.87 10.38
C LEU C 1024 -18.21 -22.97 10.90
N ALA C 1025 -18.89 -21.83 11.02
CA ALA C 1025 -20.27 -21.83 11.48
C ALA C 1025 -21.15 -22.65 10.56
N ALA C 1026 -20.86 -22.66 9.27
CA ALA C 1026 -21.63 -23.47 8.34
C ALA C 1026 -21.35 -24.95 8.54
N THR C 1027 -20.12 -25.32 8.89
CA THR C 1027 -19.81 -26.71 9.16
C THR C 1027 -20.40 -27.17 10.48
N LYS C 1028 -20.38 -26.30 11.50
CA LYS C 1028 -21.02 -26.65 12.77
C LYS C 1028 -22.53 -26.73 12.61
N MET C 1029 -23.12 -25.89 11.76
CA MET C 1029 -24.54 -26.03 11.46
C MET C 1029 -24.83 -27.38 10.83
N SER C 1030 -24.05 -27.75 9.81
CA SER C 1030 -24.30 -29.01 9.11
C SER C 1030 -24.10 -30.20 10.04
N GLU C 1031 -23.04 -30.17 10.84
CA GLU C 1031 -22.59 -31.36 11.56
C GLU C 1031 -23.00 -31.41 13.02
N CYS C 1032 -23.11 -30.27 13.70
CA CYS C 1032 -23.57 -30.25 15.09
C CYS C 1032 -25.08 -30.12 15.20
N VAL C 1033 -25.72 -29.36 14.30
CA VAL C 1033 -27.16 -29.13 14.35
C VAL C 1033 -27.87 -30.17 13.52
N LEU C 1034 -27.59 -30.19 12.21
CA LEU C 1034 -28.30 -31.08 11.30
C LEU C 1034 -27.93 -32.55 11.52
N GLY C 1035 -27.01 -32.82 12.43
CA GLY C 1035 -26.61 -34.18 12.71
C GLY C 1035 -26.13 -34.36 14.13
N GLN C 1036 -25.30 -35.38 14.35
CA GLN C 1036 -24.70 -35.61 15.66
C GLN C 1036 -23.23 -35.95 15.42
N SER C 1037 -22.36 -34.95 15.55
CA SER C 1037 -20.96 -35.14 15.25
C SER C 1037 -20.29 -36.02 16.30
N LYS C 1038 -19.48 -36.97 15.82
CA LYS C 1038 -18.66 -37.78 16.70
C LYS C 1038 -17.29 -37.16 16.96
N ARG C 1039 -17.00 -36.02 16.33
CA ARG C 1039 -15.72 -35.35 16.53
C ARG C 1039 -15.65 -34.78 17.94
N VAL C 1040 -14.45 -34.82 18.51
CA VAL C 1040 -14.25 -34.43 19.90
C VAL C 1040 -14.15 -32.91 20.00
N ASP C 1041 -14.86 -32.34 20.96
CA ASP C 1041 -14.78 -30.91 21.26
C ASP C 1041 -15.10 -30.06 20.04
N PHE C 1042 -15.70 -30.65 19.01
CA PHE C 1042 -16.16 -29.84 17.88
C PHE C 1042 -17.49 -29.18 18.18
N CYS C 1043 -18.31 -29.81 19.02
CA CYS C 1043 -19.59 -29.26 19.45
C CYS C 1043 -19.63 -29.22 20.97
N GLY C 1044 -18.58 -28.65 21.55
CA GLY C 1044 -18.49 -28.47 22.98
C GLY C 1044 -17.86 -29.65 23.70
N LYS C 1045 -17.48 -29.41 24.94
CA LYS C 1045 -16.83 -30.43 25.76
C LYS C 1045 -17.87 -31.41 26.28
N GLY C 1046 -17.56 -32.70 26.16
CA GLY C 1046 -18.49 -33.77 26.44
C GLY C 1046 -18.80 -34.56 25.19
N TYR C 1047 -19.74 -35.49 25.33
CA TYR C 1047 -20.21 -36.28 24.21
C TYR C 1047 -21.41 -35.56 23.59
N HIS C 1048 -21.25 -35.12 22.34
CA HIS C 1048 -22.28 -34.32 21.69
C HIS C 1048 -23.55 -35.12 21.49
N LEU C 1049 -24.66 -34.58 21.96
CA LEU C 1049 -25.99 -35.12 21.67
C LEU C 1049 -26.68 -34.34 20.57
N MET C 1050 -26.88 -33.04 20.77
CA MET C 1050 -27.53 -32.20 19.78
C MET C 1050 -27.20 -30.74 20.06
N SER C 1051 -27.41 -29.91 19.04
CA SER C 1051 -27.15 -28.48 19.12
C SER C 1051 -28.31 -27.72 18.53
N PHE C 1052 -28.53 -26.52 19.06
CA PHE C 1052 -29.58 -25.65 18.59
C PHE C 1052 -29.00 -24.30 18.18
N PRO C 1053 -29.23 -23.83 16.95
CA PRO C 1053 -28.70 -22.52 16.57
C PRO C 1053 -29.54 -21.38 17.09
N GLN C 1054 -28.87 -20.26 17.33
CA GLN C 1054 -29.53 -19.03 17.72
C GLN C 1054 -28.92 -17.88 16.94
N SER C 1055 -29.78 -17.05 16.36
CA SER C 1055 -29.28 -15.89 15.62
C SER C 1055 -28.75 -14.84 16.57
N ALA C 1056 -27.69 -14.16 16.14
CA ALA C 1056 -27.12 -13.05 16.88
C ALA C 1056 -26.67 -12.01 15.88
N PRO C 1057 -26.51 -10.76 16.30
CA PRO C 1057 -26.07 -9.71 15.35
C PRO C 1057 -24.73 -10.08 14.73
N HIS C 1058 -24.74 -10.26 13.42
CA HIS C 1058 -23.55 -10.55 12.63
C HIS C 1058 -22.91 -11.89 13.03
N GLY C 1059 -23.65 -12.77 13.68
CA GLY C 1059 -23.08 -14.03 14.09
C GLY C 1059 -24.16 -15.04 14.40
N VAL C 1060 -23.71 -16.21 14.88
CA VAL C 1060 -24.58 -17.30 15.28
C VAL C 1060 -24.10 -17.85 16.60
N VAL C 1061 -25.04 -18.26 17.44
CA VAL C 1061 -24.75 -18.90 18.71
C VAL C 1061 -25.28 -20.32 18.66
N PHE C 1062 -24.42 -21.29 18.92
CA PHE C 1062 -24.81 -22.69 19.02
C PHE C 1062 -24.93 -23.07 20.48
N LEU C 1063 -26.04 -23.70 20.84
CA LEU C 1063 -26.25 -24.22 22.19
C LEU C 1063 -25.99 -25.73 22.13
N HIS C 1064 -24.76 -26.12 22.43
CA HIS C 1064 -24.35 -27.52 22.31
C HIS C 1064 -24.81 -28.29 23.54
N VAL C 1065 -25.58 -29.35 23.32
CA VAL C 1065 -26.02 -30.25 24.38
C VAL C 1065 -25.06 -31.44 24.39
N THR C 1066 -24.42 -31.68 25.53
CA THR C 1066 -23.41 -32.73 25.65
C THR C 1066 -23.68 -33.60 26.87
N TYR C 1067 -23.58 -34.91 26.67
CA TYR C 1067 -23.65 -35.87 27.76
C TYR C 1067 -22.29 -35.98 28.42
N VAL C 1068 -22.21 -35.70 29.71
CA VAL C 1068 -20.97 -35.70 30.48
C VAL C 1068 -21.06 -36.77 31.55
N PRO C 1069 -20.12 -37.71 31.61
CA PRO C 1069 -20.13 -38.70 32.70
C PRO C 1069 -19.68 -38.07 34.02
N ALA C 1070 -20.43 -38.32 35.09
CA ALA C 1070 -20.30 -37.53 36.31
C ALA C 1070 -19.72 -38.33 37.48
N GLN C 1071 -20.38 -39.39 37.93
CA GLN C 1071 -20.03 -40.04 39.19
C GLN C 1071 -19.37 -41.39 38.93
N GLU C 1072 -18.07 -41.36 38.71
CA GLU C 1072 -17.34 -42.59 38.44
C GLU C 1072 -17.00 -43.34 39.72
N LYS C 1073 -17.01 -44.66 39.63
CA LYS C 1073 -16.54 -45.54 40.67
C LYS C 1073 -15.34 -46.34 40.18
N ASN C 1074 -14.41 -46.61 41.10
CA ASN C 1074 -13.30 -47.49 40.78
C ASN C 1074 -13.77 -48.95 40.73
N PHE C 1075 -13.24 -49.69 39.76
CA PHE C 1075 -13.49 -51.11 39.67
C PHE C 1075 -12.21 -51.83 39.25
N THR C 1076 -12.08 -53.07 39.70
CA THR C 1076 -11.10 -53.97 39.11
C THR C 1076 -11.63 -54.48 37.78
N THR C 1077 -10.73 -54.70 36.84
CA THR C 1077 -11.12 -55.08 35.50
C THR C 1077 -10.18 -56.16 34.96
N ALA C 1078 -10.66 -56.87 33.95
CA ALA C 1078 -9.89 -57.92 33.30
C ALA C 1078 -10.04 -57.79 31.80
N PRO C 1079 -9.02 -58.13 31.02
CA PRO C 1079 -9.18 -58.13 29.56
C PRO C 1079 -10.00 -59.29 29.05
N ALA C 1080 -10.03 -60.42 29.76
CA ALA C 1080 -10.74 -61.59 29.28
C ALA C 1080 -11.07 -62.50 30.46
N ILE C 1081 -11.96 -63.46 30.24
CA ILE C 1081 -12.45 -64.36 31.27
C ILE C 1081 -12.23 -65.79 30.80
N CYS C 1082 -11.60 -66.61 31.63
CA CYS C 1082 -11.50 -68.04 31.38
C CYS C 1082 -12.68 -68.78 32.01
N HIS C 1083 -13.42 -69.53 31.19
CA HIS C 1083 -14.54 -70.31 31.69
C HIS C 1083 -14.35 -71.80 31.44
N ASP C 1084 -14.03 -72.16 30.20
CA ASP C 1084 -13.99 -73.56 29.76
C ASP C 1084 -12.66 -73.81 29.05
N GLY C 1085 -11.57 -73.34 29.64
CA GLY C 1085 -10.31 -73.28 28.94
C GLY C 1085 -10.40 -72.47 27.66
N LYS C 1086 -11.47 -71.70 27.52
CA LYS C 1086 -11.58 -70.71 26.46
C LYS C 1086 -11.41 -69.31 27.04
N ALA C 1087 -11.20 -68.34 26.16
CA ALA C 1087 -11.10 -66.94 26.55
C ALA C 1087 -12.30 -66.18 26.00
N HIS C 1088 -12.96 -65.42 26.87
CA HIS C 1088 -14.18 -64.70 26.53
C HIS C 1088 -13.96 -63.20 26.58
N PHE C 1089 -14.45 -62.50 25.56
CA PHE C 1089 -14.37 -61.05 25.50
C PHE C 1089 -15.76 -60.47 25.31
N PRO C 1090 -16.01 -59.27 25.84
CA PRO C 1090 -17.35 -58.68 25.71
C PRO C 1090 -17.66 -58.38 24.24
N ARG C 1091 -18.93 -58.56 23.88
CA ARG C 1091 -19.37 -58.05 22.58
C ARG C 1091 -19.40 -56.52 22.60
N GLU C 1092 -20.11 -55.95 23.57
CA GLU C 1092 -20.06 -54.53 23.89
C GLU C 1092 -19.84 -54.39 25.37
N GLY C 1093 -18.91 -53.52 25.76
CA GLY C 1093 -18.69 -53.22 27.15
C GLY C 1093 -17.34 -53.72 27.64
N VAL C 1094 -17.23 -53.79 28.97
CA VAL C 1094 -15.99 -54.11 29.64
C VAL C 1094 -16.28 -54.96 30.87
N PHE C 1095 -15.33 -55.79 31.25
CA PHE C 1095 -15.45 -56.58 32.46
C PHE C 1095 -15.10 -55.74 33.68
N VAL C 1096 -15.89 -55.88 34.73
CA VAL C 1096 -15.65 -55.18 35.98
C VAL C 1096 -15.96 -56.11 37.14
N SER C 1097 -15.25 -55.93 38.25
CA SER C 1097 -15.46 -56.69 39.47
C SER C 1097 -15.65 -55.73 40.62
N ASN C 1098 -16.75 -55.90 41.37
CA ASN C 1098 -16.96 -55.10 42.56
C ASN C 1098 -16.19 -55.62 43.76
N GLY C 1099 -15.24 -56.54 43.54
CA GLY C 1099 -14.39 -57.08 44.58
C GLY C 1099 -14.65 -58.54 44.88
N THR C 1100 -15.84 -59.03 44.56
CA THR C 1100 -16.19 -60.44 44.76
C THR C 1100 -16.76 -61.08 43.52
N HIS C 1101 -17.54 -60.33 42.73
CA HIS C 1101 -18.24 -60.87 41.57
C HIS C 1101 -17.81 -60.11 40.32
N TRP C 1102 -17.80 -60.83 39.19
CA TRP C 1102 -17.44 -60.27 37.90
C TRP C 1102 -18.69 -59.96 37.09
N PHE C 1103 -18.70 -58.77 36.49
CA PHE C 1103 -19.81 -58.34 35.64
C PHE C 1103 -19.26 -57.76 34.35
N VAL C 1104 -20.14 -57.65 33.36
CA VAL C 1104 -19.83 -57.00 32.10
C VAL C 1104 -20.77 -55.81 31.96
N THR C 1105 -20.21 -54.65 31.63
CA THR C 1105 -20.98 -53.41 31.61
C THR C 1105 -20.56 -52.58 30.40
N GLN C 1106 -21.48 -51.71 29.97
CA GLN C 1106 -21.16 -50.79 28.89
C GLN C 1106 -20.07 -49.82 29.35
N ARG C 1107 -19.23 -49.42 28.40
CA ARG C 1107 -18.01 -48.70 28.73
C ARG C 1107 -18.27 -47.30 29.30
N ASN C 1108 -19.43 -46.71 29.02
CA ASN C 1108 -19.67 -45.31 29.36
C ASN C 1108 -20.74 -45.12 30.43
N PHE C 1109 -21.20 -46.18 31.07
CA PHE C 1109 -22.23 -46.06 32.10
C PHE C 1109 -22.25 -47.35 32.90
N TYR C 1110 -22.06 -47.25 34.22
CA TYR C 1110 -22.01 -48.43 35.06
C TYR C 1110 -23.42 -49.00 35.20
N GLU C 1111 -23.69 -50.07 34.46
CA GLU C 1111 -24.94 -50.82 34.55
C GLU C 1111 -24.59 -52.29 34.40
N PRO C 1112 -24.21 -52.96 35.49
CA PRO C 1112 -23.62 -54.28 35.36
C PRO C 1112 -24.64 -55.36 35.01
N GLN C 1113 -24.12 -56.43 34.44
CA GLN C 1113 -24.94 -57.59 34.07
C GLN C 1113 -24.12 -58.86 34.28
N ILE C 1114 -24.82 -59.97 34.47
CA ILE C 1114 -24.15 -61.26 34.61
C ILE C 1114 -23.47 -61.61 33.30
N ILE C 1115 -22.25 -62.14 33.39
CA ILE C 1115 -21.48 -62.51 32.21
C ILE C 1115 -22.06 -63.78 31.63
N THR C 1116 -22.77 -63.66 30.51
CA THR C 1116 -23.38 -64.78 29.82
C THR C 1116 -22.63 -65.09 28.53
N THR C 1117 -23.02 -66.18 27.88
CA THR C 1117 -22.53 -66.44 26.53
C THR C 1117 -23.08 -65.45 25.51
N ASP C 1118 -24.11 -64.69 25.88
CA ASP C 1118 -24.67 -63.66 25.00
C ASP C 1118 -23.92 -62.34 25.13
N ASN C 1119 -23.46 -62.00 26.33
CA ASN C 1119 -22.69 -60.77 26.51
C ASN C 1119 -21.31 -60.86 25.89
N THR C 1120 -20.77 -62.07 25.73
CA THR C 1120 -19.38 -62.26 25.36
C THR C 1120 -19.28 -63.01 24.05
N PHE C 1121 -18.07 -63.01 23.48
CA PHE C 1121 -17.71 -63.88 22.38
C PHE C 1121 -16.39 -64.56 22.72
N VAL C 1122 -16.12 -65.66 22.04
CA VAL C 1122 -15.01 -66.55 22.39
C VAL C 1122 -13.95 -66.51 21.29
N SER C 1123 -12.69 -66.45 21.70
CA SER C 1123 -11.58 -66.62 20.79
C SER C 1123 -10.39 -67.19 21.55
N GLY C 1124 -9.79 -68.25 21.00
CA GLY C 1124 -8.57 -68.81 21.55
C GLY C 1124 -8.74 -69.40 22.93
N ASN C 1125 -7.61 -69.59 23.60
CA ASN C 1125 -7.54 -70.19 24.92
C ASN C 1125 -6.73 -69.30 25.86
N CYS C 1126 -6.67 -69.73 27.12
CA CYS C 1126 -6.24 -68.88 28.22
C CYS C 1126 -4.74 -68.59 28.24
N ASP C 1127 -3.94 -69.29 27.45
CA ASP C 1127 -2.49 -69.12 27.57
C ASP C 1127 -2.00 -67.81 26.96
N VAL C 1128 -2.74 -67.23 26.02
CA VAL C 1128 -2.20 -66.12 25.23
C VAL C 1128 -2.51 -64.75 25.82
N VAL C 1129 -3.65 -64.60 26.49
CA VAL C 1129 -4.15 -63.28 26.89
C VAL C 1129 -3.46 -62.87 28.20
N ILE C 1130 -2.61 -61.85 28.13
CA ILE C 1130 -1.95 -61.33 29.32
C ILE C 1130 -2.99 -60.70 30.23
N GLY C 1131 -3.05 -61.16 31.47
CA GLY C 1131 -3.96 -60.61 32.47
C GLY C 1131 -5.31 -61.27 32.55
N ILE C 1132 -5.51 -62.41 31.90
CA ILE C 1132 -6.81 -63.07 31.94
C ILE C 1132 -7.10 -63.57 33.35
N VAL C 1133 -8.40 -63.65 33.68
CA VAL C 1133 -8.85 -64.09 35.00
C VAL C 1133 -9.84 -65.22 34.84
N ASN C 1134 -10.11 -65.90 35.96
CA ASN C 1134 -10.99 -67.06 36.02
C ASN C 1134 -12.33 -66.64 36.63
N ASN C 1135 -13.41 -66.78 35.85
CA ASN C 1135 -14.75 -66.61 36.39
C ASN C 1135 -15.74 -67.35 35.50
N THR C 1136 -16.83 -67.81 36.13
CA THR C 1136 -17.83 -68.56 35.38
C THR C 1136 -18.52 -67.68 34.36
N VAL C 1137 -18.92 -68.28 33.24
CA VAL C 1137 -19.68 -67.62 32.19
C VAL C 1137 -21.02 -68.34 32.06
N TYR C 1138 -22.10 -67.61 32.33
CA TYR C 1138 -23.43 -68.20 32.38
C TYR C 1138 -23.90 -68.58 30.99
N ASP C 1139 -24.27 -69.84 30.79
CA ASP C 1139 -24.89 -70.26 29.55
C ASP C 1139 -26.39 -70.31 29.79
N PRO C 1140 -27.16 -69.31 29.33
CA PRO C 1140 -28.60 -69.29 29.65
C PRO C 1140 -29.37 -70.45 29.06
N LEU C 1141 -28.83 -71.13 28.04
CA LEU C 1141 -29.51 -72.30 27.50
C LEU C 1141 -29.43 -73.48 28.46
N GLN C 1142 -28.43 -73.50 29.34
CA GLN C 1142 -28.25 -74.66 30.20
C GLN C 1142 -29.46 -74.90 31.10
N PRO C 1143 -29.84 -74.00 31.99
CA PRO C 1143 -31.02 -74.26 32.83
C PRO C 1143 -32.30 -74.43 32.03
N GLU C 1144 -32.41 -73.79 30.87
CA GLU C 1144 -33.58 -73.99 30.03
C GLU C 1144 -33.67 -75.42 29.52
N LEU C 1145 -32.55 -76.14 29.49
CA LEU C 1145 -32.56 -77.57 29.26
C LEU C 1145 -32.57 -78.37 30.55
N ASP C 1146 -32.07 -77.79 31.65
CA ASP C 1146 -32.06 -78.51 32.92
C ASP C 1146 -33.47 -78.72 33.44
N SER C 1147 -34.29 -77.66 33.46
CA SER C 1147 -35.70 -77.85 33.80
C SER C 1147 -36.38 -78.77 32.81
N PHE C 1148 -35.92 -78.78 31.56
CA PHE C 1148 -36.42 -79.75 30.59
C PHE C 1148 -36.00 -81.15 30.98
N LYS C 1149 -34.78 -81.31 31.49
CA LYS C 1149 -34.34 -82.61 31.99
C LYS C 1149 -35.18 -83.05 33.19
N GLU C 1150 -35.43 -82.13 34.13
CA GLU C 1150 -36.27 -82.45 35.28
C GLU C 1150 -37.71 -82.75 34.85
N GLU C 1151 -38.23 -82.01 33.87
CA GLU C 1151 -39.53 -82.37 33.31
C GLU C 1151 -39.49 -83.77 32.72
N LEU C 1152 -38.41 -84.09 32.01
CA LEU C 1152 -38.24 -85.44 31.48
C LEU C 1152 -38.13 -86.45 32.61
N ASP C 1153 -37.42 -86.10 33.68
CA ASP C 1153 -37.24 -87.03 34.78
C ASP C 1153 -38.58 -87.39 35.43
N LYS C 1154 -39.38 -86.38 35.75
CA LYS C 1154 -40.65 -86.64 36.42
C LYS C 1154 -41.60 -87.41 35.51
N TYR C 1155 -41.55 -87.15 34.21
CA TYR C 1155 -42.35 -87.95 33.28
C TYR C 1155 -41.97 -89.43 33.37
N PHE C 1156 -40.66 -89.71 33.41
CA PHE C 1156 -40.22 -91.09 33.58
C PHE C 1156 -40.65 -91.64 34.94
N LYS C 1157 -40.44 -90.86 36.01
CA LYS C 1157 -40.82 -91.31 37.34
C LYS C 1157 -42.26 -91.80 37.36
N ASN C 1158 -43.19 -90.93 36.95
CA ASN C 1158 -44.60 -91.27 36.93
C ASN C 1158 -44.86 -92.48 36.05
N HIS C 1159 -44.19 -92.56 34.90
CA HIS C 1159 -44.43 -93.64 33.96
C HIS C 1159 -44.06 -95.00 34.53
N THR C 1160 -43.21 -95.03 35.56
CA THR C 1160 -42.88 -96.31 36.21
C THR C 1160 -44.04 -96.82 37.06
N SER C 1161 -44.86 -95.91 37.60
CA SER C 1161 -45.83 -96.24 38.64
C SER C 1161 -46.95 -97.16 38.17
N PRO C 1162 -47.57 -96.90 37.00
CA PRO C 1162 -48.75 -97.73 36.69
C PRO C 1162 -48.40 -99.17 36.35
C1 NAG D . 3.18 -60.34 11.50
C2 NAG D . 3.63 -61.79 11.75
C3 NAG D . 4.71 -61.84 12.81
C4 NAG D . 5.87 -60.92 12.44
C5 NAG D . 5.33 -59.50 12.23
C6 NAG D . 6.39 -58.52 11.79
C7 NAG D . 1.95 -63.54 11.33
C8 NAG D . 0.78 -64.29 11.89
N2 NAG D . 2.49 -62.62 12.13
O3 NAG D . 5.18 -63.19 12.95
O4 NAG D . 6.85 -60.92 13.46
O5 NAG D . 4.33 -59.53 11.19
O6 NAG D . 5.82 -57.27 11.43
O7 NAG D . 2.37 -63.74 10.20
C1 NAG D . 8.11 -61.37 12.88
C2 NAG D . 9.26 -60.85 13.74
C3 NAG D . 10.59 -61.32 13.16
C4 NAG D . 10.60 -62.81 12.93
C5 NAG D . 9.36 -63.24 12.14
C6 NAG D . 9.22 -64.75 11.99
C7 NAG D . 8.72 -58.75 14.89
C8 NAG D . 8.78 -57.26 14.83
N2 NAG D . 9.24 -59.39 13.83
O3 NAG D . 11.63 -60.95 14.07
O4 NAG D . 11.74 -63.19 12.17
O5 NAG D . 8.17 -62.79 12.80
O6 NAG D . 7.98 -65.09 11.41
O7 NAG D . 8.22 -59.35 15.83
C1 MAN D . 12.83 -63.62 13.02
C2 MAN D . 13.93 -64.24 12.10
C3 MAN D . 14.16 -65.68 12.49
C4 MAN D . 14.55 -65.75 13.97
C5 MAN D . 13.40 -65.18 14.83
C6 MAN D . 13.87 -64.15 15.86
O2 MAN D . 15.18 -63.58 12.30
O3 MAN D . 15.17 -66.28 11.69
O4 MAN D . 14.78 -67.10 14.34
O5 MAN D . 12.37 -64.56 14.00
O6 MAN D . 14.67 -64.82 16.83
C1 NAG E . 57.69 9.63 -38.53
C2 NAG E . 58.08 11.04 -38.97
C3 NAG E . 56.83 11.89 -39.20
C4 NAG E . 55.87 11.19 -40.14
C5 NAG E . 55.58 9.77 -39.65
C6 NAG E . 54.72 8.97 -40.59
C7 NAG E . 60.28 11.67 -38.09
C8 NAG E . 61.03 12.35 -36.98
N2 NAG E . 58.95 11.67 -37.99
O3 NAG E . 57.22 13.15 -39.76
O4 NAG E . 54.65 11.90 -40.22
O5 NAG E . 56.81 9.05 -39.50
O6 NAG E . 54.61 7.63 -40.16
O7 NAG E . 60.86 11.13 -39.03
C1 NAG E . 54.54 12.54 -41.51
C2 NAG E . 53.06 12.60 -41.91
C3 NAG E . 52.89 13.35 -43.23
C4 NAG E . 53.56 14.71 -43.16
C5 NAG E . 55.01 14.56 -42.74
C6 NAG E . 55.73 15.88 -42.56
C7 NAG E . 51.75 10.71 -41.05
C8 NAG E . 51.23 9.32 -41.33
N2 NAG E . 52.49 11.26 -42.01
O3 NAG E . 51.50 13.52 -43.48
O4 NAG E . 53.52 15.34 -44.45
O5 NAG E . 55.07 13.87 -41.48
O6 NAG E . 57.03 15.69 -42.00
O7 NAG E . 51.50 11.30 -40.01
C1 NAG F . -4.20 -62.17 -6.21
C2 NAG F . -2.76 -61.94 -5.82
C3 NAG F . -2.08 -61.03 -6.83
C4 NAG F . -2.18 -61.65 -8.21
C5 NAG F . -3.65 -61.90 -8.57
C6 NAG F . -3.82 -62.67 -9.87
C7 NAG F . -2.25 -62.12 -3.43
C8 NAG F . -2.19 -61.39 -2.11
N2 NAG F . -2.65 -61.40 -4.47
O3 NAG F . -0.72 -60.84 -6.47
O4 NAG F . -1.58 -60.81 -9.18
O5 NAG F . -4.27 -62.70 -7.55
O6 NAG F . -4.86 -63.64 -9.77
O7 NAG F . -1.94 -63.31 -3.53
C1 NAG F . -0.23 -61.26 -9.43
C2 NAG F . 0.07 -60.94 -10.89
C3 NAG F . 1.52 -61.29 -11.23
C4 NAG F . 2.48 -60.62 -10.26
C5 NAG F . 2.08 -60.98 -8.83
C6 NAG F . 2.92 -60.25 -7.78
C7 NAG F . -1.73 -61.03 -12.53
C8 NAG F . -2.60 -61.91 -13.38
N2 NAG F . -0.84 -61.65 -11.77
O3 NAG F . 1.79 -60.84 -12.55
O4 NAG F . 3.81 -61.04 -10.52
O5 NAG F . 0.72 -60.60 -8.59
O6 NAG F . 2.32 -60.36 -6.50
O7 NAG F . -1.83 -59.81 -12.56
C1 FUC F . -4.21 -64.94 -9.71
C2 FUC F . -5.21 -66.11 -10.09
C3 FUC F . -4.50 -67.51 -10.18
C4 FUC F . -2.96 -67.40 -10.14
C5 FUC F . -2.49 -66.17 -10.97
C6 FUC F . -0.98 -66.00 -10.91
O2 FUC F . -6.05 -65.86 -11.26
O3 FUC F . -4.89 -68.37 -9.11
O4 FUC F . -2.49 -67.31 -8.81
O5 FUC F . -3.08 -64.92 -10.55
C1 NAG G . 61.91 14.67 -15.07
C2 NAG G . 63.36 15.09 -15.28
C3 NAG G . 63.69 16.33 -14.46
C4 NAG G . 62.67 17.42 -14.67
C5 NAG G . 61.25 16.89 -14.52
C6 NAG G . 60.18 17.91 -14.88
C7 NAG G . 64.97 13.35 -15.91
C8 NAG G . 65.87 12.25 -15.40
N2 NAG G . 64.27 14.01 -14.98
O3 NAG G . 65.00 16.78 -14.81
O4 NAG G . 62.87 18.45 -13.69
O5 NAG G . 61.04 15.76 -15.37
O6 NAG G . 59.02 17.29 -15.43
O7 NAG G . 64.90 13.63 -17.10
C1 NAG G . 63.42 19.65 -14.28
C2 NAG G . 63.04 20.81 -13.36
C3 NAG G . 63.63 22.11 -13.90
C4 NAG G . 65.13 21.97 -14.12
C5 NAG G . 65.43 20.76 -14.99
C6 NAG G . 66.90 20.48 -15.16
C7 NAG G . 60.98 20.87 -12.04
C8 NAG G . 59.49 21.02 -12.07
N2 NAG G . 61.60 20.93 -13.22
O3 NAG G . 63.34 23.14 -12.97
O4 NAG G . 65.64 23.13 -14.79
O5 NAG G . 64.84 19.57 -14.40
O6 NAG G . 67.50 20.10 -13.92
O7 NAG G . 61.59 20.68 -10.99
C1 MAN G . 65.99 24.18 -13.86
C2 MAN G . 67.08 25.08 -14.55
C3 MAN G . 68.12 25.50 -13.52
C4 MAN G . 67.44 25.89 -12.21
C5 MAN G . 66.80 24.63 -11.58
C6 MAN G . 65.55 24.95 -10.78
O2 MAN G . 66.51 26.29 -15.05
O3 MAN G . 68.91 26.58 -14.01
O4 MAN G . 68.41 26.43 -11.30
O5 MAN G . 66.45 23.66 -12.61
O6 MAN G . 65.73 26.22 -10.16
C1 NAG H . 10.92 14.09 -47.71
C2 NAG H . 9.70 14.44 -48.53
C3 NAG H . 9.42 13.33 -49.55
C4 NAG H . 10.67 12.90 -50.32
C5 NAG H . 11.94 12.88 -49.46
C6 NAG H . 13.20 13.03 -50.29
C7 NAG H . 7.40 15.21 -48.11
C8 NAG H . 6.31 15.35 -47.09
N2 NAG H . 8.54 14.66 -47.68
O3 NAG H . 8.43 13.77 -50.47
O4 NAG H . 10.46 11.57 -50.77
O5 NAG H . 12.00 13.96 -48.54
O6 NAG H . 14.32 13.31 -49.45
O7 NAG H . 7.25 15.56 -49.28
C1 NAG H . 10.82 11.31 -52.14
C2 NAG H . 11.74 10.08 -52.19
C3 NAG H . 12.09 9.75 -53.62
C4 NAG H . 10.83 9.54 -54.44
C5 NAG H . 9.94 10.79 -54.34
C6 NAG H . 8.62 10.63 -55.04
C7 NAG H . 13.50 9.35 -50.64
C8 NAG H . 14.74 9.76 -49.90
N2 NAG H . 12.94 10.29 -51.40
O3 NAG H . 12.89 8.57 -53.66
O4 NAG H . 11.15 9.29 -55.80
O5 NAG H . 9.66 11.08 -52.97
O6 NAG H . 7.77 9.71 -54.36
O7 NAG H . 13.03 8.22 -50.55
C1 NAG I . 47.82 29.34 -27.42
C2 NAG I . 47.52 30.60 -26.59
C3 NAG I . 47.51 31.83 -27.49
C4 NAG I . 48.82 31.92 -28.26
C5 NAG I . 49.09 30.63 -29.03
C6 NAG I . 50.44 30.61 -29.71
C7 NAG I . 46.20 30.34 -24.55
C8 NAG I . 44.82 30.23 -23.97
N2 NAG I . 46.26 30.47 -25.87
O3 NAG I . 47.33 32.99 -26.69
O4 NAG I . 48.80 33.01 -29.18
O5 NAG I . 49.07 29.52 -28.12
O6 NAG I . 51.47 31.02 -28.82
O7 NAG I . 47.20 30.33 -23.83
C1 NAG I . 49.76 34.00 -28.75
C2 NAG I . 50.16 34.89 -29.93
C3 NAG I . 51.10 36.00 -29.47
C4 NAG I . 50.51 36.75 -28.29
C5 NAG I . 50.11 35.79 -27.18
C6 NAG I . 49.39 36.47 -26.04
C7 NAG I . 50.17 33.80 -32.14
C8 NAG I . 50.97 33.00 -33.11
N2 NAG I . 50.78 34.10 -30.98
O3 NAG I . 51.33 36.89 -30.55
O4 NAG I . 51.47 37.68 -27.78
O5 NAG I . 49.20 34.80 -27.71
O6 NAG I . 48.29 37.24 -26.50
O7 NAG I . 49.02 34.16 -32.38
C1 NAG J . 35.92 14.70 -28.41
C2 NAG J . 34.71 15.37 -29.06
C3 NAG J . 34.05 14.42 -30.07
C4 NAG J . 35.08 13.94 -31.08
C5 NAG J . 36.24 13.29 -30.34
C6 NAG J . 37.36 12.85 -31.26
C7 NAG J . 33.29 17.05 -27.94
C8 NAG J . 32.30 17.30 -26.85
N2 NAG J . 33.74 15.79 -28.05
O3 NAG J . 33.00 15.10 -30.74
O4 NAG J . 34.46 13.03 -31.98
O5 NAG J . 36.82 14.24 -29.42
O6 NAG J . 37.89 13.94 -31.98
O7 NAG J . 33.67 17.94 -28.70
C1 NAG J . 34.72 13.43 -33.35
C2 NAG J . 34.86 12.17 -34.19
C3 NAG J . 35.18 12.54 -35.63
C4 NAG J . 34.11 13.49 -36.17
C5 NAG J . 33.90 14.68 -35.24
C6 NAG J . 32.72 15.53 -35.62
C7 NAG J . 35.60 10.15 -33.02
C8 NAG J . 36.76 9.35 -32.53
N2 NAG J . 35.89 11.29 -33.64
O3 NAG J . 35.25 11.35 -36.41
O4 NAG J . 34.50 13.99 -37.44
O5 NAG J . 33.67 14.24 -33.88
O6 NAG J . 31.51 14.98 -35.13
O7 NAG J . 34.44 9.76 -32.87
C1 MAN J . 33.93 13.20 -38.52
C2 MAN J . 34.07 14.01 -39.83
C3 MAN J . 32.77 13.92 -40.63
C4 MAN J . 32.26 12.47 -40.66
C5 MAN J . 31.96 11.98 -39.22
C6 MAN J . 32.48 10.58 -38.96
O2 MAN J . 35.09 13.46 -40.68
O3 MAN J . 32.92 14.42 -41.96
O4 MAN J . 31.09 12.37 -41.45
O5 MAN J . 32.58 12.87 -38.25
O6 MAN J . 32.37 10.31 -37.56
C1 NAG K . 41.65 -8.61 9.37
C2 NAG K . 41.64 -10.12 9.19
C3 NAG K . 42.05 -10.80 10.49
C4 NAG K . 43.33 -10.22 11.06
C5 NAG K . 43.30 -8.69 11.07
C6 NAG K . 44.63 -8.06 11.42
C7 NAG K . 40.09 -11.06 7.53
C8 NAG K . 38.68 -11.50 7.27
N2 NAG K . 40.33 -10.58 8.76
O3 NAG K . 42.23 -12.20 10.25
O4 NAG K . 43.49 -10.67 12.40
O5 NAG K . 42.94 -8.18 9.77
O6 NAG K . 45.49 -8.00 10.30
O7 NAG K . 40.97 -11.15 6.69
C1 NAG K . 44.73 -11.41 12.55
C2 NAG K . 45.19 -11.23 13.99
C3 NAG K . 46.51 -11.96 14.21
C4 NAG K . 46.39 -13.42 13.78
C5 NAG K . 45.79 -13.54 12.38
C6 NAG K . 45.48 -14.95 11.97
C7 NAG K . 44.67 -9.22 15.32
C8 NAG K . 44.93 -7.77 15.52
N2 NAG K . 45.33 -9.82 14.32
O3 NAG K . 46.84 -11.87 15.59
O4 NAG K . 47.67 -14.04 13.76
O5 NAG K . 44.56 -12.80 12.28
O6 NAG K . 44.31 -15.44 12.61
O7 NAG K . 43.89 -9.85 16.03
C1 MAN K . 48.07 -14.56 15.04
C2 MAN K . 49.32 -15.45 14.82
C3 MAN K . 49.22 -16.71 15.66
C4 MAN K . 48.72 -16.36 17.07
C5 MAN K . 47.28 -15.82 16.99
C6 MAN K . 46.98 -14.73 18.00
O2 MAN K . 50.51 -14.79 15.27
O3 MAN K . 50.45 -17.42 15.73
O4 MAN K . 48.75 -17.52 17.89
O5 MAN K . 47.00 -15.28 15.66
O6 MAN K . 45.68 -14.20 17.74
C1 NAG L . 7.15 -25.08 -31.57
C2 NAG L . 5.87 -25.76 -31.08
C3 NAG L . 5.62 -27.05 -31.86
C4 NAG L . 5.63 -26.77 -33.37
C5 NAG L . 6.92 -26.04 -33.75
C6 NAG L . 6.93 -25.61 -35.21
C7 NAG L . 5.52 -25.18 -28.72
C8 NAG L . 5.67 -25.63 -27.29
N2 NAG L . 5.94 -26.04 -29.65
O3 NAG L . 4.36 -27.59 -31.48
O4 NAG L . 5.58 -28.01 -34.07
O5 NAG L . 7.06 -24.84 -32.97
O6 NAG L . 8.17 -25.02 -35.56
O7 NAG L . 5.03 -24.09 -29.00
C1 NAG L . 4.32 -28.15 -34.75
C2 NAG L . 4.52 -29.03 -35.99
C3 NAG L . 3.20 -29.26 -36.71
C4 NAG L . 2.16 -29.81 -35.74
C5 NAG L . 2.05 -28.91 -34.52
C6 NAG L . 1.11 -29.45 -33.47
C7 NAG L . 6.52 -29.08 -37.42
C8 NAG L . 7.43 -28.30 -38.33
N2 NAG L . 5.49 -28.41 -36.90
O3 NAG L . 3.40 -30.16 -37.80
O4 NAG L . 0.89 -29.92 -36.37
O5 NAG L . 3.33 -28.77 -33.90
O6 NAG L . 1.73 -30.44 -32.67
O7 NAG L . 6.72 -30.27 -37.17
C1 MAN L . 0.67 -31.28 -36.79
C2 MAN L . -0.86 -31.49 -37.00
C3 MAN L . -1.23 -32.94 -36.67
C4 MAN L . -0.09 -33.88 -37.07
C5 MAN L . 1.12 -33.61 -36.15
C6 MAN L . 2.44 -34.04 -36.76
O2 MAN L . -1.24 -31.29 -38.36
O3 MAN L . -2.44 -33.34 -37.32
O4 MAN L . -0.50 -35.23 -36.91
O5 MAN L . 1.20 -32.19 -35.83
O6 MAN L . 2.41 -33.72 -38.15
C1 NAG M . 12.33 -47.95 26.83
C2 NAG M . 12.94 -48.96 27.79
C3 NAG M . 14.16 -48.36 28.49
C4 NAG M . 15.13 -47.77 27.48
C5 NAG M . 14.41 -46.84 26.49
C6 NAG M . 15.30 -46.37 25.37
C7 NAG M . 11.75 -50.69 29.05
C8 NAG M . 10.70 -50.96 30.10
N2 NAG M . 11.95 -49.40 28.76
O3 NAG M . 14.80 -49.36 29.27
O4 NAG M . 16.13 -47.02 28.18
O5 NAG M . 13.31 -47.53 25.88
O6 NAG M . 14.59 -46.35 24.14
O7 NAG M . 12.37 -51.60 28.53
C1 NAG M . 17.45 -47.53 27.90
C2 NAG M . 18.43 -46.35 27.95
C3 NAG M . 19.84 -46.82 27.66
C4 NAG M . 20.22 -47.98 28.57
C5 NAG M . 19.14 -49.08 28.55
C6 NAG M . 19.39 -50.17 29.57
C7 NAG M . 17.48 -44.16 27.39
C8 NAG M . 17.13 -43.20 26.30
N2 NAG M . 18.04 -45.31 27.01
O3 NAG M . 20.72 -45.73 27.85
O4 NAG M . 21.45 -48.57 28.15
O5 NAG M . 17.86 -48.52 28.84
O6 NAG M . 19.06 -49.74 30.88
O7 NAG M . 17.26 -43.90 28.57
C1 MAN M . 22.60 -47.98 28.78
C2 MAN M . 23.85 -48.74 28.27
C3 MAN M . 24.84 -48.95 29.40
C4 MAN M . 24.94 -47.68 30.24
C5 MAN M . 23.60 -47.45 30.97
C6 MAN M . 23.31 -45.99 31.22
O2 MAN M . 24.56 -47.98 27.29
O3 MAN M . 26.12 -49.34 28.93
O4 MAN M . 25.97 -47.81 31.20
O5 MAN M . 22.49 -48.02 30.20
O6 MAN M . 24.51 -45.35 31.63
C1 NAG N . -9.69 -74.85 4.12
C2 NAG N . -8.73 -75.98 3.74
C3 NAG N . -9.20 -77.30 4.33
C4 NAG N . -9.43 -77.17 5.83
C5 NAG N . -10.34 -75.98 6.13
C6 NAG N . -10.47 -75.69 7.61
C7 NAG N . -7.54 -75.56 1.63
C8 NAG N . -7.56 -75.76 0.15
N2 NAG N . -8.58 -76.08 2.30
O3 NAG N . -8.23 -78.30 4.07
O4 NAG N . -10.06 -78.37 6.28
O5 NAG N . -9.82 -74.79 5.53
O6 NAG N . -9.21 -75.38 8.20
O7 NAG N . -6.64 -74.96 2.19
C1 NAG N . -9.43 -78.94 7.48
C2 NAG N . -10.46 -79.86 8.11
C3 NAG N . -9.90 -80.44 9.41
C4 NAG N . -8.56 -81.12 9.16
C5 NAG N . -7.60 -80.18 8.40
C6 NAG N . -6.33 -80.86 7.97
C7 NAG N . -12.85 -79.51 7.73
C8 NAG N . -14.07 -78.70 8.09
N2 NAG N . -11.72 -79.18 8.36
O3 NAG N . -10.85 -81.37 9.92
O4 NAG N . -7.93 -81.43 10.41
O5 NAG N . -8.23 -79.67 7.22
O6 NAG N . -5.52 -79.99 7.20
O7 NAG N . -12.90 -80.41 6.90
C1 MAN N . -8.39 -82.69 10.96
C2 MAN N . -7.67 -82.87 12.32
C3 MAN N . -6.87 -84.15 12.30
C4 MAN N . -7.80 -85.32 11.98
C5 MAN N . -8.42 -85.13 10.58
C6 MAN N . -9.92 -85.34 10.55
O2 MAN N . -8.63 -83.05 13.37
O3 MAN N . -6.20 -84.38 13.53
O4 MAN N . -7.08 -86.55 12.01
O5 MAN N . -8.13 -83.78 10.08
O6 MAN N . -10.25 -86.38 11.47
C1 NAG O . -27.88 -74.67 -4.78
C2 NAG O . -27.69 -74.95 -6.27
C3 NAG O . -29.03 -74.91 -7.00
C4 NAG O . -30.01 -75.87 -6.34
C5 NAG O . -30.11 -75.58 -4.84
C6 NAG O . -30.95 -76.58 -4.08
C7 NAG O . -25.44 -74.16 -6.91
C8 NAG O . -24.65 -73.08 -7.56
N2 NAG O . -26.77 -73.99 -6.86
O3 NAG O . -28.83 -75.29 -8.36
O4 NAG O . -31.30 -75.74 -6.94
O5 NAG O . -28.81 -75.61 -4.24
O6 NAG O . -30.17 -77.66 -3.59
O7 NAG O . -24.90 -75.16 -6.44
C1 NAG O . -31.68 -77.04 -7.48
C2 NAG O . -33.20 -77.03 -7.68
C3 NAG O . -33.66 -78.36 -8.27
C4 NAG O . -32.85 -78.73 -9.51
C5 NAG O . -31.34 -78.59 -9.24
C6 NAG O . -30.51 -78.79 -10.48
C7 NAG O . -34.34 -75.55 -6.10
C8 NAG O . -35.03 -75.45 -4.77
N2 NAG O . -33.89 -76.76 -6.43
O3 NAG O . -35.04 -78.24 -8.59
O4 NAG O . -33.08 -80.08 -9.87
O5 NAG O . -31.04 -77.29 -8.73
O6 NAG O . -30.43 -77.60 -11.26
O7 NAG O . -34.22 -74.57 -6.85
C1 MAN O . -34.27 -80.29 -10.65
C2 MAN O . -34.07 -81.62 -11.43
C3 MAN O . -34.81 -81.57 -12.76
C4 MAN O . -36.11 -80.75 -12.63
C5 MAN O . -35.77 -79.28 -12.29
C6 MAN O . -36.86 -78.60 -11.47
O2 MAN O . -34.63 -82.72 -10.72
O3 MAN O . -35.10 -82.90 -13.21
O4 MAN O . -36.84 -80.79 -13.85
O5 MAN O . -34.54 -79.20 -11.54
O6 MAN O . -36.50 -77.23 -11.30
C1 MAN O . -34.68 -83.06 -14.59
C2 MAN O . -35.02 -84.52 -15.00
C3 MAN O . -34.00 -85.49 -14.43
C4 MAN O . -32.59 -85.08 -14.82
C5 MAN O . -32.32 -83.68 -14.24
C6 MAN O . -30.93 -83.16 -14.59
O2 MAN O . -34.95 -84.69 -16.43
O3 MAN O . -34.25 -86.83 -14.85
O4 MAN O . -31.65 -85.99 -14.30
O5 MAN O . -33.29 -82.74 -14.78
O6 MAN O . -30.86 -81.79 -14.20
C1 NAG P . -38.60 -47.56 -5.35
C2 NAG P . -39.62 -48.64 -5.75
C3 NAG P . -39.31 -49.15 -7.16
C4 NAG P . -39.23 -48.00 -8.14
C5 NAG P . -38.19 -46.99 -7.66
C6 NAG P . -38.08 -45.76 -8.53
C7 NAG P . -40.56 -49.89 -3.86
C8 NAG P . -40.40 -51.07 -2.96
N2 NAG P . -39.61 -49.74 -4.80
O3 NAG P . -40.33 -50.07 -7.56
O4 NAG P . -38.87 -48.48 -9.44
O5 NAG P . -38.56 -46.53 -6.35
O6 NAG P . -37.02 -44.92 -8.10
O7 NAG P . -41.49 -49.09 -3.75
C1 NAG P . -39.90 -48.05 -10.38
C2 NAG P . -39.28 -47.98 -11.77
C3 NAG P . -40.34 -47.55 -12.79
C4 NAG P . -41.60 -48.40 -12.67
C5 NAG P . -42.06 -48.50 -11.23
C6 NAG P . -43.21 -49.46 -11.04
C7 NAG P . -36.88 -47.49 -11.87
C8 NAG P . -35.83 -46.42 -11.89
N2 NAG P . -38.15 -47.07 -11.80
O3 NAG P . -39.77 -47.65 -14.09
O4 NAG P . -42.65 -47.78 -13.41
O5 NAG P . -40.99 -48.97 -10.39
O6 NAG P . -43.52 -49.62 -9.66
O7 NAG P . -36.58 -48.68 -11.90
C1 MAN P . -42.68 -48.17 -14.81
C2 MAN P . -44.07 -47.77 -15.38
C3 MAN P . -44.77 -49.00 -15.93
C4 MAN P . -43.87 -49.68 -16.98
C5 MAN P . -42.52 -50.08 -16.33
C6 MAN P . -41.30 -49.57 -17.11
O2 MAN P . -43.93 -46.88 -16.49
O3 MAN P . -46.03 -48.69 -16.50
O4 MAN P . -44.51 -50.84 -17.49
O5 MAN P . -42.43 -49.57 -14.97
O6 MAN P . -40.82 -50.65 -17.91
C1 NAG Q . -32.81 48.35 -38.37
C2 NAG Q . -32.10 49.67 -38.65
C3 NAG Q . -31.24 50.09 -37.45
C4 NAG Q . -32.06 50.05 -36.15
C5 NAG Q . -32.75 48.70 -36.01
C6 NAG Q . -33.67 48.63 -34.81
C7 NAG Q . -31.56 50.29 -40.96
C8 NAG Q . -30.62 50.08 -42.11
N2 NAG Q . -31.30 49.59 -39.85
O3 NAG Q . -30.72 51.39 -37.66
O4 NAG Q . -31.20 50.24 -35.03
O5 NAG Q . -33.57 48.44 -37.17
O6 NAG Q . -34.70 47.67 -35.00
O7 NAG Q . -32.51 51.07 -41.04
C1 NAG Q . -31.39 51.54 -34.45
C2 NAG Q . -31.18 51.42 -32.94
C3 NAG Q . -31.28 52.80 -32.28
C4 NAG Q . -30.36 53.79 -32.96
C5 NAG Q . -30.63 53.83 -34.45
C6 NAG Q . -29.66 54.72 -35.21
C7 NAG Q . -31.80 49.28 -31.91
C8 NAG Q . -32.91 48.46 -31.34
N2 NAG Q . -32.14 50.51 -32.34
O3 NAG Q . -30.95 52.68 -30.90
O4 NAG Q . -30.54 55.10 -32.40
O5 NAG Q . -30.48 52.51 -35.00
O6 NAG Q . -30.03 54.82 -36.58
O7 NAG Q . -30.65 48.87 -31.99
C1 NAG R . -48.74 -38.61 8.41
C2 NAG R . -48.75 -38.34 6.91
C3 NAG R . -48.87 -36.83 6.66
C4 NAG R . -50.13 -36.30 7.34
C5 NAG R . -50.10 -36.63 8.83
C6 NAG R . -51.39 -36.28 9.53
C7 NAG R . -47.55 -40.02 5.55
C8 NAG R . -46.23 -40.41 4.95
N2 NAG R . -47.57 -38.87 6.25
O3 NAG R . -48.90 -36.56 5.27
O4 NAG R . -50.22 -34.89 7.15
O5 NAG R . -49.91 -38.04 9.02
O6 NAG R . -51.76 -37.32 10.45
O7 NAG R . -48.56 -40.71 5.42
C1 NAG R . -51.09 -34.57 6.06
C2 NAG R . -51.85 -33.31 6.45
C3 NAG R . -52.76 -32.86 5.31
C4 NAG R . -51.96 -32.68 4.03
C5 NAG R . -51.18 -33.96 3.72
C6 NAG R . -50.26 -33.82 2.53
C7 NAG R . -52.49 -32.75 8.75
C8 NAG R . -53.35 -33.10 9.92
N2 NAG R . -52.62 -33.52 7.66
O3 NAG R . -53.36 -31.62 5.67
O4 NAG R . -52.83 -32.38 2.95
O5 NAG R . -50.37 -34.34 4.83
O6 NAG R . -49.42 -34.96 2.40
O7 NAG R . -51.71 -31.80 8.77
C1 FUC R . -52.79 -38.19 9.89
C2 FUC R . -53.70 -38.70 11.07
C3 FUC R . -55.06 -39.31 10.58
C4 FUC R . -55.45 -38.91 9.16
C5 FUC R . -54.95 -37.52 8.89
C6 FUC R . -55.36 -37.01 7.53
O2 FUC R . -53.91 -37.72 12.11
O3 FUC R . -55.06 -40.70 10.65
O4 FUC R . -54.90 -39.82 8.20
O5 FUC R . -53.51 -37.47 8.90
C1 NAG S . -15.77 36.72 -51.55
C2 NAG S . -15.97 37.70 -52.72
C3 NAG S . -14.63 38.04 -53.36
C4 NAG S . -13.63 38.53 -52.30
C5 NAG S . -13.57 37.55 -51.13
C6 NAG S . -12.73 38.07 -49.98
C7 NAG S . -18.08 37.71 -53.95
C8 NAG S . -18.91 37.02 -55.02
N2 NAG S . -16.89 37.17 -53.70
O3 NAG S . -14.82 39.04 -54.35
O4 NAG S . -12.33 38.63 -52.87
O5 NAG S . -14.88 37.29 -50.60
O6 NAG S . -13.30 39.21 -49.37
O7 NAG S . -18.49 38.69 -53.35
C1 NAG S . -12.02 39.98 -53.27
C2 NAG S . -10.51 40.15 -53.29
C3 NAG S . -10.14 41.56 -53.76
C4 NAG S . -10.79 41.86 -55.11
C5 NAG S . -12.30 41.60 -55.04
C6 NAG S . -12.98 41.73 -56.38
C7 NAG S . -9.09 38.89 -51.73
C8 NAG S . -8.59 38.78 -50.32
N2 NAG S . -9.92 39.90 -51.98
O3 NAG S . -8.72 41.65 -53.86
O4 NAG S . -10.60 43.21 -55.46
O5 NAG S . -12.55 40.26 -54.57
O6 NAG S . -12.76 40.59 -57.19
O7 NAG S . -8.77 38.09 -52.61
C1 MAN S . -9.39 43.41 -56.25
C2 MAN S . -9.54 44.73 -57.03
C3 MAN S . -9.00 44.57 -58.44
C4 MAN S . -7.68 43.78 -58.41
C5 MAN S . -7.96 42.34 -57.95
C6 MAN S . -6.81 41.73 -57.14
O2 MAN S . -8.74 45.76 -56.45
O3 MAN S . -8.80 45.81 -59.09
O4 MAN S . -7.10 43.75 -59.71
O5 MAN S . -9.16 42.29 -57.12
O6 MAN S . -5.59 42.18 -57.75
C1 NAG T . -21.76 45.46 7.92
C2 NAG T . -21.64 45.91 9.36
C3 NAG T . -22.99 45.76 10.06
C4 NAG T . -24.15 46.35 9.24
C5 NAG T . -24.02 46.11 7.72
C6 NAG T . -24.79 47.13 6.91
C7 NAG T . -20.16 45.47 11.28
C8 NAG T . -19.11 44.57 11.85
N2 NAG T . -20.62 45.15 10.06
O3 NAG T . -22.95 46.41 11.32
O4 NAG T . -25.34 45.70 9.66
O5 NAG T . -22.67 46.24 7.28
O6 NAG T . -24.30 47.17 5.58
O7 NAG T . -20.56 46.46 11.89
C1 NAG T . -26.47 46.56 9.85
C2 NAG T . -27.66 45.96 9.10
C3 NAG T . -28.90 46.84 9.31
C4 NAG T . -29.18 47.00 10.79
C5 NAG T . -27.95 47.55 11.50
C6 NAG T . -28.11 47.60 13.00
C7 NAG T . -27.36 44.62 7.06
C8 NAG T . -27.07 44.66 5.59
N2 NAG T . -27.38 45.81 7.68
O3 NAG T . -30.01 46.26 8.64
O4 NAG T . -30.28 47.87 10.99
O5 NAG T . -26.80 46.72 11.25
O6 NAG T . -28.30 46.30 13.55
O7 NAG T . -27.58 43.57 7.65
C1 NAG U . -8.47 51.17 -34.19
C2 NAG U . -7.00 51.51 -34.35
C3 NAG U . -6.75 52.95 -33.92
C4 NAG U . -7.65 53.89 -34.70
C5 NAG U . -9.11 53.46 -34.56
C6 NAG U . -10.03 54.26 -35.45
C7 NAG U . -5.57 49.52 -34.16
C8 NAG U . -4.72 48.68 -33.25
N2 NAG U . -6.14 50.60 -33.61
O3 NAG U . -5.38 53.28 -34.15
O4 NAG U . -7.53 55.22 -34.21
O5 NAG U . -9.27 52.09 -34.95
O6 NAG U . -9.87 53.92 -36.81
O7 NAG U . -5.72 49.24 -35.35
C1 NAG U . -6.84 55.98 -35.23
C2 NAG U . -7.21 57.46 -35.11
C3 NAG U . -6.41 58.28 -36.12
C4 NAG U . -4.93 58.01 -35.97
C5 NAG U . -4.65 56.52 -36.06
C6 NAG U . -3.20 56.18 -35.77
C7 NAG U . -9.50 57.90 -34.32
C8 NAG U . -10.93 58.08 -34.72
N2 NAG U . -8.64 57.65 -35.32
O3 NAG U . -6.68 59.66 -35.90
O4 NAG U . -4.22 58.67 -37.02
O5 NAG U . -5.43 55.83 -35.06
O6 NAG U . -2.77 56.71 -34.52
O7 NAG U . -9.13 57.99 -33.16
C1 NAG V . -16.50 39.22 -22.32
C2 NAG V . -15.98 39.73 -20.98
C3 NAG V . -17.06 39.64 -19.90
C4 NAG V . -18.32 40.36 -20.37
C5 NAG V . -18.77 39.79 -21.71
C6 NAG V . -19.96 40.50 -22.32
C7 NAG V . -13.56 39.45 -20.60
C8 NAG V . -12.48 38.52 -20.13
N2 NAG V . -14.81 38.96 -20.56
O3 NAG V . -16.58 40.23 -18.70
O4 NAG V . -19.35 40.17 -19.39
O5 NAG V . -17.69 39.93 -22.66
O6 NAG V . -19.59 41.75 -22.88
O7 NAG V . -13.32 40.59 -20.97
C1 NAG V . -20.01 41.44 -19.10
C2 NAG V . -21.44 41.10 -18.70
C3 NAG V . -22.22 42.38 -18.42
C4 NAG V . -21.48 43.28 -17.44
C5 NAG V . -20.02 43.45 -17.84
C6 NAG V . -19.19 44.18 -16.80
C7 NAG V . -22.38 39.02 -19.61
C8 NAG V . -23.06 38.38 -20.77
N2 NAG V . -22.10 40.32 -19.74
O3 NAG V . -23.50 42.02 -17.90
O4 NAG V . -22.06 44.58 -17.43
O5 NAG V . -19.38 42.18 -18.05
O6 NAG V . -19.03 43.40 -15.62
O7 NAG V . -22.08 38.39 -18.59
C1 MAN V . -23.22 44.71 -16.58
C2 MAN V . -23.33 46.20 -16.17
C3 MAN V . -23.70 46.30 -14.69
C4 MAN V . -24.81 45.30 -14.35
C5 MAN V . -24.30 43.86 -14.55
C6 MAN V . -25.35 42.93 -15.13
O2 MAN V . -24.40 46.85 -16.86
O3 MAN V . -24.10 47.62 -14.33
O4 MAN V . -25.22 45.47 -12.99
O5 MAN V . -23.14 43.85 -15.44
O6 MAN V . -24.76 41.64 -15.34
C1 NAG W . -12.48 -1.16 -41.57
C2 NAG W . -13.72 -2.03 -41.48
C3 NAG W . -13.54 -3.29 -42.32
C4 NAG W . -13.13 -2.92 -43.74
C5 NAG W . -11.97 -1.92 -43.77
C6 NAG W . -11.69 -1.35 -45.15
C7 NAG W . -15.02 -1.88 -39.39
C8 NAG W . -15.16 -2.36 -37.98
N2 NAG W . -14.00 -2.39 -40.09
O3 NAG W . -14.75 -4.02 -42.34
O4 NAG W . -12.69 -4.11 -44.40
O5 NAG W . -12.27 -0.79 -42.92
O6 NAG W . -12.78 -0.57 -45.62
O7 NAG W . -15.80 -1.06 -39.88
C1 NAG W . -13.47 -4.36 -45.59
C2 NAG W . -12.57 -5.09 -46.59
C3 NAG W . -13.35 -5.39 -47.86
C4 NAG W . -14.64 -6.13 -47.55
C5 NAG W . -15.44 -5.39 -46.48
C6 NAG W . -16.66 -6.16 -46.02
C7 NAG W . -10.14 -4.79 -46.73
C8 NAG W . -9.03 -3.84 -47.07
N2 NAG W . -11.38 -4.31 -46.88
O3 NAG W . -12.51 -6.16 -48.72
O4 NAG W . -15.46 -6.22 -48.72
O5 NAG W . -14.63 -5.16 -45.32
O6 NAG W . -16.32 -7.21 -45.14
O7 NAG W . -9.93 -5.93 -46.32
C1 MAN W . -15.15 -7.38 -49.52
C2 MAN W . -16.06 -7.33 -50.78
C3 MAN W . -16.60 -8.71 -51.09
C4 MAN W . -15.49 -9.76 -50.96
C5 MAN W . -15.00 -9.82 -49.50
C6 MAN W . -13.50 -10.03 -49.36
O2 MAN W . -15.31 -6.93 -51.94
O3 MAN W . -17.20 -8.77 -52.37
O4 MAN W . -15.97 -11.03 -51.35
O5 MAN W . -15.34 -8.59 -48.79
O6 MAN W . -13.18 -10.13 -47.97
C1 NAG X . -39.73 6.74 6.42
C2 NAG X . -39.49 5.63 7.44
C3 NAG X . -40.83 5.19 8.05
C4 NAG X . -41.60 6.38 8.60
C5 NAG X . -41.73 7.46 7.54
C6 NAG X . -42.36 8.73 8.06
C7 NAG X . -37.52 4.26 6.93
C8 NAG X . -37.00 3.05 6.21
N2 NAG X . -38.83 4.50 6.81
O3 NAG X . -40.57 4.24 9.09
O4 NAG X . -42.91 5.95 9.00
O5 NAG X . -40.43 7.82 7.05
O6 NAG X . -42.57 9.67 7.01
O7 NAG X . -36.78 5.00 7.57
C1 NAG X . -43.11 6.16 10.41
C2 NAG X . -44.59 6.47 10.63
C3 NAG X . -44.88 6.66 12.12
C4 NAG X . -44.39 5.45 12.91
C5 NAG X . -42.92 5.20 12.60
C6 NAG X . -42.38 3.94 13.27
C7 NAG X . -46.00 7.66 9.01
C8 NAG X . -46.26 8.97 8.32
N2 NAG X . -44.99 7.65 9.89
O3 NAG X . -46.28 6.83 12.31
O4 NAG X . -44.55 5.67 14.30
O5 NAG X . -42.74 5.01 11.19
O6 NAG X . -42.48 2.82 12.42
O7 NAG X . -46.67 6.66 8.78
C1 MAN X . -45.73 4.96 14.76
C2 MAN X . -45.48 4.47 16.22
C3 MAN X . -46.24 3.17 16.47
C4 MAN X . -47.56 3.18 15.68
C5 MAN X . -47.21 3.04 14.19
C6 MAN X . -48.36 3.40 13.24
O2 MAN X . -46.00 5.40 17.17
O3 MAN X . -46.49 2.95 17.85
O4 MAN X . -48.37 2.08 16.07
O5 MAN X . -46.04 3.88 13.86
O6 MAN X . -48.17 4.73 12.77
C1 NAG Y . -22.79 -47.58 -19.99
C2 NAG Y . -23.17 -48.78 -20.87
C3 NAG Y . -22.68 -48.55 -22.30
C4 NAG Y . -23.12 -47.19 -22.83
C5 NAG Y . -22.79 -46.08 -21.83
C6 NAG Y . -23.37 -44.74 -22.22
C7 NAG Y . -23.32 -51.13 -20.16
C8 NAG Y . -22.59 -52.30 -19.61
N2 NAG Y . -22.61 -50.01 -20.34
O3 NAG Y . -23.18 -49.59 -23.14
O4 NAG Y . -22.46 -46.94 -24.06
O5 NAG Y . -23.33 -46.40 -20.54
O6 NAG Y . -23.48 -43.89 -21.09
O7 NAG Y . -24.52 -51.18 -20.45
C1 NAG Y . -23.39 -46.70 -25.14
C2 NAG Y . -22.75 -45.68 -26.07
C3 NAG Y . -23.67 -45.38 -27.25
C4 NAG Y . -24.10 -46.67 -27.94
C5 NAG Y . -24.66 -47.66 -26.92
C6 NAG Y . -24.96 -49.02 -27.51
C7 NAG Y . -21.16 -44.06 -25.15
C8 NAG Y . -21.00 -42.76 -24.39
N2 NAG Y . -22.41 -44.46 -25.37
O3 NAG Y . -22.98 -44.54 -28.17
O4 NAG Y . -25.14 -46.40 -28.89
O5 NAG Y . -23.70 -47.88 -25.87
O6 NAG Y . -23.79 -49.78 -27.70
O7 NAG Y . -20.19 -44.70 -25.54
C1 MAN Y . -24.60 -46.14 -30.21
C2 MAN Y . -25.80 -46.12 -31.21
C3 MAN Y . -25.36 -46.71 -32.54
C4 MAN Y . -23.93 -46.26 -32.88
C5 MAN Y . -22.95 -46.87 -31.85
C6 MAN Y . -21.74 -45.99 -31.60
O2 MAN Y . -26.22 -44.78 -31.51
O3 MAN Y . -26.24 -46.35 -33.61
O4 MAN Y . -23.58 -46.69 -34.18
O5 MAN Y . -23.62 -47.11 -30.58
O6 MAN Y . -21.36 -45.38 -32.82
C1 NAG Z . -50.16 -55.64 9.98
C2 NAG Z . -51.48 -55.79 9.24
C3 NAG Z . -52.06 -57.18 9.47
C4 NAG Z . -51.04 -58.26 9.10
C5 NAG Z . -49.71 -57.99 9.82
C6 NAG Z . -48.60 -58.92 9.37
C7 NAG Z . -52.80 -53.75 8.87
C8 NAG Z . -53.78 -52.79 9.47
N2 NAG Z . -52.42 -54.77 9.66
O3 NAG Z . -53.24 -57.33 8.69
O4 NAG Z . -51.56 -59.52 9.51
O5 NAG Z . -49.26 -56.66 9.55
O6 NAG Z . -48.24 -58.70 8.01
O7 NAG Z . -52.37 -53.62 7.73
C1 NAG Z . -51.45 -60.53 8.47
C2 NAG Z . -51.42 -61.89 9.17
C3 NAG Z . -51.29 -63.02 8.16
C4 NAG Z . -52.36 -62.91 7.07
C5 NAG Z . -52.39 -61.49 6.49
C6 NAG Z . -53.53 -61.27 5.52
C7 NAG Z . -50.54 -62.04 11.46
C8 NAG Z . -49.30 -62.09 12.31
N2 NAG Z . -50.33 -61.94 10.14
O3 NAG Z . -51.40 -64.25 8.85
O4 NAG Z . -52.07 -63.80 6.00
O5 NAG Z . -52.54 -60.52 7.53
O6 NAG Z . -53.75 -59.89 5.28
O7 NAG Z . -51.66 -62.09 11.94
C1 MAN Z . -52.52 -65.16 6.24
C2 MAN Z . -51.97 -66.03 5.08
C3 MAN Z . -53.04 -66.98 4.58
C4 MAN Z . -53.73 -67.64 5.76
C5 MAN Z . -54.51 -66.58 6.55
C6 MAN Z . -54.54 -66.85 8.05
O2 MAN Z . -50.91 -66.87 5.53
O3 MAN Z . -52.52 -67.95 3.68
O4 MAN Z . -54.62 -68.66 5.32
O5 MAN Z . -53.95 -65.24 6.33
O6 MAN Z . -54.62 -68.26 8.26
C1 NAG AA . -50.02 -54.47 30.24
C2 NAG AA . -51.15 -53.49 30.60
C3 NAG AA . -51.19 -53.25 32.11
C4 NAG AA . -51.29 -54.59 32.85
C5 NAG AA . -50.16 -55.52 32.42
C6 NAG AA . -50.25 -56.89 33.02
C7 NAG AA . -51.69 -51.90 28.81
C8 NAG AA . -51.39 -50.56 28.21
N2 NAG AA . -50.98 -52.23 29.89
O3 NAG AA . -52.32 -52.45 32.43
O4 NAG AA . -51.24 -54.38 34.26
O5 NAG AA . -50.19 -55.68 30.99
O6 NAG AA . -50.96 -57.78 32.17
O7 NAG AA . -52.53 -52.66 28.32
C1 NAG AA . -52.47 -54.88 34.83
C2 NAG AA . -52.19 -55.34 36.26
C3 NAG AA . -53.47 -55.89 36.88
C4 NAG AA . -54.62 -54.90 36.75
C5 NAG AA . -54.75 -54.39 35.32
C6 NAG AA . -55.75 -53.26 35.17
C7 NAG AA . -49.88 -56.05 36.66
C8 NAG AA . -48.92 -57.20 36.64
N2 NAG AA . -51.13 -56.34 36.29
O3 NAG AA . -53.20 -56.17 38.25
O4 NAG AA . -55.85 -55.54 37.08
O5 NAG AA . -53.50 -53.89 34.84
O6 NAG AA . -55.22 -52.03 35.61
O7 NAG AA . -49.53 -54.93 36.99
C1 MAN AA . -56.15 -55.59 38.48
C2 MAN AA . -57.66 -55.92 38.61
C3 MAN AA . -58.26 -55.24 39.82
C4 MAN AA . -57.25 -55.21 40.99
C5 MAN AA . -56.01 -54.37 40.60
C6 MAN AA . -54.74 -54.88 41.25
O2 MAN AA . -57.86 -57.31 38.83
O3 MAN AA . -59.47 -55.90 40.22
O4 MAN AA . -57.85 -54.65 42.15
O5 MAN AA . -55.82 -54.37 39.15
O6 MAN AA . -53.79 -53.82 41.28
C1 MAN AA . -60.53 -54.95 40.46
C2 MAN AA . -61.75 -55.76 41.01
C3 MAN AA . -62.41 -56.53 39.88
C4 MAN AA . -62.78 -55.58 38.74
C5 MAN AA . -61.51 -54.90 38.20
C6 MAN AA . -61.79 -53.90 37.10
O2 MAN AA . -62.75 -54.90 41.53
O3 MAN AA . -63.56 -57.25 40.32
O4 MAN AA . -63.40 -56.30 37.69
O5 MAN AA . -60.85 -54.19 39.29
O6 MAN AA . -60.58 -53.24 36.77
C1 NAG BA . -27.58 -38.51 39.40
C2 NAG BA . -28.36 -39.19 40.52
C3 NAG BA . -29.67 -38.47 40.79
C4 NAG BA . -29.42 -36.99 41.04
C5 NAG BA . -28.66 -36.40 39.86
C6 NAG BA . -28.30 -34.94 40.05
C7 NAG BA . -27.82 -41.59 40.64
C8 NAG BA . -28.21 -42.97 40.21
N2 NAG BA . -28.60 -40.59 40.20
O3 NAG BA . -30.32 -39.07 41.91
O4 NAG BA . -30.66 -36.31 41.22
O5 NAG BA . -27.41 -37.12 39.70
O6 NAG BA . -27.53 -34.46 38.95
O7 NAG BA . -26.83 -41.39 41.34
C1 NAG BA . -30.64 -35.63 42.50
C2 NAG BA . -31.62 -34.46 42.48
C3 NAG BA . -31.61 -33.73 43.82
C4 NAG BA . -31.81 -34.71 44.98
C5 NAG BA . -30.85 -35.90 44.86
C6 NAG BA . -31.10 -36.98 45.88
C7 NAG BA . -31.91 -33.58 40.20
C8 NAG BA . -31.47 -32.55 39.22
N2 NAG BA . -31.31 -33.54 41.39
O3 NAG BA . -32.65 -32.76 43.80
O4 NAG BA . -31.51 -34.05 46.21
O5 NAG BA . -30.98 -36.52 43.56
O6 NAG BA . -30.55 -38.22 45.46
O7 NAG BA . -32.78 -34.41 39.94
C1 MAN BA . -32.66 -33.37 46.77
C2 MAN BA . -32.22 -32.80 48.14
C3 MAN BA . -32.99 -33.47 49.25
C4 MAN BA . -34.49 -33.22 49.04
C5 MAN BA . -34.93 -33.75 47.65
C6 MAN BA . -35.66 -32.71 46.81
O2 MAN BA . -32.52 -31.41 48.23
O3 MAN BA . -32.60 -33.00 50.54
O4 MAN BA . -35.24 -33.87 50.06
O5 MAN BA . -33.78 -34.25 46.89
O6 MAN BA . -36.47 -33.38 45.85
C1 NAG CA . 21.84 50.35 43.19
C2 NAG CA . 22.56 51.63 42.76
C3 NAG CA . 23.36 51.38 41.48
C4 NAG CA . 24.26 50.16 41.63
C5 NAG CA . 23.45 48.96 42.11
C6 NAG CA . 24.31 47.74 42.40
C7 NAG CA . 21.45 53.68 43.50
C8 NAG CA . 20.45 54.75 43.16
N2 NAG CA . 21.63 52.73 42.58
O3 NAG CA . 24.13 52.53 41.18
O4 NAG CA . 24.85 49.84 40.37
O5 NAG CA . 22.78 49.29 43.33
O6 NAG CA . 23.76 46.98 43.47
O7 NAG CA . 22.07 53.69 44.56
C1 NAG CA . 26.23 50.26 40.34
C2 NAG CA . 27.04 49.28 39.48
C3 NAG CA . 28.49 49.74 39.35
C4 NAG CA . 28.55 51.18 38.85
C5 NAG CA . 27.69 52.08 39.74
C6 NAG CA . 27.62 53.51 39.23
C7 NAG CA . 26.16 46.98 39.56
C8 NAG CA . 26.23 45.65 40.24
N2 NAG CA . 26.98 47.93 40.03
O3 NAG CA . 29.17 48.89 38.44
O4 NAG CA . 29.88 51.64 38.86
O5 NAG CA . 26.35 51.59 39.79
O6 NAG CA . 26.87 54.33 40.11
O7 NAG CA . 25.39 47.20 38.64
C1 NAG DA . -9.65 -44.67 42.85
C2 NAG DA . -10.34 -43.43 43.41
C3 NAG DA . -9.33 -42.30 43.53
C4 NAG DA . -8.18 -42.74 44.41
C5 NAG DA . -7.53 -44.00 43.86
C6 NAG DA . -6.49 -44.59 44.78
C7 NAG DA . -12.75 -43.24 42.98
C8 NAG DA . -13.80 -42.76 42.03
N2 NAG DA . -11.48 -43.03 42.61
O3 NAG DA . -9.97 -41.14 44.07
O4 NAG DA . -7.22 -41.68 44.51
O5 NAG DA . -8.53 -45.02 43.68
O6 NAG DA . -6.54 -46.02 44.81
O7 NAG DA . -13.03 -43.80 44.03
C1 NAG DA . -7.42 -40.95 45.73
C2 NAG DA . -6.02 -40.59 46.21
C3 NAG DA . -6.09 -39.68 47.44
C4 NAG DA . -6.98 -38.47 47.18
C5 NAG DA . -8.35 -38.95 46.73
C6 NAG DA . -9.29 -37.83 46.37
C7 NAG DA . -4.05 -42.01 46.01
C8 NAG DA . -3.39 -43.29 46.42
N2 NAG DA . -5.26 -41.78 46.52
O3 NAG DA . -4.77 -39.23 47.73
O4 NAG DA . -7.09 -37.69 48.35
O5 NAG DA . -8.21 -39.78 45.56
O6 NAG DA . -10.09 -38.17 45.24
O7 NAG DA . -3.50 -41.22 45.25
C1 FUC DA . -7.15 -46.39 46.08
C2 FUC DA . -6.81 -47.90 46.46
C3 FUC DA . -7.26 -48.27 47.93
C4 FUC DA . -7.70 -47.05 48.76
C5 FUC DA . -6.77 -45.85 48.47
C6 FUC DA . -7.19 -44.62 49.25
O2 FUC DA . -5.46 -48.31 46.19
O3 FUC DA . -8.35 -49.20 47.92
O4 FUC DA . -9.05 -46.71 48.50
O5 FUC DA . -6.74 -45.46 47.08
C1 NAG EA . 0.38 56.28 33.29
C2 NAG EA . 0.32 57.65 33.95
C3 NAG EA . -0.15 58.71 32.94
C4 NAG EA . 0.67 58.66 31.66
C5 NAG EA . 0.76 57.22 31.13
C6 NAG EA . 1.71 57.09 29.96
C7 NAG EA . -0.10 57.59 36.37
C8 NAG EA . -1.13 57.57 37.45
N2 NAG EA . -0.56 57.63 35.11
O3 NAG EA . -0.04 59.99 33.55
O4 NAG EA . 0.04 59.46 30.67
O5 NAG EA . 1.23 56.34 32.15
O6 NAG EA . 1.90 55.73 29.60
O7 NAG EA . 1.10 57.59 36.62
C1 NAG EA . 0.70 60.73 30.50
C2 NAG EA . 0.48 61.18 29.07
C3 NAG EA . 1.10 62.55 28.85
C4 NAG EA . 0.59 63.55 29.88
C5 NAG EA . 0.82 63.00 31.28
C6 NAG EA . 0.22 63.87 32.36
C7 NAG EA . 0.25 59.52 27.27
C8 NAG EA . 0.98 58.58 26.35
N2 NAG EA . 1.02 60.22 28.11
O3 NAG EA . 0.79 62.99 27.52
O4 NAG EA . 1.26 64.79 29.76
O5 NAG EA . 0.20 61.71 31.41
O6 NAG EA . -1.19 63.74 32.43
O7 NAG EA . -0.97 59.63 27.25
C1 MAN EA . 0.51 65.70 28.91
C2 MAN EA . 0.98 67.15 29.23
C3 MAN EA . -0.23 68.04 29.42
C4 MAN EA . -1.20 67.84 28.26
C5 MAN EA . -1.76 66.41 28.30
C6 MAN EA . -1.92 65.78 26.93
O2 MAN EA . 1.70 67.70 28.13
O3 MAN EA . 0.13 69.42 29.53
O4 MAN EA . -2.26 68.77 28.34
O5 MAN EA . -0.90 65.55 29.11
O6 MAN EA . -2.22 66.81 25.99
C1 NAG FA . 44.55 19.25 15.33
C2 NAG FA . 45.75 18.61 14.68
C3 NAG FA . 46.47 17.68 15.67
C4 NAG FA . 46.72 18.36 17.02
C5 NAG FA . 45.55 19.22 17.49
C6 NAG FA . 45.93 20.26 18.50
C7 NAG FA . 46.24 17.41 12.58
C8 NAG FA . 45.65 16.66 11.41
N2 NAG FA . 45.36 17.86 13.49
O3 NAG FA . 47.71 17.25 15.13
O4 NAG FA . 46.91 17.32 17.97
O5 NAG FA . 44.97 19.96 16.42
O6 NAG FA . 44.91 21.24 18.64
O7 NAG FA . 47.45 17.59 12.69
C1 NAG FA . 47.99 17.51 18.93
C2 NAG FA . 47.43 17.30 20.34
C3 NAG FA . 48.55 17.45 21.36
C4 NAG FA . 49.68 16.48 21.05
C5 NAG FA . 50.17 16.70 19.62
C6 NAG FA . 51.21 15.69 19.20
C7 NAG FA . 45.27 17.92 21.33
C8 NAG FA . 44.26 19.01 21.51
N2 NAG FA . 46.35 18.24 20.62
O3 NAG FA . 48.04 17.21 22.66
O4 NAG FA . 50.75 16.64 21.97
O5 NAG FA . 49.08 16.59 18.69
O6 NAG FA . 50.70 14.36 19.26
O7 NAG FA . 45.10 16.80 21.82
C1 NAG GA . 19.33 55.70 18.81
C2 NAG GA . 18.92 56.31 17.47
C3 NAG GA . 20.07 57.12 16.90
C4 NAG GA . 20.51 58.18 17.90
C5 NAG GA . 20.86 57.53 19.23
C6 NAG GA . 21.18 58.54 20.31
C7 NAG GA . 17.21 55.12 16.17
C8 NAG GA . 16.93 54.02 15.19
N2 NAG GA . 18.49 55.29 16.54
O3 NAG GA . 19.64 57.74 15.68
O4 NAG GA . 21.63 58.90 17.40
O5 NAG GA . 19.75 56.75 19.71
O6 NAG GA . 20.11 59.47 20.48
O7 NAG GA . 16.30 55.82 16.63
C1 NAG GA . 21.19 60.24 17.10
C2 NAG GA . 22.33 61.02 16.44
C3 NAG GA . 21.86 62.43 16.06
C4 NAG GA . 20.61 62.35 15.21
C5 NAG GA . 19.54 61.50 15.89
C6 NAG GA . 18.34 61.26 15.00
C7 NAG GA . 24.60 60.35 17.11
C8 NAG GA . 25.71 60.55 18.11
N2 NAG GA . 23.50 61.09 17.31
O3 NAG GA . 22.90 63.08 15.34
O4 NAG GA . 20.10 63.67 14.99
O5 NAG GA . 20.07 60.21 16.22
O6 NAG GA . 18.73 61.07 13.65
O7 NAG GA . 24.68 59.54 16.20
C1 NAG HA . 20.10 37.52 22.47
C2 NAG HA . 21.13 37.08 21.43
C3 NAG HA . 22.03 35.98 21.99
C4 NAG HA . 22.64 36.41 23.32
C5 NAG HA . 21.53 36.83 24.28
C6 NAG HA . 22.03 37.35 25.61
C7 NAG HA . 20.56 37.29 19.05
C8 NAG HA . 19.83 36.67 17.90
N2 NAG HA . 20.48 36.63 20.21
O3 NAG HA . 23.05 35.67 21.05
O4 NAG HA . 23.40 35.33 23.86
O5 NAG HA . 20.75 37.89 23.69
O6 NAG HA . 22.57 38.67 25.48
O7 NAG HA . 21.20 38.32 18.93
C1 NAG HA . 24.70 35.80 24.30
C2 NAG HA . 25.14 34.89 25.45
C3 NAG HA . 26.49 35.35 25.99
C4 NAG HA . 27.51 35.52 24.86
C5 NAG HA . 26.93 36.35 23.72
C6 NAG HA . 27.85 36.43 22.52
C7 NAG HA . 23.36 33.84 26.76
C8 NAG HA . 22.40 34.00 27.89
N2 NAG HA . 24.15 34.88 26.51
O3 NAG HA . 26.93 34.40 26.94
O4 NAG HA . 28.65 36.22 25.34
O5 NAG HA . 25.69 35.79 23.27
O6 NAG HA . 27.94 35.18 21.84
O7 NAG HA . 23.44 32.79 26.12
C1 MAN HA . 29.62 35.36 25.98
C2 MAN HA . 31.03 36.01 25.79
C3 MAN HA . 32.08 34.93 25.64
C4 MAN HA . 31.79 33.74 26.57
C5 MAN HA . 30.46 33.07 26.14
C6 MAN HA . 29.68 32.47 27.30
O2 MAN HA . 31.41 36.77 26.94
O3 MAN HA . 33.40 35.42 25.89
O4 MAN HA . 32.85 32.80 26.51
O5 MAN HA . 29.59 34.03 25.47
O6 MAN HA . 28.36 32.20 26.87
C1 NAG IA . -22.77 24.71 27.71
C2 NAG IA . -22.97 23.67 28.81
C3 NAG IA . -24.46 23.43 29.03
C4 NAG IA . -25.22 24.75 29.21
C5 NAG IA . -24.84 25.77 28.14
C6 NAG IA . -25.40 27.16 28.41
C7 NAG IA . -21.32 21.90 29.19
C8 NAG IA . -20.75 20.60 28.70
N2 NAG IA . -22.31 22.43 28.47
O3 NAG IA . -24.65 22.61 30.16
O4 NAG IA . -26.62 24.48 29.11
O5 NAG IA . -23.41 25.92 28.08
O6 NAG IA . -24.73 27.79 29.49
O7 NAG IA . -20.90 22.45 30.21
C1 NAG IA . -27.33 24.95 30.27
C2 NAG IA . -28.75 25.29 29.83
C3 NAG IA . -29.56 25.81 31.01
C4 NAG IA . -29.49 24.85 32.19
C5 NAG IA . -28.04 24.44 32.48
C6 NAG IA . -27.92 23.35 33.52
C7 NAG IA . -29.21 26.02 27.52
C8 NAG IA . -29.09 27.14 26.53
N2 NAG IA . -28.73 26.27 28.74
O3 NAG IA . -30.91 25.98 30.58
O4 NAG IA . -29.98 25.47 33.37
O5 NAG IA . -27.39 23.95 31.29
O6 NAG IA . -28.24 22.07 32.97
O7 NAG IA . -29.71 24.94 27.23
C1 MAN IA . -31.42 25.41 33.47
C2 MAN IA . -31.80 25.77 34.93
C3 MAN IA . -33.01 24.95 35.37
C4 MAN IA . -34.01 24.80 34.21
C5 MAN IA . -33.36 23.97 33.08
C6 MAN IA . -33.85 24.34 31.69
O2 MAN IA . -32.23 27.14 35.02
O3 MAN IA . -33.65 25.50 36.51
O4 MAN IA . -35.17 24.15 34.66
O5 MAN IA . -31.91 24.11 33.10
O6 MAN IA . -33.37 23.36 30.77
C1 NAG JA . 20.44 -10.40 34.06
C2 NAG JA . 20.11 -11.80 33.55
C3 NAG JA . 20.57 -12.84 34.57
C4 NAG JA . 22.03 -12.63 34.94
C5 NAG JA . 22.28 -11.20 35.37
C6 NAG JA . 23.74 -10.89 35.61
C7 NAG JA . 18.18 -11.90 32.04
C8 NAG JA . 16.70 -12.08 31.94
N2 NAG JA . 18.70 -11.95 33.26
O3 NAG JA . 20.37 -14.14 34.02
O4 NAG JA . 22.39 -13.50 36.01
O5 NAG JA . 21.84 -10.29 34.35
O6 NAG JA . 23.90 -9.72 36.41
O7 NAG JA . 18.88 -11.74 31.05
C1 NAG JA . 23.32 -14.51 35.56
C2 NAG JA . 24.20 -14.90 36.75
C3 NAG JA . 25.18 -16.01 36.34
C4 NAG JA . 24.42 -17.18 35.73
C5 NAG JA . 23.53 -16.69 34.58
C6 NAG JA . 22.67 -17.79 33.99
C7 NAG JA . 24.73 -13.28 38.51
C8 NAG JA . 25.56 -12.09 38.89
N2 NAG JA . 24.92 -13.76 37.27
O3 NAG JA . 25.90 -16.44 37.48
O4 NAG JA . 25.32 -18.17 35.25
O5 NAG JA . 22.65 -15.67 35.04
O6 NAG JA . 21.42 -17.86 34.66
O7 NAG JA . 23.92 -13.78 39.28
C1 MAN JA . 25.38 -19.25 36.20
C2 MAN JA . 25.62 -20.58 35.43
C3 MAN JA . 24.95 -21.74 36.17
C4 MAN JA . 24.99 -21.52 37.68
C5 MAN JA . 24.13 -20.30 38.04
C6 MAN JA . 24.54 -19.62 39.33
O2 MAN JA . 27.01 -20.92 35.37
O3 MAN JA . 25.55 -23.00 35.83
O4 MAN JA . 24.50 -22.66 38.37
O5 MAN JA . 24.18 -19.30 36.98
O6 MAN JA . 25.96 -19.65 39.42
C1 NAG KA . -40.97 -23.99 30.28
C2 NAG KA . -42.26 -24.25 31.04
C3 NAG KA . -43.11 -22.99 31.09
C4 NAG KA . -42.29 -21.82 31.64
C5 NAG KA . -40.96 -21.69 30.90
C6 NAG KA . -40.03 -20.68 31.53
C7 NAG KA . -43.57 -26.33 31.13
C8 NAG KA . -44.31 -27.37 30.33
N2 NAG KA . -43.01 -25.34 30.43
O3 NAG KA . -44.25 -23.21 31.91
O4 NAG KA . -43.03 -20.61 31.50
O5 NAG KA . -40.26 -22.94 30.92
O6 NAG KA . -39.38 -21.22 32.67
O7 NAG KA . -43.49 -26.38 32.35
C1 NAG KA . -43.22 -19.94 32.76
C2 NAG KA . -43.37 -18.45 32.48
C3 NAG KA . -43.58 -17.68 33.77
C4 NAG KA . -44.75 -18.28 34.57
C5 NAG KA . -44.57 -19.78 34.73
C6 NAG KA . -45.77 -20.45 35.36
C7 NAG KA . -42.22 -17.70 30.45
C8 NAG KA . -40.93 -17.17 29.88
N2 NAG KA . -42.21 -17.94 31.76
O3 NAG KA . -43.86 -16.32 33.45
O4 NAG KA . -44.77 -17.71 35.88
O5 NAG KA . -44.39 -20.41 33.45
O6 NAG KA . -46.78 -20.73 34.40
O7 NAG KA . -43.20 -17.90 29.75
C1 MAN KA . -45.59 -16.51 35.95
C2 MAN KA . -45.77 -16.15 37.46
C3 MAN KA . -47.20 -15.69 37.71
C4 MAN KA . -47.66 -14.76 36.60
C5 MAN KA . -47.73 -15.53 35.27
C6 MAN KA . -47.36 -14.69 34.07
O2 MAN KA . -44.95 -15.03 37.82
O3 MAN KA . -47.34 -15.06 38.99
O4 MAN KA . -48.94 -14.22 36.90
O5 MAN KA . -46.85 -16.69 35.30
O6 MAN KA . -47.81 -13.36 34.29
C1 NAG LA . -20.87 -57.47 44.34
C2 NAG LA . -21.12 -57.43 45.84
C3 NAG LA . -21.87 -58.68 46.29
C4 NAG LA . -23.13 -58.88 45.47
C5 NAG LA . -22.81 -58.83 43.97
C6 NAG LA . -24.04 -58.84 43.09
C7 NAG LA . -19.42 -56.15 47.07
C8 NAG LA . -18.10 -56.20 47.79
N2 NAG LA . -19.86 -57.30 46.58
O3 NAG LA . -22.21 -58.55 47.67
O4 NAG LA . -23.70 -60.14 45.80
O5 NAG LA . -22.11 -57.62 43.66
O6 NAG LA . -24.89 -57.74 43.35
O7 NAG LA . -20.04 -55.11 46.95
C1 NAG LA . -25.12 -60.08 46.07
C2 NAG LA . -25.69 -61.46 45.74
C3 NAG LA . -27.20 -61.48 45.99
C4 NAG LA . -27.51 -61.02 47.40
C5 NAG LA . -26.85 -59.67 47.70
C6 NAG LA . -27.01 -59.23 49.14
C7 NAG LA . -24.69 -62.91 44.03
C8 NAG LA . -24.48 -63.14 42.57
N2 NAG LA . -25.39 -61.83 44.37
O3 NAG LA . -27.68 -62.80 45.77
O4 NAG LA . -28.92 -60.86 47.57
O5 NAG LA . -25.43 -59.75 47.44
O6 NAG LA . -26.39 -57.97 49.36
O7 NAG LA . -24.23 -63.67 44.88
C1 MAN LA . -29.52 -62.09 48.06
C2 MAN LA . -31.05 -61.85 48.23
C3 MAN LA . -31.53 -62.47 49.53
C4 MAN LA . -30.92 -63.87 49.69
C5 MAN LA . -29.39 -63.74 49.87
C6 MAN LA . -28.61 -64.87 49.22
O2 MAN LA . -31.79 -62.50 47.20
O3 MAN LA . -32.95 -62.54 49.60
O4 MAN LA . -31.48 -64.51 50.83
O5 MAN LA . -28.92 -62.49 49.29
O6 MAN LA . -28.67 -66.00 50.08
C1 NAG MA . -7.70 -70.87 36.33
C2 NAG MA . -6.43 -70.75 37.17
C3 NAG MA . -5.34 -71.69 36.65
C4 NAG MA . -5.87 -73.10 36.52
C5 NAG MA . -7.15 -73.13 35.70
C6 NAG MA . -7.81 -74.49 35.64
C7 NAG MA . -6.25 -68.54 38.21
C8 NAG MA . -5.67 -67.15 38.11
N2 NAG MA . -5.95 -69.38 37.23
O3 NAG MA . -4.22 -71.66 37.53
O4 NAG MA . -4.89 -73.94 35.92
O5 NAG MA . -8.12 -72.24 36.28
O6 NAG MA . -8.56 -74.76 36.82
O7 NAG MA . -6.97 -68.86 39.16
C1 NAG MA . -4.57 -75.03 36.83
C2 NAG MA . -4.09 -76.22 36.02
C3 NAG MA . -3.76 -77.39 36.95
C4 NAG MA . -2.80 -76.95 38.05
C5 NAG MA . -3.29 -75.68 38.73
C6 NAG MA . -2.29 -75.11 39.72
C7 NAG MA . -5.07 -76.19 33.78
C8 NAG MA . -6.17 -76.69 32.90
N2 NAG MA . -5.08 -76.62 35.04
O3 NAG MA . -3.18 -78.43 36.17
O4 NAG MA . -2.71 -77.96 39.05
O5 NAG MA . -3.55 -74.64 37.77
O6 NAG MA . -1.14 -74.60 39.07
O7 NAG MA . -4.20 -75.44 33.36
C1 MAN MA . -1.72 -78.98 38.77
C2 MAN MA . -1.44 -79.69 40.12
C3 MAN MA . 0.01 -80.15 40.20
C4 MAN MA . 0.51 -80.60 38.81
C5 MAN MA . 0.48 -79.42 37.82
C6 MAN MA . 0.21 -79.85 36.39
O2 MAN MA . -2.22 -80.87 40.25
O3 MAN MA . 0.14 -81.20 41.14
O4 MAN MA . 1.84 -81.11 38.90
O5 MAN MA . -0.53 -78.44 38.20
O6 MAN MA . 0.26 -78.71 35.54
C1 MAN MA . 1.23 -80.95 42.05
C2 MAN MA . 1.43 -82.24 42.89
C3 MAN MA . 0.31 -82.37 43.91
C4 MAN MA . 0.22 -81.11 44.77
C5 MAN MA . -0.06 -79.91 43.85
C6 MAN MA . -0.13 -78.60 44.60
O2 MAN MA . 2.64 -82.20 43.65
O3 MAN MA . 0.48 -83.52 44.74
O4 MAN MA . -0.83 -81.23 45.72
O5 MAN MA . 1.00 -79.80 42.86
O6 MAN MA . -0.21 -77.55 43.65
C1 NAG NA . 38.94 -12.03 -28.64
C2 NAG NA . 38.25 -12.91 -29.68
C3 NAG NA . 39.09 -12.96 -30.96
C4 NAG NA . 39.38 -11.55 -31.45
C5 NAG NA . 40.01 -10.72 -30.34
C6 NAG NA . 40.19 -9.28 -30.73
C7 NAG NA . 37.02 -14.58 -28.35
C8 NAG NA . 36.95 -16.01 -27.94
N2 NAG NA . 38.03 -14.25 -29.16
O3 NAG NA . 38.38 -13.70 -31.95
O4 NAG NA . 40.26 -11.60 -32.57
O5 NAG NA . 39.15 -10.73 -29.19
O6 NAG NA . 40.92 -8.56 -29.74
O7 NAG NA . 36.21 -13.76 -27.96
C1 NAG OA . 19.99 41.65 -37.12
C2 NAG OA . 20.84 40.40 -37.28
C3 NAG OA . 22.32 40.73 -37.09
C4 NAG OA . 22.73 41.87 -38.01
C5 NAG OA . 21.80 43.07 -37.80
C6 NAG OA . 22.09 44.22 -38.75
C7 NAG OA . 19.56 38.40 -36.62
C8 NAG OA . 19.26 37.43 -35.53
N2 NAG OA . 20.43 39.37 -36.34
O3 NAG OA . 23.11 39.57 -37.37
O4 NAG OA . 24.07 42.25 -37.73
O5 NAG OA . 20.45 42.67 -38.02
O6 NAG OA . 21.10 45.23 -38.62
O7 NAG OA . 19.03 38.32 -37.73
C1 NAG PA . 29.23 -27.94 1.29
C2 NAG PA . 28.47 -28.39 2.54
C3 NAG PA . 29.42 -29.07 3.52
C4 NAG PA . 30.18 -30.20 2.82
C5 NAG PA . 30.85 -29.69 1.55
C6 NAG PA . 31.50 -30.78 0.74
C7 NAG PA . 26.58 -26.85 2.90
C8 NAG PA . 26.07 -25.67 3.65
N2 NAG PA . 27.82 -27.26 3.18
O3 NAG PA . 28.67 -29.60 4.60
O4 NAG PA . 31.17 -30.72 3.69
O5 NAG PA . 29.88 -29.06 0.70
O6 NAG PA . 32.06 -30.26 -0.46
O7 NAG PA . 25.89 -27.42 2.05
C1 NAG QA . 14.56 -42.23 -25.87
C2 NAG QA . 15.76 -42.90 -26.53
C3 NAG QA . 15.82 -42.56 -28.02
C4 NAG QA . 14.49 -42.86 -28.70
C5 NAG QA . 13.33 -42.21 -27.93
C6 NAG QA . 11.98 -42.59 -28.47
C7 NAG QA . 17.71 -43.30 -25.08
C8 NAG QA . 18.95 -42.72 -24.48
N2 NAG QA . 16.99 -42.50 -25.87
O3 NAG QA . 16.87 -43.30 -28.63
O4 NAG QA . 14.49 -42.37 -30.03
O5 NAG QA . 13.37 -42.62 -26.55
O6 NAG QA . 10.95 -41.83 -27.83
O7 NAG QA . 17.36 -44.46 -24.85
C1 NAG RA . -18.32 -63.42 -12.52
C2 NAG RA . -19.78 -63.86 -12.63
C3 NAG RA . -19.89 -65.20 -13.34
C4 NAG RA . -19.16 -65.16 -14.68
C5 NAG RA . -17.72 -64.70 -14.47
C6 NAG RA . -16.96 -64.52 -15.77
C7 NAG RA . -21.22 -62.95 -10.87
C8 NAG RA . -21.78 -63.16 -9.49
N2 NAG RA . -20.42 -63.92 -11.33
O3 NAG RA . -21.26 -65.52 -13.54
O4 NAG RA . -19.16 -66.45 -15.29
O5 NAG RA . -17.71 -63.42 -13.82
O6 NAG RA . -15.91 -63.57 -15.64
O7 NAG RA . -21.46 -61.94 -11.52
C1 NAG SA . 79.32 7.45 -15.29
C2 NAG SA . 78.90 8.02 -16.64
C3 NAG SA . 79.34 9.48 -16.77
C4 NAG SA . 78.81 10.30 -15.60
C5 NAG SA . 79.29 9.68 -14.30
C6 NAG SA . 78.77 10.40 -13.07
C7 NAG SA . 78.69 6.68 -18.69
C8 NAG SA . 79.43 5.93 -19.76
N2 NAG SA . 79.44 7.25 -17.74
O3 NAG SA . 78.85 10.01 -18.00
O4 NAG SA . 79.27 11.64 -15.70
O5 NAG SA . 78.85 8.32 -14.21
O6 NAG SA . 78.75 9.55 -11.94
O7 NAG SA . 77.47 6.77 -18.68
C1 NAG TA . -30.18 -98.24 33.91
C2 NAG TA . -29.41 -97.13 34.60
C3 NAG TA . -28.62 -97.69 35.79
C4 NAG TA . -29.54 -98.46 36.72
C5 NAG TA . -30.31 -99.52 35.95
C6 NAG TA . -31.33 -100.25 36.79
C7 NAG TA . -28.89 -95.41 32.93
C8 NAG TA . -27.85 -94.84 32.02
N2 NAG TA . -28.52 -96.45 33.67
O3 NAG TA . -28.01 -96.60 36.48
O4 NAG TA . -28.79 -99.07 37.76
O5 NAG TA . -31.03 -98.92 34.86
O6 NAG TA . -31.78 -101.44 36.13
O7 NAG TA . -30.03 -94.95 32.98
C1 NAG UA . -36.90 21.72 -24.32
C2 NAG UA . -38.07 21.94 -23.33
C3 NAG UA . -38.87 23.16 -23.72
C4 NAG UA . -37.97 24.38 -23.90
C5 NAG UA . -36.85 24.06 -24.88
C6 NAG UA . -35.86 25.19 -25.10
C7 NAG UA . -38.66 19.76 -22.38
C8 NAG UA . -39.65 18.63 -22.42
N2 NAG UA . -38.91 20.76 -23.22
O3 NAG UA . -39.84 23.43 -22.71
O4 NAG UA . -38.74 25.50 -24.34
O5 NAG UA . -36.10 22.93 -24.41
O6 NAG UA . -35.23 25.06 -26.35
O7 NAG UA . -37.70 19.74 -21.63
C1 NAG VA . 2.77 58.85 -5.36
C2 NAG VA . 1.49 58.48 -6.12
C3 NAG VA . 1.52 59.02 -7.54
C4 NAG VA . 1.82 60.51 -7.53
C5 NAG VA . 3.08 60.79 -6.74
C6 NAG VA . 3.41 62.26 -6.60
C7 NAG VA . 0.58 56.38 -5.19
C8 NAG VA . 0.47 54.90 -5.37
N2 NAG VA . 1.28 57.04 -6.12
O3 NAG VA . 0.27 58.77 -8.18
O4 NAG VA . 1.97 60.98 -8.87
O5 NAG VA . 2.96 60.27 -5.41
O6 NAG VA . 4.65 62.45 -5.95
O7 NAG VA . 0.05 56.97 -4.25
C1 NAG WA . -28.47 -11.72 -26.46
C2 NAG WA . -27.88 -13.11 -26.22
C3 NAG WA . -28.12 -14.01 -27.43
C4 NAG WA . -29.60 -14.02 -27.80
C5 NAG WA . -30.13 -12.60 -27.94
C6 NAG WA . -31.64 -12.55 -28.14
C7 NAG WA . -25.96 -12.90 -24.69
C8 NAG WA . -24.47 -12.82 -24.58
N2 NAG WA . -26.44 -13.03 -25.94
O3 NAG WA . -27.69 -15.33 -27.13
O4 NAG WA . -29.79 -14.72 -29.03
O5 NAG WA . -29.85 -11.84 -26.75
O6 NAG WA . -32.10 -11.21 -28.22
O7 NAG WA . -26.69 -12.85 -23.71
C1 NAG XA . -51.06 -6.44 -2.13
C2 NAG XA . -52.32 -6.23 -2.96
C3 NAG XA . -53.01 -4.93 -2.56
C4 NAG XA . -53.29 -4.91 -1.06
C5 NAG XA . -51.99 -5.18 -0.30
C6 NAG XA . -52.21 -5.30 1.20
C7 NAG XA . -52.52 -7.08 -5.26
C8 NAG XA . -52.09 -6.92 -6.69
N2 NAG XA . -52.00 -6.22 -4.38
O3 NAG XA . -54.23 -4.81 -3.28
O4 NAG XA . -53.80 -3.64 -0.67
O5 NAG XA . -51.41 -6.43 -0.73
O6 NAG XA . -51.02 -5.01 1.93
O7 NAG XA . -53.31 -7.96 -4.91
C1 NAG YA . -49.36 -38.93 24.09
C2 NAG YA . -49.33 -39.40 25.54
C3 NAG YA . -50.72 -39.88 25.97
C4 NAG YA . -51.75 -38.79 25.71
C5 NAG YA . -51.68 -38.34 24.25
C6 NAG YA . -52.60 -37.16 23.96
C7 NAG YA . -47.14 -40.24 26.26
C8 NAG YA . -46.25 -41.44 26.38
N2 NAG YA . -48.34 -40.46 25.72
O3 NAG YA . -50.68 -40.19 27.36
O4 NAG YA . -53.06 -39.29 25.99
O5 NAG YA . -50.35 -37.91 23.93
O6 NAG YA . -52.17 -36.44 22.82
O7 NAG YA . -46.79 -39.13 26.62
C1 NAG ZA . -26.40 36.77 -67.35
C2 NAG ZA . -26.62 38.05 -66.52
C3 NAG ZA . -25.71 39.18 -67.01
C4 NAG ZA . -24.26 38.73 -67.05
C5 NAG ZA . -24.13 37.48 -67.90
C6 NAG ZA . -22.72 36.93 -67.92
C7 NAG ZA . -28.83 38.37 -65.52
C8 NAG ZA . -30.22 38.89 -65.72
N2 NAG ZA . -28.00 38.48 -66.56
O3 NAG ZA . -25.85 40.29 -66.15
O4 NAG ZA . -23.45 39.77 -67.57
O5 NAG ZA . -24.99 36.45 -67.39
O6 NAG ZA . -22.70 35.55 -68.28
O7 NAG ZA . -28.48 37.87 -64.45
C1 NAG AB . -42.89 -97.37 17.87
C2 NAG AB . -41.86 -96.85 16.88
C3 NAG AB . -41.61 -97.89 15.79
C4 NAG AB . -41.25 -99.23 16.40
C5 NAG AB . -42.31 -99.65 17.41
C6 NAG AB . -41.95 -100.92 18.15
C7 NAG AB . -42.04 -94.40 16.86
C8 NAG AB . -42.56 -93.21 16.13
N2 NAG AB . -42.29 -95.59 16.30
O3 NAG AB . -40.56 -97.43 14.95
O4 NAG AB . -41.15 -100.22 15.38
O5 NAG AB . -42.47 -98.63 18.41
O6 NAG AB . -43.11 -101.57 18.66
O7 NAG AB . -41.44 -94.30 17.94
C1 NAG BB . 11.49 21.21 42.77
C2 NAG BB . 12.48 20.22 43.41
C3 NAG BB . 13.49 20.98 44.27
C4 NAG BB . 14.16 22.08 43.47
C5 NAG BB . 13.11 23.00 42.87
C6 NAG BB . 13.68 24.12 42.02
C7 NAG BB . 11.31 18.08 43.65
C8 NAG BB . 10.65 17.15 44.63
N2 NAG BB . 11.80 19.21 44.18
O3 NAG BB . 14.47 20.06 44.77
O4 NAG BB . 15.06 22.82 44.29
O5 NAG BB . 12.23 22.24 42.03
O6 NAG BB . 13.23 25.40 42.46
O7 NAG BB . 11.41 17.82 42.46
C1 NAG CB . 39.41 43.98 -2.49
C2 NAG CB . 39.13 43.84 -0.99
C3 NAG CB . 38.58 45.14 -0.43
C4 NAG CB . 39.49 46.31 -0.77
C5 NAG CB . 39.72 46.35 -2.28
C6 NAG CB . 40.71 47.42 -2.71
C7 NAG CB . 38.60 41.48 -0.51
C8 NAG CB . 37.50 40.49 -0.27
N2 NAG CB . 38.21 42.74 -0.73
O3 NAG CB . 38.44 45.02 0.99
O4 NAG CB . 38.91 47.53 -0.34
O5 NAG CB . 40.27 45.10 -2.72
O6 NAG CB . 41.06 47.28 -4.08
O7 NAG CB . 39.78 41.15 -0.51
C1 NAG DB . -16.75 3.06 36.69
C2 NAG DB . -17.81 2.13 36.10
C3 NAG DB . -19.14 2.33 36.84
C4 NAG DB . -18.94 2.18 38.34
C5 NAG DB . -17.81 3.08 38.83
C6 NAG DB . -17.48 2.87 40.29
C7 NAG DB . -17.26 1.73 33.75
C8 NAG DB . -17.56 2.10 32.33
N2 NAG DB . -17.98 2.36 34.68
O3 NAG DB . -20.07 1.35 36.37
O4 NAG DB . -20.14 2.53 39.02
O5 NAG DB . -16.61 2.82 38.09
O6 NAG DB . -16.46 3.76 40.74
O7 NAG DB . -16.40 0.90 34.03
C1 NAG EB . 8.61 -16.55 48.01
C2 NAG EB . 8.70 -16.01 49.43
C3 NAG EB . 10.15 -15.66 49.78
C4 NAG EB . 11.06 -16.85 49.52
C5 NAG EB . 10.88 -17.34 48.08
C6 NAG EB . 11.68 -18.60 47.78
C7 NAG EB . 6.88 -14.78 50.52
C8 NAG EB . 6.09 -13.50 50.55
N2 NAG EB . 7.84 -14.86 49.60
O3 NAG EB . 10.22 -15.29 51.15
O4 NAG EB . 12.42 -16.46 49.69
O5 NAG EB . 9.49 -17.68 47.86
O6 NAG EB . 11.66 -18.88 46.39
O7 NAG EB . 6.64 -15.70 51.30
C1 NAG FB . -0.23 -55.92 37.57
C2 NAG FB . -0.21 -57.40 37.19
C3 NAG FB . 0.28 -58.25 38.36
C4 NAG FB . 1.63 -57.75 38.85
C5 NAG FB . 1.51 -56.27 39.22
C6 NAG FB . 2.83 -55.66 39.65
C7 NAG FB . -1.87 -57.88 35.45
C8 NAG FB . -3.26 -58.38 35.16
N2 NAG FB . -1.51 -57.86 36.74
O3 NAG FB . 0.41 -59.60 37.93
O4 NAG FB . 2.05 -58.49 40.00
O5 NAG FB . 1.06 -55.52 38.07
O6 NAG FB . 2.67 -54.29 40.00
O7 NAG FB . -1.11 -57.50 34.56
C1 NAG GB . -6.37 64.32 49.18
C2 NAG GB . -4.85 64.50 49.00
C3 NAG GB . -4.55 65.83 48.31
C4 NAG GB . -5.31 65.92 47.00
C5 NAG GB . -6.81 65.74 47.25
C6 NAG GB . -7.61 65.72 45.97
C7 NAG GB . -3.35 63.44 50.63
C8 NAG GB . -2.71 63.55 51.99
N2 NAG GB . -4.16 64.44 50.29
O3 NAG GB . -3.16 65.91 48.07
O4 NAG GB . -5.09 67.20 46.42
O5 NAG GB . -7.04 64.48 47.90
O6 NAG GB . -8.88 65.10 46.14
O7 NAG GB . -3.15 62.47 49.91
C1 NAG HB . -49.07 -89.19 36.16
C2 NAG HB . -49.54 -87.84 35.62
C3 NAG HB . -51.04 -87.69 35.81
C4 NAG HB . -51.78 -88.88 35.20
C5 NAG HB . -51.22 -90.18 35.76
C6 NAG HB . -51.83 -91.41 35.11
C7 NAG HB . -47.66 -86.28 35.83
C8 NAG HB . -47.08 -85.14 36.61
N2 NAG HB . -48.84 -86.74 36.26
O3 NAG HB . -51.48 -86.48 35.21
O4 NAG HB . -53.17 -88.79 35.46
O5 NAG HB . -49.81 -90.25 35.53
O6 NAG HB . -51.68 -92.55 35.94
O7 NAG HB . -47.09 -86.77 34.86
#